data_8C1V
#
_entry.id   8C1V
#
_cell.length_a   1.00
_cell.length_b   1.00
_cell.length_c   1.00
_cell.angle_alpha   90.00
_cell.angle_beta   90.00
_cell.angle_gamma   90.00
#
_symmetry.space_group_name_H-M   'P 1'
#
loop_
_entity.id
_entity.type
_entity.pdbx_description
1 polymer 'Spike glycoprotein'
2 polymer Sb92
3 branched 2-acetamido-2-deoxy-beta-D-glucopyranose-(1-4)-2-acetamido-2-deoxy-beta-D-glucopyranose
4 non-polymer 2-acetamido-2-deoxy-beta-D-glucopyranose
#
loop_
_entity_poly.entity_id
_entity_poly.type
_entity_poly.pdbx_seq_one_letter_code
_entity_poly.pdbx_strand_id
1 'polypeptide(L)'
;PAYTNSFTRGVYYPDKVFRSSVLHSTQDLFLPFFSNVTWFHAIHVSGTNGTKRFDNPVLPFNDGVYFASTEKSNIIRGWI
FGTTLDSKTQSLLIVNNATNVVIKVCEFQFCNDPFLGVYYHKNNKSWMESEFRVYSSANNCTFEYVSQPFLMDLEGKQGN
FKNLREFVFKNIDGYFKIYSKHTPINLVRDLPQGFSALEPLVDLPIGINITRFQTLLALHRSYLTPGDSSSGWTAGAAAY
YVGYLQPRTFLLKYNENGTITDAVDCALDPLSETKCTLKSFTVEKGIYQTSNFRVQPTESIVRFPNITNLCPFGEVFNAT
RFASVYAWNRKRISNCVADYSVLYNSASFSTFKCYGVSPTKLNDLCFTNVYADSFVIRGDEVRQIAPGQTGKIADYNYKL
PDDFTGCVIAWNSNNLDSKVGGNYNYLYRLFRKSNLKPFERDISTEIYQAGSTPCNGVEGFNCYFPLQSYGFQPTNGVGY
QPYRVVVLSFELLHAPATVCGPKKSTNLVKNKCVNFNFNGLTGTGVLTESNKKFLPFQQFGRDIADTTDAVRDPQTLEIL
DITPCSFGGVSVITPGTNTSNQVAVLYQDVNCTEVPVAIHADQLTPTWRVYSTGSNVFQTRAGCLIGAEHVNNSYECDIP
IGAGICASYQTQTNSPRRARSVASQSIIAYTMSLGAENSVAYSNNSIAIPTNFTISVTTEILPVSMTKTSVDCTMYICGD
STECSNLLLQYGSFCTQLNRALTGIAVEQDKNTQEVFAQVKQIYKTPPIKDFGGFNFSQILPDPSKPSKRSFIEDLLFNK
VTLADAGFIKQYGDCLGDIAARDLICAQKFNGLTVLPPLLTDEMIAQYTSALLAGTITSGWTFGAGAALQIPFAMQMAYR
FNGIGVTQNVLYENQKLIANQFNSAIGKIQDSLSSTASALGKLQDVVNQNAQALNTLVKQLSSNFGAISSVLNDILSRLD
PPEAEVQIDRLITGRLQSLQTYVTQQLIRAAEIRASANLAATKMSECVLGQSKRVDFCGKGYHLMSFPQSAPHGVVFLHV
TYVPAQEKNFTTAPAICHDGKAHFPREGVFVSNGTHWFVTQRNFYEPQIITTDNTFVSGNCDVVIGIVNNTVYDPLQPEL
DSFK
;
A,C,B
2 'polypeptide(L)' EEYIAVGDFFSTDPADLTFKKGEILLVIERGTSAGDGWWIAKDAKGNEGLVPRTYLEPYS D,E,F
#
loop_
_chem_comp.id
_chem_comp.type
_chem_comp.name
_chem_comp.formula
NAG D-saccharide, beta linking 2-acetamido-2-deoxy-beta-D-glucopyranose 'C8 H15 N O6'
#
# COMPACT_ATOMS: atom_id res chain seq x y z
N PRO A 1 -18.97 -51.62 10.66
CA PRO A 1 -18.96 -52.91 11.36
C PRO A 1 -17.89 -53.00 12.46
N ALA A 2 -18.32 -53.08 13.71
CA ALA A 2 -17.42 -53.18 14.85
C ALA A 2 -16.47 -51.98 14.90
N TYR A 3 -17.06 -50.79 14.86
CA TYR A 3 -16.26 -49.57 14.92
C TYR A 3 -15.56 -49.44 16.27
N THR A 4 -14.39 -48.81 16.24
CA THR A 4 -13.61 -48.54 17.44
C THR A 4 -13.19 -47.08 17.44
N ASN A 5 -12.96 -46.55 18.64
CA ASN A 5 -12.63 -45.14 18.82
C ASN A 5 -11.12 -44.98 18.93
N SER A 6 -10.53 -44.24 18.00
CA SER A 6 -9.11 -43.92 18.04
C SER A 6 -8.93 -42.68 18.90
N PHE A 7 -8.45 -42.86 20.13
CA PHE A 7 -8.41 -41.76 21.09
C PHE A 7 -7.45 -40.67 20.64
N THR A 8 -6.17 -41.01 20.49
CA THR A 8 -5.15 -40.03 20.14
C THR A 8 -4.21 -40.50 19.05
N ARG A 9 -4.20 -41.79 18.70
CA ARG A 9 -3.27 -42.29 17.70
C ARG A 9 -3.67 -41.82 16.31
N GLY A 10 -2.70 -41.80 15.42
CA GLY A 10 -2.91 -41.35 14.06
C GLY A 10 -2.10 -40.11 13.72
N VAL A 11 -0.94 -39.98 14.34
CA VAL A 11 -0.06 -38.84 14.11
C VAL A 11 1.29 -39.34 13.62
N TYR A 12 1.96 -38.51 12.81
CA TYR A 12 3.24 -38.87 12.24
C TYR A 12 4.01 -37.59 11.97
N TYR A 13 5.32 -37.71 11.82
CA TYR A 13 6.14 -36.55 11.52
C TYR A 13 5.82 -36.08 10.11
N PRO A 14 5.33 -34.86 9.92
CA PRO A 14 4.97 -34.43 8.55
C PRO A 14 6.16 -34.29 7.63
N ASP A 15 7.37 -34.20 8.16
CA ASP A 15 8.57 -34.00 7.35
C ASP A 15 9.77 -34.47 8.14
N LYS A 16 10.95 -34.36 7.52
CA LYS A 16 12.21 -34.77 8.13
C LYS A 16 12.94 -33.60 8.76
N VAL A 17 12.21 -32.63 9.28
CA VAL A 17 12.79 -31.44 9.88
C VAL A 17 12.87 -31.64 11.39
N PHE A 18 13.66 -30.80 12.04
CA PHE A 18 13.87 -30.86 13.48
C PHE A 18 13.38 -29.56 14.11
N ARG A 19 12.57 -29.70 15.16
CA ARG A 19 12.08 -28.56 15.93
C ARG A 19 12.21 -28.91 17.40
N SER A 20 12.65 -27.94 18.20
CA SER A 20 12.93 -28.16 19.62
C SER A 20 12.18 -27.13 20.46
N SER A 21 11.39 -27.61 21.42
CA SER A 21 10.72 -26.76 22.39
C SER A 21 9.90 -25.67 21.70
N VAL A 22 9.21 -26.04 20.62
CA VAL A 22 8.40 -25.11 19.87
C VAL A 22 7.18 -25.85 19.34
N LEU A 23 6.05 -25.16 19.29
CA LEU A 23 4.80 -25.71 18.79
C LEU A 23 4.60 -25.22 17.35
N HIS A 24 4.43 -26.15 16.43
CA HIS A 24 4.26 -25.85 15.02
C HIS A 24 2.98 -26.49 14.51
N SER A 25 2.23 -25.74 13.70
CA SER A 25 0.99 -26.22 13.12
C SER A 25 1.22 -26.56 11.65
N THR A 26 0.81 -27.76 11.26
CA THR A 26 1.01 -28.27 9.91
C THR A 26 -0.31 -28.71 9.31
N GLN A 27 -0.49 -28.40 8.03
CA GLN A 27 -1.68 -28.79 7.29
C GLN A 27 -1.30 -29.94 6.36
N ASP A 28 -1.76 -31.14 6.68
CA ASP A 28 -1.45 -32.33 5.90
C ASP A 28 -2.49 -33.40 6.20
N LEU A 29 -2.39 -34.51 5.48
CA LEU A 29 -3.29 -35.64 5.72
C LEU A 29 -3.12 -36.15 7.14
N PHE A 30 -4.24 -36.38 7.81
CA PHE A 30 -4.20 -36.80 9.21
C PHE A 30 -5.48 -37.55 9.55
N LEU A 31 -5.43 -38.28 10.66
CA LEU A 31 -6.57 -39.04 11.16
C LEU A 31 -7.15 -38.32 12.37
N PRO A 32 -8.37 -37.80 12.33
CA PRO A 32 -8.86 -37.01 13.46
C PRO A 32 -8.93 -37.83 14.74
N PHE A 33 -8.65 -37.16 15.86
CA PHE A 33 -8.71 -37.81 17.16
C PHE A 33 -10.16 -38.22 17.46
N PHE A 34 -10.30 -39.33 18.19
CA PHE A 34 -11.61 -39.85 18.56
C PHE A 34 -12.46 -40.11 17.33
N SER A 35 -11.84 -40.62 16.27
CA SER A 35 -12.52 -40.94 15.03
C SER A 35 -12.75 -42.44 14.93
N ASN A 36 -13.92 -42.82 14.43
CA ASN A 36 -14.24 -44.23 14.27
C ASN A 36 -13.27 -44.89 13.30
N VAL A 37 -12.77 -46.05 13.67
CA VAL A 37 -11.83 -46.82 12.86
C VAL A 37 -12.42 -48.21 12.65
N THR A 38 -12.45 -48.65 11.40
CA THR A 38 -12.98 -49.98 11.09
C THR A 38 -12.04 -51.04 11.66
N TRP A 39 -12.62 -52.05 12.30
CA TRP A 39 -11.88 -53.11 12.96
C TRP A 39 -12.28 -54.45 12.36
N PHE A 40 -11.30 -55.24 11.95
CA PHE A 40 -11.51 -56.58 11.42
C PHE A 40 -10.71 -57.58 12.23
N HIS A 41 -11.32 -58.73 12.49
CA HIS A 41 -10.67 -59.78 13.26
C HIS A 41 -10.93 -61.15 12.64
N ASP A 55 -11.02 -63.10 8.48
CA ASP A 55 -11.58 -61.88 7.90
C ASP A 55 -10.45 -61.07 7.30
N ASN A 56 -10.54 -60.78 6.01
CA ASN A 56 -9.53 -59.98 5.33
C ASN A 56 -10.07 -59.45 4.00
N PRO A 57 -11.07 -58.57 4.03
CA PRO A 57 -11.65 -58.06 2.79
C PRO A 57 -10.86 -56.88 2.23
N VAL A 58 -11.17 -56.55 0.97
CA VAL A 58 -10.53 -55.42 0.31
C VAL A 58 -11.03 -54.13 0.92
N LEU A 59 -10.13 -53.16 1.08
CA LEU A 59 -10.48 -51.86 1.63
C LEU A 59 -10.05 -50.75 0.68
N PRO A 60 -10.84 -49.68 0.57
CA PRO A 60 -10.43 -48.56 -0.29
C PRO A 60 -9.30 -47.76 0.35
N PHE A 61 -8.58 -47.02 -0.50
CA PHE A 61 -7.47 -46.21 -0.02
C PHE A 61 -7.96 -44.86 0.49
N ASN A 62 -8.66 -44.11 -0.37
CA ASN A 62 -9.25 -42.82 0.00
C ASN A 62 -8.18 -41.85 0.52
N ASP A 63 -7.07 -41.76 -0.21
CA ASP A 63 -6.03 -40.78 0.05
C ASP A 63 -5.48 -40.90 1.48
N GLY A 64 -4.83 -42.02 1.73
CA GLY A 64 -4.19 -42.26 3.01
C GLY A 64 -4.91 -43.30 3.85
N VAL A 65 -4.16 -44.30 4.31
CA VAL A 65 -4.70 -45.39 5.11
C VAL A 65 -3.85 -45.54 6.36
N TYR A 66 -4.51 -45.62 7.51
CA TYR A 66 -3.83 -45.86 8.78
C TYR A 66 -4.07 -47.30 9.20
N PHE A 67 -2.99 -48.03 9.46
CA PHE A 67 -3.06 -49.43 9.83
C PHE A 67 -2.46 -49.63 11.21
N ALA A 68 -3.03 -50.57 11.97
CA ALA A 68 -2.53 -50.88 13.30
C ALA A 68 -2.86 -52.33 13.59
N SER A 69 -1.83 -53.16 13.75
CA SER A 69 -2.00 -54.57 14.04
C SER A 69 -1.91 -54.82 15.54
N THR A 70 -2.63 -55.83 16.00
CA THR A 70 -2.61 -56.20 17.40
C THR A 70 -1.31 -56.91 17.74
N GLU A 71 -1.01 -56.97 19.04
CA GLU A 71 0.20 -57.63 19.50
C GLU A 71 -0.01 -59.14 19.58
N LYS A 72 1.09 -59.85 19.85
CA LYS A 72 1.06 -61.31 19.99
C LYS A 72 0.52 -61.97 18.72
N SER A 73 0.92 -61.46 17.57
CA SER A 73 0.45 -62.02 16.30
C SER A 73 1.48 -61.73 15.21
N ASN A 74 1.51 -62.63 14.23
CA ASN A 74 2.36 -62.44 13.05
C ASN A 74 1.65 -62.85 11.76
N ILE A 75 0.32 -62.97 11.81
CA ILE A 75 -0.42 -63.38 10.62
C ILE A 75 -0.26 -62.36 9.50
N ILE A 76 -0.32 -61.08 9.85
CA ILE A 76 -0.14 -60.03 8.85
C ILE A 76 1.28 -60.08 8.33
N ARG A 77 1.44 -60.10 7.01
CA ARG A 77 2.73 -60.20 6.38
C ARG A 77 2.94 -59.21 5.24
N GLY A 78 1.94 -58.44 4.88
CA GLY A 78 2.10 -57.46 3.82
C GLY A 78 0.76 -56.93 3.35
N TRP A 79 0.84 -56.05 2.35
CA TRP A 79 -0.33 -55.42 1.77
C TRP A 79 -0.16 -55.33 0.26
N ILE A 80 -1.28 -55.31 -0.45
CA ILE A 80 -1.30 -55.15 -1.90
C ILE A 80 -2.06 -53.89 -2.23
N PHE A 81 -1.42 -52.97 -2.95
CA PHE A 81 -2.01 -51.72 -3.37
C PHE A 81 -2.14 -51.67 -4.88
N GLY A 82 -3.01 -50.79 -5.35
CA GLY A 82 -3.23 -50.62 -6.77
C GLY A 82 -4.61 -50.04 -7.03
N THR A 83 -4.98 -50.08 -8.31
CA THR A 83 -6.28 -49.57 -8.75
C THR A 83 -7.31 -50.67 -8.95
N THR A 84 -6.96 -51.71 -9.72
CA THR A 84 -7.85 -52.82 -9.99
C THR A 84 -7.37 -54.15 -9.44
N LEU A 85 -6.06 -54.31 -9.21
CA LEU A 85 -5.51 -55.57 -8.72
C LEU A 85 -5.84 -56.72 -9.65
N ASP A 86 -5.86 -56.43 -10.95
CA ASP A 86 -6.23 -57.41 -11.97
C ASP A 86 -5.23 -57.30 -13.11
N SER A 87 -5.53 -57.98 -14.22
CA SER A 87 -4.65 -57.97 -15.39
C SER A 87 -4.74 -56.67 -16.18
N LYS A 88 -5.69 -55.80 -15.89
CA LYS A 88 -5.84 -54.57 -16.65
C LYS A 88 -4.74 -53.57 -16.33
N THR A 89 -4.62 -53.19 -15.05
CA THR A 89 -3.66 -52.19 -14.60
C THR A 89 -2.64 -52.82 -13.67
N GLN A 90 -1.40 -52.34 -13.76
CA GLN A 90 -0.37 -52.80 -12.84
C GLN A 90 -0.69 -52.37 -11.42
N SER A 91 -0.38 -53.24 -10.46
CA SER A 91 -0.70 -52.99 -9.06
C SER A 91 0.53 -53.25 -8.21
N LEU A 92 0.62 -52.52 -7.10
CA LEU A 92 1.73 -52.64 -6.18
C LEU A 92 1.52 -53.82 -5.24
N LEU A 93 2.54 -54.67 -5.13
CA LEU A 93 2.52 -55.84 -4.24
C LEU A 93 3.65 -55.73 -3.24
N ILE A 94 3.32 -55.85 -1.96
CA ILE A 94 4.30 -55.80 -0.88
C ILE A 94 4.09 -57.02 -0.02
N VAL A 95 5.15 -57.81 0.16
CA VAL A 95 5.12 -59.03 0.96
C VAL A 95 6.36 -59.06 1.83
N ASN A 96 6.18 -59.37 3.11
CA ASN A 96 7.27 -59.50 4.06
C ASN A 96 7.27 -60.91 4.64
N ASN A 97 8.42 -61.58 4.58
CA ASN A 97 8.57 -62.94 5.08
C ASN A 97 9.51 -63.00 6.28
N ALA A 98 9.54 -61.93 7.08
CA ALA A 98 10.34 -61.80 8.29
C ALA A 98 11.84 -61.68 8.00
N THR A 99 12.26 -61.74 6.74
CA THR A 99 13.67 -61.60 6.39
C THR A 99 13.91 -60.66 5.21
N ASN A 100 12.90 -60.38 4.40
CA ASN A 100 13.06 -59.46 3.26
C ASN A 100 11.68 -58.98 2.83
N VAL A 101 11.69 -57.91 2.04
CA VAL A 101 10.47 -57.31 1.51
C VAL A 101 10.57 -57.29 -0.01
N VAL A 102 9.51 -57.78 -0.67
CA VAL A 102 9.44 -57.84 -2.13
C VAL A 102 8.44 -56.81 -2.60
N ILE A 103 8.86 -55.96 -3.54
CA ILE A 103 8.07 -54.85 -4.03
C ILE A 103 7.92 -55.04 -5.54
N LYS A 104 6.77 -55.55 -5.96
CA LYS A 104 6.47 -55.78 -7.37
C LYS A 104 5.38 -54.81 -7.82
N VAL A 105 5.52 -54.30 -9.04
CA VAL A 105 4.48 -53.50 -9.68
C VAL A 105 4.03 -54.28 -10.92
N CYS A 106 4.09 -55.60 -10.83
CA CYS A 106 3.85 -56.45 -11.98
C CYS A 106 2.36 -56.56 -12.24
N GLU A 107 2.00 -57.33 -13.28
CA GLU A 107 0.60 -57.56 -13.63
C GLU A 107 0.12 -58.80 -12.87
N PHE A 108 -0.59 -58.57 -11.77
CA PHE A 108 -1.08 -59.64 -10.90
C PHE A 108 -2.60 -59.68 -10.93
N GLN A 109 -3.15 -60.88 -11.08
CA GLN A 109 -4.59 -61.06 -11.07
C GLN A 109 -5.11 -61.04 -9.64
N PHE A 110 -6.42 -60.84 -9.52
CA PHE A 110 -7.07 -60.87 -8.22
C PHE A 110 -7.28 -62.32 -7.77
N CYS A 111 -7.52 -62.47 -6.47
CA CYS A 111 -7.75 -63.79 -5.86
C CYS A 111 -8.99 -63.74 -5.00
N ASN A 112 -9.74 -64.84 -4.99
CA ASN A 112 -10.96 -64.90 -4.18
C ASN A 112 -10.65 -64.76 -2.70
N ASP A 113 -9.58 -65.41 -2.23
CA ASP A 113 -9.19 -65.36 -0.82
C ASP A 113 -7.68 -65.54 -0.74
N PRO A 114 -6.92 -64.54 -1.18
CA PRO A 114 -5.45 -64.69 -1.18
C PRO A 114 -4.90 -64.86 0.23
N PHE A 115 -3.83 -65.65 0.32
CA PHE A 115 -3.17 -65.91 1.59
C PHE A 115 -1.79 -66.46 1.29
N LEU A 116 -1.11 -66.97 2.33
CA LEU A 116 0.22 -67.54 2.18
C LEU A 116 0.19 -69.04 2.46
N SER A 130 3.65 -72.95 4.55
CA SER A 130 3.17 -72.75 3.19
C SER A 130 3.06 -71.26 2.91
N GLU A 131 3.63 -70.82 1.79
CA GLU A 131 3.65 -69.41 1.45
C GLU A 131 3.65 -69.27 -0.07
N PHE A 132 3.70 -68.01 -0.53
CA PHE A 132 3.76 -67.69 -1.95
C PHE A 132 2.52 -68.18 -2.70
N ARG A 133 1.40 -68.34 -1.98
CA ARG A 133 0.16 -68.71 -2.63
C ARG A 133 -0.55 -67.50 -3.25
N VAL A 134 -0.30 -66.30 -2.73
CA VAL A 134 -0.92 -65.11 -3.29
C VAL A 134 -0.45 -64.84 -4.71
N TYR A 135 0.69 -65.39 -5.11
CA TYR A 135 1.24 -65.14 -6.44
C TYR A 135 0.31 -65.68 -7.51
N SER A 136 -0.37 -64.79 -8.23
CA SER A 136 -1.28 -65.17 -9.31
C SER A 136 -0.60 -65.11 -10.67
N SER A 137 -0.01 -63.96 -11.01
CA SER A 137 0.69 -63.81 -12.27
C SER A 137 1.75 -62.72 -12.12
N ALA A 138 2.97 -63.02 -12.57
CA ALA A 138 4.07 -62.06 -12.54
C ALA A 138 4.47 -61.60 -13.93
N ASN A 139 3.63 -61.80 -14.93
CA ASN A 139 3.96 -61.43 -16.30
C ASN A 139 3.97 -59.92 -16.46
N ASN A 140 4.83 -59.43 -17.36
CA ASN A 140 4.93 -58.02 -17.70
C ASN A 140 5.22 -57.18 -16.46
N CYS A 141 6.38 -57.41 -15.87
CA CYS A 141 6.80 -56.66 -14.69
C CYS A 141 7.38 -55.32 -15.11
N THR A 142 6.74 -54.24 -14.64
CA THR A 142 7.13 -52.89 -15.04
C THR A 142 8.22 -52.32 -14.13
N PHE A 143 7.94 -52.23 -12.83
CA PHE A 143 8.89 -51.71 -11.85
C PHE A 143 9.17 -52.78 -10.82
N GLU A 144 10.45 -52.95 -10.48
CA GLU A 144 10.90 -53.94 -9.51
C GLU A 144 11.76 -53.27 -8.45
N TYR A 145 11.57 -53.68 -7.20
CA TYR A 145 12.32 -53.10 -6.09
C TYR A 145 12.42 -54.14 -4.98
N VAL A 146 13.55 -54.15 -4.30
CA VAL A 146 13.80 -55.05 -3.18
C VAL A 146 14.50 -54.26 -2.08
N SER A 147 14.12 -54.51 -0.83
CA SER A 147 14.72 -53.85 0.32
C SER A 147 14.83 -54.86 1.45
N GLN A 148 15.25 -54.36 2.62
CA GLN A 148 15.41 -55.17 3.81
C GLN A 148 14.21 -55.01 4.73
N PRO A 149 13.95 -55.98 5.60
CA PRO A 149 12.79 -55.87 6.50
C PRO A 149 12.98 -54.73 7.50
N PHE A 150 11.84 -54.16 7.92
CA PHE A 150 11.90 -53.02 8.84
C PHE A 150 12.11 -53.48 10.28
N LEU A 151 11.28 -54.41 10.75
CA LEU A 151 11.39 -54.94 12.09
C LEU A 151 10.38 -56.06 12.27
N PHE A 161 1.47 -59.37 26.21
CA PHE A 161 2.53 -58.37 26.32
C PHE A 161 3.52 -58.49 25.17
N LYS A 162 3.33 -57.66 24.14
CA LYS A 162 4.22 -57.63 22.99
C LYS A 162 4.08 -56.29 22.30
N ASN A 163 4.87 -56.10 21.25
CA ASN A 163 4.86 -54.84 20.53
C ASN A 163 3.52 -54.60 19.85
N LEU A 164 3.09 -53.34 19.84
CA LEU A 164 1.89 -52.91 19.13
C LEU A 164 2.34 -52.20 17.86
N ARG A 165 2.05 -52.78 16.71
CA ARG A 165 2.50 -52.26 15.43
C ARG A 165 1.49 -51.24 14.91
N GLU A 166 1.99 -50.06 14.52
CA GLU A 166 1.19 -49.03 13.90
C GLU A 166 1.88 -48.57 12.62
N PHE A 167 1.10 -48.39 11.57
CA PHE A 167 1.64 -48.02 10.26
C PHE A 167 0.71 -47.02 9.59
N VAL A 168 1.30 -46.03 8.92
CA VAL A 168 0.57 -45.03 8.15
C VAL A 168 1.08 -45.09 6.72
N PHE A 169 0.15 -45.22 5.77
CA PHE A 169 0.48 -45.32 4.35
C PHE A 169 -0.21 -44.18 3.61
N LYS A 170 0.56 -43.50 2.76
CA LYS A 170 0.02 -42.41 1.95
C LYS A 170 0.76 -42.37 0.62
N ASN A 171 0.10 -41.80 -0.39
CA ASN A 171 0.66 -41.69 -1.73
C ASN A 171 0.31 -40.31 -2.26
N ILE A 172 1.29 -39.40 -2.23
CA ILE A 172 1.12 -38.03 -2.70
C ILE A 172 2.33 -37.67 -3.54
N ASP A 173 2.08 -36.96 -4.64
CA ASP A 173 3.14 -36.51 -5.55
C ASP A 173 3.90 -37.71 -6.15
N GLY A 174 3.22 -38.83 -6.33
CA GLY A 174 3.85 -40.00 -6.92
C GLY A 174 4.83 -40.72 -6.02
N TYR A 175 4.87 -40.38 -4.73
CA TYR A 175 5.77 -41.00 -3.77
C TYR A 175 4.95 -41.75 -2.74
N PHE A 176 5.28 -43.02 -2.53
CA PHE A 176 4.63 -43.86 -1.53
C PHE A 176 5.53 -43.90 -0.30
N LYS A 177 5.01 -43.44 0.83
CA LYS A 177 5.77 -43.33 2.07
C LYS A 177 5.25 -44.33 3.09
N ILE A 178 6.17 -44.92 3.84
CA ILE A 178 5.85 -45.94 4.84
C ILE A 178 6.28 -45.42 6.20
N TYR A 179 5.37 -45.49 7.17
CA TYR A 179 5.65 -45.10 8.54
C TYR A 179 5.43 -46.30 9.45
N SER A 180 6.19 -46.35 10.55
CA SER A 180 6.07 -47.48 11.46
C SER A 180 6.53 -47.06 12.85
N LYS A 181 6.00 -47.76 13.85
CA LYS A 181 6.44 -47.60 15.24
C LYS A 181 5.89 -48.75 16.05
N HIS A 182 6.75 -49.41 16.81
CA HIS A 182 6.37 -50.54 17.66
C HIS A 182 6.44 -50.10 19.11
N THR A 183 5.31 -50.19 19.81
CA THR A 183 5.21 -49.78 21.21
C THR A 183 4.64 -50.93 22.03
N PRO A 184 5.43 -51.55 22.92
CA PRO A 184 4.86 -52.62 23.75
C PRO A 184 3.93 -52.04 24.80
N ILE A 185 2.66 -52.44 24.74
CA ILE A 185 1.62 -51.93 25.63
C ILE A 185 0.72 -53.09 26.04
N ASN A 186 -0.29 -52.78 26.84
CA ASN A 186 -1.26 -53.74 27.33
C ASN A 186 -2.64 -53.35 26.81
N LEU A 187 -3.68 -54.02 27.31
CA LEU A 187 -5.05 -53.80 26.86
C LEU A 187 -5.17 -54.12 25.36
N VAL A 188 -4.87 -55.37 25.03
CA VAL A 188 -4.84 -55.79 23.63
C VAL A 188 -6.21 -55.66 22.98
N ARG A 189 -7.28 -55.68 23.78
CA ARG A 189 -8.62 -55.68 23.21
C ARG A 189 -8.90 -54.39 22.44
N ASP A 190 -8.47 -53.25 22.99
CA ASP A 190 -8.74 -51.95 22.38
C ASP A 190 -7.44 -51.18 22.21
N LEU A 191 -7.53 -50.04 21.54
CA LEU A 191 -6.37 -49.19 21.31
C LEU A 191 -5.98 -48.49 22.60
N PRO A 192 -4.77 -48.66 23.11
CA PRO A 192 -4.38 -47.94 24.32
C PRO A 192 -4.32 -46.44 24.09
N GLN A 193 -4.53 -45.69 25.17
CA GLN A 193 -4.46 -44.24 25.12
C GLN A 193 -2.99 -43.82 25.10
N GLY A 194 -2.74 -42.53 25.22
CA GLY A 194 -1.37 -42.01 25.22
C GLY A 194 -1.03 -41.32 23.93
N PHE A 195 0.26 -41.33 23.57
CA PHE A 195 0.72 -40.69 22.35
C PHE A 195 1.83 -41.52 21.72
N SER A 196 1.94 -41.42 20.40
CA SER A 196 2.95 -42.15 19.65
C SER A 196 3.14 -41.45 18.31
N ALA A 197 4.37 -41.03 18.03
CA ALA A 197 4.68 -40.30 16.82
C ALA A 197 5.26 -41.27 15.78
N LEU A 198 4.61 -41.37 14.64
CA LEU A 198 5.05 -42.28 13.59
C LEU A 198 6.14 -41.62 12.75
N GLU A 199 7.23 -42.36 12.50
CA GLU A 199 8.36 -41.85 11.74
C GLU A 199 8.40 -42.47 10.36
N PRO A 200 8.90 -41.77 9.34
CA PRO A 200 9.00 -42.36 8.01
C PRO A 200 10.19 -43.28 7.88
N LEU A 201 10.01 -44.33 7.09
CA LEU A 201 11.06 -45.32 6.86
C LEU A 201 11.49 -45.39 5.39
N VAL A 202 10.54 -45.55 4.47
CA VAL A 202 10.85 -45.80 3.07
C VAL A 202 10.04 -44.87 2.19
N ASP A 203 10.68 -44.35 1.15
CA ASP A 203 10.02 -43.60 0.09
C ASP A 203 10.13 -44.39 -1.20
N LEU A 204 9.00 -44.58 -1.89
CA LEU A 204 8.95 -45.36 -3.12
C LEU A 204 8.30 -44.52 -4.21
N PRO A 205 8.93 -44.33 -5.37
CA PRO A 205 8.27 -43.57 -6.46
C PRO A 205 7.41 -44.45 -7.37
N ILE A 206 6.23 -44.79 -6.86
CA ILE A 206 5.31 -45.62 -7.64
C ILE A 206 4.71 -44.82 -8.78
N GLY A 207 4.00 -43.74 -8.47
CA GLY A 207 3.56 -42.79 -9.47
C GLY A 207 2.22 -43.10 -10.12
N ILE A 208 1.61 -44.24 -9.82
CA ILE A 208 0.31 -44.59 -10.38
C ILE A 208 -0.77 -44.38 -9.33
N ASN A 209 -1.98 -44.11 -9.79
CA ASN A 209 -3.11 -43.87 -8.90
C ASN A 209 -3.47 -45.16 -8.16
N ILE A 210 -3.69 -45.02 -6.85
CA ILE A 210 -4.10 -46.13 -6.00
C ILE A 210 -5.43 -45.76 -5.38
N THR A 211 -6.42 -46.63 -5.55
CA THR A 211 -7.77 -46.40 -5.02
C THR A 211 -8.18 -47.41 -3.96
N ARG A 212 -7.62 -48.61 -3.97
CA ARG A 212 -7.98 -49.64 -3.01
C ARG A 212 -6.79 -50.55 -2.78
N PHE A 213 -6.82 -51.26 -1.65
CA PHE A 213 -5.74 -52.14 -1.25
C PHE A 213 -6.32 -53.36 -0.55
N GLN A 214 -5.45 -54.28 -0.17
CA GLN A 214 -5.86 -55.51 0.49
C GLN A 214 -4.72 -55.99 1.38
N THR A 215 -5.05 -56.30 2.63
CA THR A 215 -4.05 -56.84 3.54
C THR A 215 -3.76 -58.30 3.20
N LEU A 216 -2.64 -58.79 3.71
CA LEU A 216 -2.19 -60.16 3.47
C LEU A 216 -2.06 -60.89 4.80
N LEU A 217 -2.66 -62.08 4.88
CA LEU A 217 -2.62 -62.90 6.07
C LEU A 217 -2.01 -64.25 5.74
N ALA A 218 -1.33 -64.83 6.72
CA ALA A 218 -0.67 -66.13 6.57
C ALA A 218 -1.51 -67.21 7.22
N LEU A 219 -1.88 -68.23 6.44
CA LEU A 219 -2.68 -69.34 6.92
C LEU A 219 -1.76 -70.51 7.27
N HIS A 220 -1.76 -70.91 8.54
CA HIS A 220 -0.92 -72.02 8.99
C HIS A 220 -1.65 -72.71 10.13
N ALA A 237 -7.61 -66.12 13.90
CA ALA A 237 -7.73 -64.90 13.12
C ALA A 237 -7.08 -63.73 13.86
N ALA A 238 -6.32 -62.93 13.11
CA ALA A 238 -5.63 -61.79 13.68
C ALA A 238 -6.54 -60.55 13.67
N ALA A 239 -6.24 -59.62 14.57
CA ALA A 239 -7.02 -58.40 14.74
C ALA A 239 -6.21 -57.19 14.30
N TYR A 240 -6.83 -56.33 13.50
CA TYR A 240 -6.17 -55.12 13.04
C TYR A 240 -7.23 -54.06 12.75
N TYR A 241 -6.79 -52.81 12.73
CA TYR A 241 -7.66 -51.66 12.54
C TYR A 241 -7.23 -50.90 11.30
N VAL A 242 -8.20 -50.40 10.53
CA VAL A 242 -7.96 -49.65 9.32
C VAL A 242 -8.60 -48.28 9.47
N GLY A 243 -7.79 -47.24 9.33
CA GLY A 243 -8.25 -45.87 9.39
C GLY A 243 -8.21 -45.18 8.04
N TYR A 244 -8.41 -43.87 8.08
CA TYR A 244 -8.37 -43.05 6.88
C TYR A 244 -7.87 -41.66 7.22
N LEU A 245 -7.38 -40.95 6.21
CA LEU A 245 -6.79 -39.64 6.38
C LEU A 245 -7.48 -38.63 5.47
N GLN A 246 -7.53 -37.39 5.93
CA GLN A 246 -8.07 -36.27 5.18
C GLN A 246 -7.25 -35.03 5.52
N PRO A 247 -7.31 -34.00 4.67
CA PRO A 247 -6.48 -32.81 4.91
C PRO A 247 -6.94 -32.04 6.14
N ARG A 248 -6.54 -32.51 7.30
CA ARG A 248 -6.92 -31.91 8.59
C ARG A 248 -5.68 -31.29 9.23
N THR A 249 -5.88 -30.13 9.85
CA THR A 249 -4.77 -29.38 10.42
C THR A 249 -4.60 -29.70 11.91
N PHE A 250 -3.40 -30.09 12.29
CA PHE A 250 -3.05 -30.38 13.67
C PHE A 250 -1.95 -29.44 14.13
N LEU A 251 -1.83 -29.34 15.45
CA LEU A 251 -0.74 -28.60 16.09
C LEU A 251 0.13 -29.59 16.84
N LEU A 252 1.43 -29.56 16.56
CA LEU A 252 2.39 -30.51 17.11
C LEU A 252 3.26 -29.83 18.15
N LYS A 253 3.57 -30.56 19.22
CA LYS A 253 4.42 -30.07 20.31
C LYS A 253 5.76 -30.79 20.27
N TYR A 254 6.84 -30.03 20.24
CA TYR A 254 8.19 -30.56 20.18
C TYR A 254 8.89 -30.31 21.52
N ASN A 255 9.55 -31.35 22.03
CA ASN A 255 10.27 -31.24 23.29
C ASN A 255 11.71 -30.79 23.02
N GLU A 256 12.56 -30.87 24.04
CA GLU A 256 13.96 -30.50 23.86
C GLU A 256 14.64 -31.40 22.83
N ASN A 257 14.34 -32.70 22.87
CA ASN A 257 14.91 -33.66 21.94
C ASN A 257 14.19 -33.69 20.60
N GLY A 258 13.20 -32.82 20.40
CA GLY A 258 12.48 -32.80 19.14
C GLY A 258 11.65 -34.03 18.88
N THR A 259 10.94 -34.52 19.89
CA THR A 259 10.03 -35.64 19.76
C THR A 259 8.61 -35.17 19.97
N ILE A 260 7.71 -35.55 19.08
CA ILE A 260 6.31 -35.13 19.16
C ILE A 260 5.69 -35.87 20.34
N THR A 261 5.47 -35.14 21.44
CA THR A 261 4.91 -35.75 22.65
C THR A 261 3.39 -35.62 22.72
N ASP A 262 2.83 -34.55 22.16
CA ASP A 262 1.40 -34.34 22.21
C ASP A 262 0.98 -33.45 21.04
N ALA A 263 -0.30 -33.53 20.69
CA ALA A 263 -0.84 -32.74 19.60
C ALA A 263 -2.34 -32.56 19.82
N VAL A 264 -2.91 -31.58 19.11
CA VAL A 264 -4.32 -31.28 19.19
C VAL A 264 -4.88 -31.09 17.79
N ASP A 265 -6.20 -31.25 17.68
CA ASP A 265 -6.91 -31.08 16.42
C ASP A 265 -7.53 -29.70 16.37
N CYS A 266 -7.42 -29.05 15.21
CA CYS A 266 -7.88 -27.68 15.04
C CYS A 266 -9.35 -27.57 14.67
N ALA A 267 -10.07 -28.70 14.56
CA ALA A 267 -11.48 -28.66 14.21
C ALA A 267 -12.31 -29.64 15.03
N LEU A 268 -11.76 -30.16 16.12
CA LEU A 268 -12.48 -31.18 16.90
C LEU A 268 -13.51 -30.53 17.82
N ASP A 269 -13.05 -29.68 18.74
CA ASP A 269 -13.92 -29.03 19.72
C ASP A 269 -13.52 -27.57 19.83
N PRO A 270 -14.41 -26.73 20.35
CA PRO A 270 -14.06 -25.30 20.48
C PRO A 270 -12.82 -25.07 21.32
N LEU A 271 -12.62 -25.85 22.38
CA LEU A 271 -11.43 -25.68 23.21
C LEU A 271 -10.17 -25.91 22.38
N SER A 272 -10.15 -26.99 21.60
CA SER A 272 -9.01 -27.24 20.72
C SER A 272 -8.98 -26.27 19.55
N GLU A 273 -10.12 -25.68 19.19
CA GLU A 273 -10.13 -24.68 18.14
C GLU A 273 -9.30 -23.46 18.54
N THR A 274 -9.42 -23.02 19.79
CA THR A 274 -8.67 -21.85 20.25
C THR A 274 -7.19 -22.15 20.36
N LYS A 275 -6.82 -23.38 20.70
CA LYS A 275 -5.42 -23.70 20.92
C LYS A 275 -4.60 -23.47 19.65
N CYS A 276 -5.12 -23.89 18.50
CA CYS A 276 -4.37 -23.75 17.25
C CYS A 276 -4.13 -22.28 16.92
N THR A 277 -5.16 -21.44 17.06
CA THR A 277 -5.00 -20.03 16.75
C THR A 277 -4.12 -19.32 17.78
N LEU A 278 -4.16 -19.77 19.03
CA LEU A 278 -3.31 -19.20 20.07
C LEU A 278 -1.91 -19.83 20.10
N LYS A 279 -1.69 -20.91 19.36
CA LYS A 279 -0.38 -21.55 19.30
C LYS A 279 0.08 -21.96 20.70
N SER A 280 -0.84 -22.45 21.52
CA SER A 280 -0.52 -22.86 22.88
C SER A 280 -1.48 -23.95 23.30
N PHE A 281 -1.07 -24.73 24.29
CA PHE A 281 -1.89 -25.81 24.84
C PHE A 281 -2.68 -25.38 26.08
N THR A 282 -2.18 -24.40 26.84
CA THR A 282 -2.82 -23.94 28.06
C THR A 282 -3.36 -22.53 27.80
N VAL A 283 -4.58 -22.46 27.30
CA VAL A 283 -5.24 -21.18 27.07
C VAL A 283 -5.72 -20.61 28.41
N GLU A 284 -5.42 -19.34 28.64
CA GLU A 284 -5.74 -18.71 29.90
C GLU A 284 -7.24 -18.40 29.99
N LYS A 285 -7.69 -18.08 31.21
CA LYS A 285 -9.08 -17.73 31.45
C LYS A 285 -9.42 -16.44 30.71
N GLY A 286 -10.34 -16.53 29.77
CA GLY A 286 -10.74 -15.35 29.02
C GLY A 286 -11.62 -15.72 27.85
N ILE A 287 -11.88 -14.71 27.01
CA ILE A 287 -12.70 -14.85 25.81
C ILE A 287 -11.79 -14.69 24.60
N TYR A 288 -11.91 -15.61 23.64
CA TYR A 288 -11.07 -15.60 22.45
C TYR A 288 -11.93 -15.82 21.22
N GLN A 289 -11.73 -15.00 20.20
CA GLN A 289 -12.37 -15.18 18.91
C GLN A 289 -11.48 -16.10 18.07
N THR A 290 -12.04 -17.20 17.60
CA THR A 290 -11.27 -18.23 16.92
C THR A 290 -11.50 -18.29 15.42
N SER A 291 -12.70 -18.02 14.94
CA SER A 291 -12.99 -18.10 13.51
C SER A 291 -14.30 -17.34 13.25
N ASN A 292 -14.82 -17.49 12.04
CA ASN A 292 -16.06 -16.86 11.62
C ASN A 292 -17.00 -17.91 11.04
N PHE A 293 -18.18 -17.48 10.62
CA PHE A 293 -19.20 -18.38 10.11
C PHE A 293 -20.18 -17.58 9.28
N ARG A 294 -21.02 -18.29 8.53
CA ARG A 294 -22.03 -17.67 7.69
C ARG A 294 -23.09 -18.72 7.39
N VAL A 295 -23.97 -18.43 6.44
CA VAL A 295 -25.01 -19.36 6.00
C VAL A 295 -24.98 -19.42 4.48
N GLN A 296 -24.97 -20.63 3.94
CA GLN A 296 -24.83 -20.84 2.51
C GLN A 296 -26.21 -20.83 1.84
N PRO A 297 -26.25 -20.50 0.54
CA PRO A 297 -27.53 -20.57 -0.18
C PRO A 297 -28.00 -22.00 -0.33
N THR A 298 -29.32 -22.16 -0.43
CA THR A 298 -29.96 -23.47 -0.48
C THR A 298 -30.66 -23.74 -1.80
N GLU A 299 -31.53 -22.85 -2.25
CA GLU A 299 -32.39 -23.12 -3.40
C GLU A 299 -31.91 -22.45 -4.69
N SER A 300 -31.36 -21.24 -4.60
CA SER A 300 -30.91 -20.49 -5.77
C SER A 300 -32.07 -20.27 -6.74
N ILE A 301 -33.09 -19.55 -6.27
CA ILE A 301 -34.26 -19.28 -7.08
C ILE A 301 -33.96 -18.15 -8.06
N VAL A 302 -34.79 -18.05 -9.09
CA VAL A 302 -34.69 -17.01 -10.10
C VAL A 302 -36.11 -16.58 -10.49
N ARG A 303 -36.34 -15.29 -10.58
CA ARG A 303 -37.64 -14.83 -10.95
C ARG A 303 -37.52 -14.02 -12.22
N PHE A 304 -38.54 -14.12 -13.05
CA PHE A 304 -38.59 -13.43 -14.30
C PHE A 304 -40.01 -12.99 -14.57
N PRO A 305 -40.21 -12.21 -15.64
CA PRO A 305 -41.44 -11.60 -16.11
C PRO A 305 -42.50 -12.61 -16.54
N ASN A 306 -43.78 -12.22 -16.48
CA ASN A 306 -44.87 -13.09 -16.88
C ASN A 306 -44.48 -13.29 -18.33
N ILE A 307 -44.28 -14.55 -18.72
CA ILE A 307 -43.69 -14.83 -20.02
C ILE A 307 -44.27 -15.98 -20.86
N THR A 308 -43.84 -16.01 -22.12
CA THR A 308 -44.16 -16.95 -23.22
C THR A 308 -45.46 -16.63 -23.93
N ASN A 309 -46.04 -15.51 -23.53
CA ASN A 309 -47.27 -15.01 -24.12
C ASN A 309 -47.08 -14.64 -25.59
N LEU A 310 -45.92 -14.05 -25.90
CA LEU A 310 -45.65 -13.58 -27.25
C LEU A 310 -44.95 -14.51 -28.24
N CYS A 311 -44.96 -14.03 -29.48
CA CYS A 311 -44.37 -14.65 -30.69
C CYS A 311 -44.90 -15.97 -31.27
N PRO A 312 -46.04 -15.92 -31.98
CA PRO A 312 -46.55 -17.14 -32.60
C PRO A 312 -45.75 -17.53 -33.83
N PHE A 313 -45.59 -18.85 -34.02
CA PHE A 313 -44.86 -19.40 -35.16
C PHE A 313 -45.71 -20.32 -36.02
N GLY A 314 -46.93 -20.65 -35.62
CA GLY A 314 -47.77 -21.50 -36.44
C GLY A 314 -48.12 -20.88 -37.78
N GLU A 315 -48.23 -19.55 -37.82
CA GLU A 315 -48.51 -18.84 -39.07
C GLU A 315 -47.39 -18.96 -40.09
N VAL A 316 -46.20 -19.40 -39.67
CA VAL A 316 -45.09 -19.63 -40.59
C VAL A 316 -44.63 -21.08 -40.58
N PHE A 317 -45.03 -21.89 -39.60
CA PHE A 317 -44.71 -23.31 -39.56
C PHE A 317 -45.88 -24.19 -39.96
N ASN A 318 -47.07 -23.89 -39.44
CA ASN A 318 -48.26 -24.71 -39.67
C ASN A 318 -49.30 -23.99 -40.53
N ALA A 319 -48.88 -23.03 -41.34
CA ALA A 319 -49.83 -22.34 -42.21
C ALA A 319 -50.27 -23.25 -43.34
N THR A 320 -51.51 -23.04 -43.79
CA THR A 320 -52.07 -23.90 -44.83
C THR A 320 -51.32 -23.75 -46.15
N ARG A 321 -50.97 -22.51 -46.51
CA ARG A 321 -50.36 -22.21 -47.80
C ARG A 321 -48.94 -21.71 -47.59
N PHE A 322 -48.01 -22.25 -48.37
CA PHE A 322 -46.62 -21.80 -48.39
C PHE A 322 -46.23 -21.43 -49.81
N ALA A 323 -45.34 -20.45 -49.92
CA ALA A 323 -44.86 -20.02 -51.23
C ALA A 323 -43.92 -21.07 -51.81
N SER A 324 -43.61 -20.90 -53.10
CA SER A 324 -42.74 -21.81 -53.81
C SER A 324 -41.28 -21.41 -53.59
N VAL A 325 -40.35 -22.14 -54.21
CA VAL A 325 -38.94 -21.83 -54.06
C VAL A 325 -38.55 -20.58 -54.84
N TYR A 326 -39.20 -20.34 -55.99
CA TYR A 326 -38.89 -19.17 -56.79
C TYR A 326 -39.50 -17.89 -56.24
N ALA A 327 -40.42 -17.99 -55.28
CA ALA A 327 -41.05 -16.84 -54.65
C ALA A 327 -41.03 -16.98 -53.13
N TRP A 328 -39.90 -17.41 -52.59
CA TRP A 328 -39.78 -17.56 -51.15
C TRP A 328 -39.92 -16.21 -50.46
N ASN A 329 -40.74 -16.18 -49.42
CA ASN A 329 -41.00 -14.97 -48.66
C ASN A 329 -39.97 -14.81 -47.55
N ARG A 330 -39.76 -13.55 -47.14
CA ARG A 330 -38.82 -13.21 -46.07
C ARG A 330 -39.54 -12.23 -45.13
N LYS A 331 -40.19 -12.76 -44.11
CA LYS A 331 -40.91 -11.96 -43.13
C LYS A 331 -40.01 -11.65 -41.94
N ARG A 332 -40.04 -10.39 -41.50
CA ARG A 332 -39.22 -9.96 -40.39
C ARG A 332 -39.78 -10.53 -39.09
N ILE A 333 -38.90 -11.10 -38.27
CA ILE A 333 -39.25 -11.60 -36.94
C ILE A 333 -38.30 -10.94 -35.95
N SER A 334 -38.84 -10.09 -35.08
CA SER A 334 -38.03 -9.40 -34.09
C SER A 334 -38.94 -8.95 -32.96
N ASN A 335 -38.31 -8.68 -31.81
CA ASN A 335 -39.03 -8.21 -30.63
C ASN A 335 -40.16 -9.15 -30.25
N CYS A 336 -39.94 -10.45 -30.41
CA CYS A 336 -40.91 -11.44 -29.96
C CYS A 336 -40.15 -12.60 -29.35
N VAL A 337 -40.74 -13.23 -28.34
CA VAL A 337 -40.07 -14.26 -27.55
C VAL A 337 -40.33 -15.62 -28.19
N ALA A 338 -39.29 -16.22 -28.75
CA ALA A 338 -39.39 -17.48 -29.46
C ALA A 338 -38.93 -18.62 -28.56
N ASP A 339 -39.70 -19.69 -28.52
CA ASP A 339 -39.41 -20.88 -27.71
C ASP A 339 -38.97 -21.99 -28.64
N TYR A 340 -37.67 -22.28 -28.65
CA TYR A 340 -37.11 -23.31 -29.51
C TYR A 340 -37.18 -24.71 -28.91
N SER A 341 -37.47 -24.83 -27.62
CA SER A 341 -37.50 -26.14 -26.98
C SER A 341 -38.59 -27.03 -27.58
N VAL A 342 -39.77 -26.46 -27.84
CA VAL A 342 -40.87 -27.24 -28.37
C VAL A 342 -40.55 -27.81 -29.74
N LEU A 343 -39.63 -27.18 -30.47
CA LEU A 343 -39.25 -27.70 -31.78
C LEU A 343 -38.45 -28.99 -31.66
N TYR A 344 -37.62 -29.11 -30.62
CA TYR A 344 -36.80 -30.30 -30.48
C TYR A 344 -37.65 -31.55 -30.29
N ASN A 345 -38.70 -31.47 -29.47
CA ASN A 345 -39.56 -32.62 -29.19
C ASN A 345 -40.79 -32.66 -30.09
N SER A 346 -40.72 -32.02 -31.27
CA SER A 346 -41.83 -32.07 -32.20
C SER A 346 -42.03 -33.48 -32.75
N ALA A 347 -40.95 -34.24 -32.91
CA ALA A 347 -41.02 -35.60 -33.42
C ALA A 347 -41.63 -35.65 -34.82
N SER A 348 -41.41 -34.60 -35.60
CA SER A 348 -41.92 -34.52 -36.97
C SER A 348 -40.88 -34.07 -37.99
N PHE A 349 -39.82 -33.39 -37.57
CA PHE A 349 -38.82 -32.92 -38.51
C PHE A 349 -37.95 -34.07 -39.00
N SER A 350 -37.38 -33.90 -40.19
CA SER A 350 -36.52 -34.89 -40.80
C SER A 350 -35.12 -34.38 -41.11
N THR A 351 -34.96 -33.09 -41.36
CA THR A 351 -33.67 -32.48 -41.70
C THR A 351 -33.40 -31.30 -40.76
N PHE A 352 -33.65 -31.51 -39.47
CA PHE A 352 -33.42 -30.48 -38.47
C PHE A 352 -31.92 -30.36 -38.24
N LYS A 353 -31.27 -29.59 -39.10
CA LYS A 353 -29.82 -29.39 -39.06
C LYS A 353 -29.52 -27.93 -38.75
N CYS A 354 -28.57 -27.71 -37.86
CA CYS A 354 -28.15 -26.38 -37.44
C CYS A 354 -26.73 -26.12 -37.92
N TYR A 355 -26.52 -24.97 -38.55
CA TYR A 355 -25.23 -24.58 -39.08
C TYR A 355 -24.74 -23.35 -38.33
N GLY A 356 -23.54 -23.44 -37.77
CA GLY A 356 -22.97 -22.34 -37.01
C GLY A 356 -23.53 -22.16 -35.63
N VAL A 357 -24.39 -23.08 -35.17
CA VAL A 357 -25.01 -22.96 -33.85
C VAL A 357 -25.46 -24.35 -33.43
N SER A 358 -25.56 -24.56 -32.12
CA SER A 358 -26.05 -25.81 -31.56
C SER A 358 -27.42 -25.62 -30.94
N PRO A 359 -28.27 -26.66 -30.93
CA PRO A 359 -29.61 -26.49 -30.36
C PRO A 359 -29.60 -26.08 -28.90
N THR A 360 -28.60 -26.51 -28.13
CA THR A 360 -28.56 -26.20 -26.71
C THR A 360 -28.20 -24.75 -26.45
N LYS A 361 -27.24 -24.21 -27.20
CA LYS A 361 -26.66 -22.91 -26.91
C LYS A 361 -27.39 -21.76 -27.58
N LEU A 362 -28.43 -22.03 -28.37
CA LEU A 362 -29.21 -20.96 -28.99
C LEU A 362 -30.34 -20.46 -28.10
N ASN A 363 -30.53 -21.07 -26.92
CA ASN A 363 -31.57 -20.65 -25.99
C ASN A 363 -31.04 -19.68 -24.95
N ASP A 364 -29.94 -20.04 -24.29
CA ASP A 364 -29.36 -19.14 -23.29
C ASP A 364 -28.93 -17.83 -23.93
N LEU A 365 -28.30 -17.90 -25.09
CA LEU A 365 -27.94 -16.72 -25.88
C LEU A 365 -28.60 -16.82 -27.25
N CYS A 366 -28.98 -15.67 -27.79
CA CYS A 366 -29.70 -15.60 -29.05
C CYS A 366 -29.30 -14.32 -29.76
N PHE A 367 -29.67 -14.23 -31.04
CA PHE A 367 -29.33 -13.09 -31.87
C PHE A 367 -30.60 -12.55 -32.52
N THR A 368 -30.57 -11.27 -32.87
CA THR A 368 -31.68 -10.62 -33.55
C THR A 368 -31.66 -11.00 -35.04
N ASN A 369 -32.45 -10.32 -35.85
CA ASN A 369 -32.50 -10.55 -37.29
C ASN A 369 -32.89 -12.01 -37.59
N VAL A 370 -34.15 -12.31 -37.26
CA VAL A 370 -34.65 -13.68 -37.26
C VAL A 370 -35.51 -13.90 -38.51
N TYR A 371 -35.16 -13.21 -39.60
CA TYR A 371 -35.84 -13.39 -40.87
C TYR A 371 -36.02 -14.87 -41.17
N ALA A 372 -37.24 -15.24 -41.55
CA ALA A 372 -37.61 -16.62 -41.84
C ALA A 372 -37.96 -16.76 -43.30
N ASP A 373 -37.44 -17.80 -43.95
CA ASP A 373 -37.72 -18.11 -45.34
C ASP A 373 -38.48 -19.42 -45.41
N SER A 374 -39.63 -19.41 -46.08
CA SER A 374 -40.48 -20.58 -46.25
C SER A 374 -40.67 -20.86 -47.73
N PHE A 375 -40.45 -22.12 -48.12
CA PHE A 375 -40.63 -22.53 -49.50
C PHE A 375 -40.77 -24.04 -49.55
N VAL A 376 -41.19 -24.54 -50.71
CA VAL A 376 -41.44 -25.96 -50.92
C VAL A 376 -40.27 -26.54 -51.69
N ILE A 377 -39.71 -27.63 -51.18
CA ILE A 377 -38.58 -28.32 -51.79
C ILE A 377 -38.87 -29.81 -51.82
N ARG A 378 -38.57 -30.44 -52.95
CA ARG A 378 -38.77 -31.88 -53.07
C ARG A 378 -37.76 -32.63 -52.19
N GLY A 379 -38.12 -33.86 -51.84
CA GLY A 379 -37.30 -34.62 -50.91
C GLY A 379 -35.90 -34.88 -51.42
N ASP A 380 -35.77 -35.19 -52.71
CA ASP A 380 -34.47 -35.57 -53.25
C ASP A 380 -33.47 -34.42 -53.21
N GLU A 381 -33.95 -33.18 -53.33
CA GLU A 381 -33.08 -32.02 -53.42
C GLU A 381 -33.09 -31.18 -52.14
N VAL A 382 -33.43 -31.79 -51.01
CA VAL A 382 -33.40 -31.05 -49.74
C VAL A 382 -31.97 -30.69 -49.37
N ARG A 383 -31.02 -31.60 -49.64
CA ARG A 383 -29.63 -31.36 -49.26
C ARG A 383 -29.02 -30.17 -49.98
N GLN A 384 -29.61 -29.75 -51.10
CA GLN A 384 -29.06 -28.60 -51.83
C GLN A 384 -29.06 -27.34 -50.98
N ILE A 385 -29.98 -27.24 -50.03
CA ILE A 385 -30.09 -26.05 -49.18
C ILE A 385 -29.11 -26.19 -48.01
N ALA A 386 -27.89 -25.69 -48.21
CA ALA A 386 -26.88 -25.71 -47.16
C ALA A 386 -25.81 -24.70 -47.51
N PRO A 387 -25.12 -24.12 -46.52
CA PRO A 387 -24.06 -23.15 -46.84
C PRO A 387 -22.92 -23.81 -47.60
N GLY A 388 -22.45 -23.13 -48.64
CA GLY A 388 -21.39 -23.66 -49.46
C GLY A 388 -21.79 -24.79 -50.37
N GLN A 389 -23.09 -25.08 -50.49
CA GLN A 389 -23.59 -26.17 -51.31
C GLN A 389 -24.18 -25.60 -52.59
N THR A 390 -23.73 -26.11 -53.73
CA THR A 390 -24.19 -25.67 -55.03
C THR A 390 -25.01 -26.78 -55.71
N GLY A 391 -25.61 -26.42 -56.84
CA GLY A 391 -26.42 -27.35 -57.60
C GLY A 391 -27.33 -26.65 -58.58
N LYS A 392 -28.59 -27.11 -58.66
CA LYS A 392 -29.59 -26.50 -59.54
C LYS A 392 -30.50 -25.56 -58.75
N ILE A 393 -31.16 -26.07 -57.72
CA ILE A 393 -32.03 -25.23 -56.90
C ILE A 393 -31.20 -24.27 -56.07
N ALA A 394 -30.08 -24.74 -55.53
CA ALA A 394 -29.22 -23.89 -54.71
C ALA A 394 -28.53 -22.81 -55.53
N ASP A 395 -28.54 -22.91 -56.86
CA ASP A 395 -27.83 -21.97 -57.72
C ASP A 395 -28.75 -20.98 -58.43
N TYR A 396 -29.98 -21.39 -58.77
CA TYR A 396 -30.89 -20.56 -59.54
C TYR A 396 -32.13 -20.12 -58.77
N ASN A 397 -32.42 -20.72 -57.61
CA ASN A 397 -33.63 -20.42 -56.87
C ASN A 397 -33.36 -19.81 -55.51
N TYR A 398 -32.51 -20.45 -54.70
CA TYR A 398 -32.25 -19.96 -53.35
C TYR A 398 -30.85 -20.41 -52.94
N LYS A 399 -29.92 -19.47 -52.82
CA LYS A 399 -28.53 -19.76 -52.47
C LYS A 399 -28.27 -19.30 -51.05
N LEU A 400 -27.70 -20.20 -50.24
CA LEU A 400 -27.36 -19.88 -48.86
C LEU A 400 -25.93 -19.36 -48.79
N PRO A 401 -25.69 -18.17 -48.24
CA PRO A 401 -24.32 -17.67 -48.15
C PRO A 401 -23.48 -18.46 -47.16
N ASP A 402 -22.16 -18.39 -47.35
CA ASP A 402 -21.24 -19.06 -46.44
C ASP A 402 -21.32 -18.44 -45.06
N ASP A 403 -21.02 -19.26 -44.05
CA ASP A 403 -21.08 -18.85 -42.65
C ASP A 403 -22.50 -18.44 -42.27
N PHE A 404 -23.43 -19.36 -42.49
CA PHE A 404 -24.84 -19.14 -42.20
C PHE A 404 -25.13 -19.60 -40.79
N THR A 405 -25.24 -18.64 -39.86
CA THR A 405 -25.53 -18.96 -38.46
C THR A 405 -27.03 -19.13 -38.30
N GLY A 406 -27.50 -20.30 -38.72
CA GLY A 406 -28.92 -20.62 -38.63
C GLY A 406 -29.13 -22.11 -38.77
N CYS A 407 -30.41 -22.49 -38.77
CA CYS A 407 -30.80 -23.89 -38.85
C CYS A 407 -31.84 -24.06 -39.95
N VAL A 408 -31.90 -25.29 -40.48
CA VAL A 408 -32.86 -25.66 -41.51
C VAL A 408 -33.76 -26.75 -40.93
N ILE A 409 -35.07 -26.55 -41.06
CA ILE A 409 -36.07 -27.47 -40.53
C ILE A 409 -36.93 -27.93 -41.69
N ALA A 410 -37.03 -29.24 -41.88
CA ALA A 410 -37.85 -29.81 -42.95
C ALA A 410 -38.62 -31.01 -42.40
N TRP A 411 -39.82 -31.20 -42.96
CA TRP A 411 -40.66 -32.32 -42.58
C TRP A 411 -41.53 -32.69 -43.77
N ASN A 412 -41.95 -33.96 -43.80
CA ASN A 412 -42.76 -34.45 -44.90
C ASN A 412 -44.16 -33.83 -44.85
N SER A 413 -44.73 -33.61 -46.03
CA SER A 413 -46.05 -33.02 -46.19
C SER A 413 -46.84 -33.79 -47.23
N ASN A 414 -46.73 -35.12 -47.20
CA ASN A 414 -47.45 -35.94 -48.18
C ASN A 414 -48.95 -35.80 -48.03
N ASN A 415 -49.44 -35.77 -46.79
CA ASN A 415 -50.88 -35.78 -46.53
C ASN A 415 -51.56 -34.45 -46.85
N LEU A 416 -50.80 -33.37 -47.03
CA LEU A 416 -51.40 -32.07 -47.34
C LEU A 416 -50.81 -31.41 -48.58
N ASP A 417 -49.51 -31.53 -48.79
CA ASP A 417 -48.87 -30.94 -49.97
C ASP A 417 -48.79 -31.92 -51.13
N SER A 418 -49.95 -32.49 -51.49
CA SER A 418 -50.04 -33.41 -52.61
C SER A 418 -51.50 -33.58 -52.98
N LYS A 419 -51.75 -33.90 -54.24
CA LYS A 419 -53.11 -34.12 -54.73
C LYS A 419 -53.07 -35.11 -55.87
N VAL A 420 -54.21 -35.78 -56.09
CA VAL A 420 -54.31 -36.76 -57.16
C VAL A 420 -54.12 -36.07 -58.50
N GLY A 421 -53.37 -36.72 -59.38
CA GLY A 421 -53.08 -36.17 -60.69
C GLY A 421 -51.88 -35.25 -60.76
N GLY A 422 -51.23 -34.98 -59.63
CA GLY A 422 -50.05 -34.13 -59.61
C GLY A 422 -50.34 -32.73 -59.13
N ASN A 423 -49.58 -32.28 -58.12
CA ASN A 423 -49.75 -30.95 -57.56
C ASN A 423 -48.93 -29.97 -58.39
N TYR A 424 -49.55 -29.44 -59.43
CA TYR A 424 -48.90 -28.46 -60.31
C TYR A 424 -49.19 -27.03 -59.85
N ASN A 425 -48.91 -26.76 -58.57
CA ASN A 425 -49.11 -25.45 -57.99
C ASN A 425 -47.81 -24.80 -57.53
N TYR A 426 -46.72 -25.56 -57.42
CA TYR A 426 -45.43 -25.04 -57.00
C TYR A 426 -44.50 -25.00 -58.20
N LEU A 427 -43.88 -23.84 -58.43
CA LEU A 427 -42.99 -23.62 -59.56
C LEU A 427 -41.58 -23.34 -59.06
N TYR A 428 -40.63 -23.42 -59.99
CA TYR A 428 -39.23 -23.19 -59.66
C TYR A 428 -38.51 -22.66 -60.88
N ARG A 429 -37.37 -22.02 -60.64
CA ARG A 429 -36.54 -21.48 -61.72
C ARG A 429 -35.55 -22.54 -62.16
N LEU A 430 -35.66 -22.97 -63.42
CA LEU A 430 -34.81 -24.03 -63.96
C LEU A 430 -33.58 -23.49 -64.68
N PHE A 431 -33.67 -22.33 -65.30
CA PHE A 431 -32.57 -21.73 -66.03
C PHE A 431 -32.41 -20.27 -65.60
N ARG A 432 -31.16 -19.81 -65.57
CA ARG A 432 -30.86 -18.42 -65.26
C ARG A 432 -29.56 -18.03 -65.96
N LYS A 433 -29.50 -16.78 -66.42
CA LYS A 433 -28.30 -16.31 -67.10
C LYS A 433 -27.10 -16.27 -66.16
N SER A 434 -27.32 -15.85 -64.92
CA SER A 434 -26.25 -15.71 -63.94
C SER A 434 -26.68 -16.35 -62.62
N ASN A 435 -25.68 -16.79 -61.85
CA ASN A 435 -25.96 -17.40 -60.56
C ASN A 435 -26.58 -16.38 -59.60
N LEU A 436 -27.48 -16.87 -58.76
CA LEU A 436 -28.21 -16.01 -57.84
C LEU A 436 -27.32 -15.59 -56.67
N LYS A 437 -27.36 -14.30 -56.33
CA LYS A 437 -26.67 -13.81 -55.15
C LYS A 437 -27.37 -14.35 -53.90
N PRO A 438 -26.61 -14.82 -52.89
CA PRO A 438 -27.26 -15.43 -51.73
C PRO A 438 -28.24 -14.49 -51.05
N PHE A 439 -29.38 -15.04 -50.62
CA PHE A 439 -30.47 -14.27 -50.02
C PHE A 439 -30.99 -13.22 -51.00
N GLU A 440 -31.42 -13.70 -52.16
CA GLU A 440 -32.04 -12.86 -53.18
C GLU A 440 -33.23 -13.59 -53.78
N ARG A 441 -34.32 -12.86 -53.99
CA ARG A 441 -35.50 -13.41 -54.65
C ARG A 441 -35.64 -12.75 -56.03
N ASP A 442 -35.70 -13.59 -57.06
CA ASP A 442 -35.72 -13.12 -58.45
C ASP A 442 -37.09 -13.44 -59.04
N ILE A 443 -38.00 -12.48 -58.95
CA ILE A 443 -39.33 -12.58 -59.54
C ILE A 443 -39.26 -11.87 -60.88
N SER A 444 -39.14 -12.63 -61.96
CA SER A 444 -39.06 -12.06 -63.30
C SER A 444 -39.56 -13.09 -64.30
N THR A 445 -40.14 -12.59 -65.39
CA THR A 445 -40.67 -13.43 -66.46
C THR A 445 -39.71 -13.56 -67.63
N GLU A 446 -38.49 -13.03 -67.50
CA GLU A 446 -37.50 -13.14 -68.57
C GLU A 446 -37.16 -14.60 -68.81
N ILE A 447 -37.05 -14.98 -70.08
CA ILE A 447 -36.80 -16.36 -70.46
C ILE A 447 -35.34 -16.55 -70.79
N TYR A 448 -34.89 -17.80 -70.75
CA TYR A 448 -33.48 -18.12 -70.92
C TYR A 448 -33.05 -17.88 -72.36
N GLN A 449 -31.73 -17.74 -72.55
CA GLN A 449 -31.12 -17.52 -73.86
C GLN A 449 -30.04 -18.59 -74.05
N ALA A 450 -30.43 -19.72 -74.64
CA ALA A 450 -29.47 -20.81 -74.86
C ALA A 450 -28.50 -20.47 -75.98
N GLY A 451 -29.00 -19.95 -77.10
CA GLY A 451 -28.17 -19.65 -78.25
C GLY A 451 -27.90 -18.17 -78.40
N SER A 452 -27.56 -17.75 -79.62
CA SER A 452 -27.29 -16.33 -79.91
C SER A 452 -28.51 -15.60 -80.48
N THR A 453 -29.48 -16.33 -81.03
CA THR A 453 -30.65 -15.70 -81.61
C THR A 453 -31.60 -15.25 -80.49
N PRO A 454 -31.91 -13.96 -80.36
CA PRO A 454 -32.77 -13.53 -79.25
C PRO A 454 -34.19 -14.04 -79.41
N CYS A 455 -34.84 -14.25 -78.27
CA CYS A 455 -36.24 -14.66 -78.22
C CYS A 455 -37.10 -13.43 -77.93
N ASN A 456 -38.10 -13.19 -78.78
CA ASN A 456 -38.97 -12.03 -78.66
C ASN A 456 -40.29 -12.35 -77.97
N GLY A 457 -40.25 -13.25 -76.98
CA GLY A 457 -41.44 -13.67 -76.28
C GLY A 457 -42.12 -14.91 -76.85
N VAL A 458 -41.69 -15.36 -78.02
CA VAL A 458 -42.24 -16.57 -78.63
C VAL A 458 -41.29 -17.72 -78.32
N GLU A 459 -41.80 -18.75 -77.65
CA GLU A 459 -40.98 -19.88 -77.28
C GLU A 459 -40.49 -20.62 -78.54
N GLY A 460 -39.22 -21.03 -78.51
CA GLY A 460 -38.64 -21.75 -79.62
C GLY A 460 -37.70 -22.85 -79.17
N PHE A 461 -36.68 -23.12 -79.99
CA PHE A 461 -35.72 -24.17 -79.67
C PHE A 461 -34.61 -23.70 -78.72
N ASN A 462 -34.54 -22.39 -78.44
CA ASN A 462 -33.50 -21.87 -77.55
C ASN A 462 -34.03 -20.83 -76.58
N CYS A 463 -35.35 -20.75 -76.39
CA CYS A 463 -35.92 -19.84 -75.41
C CYS A 463 -35.98 -20.47 -74.02
N TYR A 464 -36.56 -21.66 -73.91
CA TYR A 464 -36.51 -22.46 -72.69
C TYR A 464 -37.08 -21.69 -71.49
N PHE A 465 -38.39 -21.48 -71.55
CA PHE A 465 -39.14 -20.81 -70.49
C PHE A 465 -38.74 -21.41 -69.14
N PRO A 466 -37.98 -20.68 -68.31
CA PRO A 466 -37.44 -21.31 -67.09
C PRO A 466 -38.51 -21.82 -66.12
N LEU A 467 -39.62 -21.13 -65.99
CA LEU A 467 -40.61 -21.45 -64.96
C LEU A 467 -41.31 -22.75 -65.32
N GLN A 468 -41.12 -23.78 -64.49
CA GLN A 468 -41.77 -25.06 -64.65
C GLN A 468 -42.43 -25.48 -63.33
N SER A 469 -43.55 -26.18 -63.45
CA SER A 469 -44.35 -26.57 -62.29
C SER A 469 -43.93 -27.95 -61.79
N TYR A 470 -43.87 -28.09 -60.47
CA TYR A 470 -43.55 -29.37 -59.86
C TYR A 470 -44.73 -30.34 -59.98
N GLY A 471 -44.41 -31.63 -59.90
CA GLY A 471 -45.41 -32.67 -59.89
C GLY A 471 -45.30 -33.52 -58.64
N PHE A 472 -46.31 -33.45 -57.77
CA PHE A 472 -46.32 -34.16 -56.49
C PHE A 472 -47.58 -35.02 -56.42
N GLN A 473 -47.49 -36.24 -56.95
CA GLN A 473 -48.60 -37.17 -56.85
C GLN A 473 -48.58 -37.90 -55.51
N PRO A 474 -49.73 -38.36 -55.02
CA PRO A 474 -49.75 -39.09 -53.75
C PRO A 474 -48.95 -40.38 -53.77
N THR A 475 -48.74 -40.96 -54.95
CA THR A 475 -48.04 -42.23 -55.09
C THR A 475 -46.55 -42.05 -55.41
N ASN A 476 -46.05 -40.82 -55.36
CA ASN A 476 -44.64 -40.57 -55.67
C ASN A 476 -43.75 -41.23 -54.63
N GLY A 477 -42.50 -41.45 -55.01
CA GLY A 477 -41.55 -42.08 -54.11
C GLY A 477 -41.14 -41.15 -52.97
N VAL A 478 -40.47 -41.75 -51.98
CA VAL A 478 -40.06 -40.99 -50.80
C VAL A 478 -39.09 -39.89 -51.21
N GLY A 479 -38.18 -40.17 -52.14
CA GLY A 479 -37.24 -39.17 -52.59
C GLY A 479 -37.92 -37.99 -53.28
N TYR A 480 -38.98 -38.26 -54.02
CA TYR A 480 -39.70 -37.23 -54.76
C TYR A 480 -40.82 -36.58 -53.95
N GLN A 481 -41.03 -37.01 -52.71
CA GLN A 481 -42.09 -36.43 -51.91
C GLN A 481 -41.77 -34.98 -51.59
N PRO A 482 -42.77 -34.07 -51.63
CA PRO A 482 -42.52 -32.67 -51.28
C PRO A 482 -42.43 -32.49 -49.77
N TYR A 483 -41.22 -32.21 -49.28
CA TYR A 483 -40.99 -32.03 -47.85
C TYR A 483 -41.13 -30.55 -47.52
N ARG A 484 -42.04 -30.24 -46.60
CA ARG A 484 -42.23 -28.86 -46.16
C ARG A 484 -41.01 -28.39 -45.38
N VAL A 485 -40.33 -27.37 -45.89
CA VAL A 485 -39.06 -26.91 -45.35
C VAL A 485 -39.14 -25.41 -45.07
N VAL A 486 -38.58 -25.00 -43.94
CA VAL A 486 -38.45 -23.59 -43.57
C VAL A 486 -37.01 -23.34 -43.16
N VAL A 487 -36.57 -22.10 -43.34
CA VAL A 487 -35.19 -21.70 -43.03
C VAL A 487 -35.24 -20.49 -42.12
N LEU A 488 -34.46 -20.54 -41.03
CA LEU A 488 -34.34 -19.45 -40.08
C LEU A 488 -32.91 -18.92 -40.10
N SER A 489 -32.77 -17.61 -40.27
CA SER A 489 -31.47 -16.95 -40.33
C SER A 489 -31.30 -16.05 -39.11
N PHE A 490 -30.12 -16.11 -38.50
CA PHE A 490 -29.79 -15.31 -37.33
C PHE A 490 -28.50 -14.55 -37.59
N GLU A 491 -28.52 -13.24 -37.34
CA GLU A 491 -27.33 -12.42 -37.47
C GLU A 491 -27.47 -11.23 -36.52
N LEU A 492 -26.34 -10.58 -36.24
CA LEU A 492 -26.26 -9.49 -35.27
C LEU A 492 -25.65 -8.26 -35.93
N ALA A 495 -28.34 -3.18 -34.77
CA ALA A 495 -29.59 -3.04 -34.02
C ALA A 495 -29.43 -3.64 -32.63
N PRO A 496 -29.74 -2.91 -31.55
CA PRO A 496 -29.62 -3.49 -30.21
C PRO A 496 -30.88 -4.22 -29.75
N ALA A 497 -30.88 -4.66 -28.50
CA ALA A 497 -32.06 -5.26 -27.86
C ALA A 497 -32.51 -6.52 -28.60
N THR A 498 -31.64 -7.52 -28.62
CA THR A 498 -32.04 -8.84 -29.09
C THR A 498 -32.99 -9.49 -28.09
N VAL A 499 -33.86 -10.36 -28.60
CA VAL A 499 -34.90 -11.00 -27.81
C VAL A 499 -34.71 -12.51 -27.88
N CYS A 500 -34.67 -13.16 -26.72
CA CYS A 500 -34.44 -14.59 -26.59
C CYS A 500 -35.66 -15.26 -25.94
N GLY A 501 -35.51 -16.56 -25.71
CA GLY A 501 -36.55 -17.39 -25.16
C GLY A 501 -36.86 -17.17 -23.70
N PRO A 502 -37.94 -17.79 -23.21
CA PRO A 502 -38.42 -17.70 -21.83
C PRO A 502 -37.41 -18.26 -20.83
N LYS A 503 -37.33 -17.65 -19.66
CA LYS A 503 -36.40 -18.05 -18.62
C LYS A 503 -36.89 -19.15 -17.66
N LYS A 504 -36.07 -19.43 -16.65
CA LYS A 504 -36.30 -20.48 -15.67
C LYS A 504 -37.53 -20.43 -14.74
N SER A 505 -37.85 -19.26 -14.19
CA SER A 505 -39.00 -19.10 -13.29
C SER A 505 -39.05 -20.06 -12.11
N THR A 506 -37.92 -20.30 -11.46
CA THR A 506 -37.92 -21.21 -10.32
C THR A 506 -38.78 -20.65 -9.21
N ASN A 507 -39.51 -21.50 -8.50
CA ASN A 507 -40.37 -21.02 -7.42
C ASN A 507 -39.54 -20.39 -6.31
N LEU A 508 -40.08 -19.34 -5.68
CA LEU A 508 -39.35 -18.67 -4.61
C LEU A 508 -39.40 -19.35 -3.23
N VAL A 509 -38.98 -18.62 -2.20
CA VAL A 509 -38.89 -19.08 -0.82
C VAL A 509 -38.64 -17.86 0.07
N LYS A 510 -39.06 -17.98 1.33
CA LYS A 510 -38.97 -16.87 2.27
C LYS A 510 -38.32 -17.35 3.56
N ASN A 511 -37.74 -16.40 4.29
CA ASN A 511 -37.13 -16.66 5.59
C ASN A 511 -36.06 -17.73 5.51
N LYS A 512 -35.25 -17.68 4.45
CA LYS A 512 -34.15 -18.60 4.26
C LYS A 512 -33.05 -17.91 3.47
N CYS A 513 -31.80 -18.18 3.82
CA CYS A 513 -30.67 -17.63 3.08
C CYS A 513 -30.62 -18.34 1.74
N VAL A 514 -31.15 -17.69 0.70
CA VAL A 514 -31.32 -18.29 -0.61
C VAL A 514 -30.72 -17.36 -1.65
N ASN A 515 -29.91 -17.92 -2.55
CA ASN A 515 -29.38 -17.14 -3.65
C ASN A 515 -30.50 -16.74 -4.60
N PHE A 516 -30.39 -15.54 -5.16
CA PHE A 516 -31.38 -15.03 -6.11
C PHE A 516 -30.67 -14.38 -7.28
N ASN A 517 -31.20 -14.60 -8.49
CA ASN A 517 -30.69 -14.01 -9.71
C ASN A 517 -31.87 -13.39 -10.46
N PHE A 518 -32.28 -12.21 -10.05
CA PHE A 518 -33.40 -11.53 -10.70
C PHE A 518 -32.96 -11.06 -12.08
N ASN A 519 -33.82 -10.31 -12.76
CA ASN A 519 -33.54 -9.91 -14.14
C ASN A 519 -32.42 -8.88 -14.15
N GLY A 520 -31.19 -9.35 -14.37
CA GLY A 520 -30.05 -8.47 -14.47
C GLY A 520 -29.23 -8.40 -13.20
N LEU A 521 -29.90 -8.49 -12.06
CA LEU A 521 -29.28 -8.40 -10.75
C LEU A 521 -29.38 -9.72 -10.01
N THR A 522 -28.32 -10.05 -9.28
CA THR A 522 -28.26 -11.29 -8.53
C THR A 522 -27.57 -11.05 -7.19
N GLY A 523 -27.85 -11.92 -6.24
CA GLY A 523 -27.24 -11.83 -4.93
C GLY A 523 -27.75 -12.93 -4.04
N THR A 524 -27.16 -13.00 -2.85
CA THR A 524 -27.53 -13.98 -1.84
C THR A 524 -28.00 -13.26 -0.58
N GLY A 525 -29.19 -13.63 -0.10
CA GLY A 525 -29.73 -13.01 1.09
C GLY A 525 -31.08 -13.60 1.42
N VAL A 526 -31.58 -13.24 2.59
CA VAL A 526 -32.87 -13.72 3.06
C VAL A 526 -33.97 -12.83 2.47
N LEU A 527 -35.06 -13.46 2.04
CA LEU A 527 -36.20 -12.77 1.46
C LEU A 527 -37.33 -12.72 2.48
N THR A 528 -37.91 -11.54 2.66
CA THR A 528 -38.97 -11.35 3.64
C THR A 528 -39.94 -10.28 3.13
N GLU A 529 -41.06 -10.16 3.82
CA GLU A 529 -42.05 -9.16 3.47
C GLU A 529 -41.51 -7.76 3.72
N SER A 530 -42.05 -6.79 2.98
CA SER A 530 -41.63 -5.40 3.08
C SER A 530 -42.85 -4.49 3.19
N ASN A 531 -42.78 -3.54 4.12
CA ASN A 531 -43.81 -2.54 4.28
C ASN A 531 -43.59 -1.32 3.38
N LYS A 532 -42.48 -1.27 2.66
CA LYS A 532 -42.19 -0.14 1.79
C LYS A 532 -43.06 -0.19 0.54
N LYS A 533 -43.30 0.98 -0.04
CA LYS A 533 -44.10 1.11 -1.25
C LYS A 533 -43.23 1.55 -2.42
N PHE A 534 -43.40 0.88 -3.55
CA PHE A 534 -42.63 1.15 -4.76
C PHE A 534 -43.56 1.75 -5.81
N LEU A 535 -43.06 2.73 -6.55
CA LEU A 535 -43.81 3.29 -7.66
C LEU A 535 -43.87 2.27 -8.80
N PRO A 536 -44.82 2.42 -9.73
CA PRO A 536 -45.05 1.36 -10.71
C PRO A 536 -43.95 1.18 -11.75
N PHE A 537 -42.86 1.97 -11.65
CA PHE A 537 -41.77 1.90 -12.62
C PHE A 537 -40.43 1.65 -11.94
N GLN A 538 -40.42 0.81 -10.91
CA GLN A 538 -39.20 0.38 -10.25
C GLN A 538 -39.19 -1.13 -10.12
N GLN A 539 -37.99 -1.71 -10.22
CA GLN A 539 -37.81 -3.15 -10.08
C GLN A 539 -37.03 -3.53 -8.85
N PHE A 540 -36.23 -2.62 -8.28
CA PHE A 540 -35.48 -2.90 -7.07
C PHE A 540 -35.13 -1.57 -6.41
N GLY A 541 -34.65 -1.66 -5.16
CA GLY A 541 -34.28 -0.48 -4.41
C GLY A 541 -32.97 -0.65 -3.68
N ARG A 542 -32.22 0.44 -3.54
CA ARG A 542 -30.92 0.42 -2.89
C ARG A 542 -30.99 1.33 -1.66
N ASP A 543 -30.65 0.79 -0.49
CA ASP A 543 -30.73 1.57 0.74
C ASP A 543 -29.78 2.75 0.70
N ILE A 544 -28.48 2.48 0.64
CA ILE A 544 -27.47 3.53 0.66
C ILE A 544 -26.15 2.93 0.20
N ALA A 545 -25.28 3.78 -0.35
CA ALA A 545 -23.94 3.35 -0.78
C ALA A 545 -24.02 2.23 -1.80
N ASP A 546 -25.02 2.30 -2.67
CA ASP A 546 -25.18 1.33 -3.76
C ASP A 546 -25.28 -0.09 -3.21
N THR A 547 -26.24 -0.30 -2.32
CA THR A 547 -26.50 -1.60 -1.72
C THR A 547 -27.98 -1.93 -1.89
N THR A 548 -28.26 -2.94 -2.70
CA THR A 548 -29.64 -3.36 -2.93
C THR A 548 -30.20 -3.98 -1.65
N ASP A 549 -31.41 -3.57 -1.27
CA ASP A 549 -32.06 -4.07 -0.07
C ASP A 549 -33.53 -4.38 -0.30
N ALA A 550 -34.05 -4.16 -1.50
CA ALA A 550 -35.45 -4.39 -1.78
C ALA A 550 -35.67 -4.65 -3.26
N VAL A 551 -36.20 -5.83 -3.59
CA VAL A 551 -36.47 -6.23 -4.96
C VAL A 551 -37.92 -6.67 -5.05
N ARG A 552 -38.63 -6.17 -6.06
CA ARG A 552 -40.01 -6.55 -6.31
C ARG A 552 -40.04 -7.61 -7.40
N ASP A 553 -40.61 -8.76 -7.08
CA ASP A 553 -40.71 -9.84 -8.07
C ASP A 553 -41.80 -9.47 -9.07
N PRO A 554 -41.44 -9.16 -10.32
CA PRO A 554 -42.48 -8.71 -11.27
C PRO A 554 -43.57 -9.72 -11.51
N GLN A 555 -43.27 -11.02 -11.43
CA GLN A 555 -44.31 -12.04 -11.62
C GLN A 555 -45.44 -11.87 -10.63
N THR A 556 -45.11 -11.75 -9.34
CA THR A 556 -46.11 -11.62 -8.30
C THR A 556 -46.51 -10.17 -8.05
N LEU A 557 -45.66 -9.21 -8.42
CA LEU A 557 -45.92 -7.80 -8.18
C LEU A 557 -46.15 -7.56 -6.68
N GLU A 558 -45.10 -7.81 -5.91
CA GLU A 558 -45.15 -7.64 -4.46
C GLU A 558 -43.73 -7.38 -3.97
N ILE A 559 -43.47 -6.15 -3.55
CA ILE A 559 -42.13 -5.75 -3.13
C ILE A 559 -41.70 -6.57 -1.93
N LEU A 560 -40.45 -7.02 -1.93
CA LEU A 560 -39.89 -7.82 -0.84
C LEU A 560 -38.54 -7.25 -0.42
N ASP A 561 -38.30 -7.23 0.88
CA ASP A 561 -37.01 -6.81 1.41
C ASP A 561 -35.96 -7.88 1.23
N ILE A 562 -34.72 -7.45 1.01
CA ILE A 562 -33.57 -8.35 0.88
C ILE A 562 -32.52 -7.92 1.89
N THR A 563 -32.03 -8.89 2.67
CA THR A 563 -30.98 -8.64 3.64
C THR A 563 -29.97 -9.78 3.56
N PRO A 564 -28.68 -9.50 3.75
CA PRO A 564 -27.72 -10.60 3.86
C PRO A 564 -28.06 -11.48 5.05
N CYS A 565 -27.87 -12.79 4.89
CA CYS A 565 -28.22 -13.72 5.94
C CYS A 565 -27.12 -13.71 7.01
N SER A 566 -27.33 -14.52 8.06
CA SER A 566 -26.52 -14.42 9.26
C SER A 566 -25.06 -14.75 8.97
N PHE A 567 -24.17 -14.03 9.66
CA PHE A 567 -22.74 -14.29 9.62
C PHE A 567 -22.10 -13.54 10.78
N GLY A 568 -20.79 -13.69 10.93
CA GLY A 568 -20.05 -12.99 11.95
C GLY A 568 -18.94 -13.85 12.49
N GLY A 569 -18.37 -13.41 13.61
CA GLY A 569 -17.26 -14.08 14.23
C GLY A 569 -17.71 -14.90 15.43
N VAL A 570 -17.35 -16.17 15.42
CA VAL A 570 -17.64 -17.07 16.53
C VAL A 570 -16.54 -16.93 17.57
N SER A 571 -16.93 -16.93 18.84
CA SER A 571 -16.00 -16.78 19.95
C SER A 571 -16.18 -17.92 20.93
N VAL A 572 -15.11 -18.23 21.66
CA VAL A 572 -15.09 -19.33 22.62
C VAL A 572 -14.86 -18.75 24.01
N ILE A 573 -15.72 -19.12 24.95
CA ILE A 573 -15.60 -18.69 26.34
C ILE A 573 -15.04 -19.86 27.14
N THR A 574 -13.94 -19.62 27.84
CA THR A 574 -13.30 -20.64 28.66
C THR A 574 -12.95 -20.08 30.02
N PRO A 575 -12.96 -20.90 31.06
CA PRO A 575 -12.52 -20.44 32.39
C PRO A 575 -11.06 -20.68 32.68
N GLY A 576 -10.29 -21.23 31.74
CA GLY A 576 -8.90 -21.57 31.96
C GLY A 576 -8.63 -23.04 31.73
N THR A 577 -7.50 -23.35 31.11
CA THR A 577 -7.19 -24.74 30.80
C THR A 577 -7.05 -25.56 32.08
N ASN A 578 -6.27 -25.08 33.04
CA ASN A 578 -6.05 -25.83 34.27
C ASN A 578 -7.24 -25.72 35.22
N THR A 579 -7.94 -24.58 35.21
CA THR A 579 -9.07 -24.40 36.13
C THR A 579 -10.17 -25.40 35.85
N SER A 580 -10.48 -25.61 34.57
CA SER A 580 -11.52 -26.56 34.18
C SER A 580 -11.28 -26.94 32.72
N ASN A 581 -12.26 -27.61 32.12
CA ASN A 581 -12.14 -28.09 30.75
C ASN A 581 -13.30 -27.62 29.89
N GLN A 582 -14.46 -27.41 30.51
CA GLN A 582 -15.65 -27.03 29.76
C GLN A 582 -15.47 -25.65 29.13
N VAL A 583 -16.07 -25.48 27.95
CA VAL A 583 -16.04 -24.21 27.23
C VAL A 583 -17.43 -23.93 26.68
N ALA A 584 -17.68 -22.65 26.39
CA ALA A 584 -18.96 -22.21 25.84
C ALA A 584 -18.70 -21.43 24.55
N VAL A 585 -19.53 -21.70 23.54
CA VAL A 585 -19.39 -21.08 22.23
C VAL A 585 -20.33 -19.88 22.15
N LEU A 586 -19.82 -18.77 21.64
CA LEU A 586 -20.57 -17.53 21.52
C LEU A 586 -20.70 -17.17 20.05
N TYR A 587 -21.91 -16.81 19.64
CA TYR A 587 -22.18 -16.29 18.30
C TYR A 587 -22.63 -14.84 18.41
N GLN A 588 -22.12 -13.99 17.52
CA GLN A 588 -22.31 -12.55 17.61
C GLN A 588 -23.37 -12.10 16.62
N ASP A 589 -24.40 -11.42 17.12
CA ASP A 589 -25.41 -10.76 16.30
C ASP A 589 -26.03 -11.74 15.31
N VAL A 590 -26.56 -12.85 15.83
CA VAL A 590 -27.22 -13.86 15.01
C VAL A 590 -28.48 -14.32 15.73
N ASN A 591 -29.60 -14.34 15.01
CA ASN A 591 -30.82 -14.92 15.55
C ASN A 591 -30.60 -16.39 15.84
N CYS A 592 -30.79 -16.79 17.10
CA CYS A 592 -30.38 -18.11 17.56
C CYS A 592 -31.43 -19.14 17.17
N THR A 593 -31.50 -19.40 15.86
CA THR A 593 -32.40 -20.41 15.32
C THR A 593 -31.75 -21.28 14.26
N GLU A 594 -30.57 -20.93 13.74
CA GLU A 594 -29.93 -21.70 12.68
C GLU A 594 -28.43 -21.84 12.88
N VAL A 595 -27.89 -21.48 14.05
CA VAL A 595 -26.44 -21.51 14.23
C VAL A 595 -25.86 -22.90 14.07
N PRO A 596 -26.43 -23.97 14.62
CA PRO A 596 -25.73 -25.25 14.63
C PRO A 596 -25.83 -26.05 13.33
N ASN A 616 -27.80 -26.54 26.11
CA ASN A 616 -28.26 -25.29 26.73
C ASN A 616 -27.97 -24.15 25.77
N VAL A 617 -29.02 -23.39 25.44
CA VAL A 617 -28.91 -22.23 24.55
C VAL A 617 -29.53 -21.04 25.27
N PHE A 618 -28.78 -19.94 25.33
CA PHE A 618 -29.24 -18.71 25.96
C PHE A 618 -29.02 -17.55 25.00
N GLN A 619 -30.08 -16.78 24.75
CA GLN A 619 -30.05 -15.67 23.82
C GLN A 619 -29.80 -14.38 24.58
N THR A 620 -28.87 -13.57 24.09
CA THR A 620 -28.50 -12.32 24.72
C THR A 620 -28.43 -11.22 23.66
N ARG A 621 -28.30 -9.98 24.13
CA ARG A 621 -28.28 -8.84 23.22
C ARG A 621 -27.08 -8.87 22.29
N ALA A 622 -26.03 -9.60 22.63
CA ALA A 622 -24.85 -9.78 21.78
C ALA A 622 -24.86 -11.13 21.09
N GLY A 623 -26.04 -11.60 20.69
CA GLY A 623 -26.19 -12.94 20.16
C GLY A 623 -26.37 -13.95 21.26
N CYS A 624 -26.51 -15.21 20.86
CA CYS A 624 -26.69 -16.30 21.80
C CYS A 624 -25.40 -17.10 21.96
N LEU A 625 -25.24 -17.70 23.13
CA LEU A 625 -24.07 -18.49 23.47
C LEU A 625 -24.53 -19.87 23.92
N ILE A 626 -23.71 -20.88 23.61
CA ILE A 626 -24.00 -22.27 23.92
C ILE A 626 -22.97 -22.76 24.92
N GLY A 627 -23.44 -23.43 25.97
CA GLY A 627 -22.57 -23.95 27.01
C GLY A 627 -22.64 -23.22 28.33
N ALA A 628 -23.58 -22.29 28.49
CA ALA A 628 -23.76 -21.56 29.74
C ALA A 628 -25.23 -21.51 30.08
N GLU A 629 -25.52 -21.37 31.37
CA GLU A 629 -26.87 -21.30 31.88
C GLU A 629 -27.13 -19.90 32.45
N HIS A 630 -28.22 -19.28 32.01
CA HIS A 630 -28.55 -17.95 32.49
C HIS A 630 -28.86 -17.99 33.98
N VAL A 631 -28.38 -16.98 34.69
CA VAL A 631 -28.58 -16.85 36.14
C VAL A 631 -29.18 -15.49 36.40
N ASN A 632 -30.34 -15.46 37.08
CA ASN A 632 -30.94 -14.19 37.43
C ASN A 632 -30.07 -13.40 38.40
N ASN A 633 -29.46 -14.09 39.36
CA ASN A 633 -28.57 -13.44 40.30
C ASN A 633 -27.40 -12.78 39.56
N SER A 634 -27.04 -11.58 40.00
CA SER A 634 -25.97 -10.81 39.37
C SER A 634 -24.73 -10.87 40.23
N TYR A 635 -23.60 -11.22 39.62
CA TYR A 635 -22.31 -11.30 40.27
C TYR A 635 -21.32 -10.39 39.56
N GLU A 636 -20.15 -10.23 40.17
CA GLU A 636 -19.11 -9.41 39.57
C GLU A 636 -18.65 -10.02 38.26
N CYS A 637 -18.37 -9.16 37.28
CA CYS A 637 -18.00 -9.63 35.96
C CYS A 637 -16.61 -10.28 35.98
N ASP A 638 -16.51 -11.45 35.37
CA ASP A 638 -15.25 -12.18 35.25
C ASP A 638 -14.76 -12.25 33.82
N ILE A 639 -15.58 -12.75 32.90
CA ILE A 639 -15.27 -12.81 31.47
C ILE A 639 -16.18 -11.79 30.78
N PRO A 640 -15.65 -10.70 30.21
CA PRO A 640 -16.51 -9.71 29.55
C PRO A 640 -16.90 -10.18 28.15
N ILE A 641 -18.17 -10.53 27.99
CA ILE A 641 -18.68 -10.97 26.68
C ILE A 641 -19.12 -9.78 25.84
N GLY A 642 -19.92 -8.90 26.40
CA GLY A 642 -20.42 -7.73 25.70
C GLY A 642 -21.89 -7.53 26.00
N ALA A 643 -22.36 -6.30 25.75
CA ALA A 643 -23.76 -5.94 25.96
C ALA A 643 -24.19 -6.15 27.41
N GLY A 644 -23.25 -6.03 28.35
CA GLY A 644 -23.59 -6.04 29.75
C GLY A 644 -23.73 -7.40 30.39
N ILE A 645 -23.35 -8.47 29.70
CA ILE A 645 -23.36 -9.81 30.28
C ILE A 645 -21.92 -10.27 30.48
N CYS A 646 -21.73 -11.14 31.46
CA CYS A 646 -20.41 -11.67 31.76
C CYS A 646 -20.55 -13.12 32.18
N ALA A 647 -19.46 -13.88 32.02
CA ALA A 647 -19.45 -15.30 32.31
C ALA A 647 -18.35 -15.62 33.29
N SER A 648 -18.56 -16.67 34.09
CA SER A 648 -17.61 -17.11 35.09
C SER A 648 -17.87 -18.58 35.38
N TYR A 649 -17.17 -19.13 36.37
CA TYR A 649 -17.28 -20.52 36.76
C TYR A 649 -18.09 -20.62 38.05
N GLN A 650 -19.09 -21.50 38.05
CA GLN A 650 -19.93 -21.71 39.22
C GLN A 650 -19.15 -22.47 40.30
N SER A 666 -19.84 -25.24 36.56
CA SER A 666 -20.32 -25.04 35.21
C SER A 666 -20.18 -23.56 34.85
N ILE A 667 -20.25 -23.29 33.55
CA ILE A 667 -20.17 -21.92 33.05
C ILE A 667 -21.54 -21.26 33.23
N ILE A 668 -21.55 -20.07 33.83
CA ILE A 668 -22.77 -19.34 34.12
C ILE A 668 -22.70 -17.98 33.45
N ALA A 669 -23.77 -17.61 32.75
CA ALA A 669 -23.91 -16.31 32.14
C ALA A 669 -24.86 -15.47 32.99
N TYR A 670 -24.39 -14.30 33.42
CA TYR A 670 -25.14 -13.46 34.34
C TYR A 670 -24.98 -12.00 33.95
N THR A 671 -25.97 -11.19 34.31
CA THR A 671 -25.87 -9.76 34.10
C THR A 671 -24.78 -9.18 34.99
N MET A 672 -24.02 -8.25 34.44
CA MET A 672 -22.90 -7.66 35.17
C MET A 672 -23.40 -6.95 36.41
N SER A 673 -22.68 -7.11 37.51
CA SER A 673 -22.99 -6.42 38.76
C SER A 673 -22.16 -5.14 38.83
N LEU A 674 -22.86 -4.00 38.89
CA LEU A 674 -22.16 -2.72 38.93
C LEU A 674 -21.34 -2.59 40.20
N GLY A 675 -21.85 -3.06 41.32
CA GLY A 675 -21.15 -2.98 42.59
C GLY A 675 -22.12 -3.15 43.74
N ALA A 676 -21.60 -2.90 44.94
CA ALA A 676 -22.39 -3.02 46.16
C ALA A 676 -23.19 -1.74 46.36
N GLU A 677 -24.52 -1.85 46.30
CA GLU A 677 -25.40 -0.70 46.48
C GLU A 677 -25.53 -0.39 47.97
N ASN A 678 -25.04 0.78 48.38
CA ASN A 678 -25.14 1.22 49.76
C ASN A 678 -25.64 2.66 49.79
N SER A 679 -26.57 2.93 50.69
CA SER A 679 -27.15 4.27 50.88
C SER A 679 -26.58 4.84 52.17
N VAL A 680 -25.55 5.67 52.03
CA VAL A 680 -24.90 6.25 53.20
C VAL A 680 -25.89 7.15 53.94
N ALA A 681 -25.87 7.05 55.27
CA ALA A 681 -26.77 7.84 56.10
C ALA A 681 -26.43 9.31 55.96
N TYR A 682 -27.32 10.07 55.30
CA TYR A 682 -27.12 11.48 55.05
C TYR A 682 -28.11 12.29 55.88
N SER A 683 -27.61 13.38 56.48
CA SER A 683 -28.46 14.30 57.21
C SER A 683 -27.76 15.64 57.26
N ASN A 684 -28.54 16.68 57.54
CA ASN A 684 -27.99 18.03 57.56
C ASN A 684 -27.08 18.28 58.76
N ASN A 685 -27.03 17.36 59.73
CA ASN A 685 -26.21 17.52 60.92
C ASN A 685 -25.52 16.21 61.28
N SER A 686 -24.92 15.56 60.30
CA SER A 686 -24.19 14.31 60.51
C SER A 686 -22.85 14.38 59.80
N ILE A 687 -21.76 14.25 60.57
CA ILE A 687 -20.40 14.28 60.05
C ILE A 687 -19.73 12.96 60.37
N ALA A 688 -19.22 12.29 59.34
CA ALA A 688 -18.46 11.06 59.51
C ALA A 688 -16.98 11.43 59.44
N ILE A 689 -16.29 11.27 60.57
CA ILE A 689 -14.88 11.63 60.69
C ILE A 689 -14.10 10.38 61.07
N PRO A 690 -13.00 10.06 60.41
CA PRO A 690 -12.24 8.87 60.80
C PRO A 690 -11.56 9.05 62.15
N THR A 691 -11.49 7.96 62.89
CA THR A 691 -10.75 7.91 64.14
C THR A 691 -9.45 7.13 64.00
N ASN A 692 -9.16 6.59 62.82
CA ASN A 692 -7.97 5.79 62.60
C ASN A 692 -7.58 5.91 61.13
N PHE A 693 -6.32 5.58 60.85
CA PHE A 693 -5.79 5.70 59.50
C PHE A 693 -4.98 4.46 59.16
N THR A 694 -5.00 4.09 57.88
CA THR A 694 -4.22 2.98 57.36
C THR A 694 -3.36 3.48 56.21
N ILE A 695 -2.08 3.19 56.25
CA ILE A 695 -1.13 3.58 55.22
C ILE A 695 -0.87 2.37 54.33
N SER A 696 -1.25 2.48 53.06
CA SER A 696 -1.12 1.38 52.11
C SER A 696 -0.31 1.84 50.91
N VAL A 697 0.60 0.98 50.46
CA VAL A 697 1.42 1.27 49.30
C VAL A 697 0.75 0.67 48.06
N THR A 698 0.55 1.50 47.05
CA THR A 698 -0.09 1.10 45.81
C THR A 698 0.95 1.05 44.71
N THR A 699 0.97 -0.05 43.95
CA THR A 699 1.94 -0.27 42.90
C THR A 699 1.33 0.17 41.57
N GLU A 700 1.99 1.12 40.90
CA GLU A 700 1.60 1.58 39.57
C GLU A 700 2.68 1.19 38.58
N ILE A 701 2.28 0.62 37.46
CA ILE A 701 3.18 0.09 36.45
C ILE A 701 3.00 0.91 35.18
N LEU A 702 4.12 1.39 34.63
CA LEU A 702 4.09 2.23 33.45
C LEU A 702 5.28 1.92 32.56
N PRO A 703 5.08 1.68 31.26
CA PRO A 703 6.22 1.52 30.37
C PRO A 703 6.74 2.86 29.85
N VAL A 704 8.06 2.91 29.65
CA VAL A 704 8.71 4.13 29.19
C VAL A 704 9.44 3.95 27.86
N SER A 705 9.77 2.72 27.47
CA SER A 705 10.50 2.51 26.23
C SER A 705 10.26 1.08 25.75
N MET A 706 10.57 0.86 24.48
CA MET A 706 10.46 -0.46 23.86
C MET A 706 11.80 -0.81 23.24
N THR A 707 11.89 -2.03 22.73
CA THR A 707 13.14 -2.50 22.12
C THR A 707 13.49 -1.64 20.91
N LYS A 708 14.74 -1.21 20.84
CA LYS A 708 15.22 -0.43 19.71
C LYS A 708 15.53 -1.36 18.56
N THR A 709 14.83 -1.18 17.43
CA THR A 709 14.94 -2.06 16.28
C THR A 709 15.29 -1.24 15.04
N SER A 710 16.12 -1.84 14.18
CA SER A 710 16.50 -1.24 12.92
C SER A 710 16.40 -2.31 11.83
N VAL A 711 15.93 -1.90 10.65
CA VAL A 711 15.73 -2.79 9.52
C VAL A 711 16.52 -2.26 8.34
N ASP A 712 17.29 -3.14 7.70
CA ASP A 712 18.06 -2.77 6.52
C ASP A 712 17.18 -2.90 5.28
N CYS A 713 17.59 -2.19 4.22
CA CYS A 713 16.82 -2.15 2.98
C CYS A 713 17.31 -3.17 1.97
N THR A 714 18.57 -3.06 1.54
CA THR A 714 19.03 -3.84 0.41
C THR A 714 19.08 -5.33 0.73
N MET A 715 19.70 -5.69 1.84
CA MET A 715 19.91 -7.10 2.15
C MET A 715 18.68 -7.79 2.70
N TYR A 716 17.61 -7.05 2.98
CA TYR A 716 16.35 -7.62 3.44
C TYR A 716 15.36 -7.81 2.29
N ILE A 717 15.08 -6.75 1.54
CA ILE A 717 14.07 -6.82 0.48
C ILE A 717 14.48 -7.87 -0.55
N CYS A 718 15.75 -7.85 -0.97
CA CYS A 718 16.27 -8.78 -1.94
C CYS A 718 17.26 -9.77 -1.32
N GLY A 719 18.33 -9.27 -0.72
CA GLY A 719 19.31 -10.12 -0.07
C GLY A 719 20.46 -10.50 -0.98
N ASP A 720 21.61 -9.85 -0.78
CA ASP A 720 22.84 -10.16 -1.50
C ASP A 720 22.63 -10.37 -2.99
N SER A 721 21.68 -9.65 -3.58
CA SER A 721 21.36 -9.76 -5.00
C SER A 721 21.43 -8.37 -5.62
N THR A 722 22.51 -8.10 -6.37
CA THR A 722 22.65 -6.80 -7.00
C THR A 722 21.58 -6.58 -8.06
N GLU A 723 21.28 -7.61 -8.85
CA GLU A 723 20.29 -7.46 -9.91
C GLU A 723 18.92 -7.11 -9.34
N CYS A 724 18.54 -7.75 -8.23
CA CYS A 724 17.26 -7.46 -7.61
C CYS A 724 17.24 -6.05 -7.04
N SER A 725 18.32 -5.63 -6.37
CA SER A 725 18.36 -4.30 -5.78
C SER A 725 18.31 -3.22 -6.85
N ASN A 726 18.78 -3.53 -8.07
CA ASN A 726 18.73 -2.53 -9.13
C ASN A 726 17.31 -2.10 -9.43
N LEU A 727 16.39 -3.05 -9.50
CA LEU A 727 14.98 -2.70 -9.70
C LEU A 727 14.42 -1.94 -8.51
N LEU A 728 14.95 -2.20 -7.30
CA LEU A 728 14.48 -1.48 -6.13
C LEU A 728 14.77 0.00 -6.24
N LEU A 729 15.94 0.36 -6.79
CA LEU A 729 16.28 1.76 -6.95
C LEU A 729 15.26 2.50 -7.81
N GLN A 730 14.60 1.79 -8.73
CA GLN A 730 13.61 2.42 -9.59
C GLN A 730 12.43 2.97 -8.82
N TYR A 731 12.19 2.49 -7.60
CA TYR A 731 11.08 2.97 -6.80
C TYR A 731 11.40 4.28 -6.08
N GLY A 732 12.65 4.73 -6.11
CA GLY A 732 13.02 5.99 -5.51
C GLY A 732 13.69 5.83 -4.16
N SER A 733 13.17 6.52 -3.15
CA SER A 733 13.75 6.55 -1.82
C SER A 733 12.73 6.07 -0.78
N PHE A 734 11.91 5.09 -1.15
CA PHE A 734 10.90 4.58 -0.23
C PHE A 734 11.55 3.97 1.00
N CYS A 735 12.56 3.12 0.82
CA CYS A 735 13.20 2.47 1.94
C CYS A 735 14.28 3.34 2.59
N THR A 736 14.79 4.35 1.88
CA THR A 736 15.76 5.25 2.49
C THR A 736 15.14 6.02 3.65
N GLN A 737 13.94 6.55 3.45
CA GLN A 737 13.26 7.27 4.53
C GLN A 737 12.75 6.32 5.60
N LEU A 738 12.40 5.09 5.23
CA LEU A 738 11.93 4.13 6.22
C LEU A 738 13.01 3.87 7.27
N ASN A 739 14.25 3.68 6.84
CA ASN A 739 15.35 3.53 7.80
C ASN A 739 15.50 4.80 8.62
N ARG A 740 15.40 5.96 7.98
CA ARG A 740 15.47 7.21 8.71
C ARG A 740 14.32 7.32 9.71
N ALA A 741 13.11 6.96 9.29
CA ALA A 741 11.97 7.00 10.20
C ALA A 741 12.17 6.03 11.36
N LEU A 742 12.61 4.80 11.07
CA LEU A 742 12.88 3.85 12.13
C LEU A 742 14.00 4.34 13.04
N THR A 743 15.08 4.85 12.44
CA THR A 743 16.15 5.42 13.24
C THR A 743 15.68 6.64 14.00
N GLY A 744 14.76 7.41 13.42
CA GLY A 744 14.24 8.57 14.11
C GLY A 744 13.55 8.21 15.41
N ILE A 745 12.77 7.13 15.41
CA ILE A 745 12.13 6.69 16.65
C ILE A 745 13.09 5.90 17.54
N ALA A 746 14.15 5.32 16.97
CA ALA A 746 15.08 4.55 17.78
C ALA A 746 15.73 5.43 18.84
N VAL A 747 16.16 6.63 18.46
CA VAL A 747 16.73 7.54 19.44
C VAL A 747 15.66 8.11 20.35
N GLU A 748 14.39 8.07 19.94
CA GLU A 748 13.31 8.60 20.77
C GLU A 748 13.21 7.85 22.09
N GLN A 749 13.35 6.52 22.05
CA GLN A 749 13.25 5.73 23.28
C GLN A 749 14.34 6.14 24.27
N ASP A 750 15.56 6.36 23.79
CA ASP A 750 16.62 6.82 24.67
C ASP A 750 16.26 8.18 25.30
N LYS A 751 15.67 9.07 24.50
CA LYS A 751 15.21 10.34 25.06
C LYS A 751 14.12 10.12 26.10
N ASN A 752 13.22 9.17 25.86
CA ASN A 752 12.17 8.89 26.83
C ASN A 752 12.76 8.43 28.16
N THR A 753 13.75 7.53 28.11
CA THR A 753 14.38 7.06 29.34
C THR A 753 15.10 8.21 30.05
N GLN A 754 15.74 9.10 29.29
CA GLN A 754 16.45 10.21 29.90
C GLN A 754 15.49 11.11 30.68
N GLU A 755 14.35 11.46 30.09
CA GLU A 755 13.43 12.37 30.76
C GLU A 755 12.82 11.75 32.00
N VAL A 756 12.44 10.47 31.94
CA VAL A 756 11.76 9.84 33.05
C VAL A 756 12.69 9.48 34.19
N PHE A 757 13.97 9.21 33.91
CA PHE A 757 14.93 8.79 34.93
C PHE A 757 15.97 9.84 35.24
N ALA A 758 16.67 10.36 34.23
CA ALA A 758 17.75 11.31 34.48
C ALA A 758 17.17 12.66 34.89
N GLN A 759 16.57 12.72 36.08
CA GLN A 759 15.96 13.93 36.60
C GLN A 759 16.69 14.47 37.82
N VAL A 760 17.92 14.00 38.07
CA VAL A 760 18.70 14.42 39.22
C VAL A 760 20.02 14.98 38.73
N LYS A 761 20.40 16.15 39.27
CA LYS A 761 21.65 16.77 38.84
C LYS A 761 22.84 15.89 39.19
N GLN A 762 22.87 15.31 40.39
CA GLN A 762 23.99 14.51 40.85
C GLN A 762 23.45 13.27 41.55
N ILE A 763 24.27 12.21 41.53
CA ILE A 763 23.89 10.94 42.12
C ILE A 763 24.05 11.02 43.63
N TYR A 764 23.00 10.68 44.36
CA TYR A 764 23.02 10.67 45.81
C TYR A 764 23.23 9.25 46.32
N LYS A 765 23.91 9.15 47.46
CA LYS A 765 24.25 7.87 48.07
C LYS A 765 23.59 7.78 49.44
N THR A 766 22.98 6.64 49.72
CA THR A 766 22.35 6.44 51.01
C THR A 766 23.41 6.40 52.11
N PRO A 767 23.12 6.94 53.31
CA PRO A 767 24.10 6.90 54.37
C PRO A 767 24.34 5.46 54.82
N PRO A 768 25.54 5.16 55.33
CA PRO A 768 25.78 3.78 55.79
C PRO A 768 24.86 3.35 56.91
N ILE A 769 24.49 4.26 57.80
CA ILE A 769 23.57 3.98 58.89
C ILE A 769 22.15 4.28 58.42
N LYS A 770 21.23 3.35 58.69
CA LYS A 770 19.85 3.46 58.23
C LYS A 770 18.93 3.41 59.45
N ASP A 771 18.65 4.58 60.02
CA ASP A 771 17.70 4.73 61.13
C ASP A 771 16.74 5.85 60.76
N PHE A 772 15.71 5.51 60.00
CA PHE A 772 14.69 6.47 59.56
C PHE A 772 13.47 6.41 60.47
N GLY A 773 13.69 6.62 61.75
CA GLY A 773 12.60 6.60 62.71
C GLY A 773 11.83 5.30 62.71
N GLY A 774 12.53 4.18 62.58
CA GLY A 774 11.89 2.88 62.58
C GLY A 774 11.40 2.39 61.24
N PHE A 775 11.49 3.21 60.19
CA PHE A 775 11.07 2.78 58.86
C PHE A 775 12.12 1.85 58.27
N ASN A 776 11.64 0.84 57.54
CA ASN A 776 12.50 -0.16 56.92
C ASN A 776 12.42 -0.04 55.40
N PHE A 777 13.58 0.13 54.76
CA PHE A 777 13.66 0.21 53.30
C PHE A 777 14.62 -0.81 52.73
N SER A 778 14.94 -1.86 53.50
CA SER A 778 15.91 -2.84 53.03
C SER A 778 15.46 -3.54 51.76
N GLN A 779 14.14 -3.63 51.54
CA GLN A 779 13.63 -4.31 50.37
C GLN A 779 13.71 -3.47 49.11
N ILE A 780 13.94 -2.16 49.23
CA ILE A 780 14.01 -1.28 48.07
C ILE A 780 15.41 -0.72 47.85
N LEU A 781 16.20 -0.56 48.90
CA LEU A 781 17.55 -0.03 48.71
C LEU A 781 18.47 -1.11 48.14
N PRO A 782 19.48 -0.72 47.37
CA PRO A 782 20.39 -1.72 46.79
C PRO A 782 21.30 -2.33 47.84
N ASP A 783 21.80 -3.53 47.53
CA ASP A 783 22.74 -4.23 48.39
C ASP A 783 23.78 -4.88 47.50
N PRO A 784 25.08 -4.72 47.79
CA PRO A 784 26.09 -5.38 46.95
C PRO A 784 25.96 -6.89 46.91
N SER A 785 25.48 -7.53 47.98
CA SER A 785 25.31 -8.97 47.97
C SER A 785 24.36 -9.40 46.86
N LYS A 786 23.37 -8.59 46.55
CA LYS A 786 22.48 -8.81 45.42
C LYS A 786 23.25 -8.47 44.15
N PRO A 787 22.62 -8.62 42.97
CA PRO A 787 23.25 -8.13 41.74
C PRO A 787 23.77 -6.71 41.87
N SER A 788 24.65 -6.31 40.95
CA SER A 788 25.50 -5.13 41.10
C SER A 788 24.80 -3.98 41.79
N LYS A 789 23.63 -3.57 41.28
CA LYS A 789 22.86 -2.50 41.91
C LYS A 789 21.37 -2.74 41.91
N ARG A 790 20.89 -3.88 41.42
CA ARG A 790 19.46 -4.15 41.42
C ARG A 790 18.95 -4.28 42.86
N SER A 791 17.79 -3.70 43.12
CA SER A 791 17.16 -3.83 44.42
C SER A 791 16.42 -5.17 44.53
N PHE A 792 16.01 -5.51 45.74
CA PHE A 792 15.33 -6.78 45.96
C PHE A 792 14.05 -6.86 45.16
N ILE A 793 13.23 -5.80 45.21
CA ILE A 793 12.00 -5.78 44.42
C ILE A 793 12.33 -5.77 42.94
N GLU A 794 13.34 -4.98 42.55
CA GLU A 794 13.74 -4.95 41.15
C GLU A 794 14.21 -6.34 40.70
N ASP A 795 15.02 -7.00 41.51
CA ASP A 795 15.44 -8.36 41.18
C ASP A 795 14.24 -9.28 41.04
N LEU A 796 13.26 -9.15 41.95
CA LEU A 796 12.01 -9.88 41.81
C LEU A 796 11.30 -9.50 40.52
N LEU A 797 11.29 -8.22 40.18
CA LEU A 797 10.59 -7.76 38.99
C LEU A 797 11.26 -8.26 37.72
N PHE A 798 12.59 -8.13 37.63
CA PHE A 798 13.29 -8.54 36.41
C PHE A 798 13.13 -10.03 36.17
N ASN A 799 13.22 -10.85 37.22
CA ASN A 799 13.11 -12.30 37.04
C ASN A 799 11.73 -12.67 36.49
N LYS A 800 10.68 -12.00 36.98
CA LYS A 800 9.34 -12.35 36.53
C LYS A 800 9.17 -12.12 35.03
N VAL A 801 9.68 -11.01 34.52
CA VAL A 801 9.58 -10.72 33.10
C VAL A 801 10.52 -11.64 32.33
N PHE A 830 18.98 -12.65 13.64
CA PHE A 830 18.65 -13.47 12.48
C PHE A 830 18.78 -12.61 11.24
N ASN A 831 18.34 -13.15 10.10
CA ASN A 831 18.53 -12.50 8.82
C ASN A 831 17.51 -11.37 8.62
N GLY A 832 18.02 -10.20 8.22
CA GLY A 832 17.19 -9.10 7.78
C GLY A 832 16.83 -8.09 8.86
N LEU A 833 17.04 -8.42 10.12
CA LEU A 833 16.66 -7.54 11.22
C LEU A 833 17.85 -7.30 12.13
N THR A 834 17.86 -6.11 12.75
CA THR A 834 18.88 -5.74 13.72
C THR A 834 18.21 -5.11 14.93
N VAL A 835 18.79 -5.36 16.10
CA VAL A 835 18.30 -4.81 17.36
C VAL A 835 19.41 -4.00 17.98
N LEU A 836 19.15 -2.71 18.22
CA LEU A 836 20.15 -1.85 18.83
C LEU A 836 20.01 -1.87 20.35
N PRO A 837 21.10 -1.85 21.11
CA PRO A 837 20.99 -1.87 22.57
C PRO A 837 20.56 -0.52 23.10
N PRO A 838 19.96 -0.46 24.29
CA PRO A 838 19.61 0.84 24.87
C PRO A 838 20.85 1.61 25.29
N LEU A 839 20.70 2.93 25.29
CA LEU A 839 21.82 3.80 25.68
C LEU A 839 22.23 3.54 27.13
N LEU A 840 21.25 3.43 28.02
CA LEU A 840 21.49 3.18 29.44
C LEU A 840 21.26 1.70 29.73
N THR A 841 22.28 1.03 30.26
CA THR A 841 22.14 -0.36 30.62
C THR A 841 21.25 -0.51 31.85
N ASP A 842 20.69 -1.70 32.01
CA ASP A 842 19.82 -1.95 33.16
C ASP A 842 20.54 -1.70 34.47
N GLU A 843 21.85 -1.92 34.51
CA GLU A 843 22.60 -1.70 35.74
C GLU A 843 22.60 -0.24 36.13
N MET A 844 22.94 0.65 35.20
CA MET A 844 23.01 2.07 35.54
C MET A 844 21.63 2.70 35.68
N ILE A 845 20.59 2.08 35.10
CA ILE A 845 19.24 2.57 35.33
C ILE A 845 18.89 2.44 36.80
N ALA A 846 19.26 1.31 37.41
CA ALA A 846 19.02 1.14 38.84
C ALA A 846 19.76 2.19 39.65
N GLN A 847 20.89 2.69 39.14
CA GLN A 847 21.61 3.75 39.84
C GLN A 847 20.75 5.02 39.96
N TYR A 848 20.07 5.39 38.88
CA TYR A 848 19.20 6.55 38.93
C TYR A 848 18.07 6.35 39.93
N THR A 849 17.44 5.18 39.90
CA THR A 849 16.36 4.91 40.85
C THR A 849 16.87 4.94 42.27
N SER A 850 18.03 4.33 42.52
CA SER A 850 18.63 4.41 43.84
C SER A 850 18.97 5.84 44.21
N ALA A 851 19.48 6.61 43.25
CA ALA A 851 19.77 8.02 43.53
C ALA A 851 18.49 8.77 43.89
N LEU A 852 17.43 8.55 43.13
CA LEU A 852 16.15 9.18 43.46
C LEU A 852 15.64 8.67 44.80
N LEU A 853 15.77 7.37 45.06
CA LEU A 853 15.32 6.82 46.33
C LEU A 853 16.12 7.41 47.49
N ALA A 854 17.43 7.56 47.31
CA ALA A 854 18.24 8.17 48.36
C ALA A 854 17.84 9.62 48.59
N GLY A 855 17.61 10.36 47.52
CA GLY A 855 17.22 11.76 47.66
C GLY A 855 15.87 11.94 48.32
N THR A 856 14.88 11.14 47.89
CA THR A 856 13.53 11.29 48.43
C THR A 856 13.42 10.78 49.86
N ILE A 857 14.36 9.96 50.31
CA ILE A 857 14.35 9.47 51.69
C ILE A 857 15.07 10.45 52.61
N THR A 858 16.26 10.89 52.22
CA THR A 858 17.02 11.81 53.06
C THR A 858 16.53 13.24 52.88
N SER A 859 16.66 13.78 51.66
CA SER A 859 16.30 15.16 51.40
C SER A 859 14.82 15.37 51.19
N GLY A 860 14.05 14.31 50.96
CA GLY A 860 12.62 14.44 50.77
C GLY A 860 12.26 15.09 49.45
N TRP A 861 11.72 16.31 49.50
CA TRP A 861 11.29 17.03 48.32
C TRP A 861 12.12 18.27 48.04
N THR A 862 13.06 18.61 48.93
CA THR A 862 13.88 19.80 48.70
C THR A 862 14.85 19.60 47.55
N PHE A 863 15.45 18.40 47.45
CA PHE A 863 16.43 18.16 46.40
C PHE A 863 15.83 18.27 45.01
N GLY A 864 14.52 18.04 44.86
CA GLY A 864 13.89 18.22 43.57
C GLY A 864 13.90 19.67 43.10
N ALA A 865 13.84 20.61 44.04
CA ALA A 865 13.85 22.02 43.70
C ALA A 865 15.26 22.50 43.42
N GLY A 866 16.15 22.39 44.39
CA GLY A 866 17.53 22.80 44.24
C GLY A 866 18.49 21.83 44.88
N ALA A 867 19.41 22.34 45.70
CA ALA A 867 20.35 21.48 46.40
C ALA A 867 19.63 20.59 47.39
N ALA A 868 20.14 19.37 47.55
CA ALA A 868 19.54 18.42 48.46
C ALA A 868 19.83 18.84 49.90
N LEU A 869 18.77 19.12 50.65
CA LEU A 869 18.89 19.55 52.04
C LEU A 869 18.47 18.39 52.94
N GLN A 870 19.37 17.97 53.82
CA GLN A 870 19.06 16.86 54.71
C GLN A 870 17.93 17.21 55.67
N ILE A 871 17.17 16.20 56.04
CA ILE A 871 16.02 16.34 56.95
C ILE A 871 15.72 14.95 57.51
N PRO A 872 15.57 14.80 58.83
CA PRO A 872 15.28 13.48 59.36
C PRO A 872 13.95 12.97 58.86
N PHE A 873 13.87 11.66 58.64
CA PHE A 873 12.67 11.08 58.08
C PHE A 873 11.45 11.29 58.97
N ALA A 874 11.65 11.44 60.28
CA ALA A 874 10.53 11.68 61.16
C ALA A 874 9.79 12.96 60.79
N MET A 875 10.52 14.06 60.59
CA MET A 875 9.89 15.31 60.19
C MET A 875 9.51 15.31 58.72
N GLN A 876 10.19 14.52 57.90
CA GLN A 876 9.80 14.42 56.50
C GLN A 876 8.36 13.96 56.35
N MET A 877 7.99 12.87 57.02
CA MET A 877 6.60 12.42 56.96
C MET A 877 5.67 13.39 57.67
N ALA A 878 6.15 14.04 58.73
CA ALA A 878 5.32 15.00 59.44
C ALA A 878 4.89 16.14 58.52
N TYR A 879 5.83 16.67 57.72
CA TYR A 879 5.47 17.69 56.75
C TYR A 879 4.45 17.16 55.75
N ARG A 880 4.65 15.93 55.27
CA ARG A 880 3.72 15.36 54.31
C ARG A 880 2.33 15.19 54.91
N PHE A 881 2.26 14.80 56.18
CA PHE A 881 0.95 14.77 56.85
C PHE A 881 0.35 16.16 56.90
N ASN A 882 1.16 17.18 57.19
CA ASN A 882 0.66 18.54 57.20
C ASN A 882 0.16 18.96 55.83
N GLY A 883 0.68 18.34 54.77
CA GLY A 883 0.27 18.67 53.42
C GLY A 883 -1.03 18.06 52.97
N ILE A 884 -1.64 17.21 53.80
CA ILE A 884 -2.92 16.58 53.46
C ILE A 884 -3.95 16.96 54.51
N GLY A 885 -3.82 18.15 55.08
CA GLY A 885 -4.77 18.62 56.07
C GLY A 885 -4.84 17.77 57.32
N VAL A 886 -3.69 17.31 57.82
CA VAL A 886 -3.61 16.51 59.04
C VAL A 886 -2.54 17.11 59.92
N THR A 887 -2.90 17.44 61.16
CA THR A 887 -1.94 18.01 62.09
C THR A 887 -0.79 17.04 62.32
N GLN A 888 0.43 17.55 62.27
CA GLN A 888 1.61 16.71 62.39
C GLN A 888 1.71 16.03 63.75
N ASN A 889 1.01 16.55 64.76
CA ASN A 889 1.10 15.95 66.09
C ASN A 889 0.62 14.50 66.09
N VAL A 890 -0.33 14.16 65.21
CA VAL A 890 -0.86 12.81 65.20
C VAL A 890 0.22 11.81 64.81
N LEU A 891 1.12 12.21 63.91
CA LEU A 891 2.15 11.28 63.45
C LEU A 891 3.07 10.88 64.59
N TYR A 892 3.59 11.86 65.32
CA TYR A 892 4.54 11.55 66.38
C TYR A 892 3.90 10.68 67.45
N GLU A 893 2.64 10.97 67.80
CA GLU A 893 1.93 10.14 68.76
C GLU A 893 1.66 8.73 68.22
N ASN A 894 1.75 8.54 66.91
CA ASN A 894 1.51 7.24 66.28
C ASN A 894 2.69 6.83 65.40
N GLN A 895 3.89 7.26 65.75
CA GLN A 895 5.05 6.92 64.95
C GLN A 895 5.28 5.41 64.91
N LYS A 896 5.19 4.75 66.07
CA LYS A 896 5.42 3.32 66.11
C LYS A 896 4.37 2.57 65.30
N LEU A 897 3.10 2.95 65.44
CA LEU A 897 2.05 2.30 64.66
C LEU A 897 2.25 2.53 63.17
N ILE A 898 2.61 3.75 62.79
CA ILE A 898 2.85 4.06 61.38
C ILE A 898 4.02 3.24 60.86
N ALA A 899 5.09 3.14 61.64
CA ALA A 899 6.26 2.38 61.21
C ALA A 899 5.89 0.93 60.95
N ASN A 900 5.14 0.31 61.86
CA ASN A 900 4.72 -1.07 61.67
C ASN A 900 3.85 -1.21 60.44
N GLN A 901 2.92 -0.26 60.24
CA GLN A 901 2.06 -0.31 59.07
C GLN A 901 2.87 -0.19 57.78
N PHE A 902 3.85 0.72 57.76
CA PHE A 902 4.66 0.89 56.56
C PHE A 902 5.47 -0.36 56.26
N ASN A 903 6.17 -0.90 57.26
CA ASN A 903 6.98 -2.08 57.04
C ASN A 903 6.10 -3.26 56.63
N SER A 904 4.95 -3.42 57.27
CA SER A 904 4.05 -4.51 56.92
C SER A 904 3.57 -4.38 55.48
N ALA A 905 3.24 -3.16 55.06
CA ALA A 905 2.79 -2.95 53.69
C ALA A 905 3.86 -3.32 52.69
N ILE A 906 5.12 -2.95 52.97
CA ILE A 906 6.22 -3.29 52.07
C ILE A 906 6.37 -4.81 51.98
N GLY A 907 6.25 -5.50 53.12
CA GLY A 907 6.34 -6.94 53.11
C GLY A 907 5.22 -7.59 52.31
N LYS A 908 4.04 -6.96 52.29
CA LYS A 908 2.90 -7.53 51.59
C LYS A 908 3.05 -7.37 50.08
N ILE A 909 3.52 -6.22 49.61
CA ILE A 909 3.53 -5.96 48.18
C ILE A 909 4.53 -6.86 47.47
N GLN A 910 5.67 -7.14 48.10
CA GLN A 910 6.64 -8.04 47.47
C GLN A 910 6.05 -9.43 47.30
N ASP A 911 5.18 -9.86 48.22
CA ASP A 911 4.50 -11.13 48.07
C ASP A 911 3.38 -11.07 47.03
N SER A 912 2.88 -9.88 46.72
CA SER A 912 1.84 -9.75 45.71
C SER A 912 2.38 -10.02 44.31
N LEU A 913 3.70 -10.09 44.14
CA LEU A 913 4.30 -10.36 42.84
C LEU A 913 5.33 -11.48 42.90
N SER A 914 5.50 -12.13 44.07
CA SER A 914 6.53 -13.14 44.21
C SER A 914 6.09 -14.47 43.62
N SER A 915 5.00 -15.05 44.16
CA SER A 915 4.57 -16.37 43.72
C SER A 915 3.96 -16.31 42.32
N THR A 916 2.88 -15.55 42.17
CA THR A 916 2.20 -15.44 40.89
C THR A 916 1.44 -14.13 40.85
N ALA A 917 1.55 -13.42 39.72
CA ALA A 917 0.85 -12.14 39.57
C ALA A 917 0.74 -11.84 38.08
N SER A 918 -0.48 -11.85 37.56
CA SER A 918 -0.74 -11.48 36.18
C SER A 918 -1.04 -9.99 36.03
N ALA A 919 -0.74 -9.19 37.04
CA ALA A 919 -1.03 -7.76 37.04
C ALA A 919 0.11 -6.94 36.44
N LEU A 920 1.16 -7.58 35.93
CA LEU A 920 2.24 -6.83 35.31
C LEU A 920 1.73 -6.03 34.11
N GLY A 921 0.90 -6.66 33.28
CA GLY A 921 0.19 -5.95 32.24
C GLY A 921 1.08 -5.24 31.24
N LYS A 922 1.15 -3.92 31.35
CA LYS A 922 1.81 -3.10 30.34
C LYS A 922 3.26 -3.54 30.12
N LEU A 923 4.01 -3.72 31.21
CA LEU A 923 5.39 -4.16 31.06
C LEU A 923 5.47 -5.57 30.48
N GLN A 924 4.58 -6.45 30.92
CA GLN A 924 4.65 -7.84 30.47
C GLN A 924 4.26 -7.98 29.01
N ASP A 925 3.23 -7.26 28.56
CA ASP A 925 2.70 -7.44 27.22
C ASP A 925 3.40 -6.58 26.17
N VAL A 926 4.11 -5.53 26.58
CA VAL A 926 4.73 -4.64 25.60
C VAL A 926 5.69 -5.43 24.71
N VAL A 927 6.41 -6.40 25.30
CA VAL A 927 7.27 -7.25 24.51
C VAL A 927 6.45 -8.11 23.56
N ASN A 928 5.25 -8.53 23.99
CA ASN A 928 4.49 -9.50 23.21
C ASN A 928 4.14 -8.96 21.84
N GLN A 929 3.53 -7.76 21.78
CA GLN A 929 3.20 -7.21 20.47
C GLN A 929 4.44 -6.75 19.71
N ASN A 930 5.54 -6.47 20.41
CA ASN A 930 6.79 -6.19 19.73
C ASN A 930 7.42 -7.46 19.18
N ALA A 931 7.39 -8.54 19.95
CA ALA A 931 7.96 -9.80 19.48
C ALA A 931 7.21 -10.33 18.26
N GLN A 932 5.87 -10.31 18.32
CA GLN A 932 5.09 -10.81 17.19
C GLN A 932 5.26 -9.92 15.96
N ALA A 933 5.37 -8.60 16.15
CA ALA A 933 5.56 -7.71 15.01
C ALA A 933 6.85 -8.04 14.27
N LEU A 934 7.92 -8.31 15.01
CA LEU A 934 9.14 -8.79 14.38
C LEU A 934 8.93 -10.17 13.76
N ASN A 935 8.24 -11.06 14.47
CA ASN A 935 8.06 -12.42 13.97
C ASN A 935 7.17 -12.44 12.73
N THR A 936 6.06 -11.71 12.73
CA THR A 936 5.16 -11.74 11.59
C THR A 936 5.84 -11.20 10.34
N LEU A 937 6.81 -10.30 10.50
CA LEU A 937 7.54 -9.80 9.34
C LEU A 937 8.35 -10.91 8.67
N VAL A 938 8.92 -11.82 9.46
CA VAL A 938 9.75 -12.88 8.89
C VAL A 938 8.91 -13.77 7.98
N LYS A 939 7.71 -14.14 8.43
CA LYS A 939 6.87 -15.03 7.63
C LYS A 939 6.53 -14.42 6.27
N GLN A 940 6.51 -13.10 6.18
CA GLN A 940 6.16 -12.45 4.91
C GLN A 940 7.13 -12.85 3.80
N LEU A 941 8.37 -13.17 4.15
CA LEU A 941 9.33 -13.59 3.14
C LEU A 941 8.88 -14.87 2.45
N SER A 942 8.11 -15.71 3.13
CA SER A 942 7.65 -16.96 2.56
C SER A 942 6.47 -16.78 1.61
N SER A 943 5.88 -15.59 1.55
CA SER A 943 4.74 -15.35 0.67
C SER A 943 5.22 -15.07 -0.74
N ASN A 944 4.59 -15.73 -1.71
CA ASN A 944 4.97 -15.54 -3.12
C ASN A 944 4.45 -14.22 -3.67
N PHE A 945 3.36 -13.68 -3.11
CA PHE A 945 2.78 -12.43 -3.60
C PHE A 945 2.45 -12.52 -5.08
N GLY A 946 1.94 -13.67 -5.51
CA GLY A 946 1.63 -13.92 -6.89
C GLY A 946 2.74 -14.53 -7.70
N ALA A 947 3.95 -14.62 -7.15
CA ALA A 947 5.06 -15.27 -7.83
C ALA A 947 4.93 -16.79 -7.71
N ILE A 948 5.83 -17.50 -8.38
CA ILE A 948 5.81 -18.96 -8.34
C ILE A 948 6.66 -19.52 -7.20
N SER A 949 7.60 -18.75 -6.68
CA SER A 949 8.44 -19.18 -5.58
C SER A 949 8.64 -18.02 -4.61
N SER A 950 8.84 -18.35 -3.34
CA SER A 950 9.02 -17.36 -2.29
C SER A 950 10.49 -17.04 -2.02
N VAL A 951 11.42 -17.67 -2.73
CA VAL A 951 12.85 -17.44 -2.55
C VAL A 951 13.41 -16.79 -3.81
N LEU A 952 14.25 -15.77 -3.61
CA LEU A 952 14.77 -15.01 -4.74
C LEU A 952 15.62 -15.85 -5.68
N ASN A 953 16.43 -16.76 -5.13
CA ASN A 953 17.36 -17.51 -5.96
C ASN A 953 16.63 -18.33 -7.02
N ASP A 954 15.53 -18.97 -6.65
CA ASP A 954 14.77 -19.76 -7.61
C ASP A 954 14.26 -18.90 -8.75
N ILE A 955 13.80 -17.68 -8.44
CA ILE A 955 13.34 -16.78 -9.48
C ILE A 955 14.49 -16.43 -10.42
N LEU A 956 15.67 -16.18 -9.86
CA LEU A 956 16.84 -15.89 -10.68
C LEU A 956 17.36 -17.11 -11.42
N SER A 957 16.87 -18.31 -11.11
CA SER A 957 17.40 -19.54 -11.68
C SER A 957 16.61 -19.99 -12.90
N ARG A 958 15.31 -20.24 -12.74
CA ARG A 958 14.49 -20.89 -13.76
C ARG A 958 13.48 -19.94 -14.39
N LEU A 959 13.85 -18.67 -14.55
CA LEU A 959 13.00 -17.70 -15.23
C LEU A 959 13.82 -17.00 -16.31
N ASP A 960 13.21 -16.79 -17.46
CA ASP A 960 13.88 -16.09 -18.54
C ASP A 960 14.09 -14.63 -18.13
N PRO A 961 15.32 -14.12 -18.16
CA PRO A 961 15.58 -12.78 -17.58
C PRO A 961 14.72 -11.69 -18.20
N PRO A 962 14.43 -11.76 -19.51
CA PRO A 962 13.49 -10.77 -20.07
C PRO A 962 12.16 -10.69 -19.32
N GLU A 963 11.64 -11.82 -18.85
CA GLU A 963 10.39 -11.84 -18.09
C GLU A 963 10.61 -12.20 -16.63
N ALA A 964 11.85 -12.40 -16.19
CA ALA A 964 12.10 -12.75 -14.80
C ALA A 964 11.67 -11.62 -13.86
N GLU A 965 11.92 -10.37 -14.26
CA GLU A 965 11.60 -9.24 -13.40
C GLU A 965 10.10 -9.15 -13.11
N VAL A 966 9.26 -9.71 -13.97
CA VAL A 966 7.82 -9.64 -13.75
C VAL A 966 7.45 -10.31 -12.44
N GLN A 967 7.99 -11.51 -12.20
CA GLN A 967 7.77 -12.16 -10.92
C GLN A 967 8.44 -11.40 -9.78
N ILE A 968 9.60 -10.81 -10.05
CA ILE A 968 10.31 -10.05 -9.02
C ILE A 968 9.48 -8.83 -8.63
N ASP A 969 8.95 -8.11 -9.62
CA ASP A 969 8.28 -6.85 -9.34
C ASP A 969 7.10 -7.04 -8.40
N ARG A 970 6.28 -8.06 -8.63
CA ARG A 970 5.21 -8.35 -7.69
C ARG A 970 5.75 -8.76 -6.33
N LEU A 971 6.89 -9.44 -6.30
CA LEU A 971 7.48 -9.84 -5.03
C LEU A 971 7.94 -8.64 -4.23
N ILE A 972 8.62 -7.69 -4.87
CA ILE A 972 9.13 -6.53 -4.15
C ILE A 972 7.98 -5.69 -3.62
N THR A 973 6.95 -5.48 -4.44
CA THR A 973 5.81 -4.68 -3.98
C THR A 973 5.15 -5.31 -2.77
N GLY A 974 4.98 -6.63 -2.79
CA GLY A 974 4.41 -7.30 -1.62
C GLY A 974 5.30 -7.17 -0.40
N ARG A 975 6.60 -7.41 -0.56
CA ARG A 975 7.52 -7.26 0.55
C ARG A 975 7.58 -5.81 1.01
N LEU A 976 7.64 -4.87 0.07
CA LEU A 976 7.66 -3.46 0.44
C LEU A 976 6.39 -3.08 1.19
N GLN A 977 5.24 -3.56 0.73
CA GLN A 977 4.00 -3.28 1.43
C GLN A 977 4.05 -3.83 2.85
N SER A 978 4.56 -5.05 3.03
CA SER A 978 4.68 -5.61 4.36
C SER A 978 5.62 -4.77 5.22
N LEU A 979 6.75 -4.35 4.66
CA LEU A 979 7.67 -3.51 5.42
C LEU A 979 7.01 -2.18 5.78
N GLN A 980 6.25 -1.61 4.84
CA GLN A 980 5.56 -0.36 5.13
C GLN A 980 4.61 -0.51 6.31
N THR A 981 3.86 -1.60 6.36
CA THR A 981 2.91 -1.80 7.45
C THR A 981 3.63 -1.89 8.79
N TYR A 982 4.73 -2.64 8.85
CA TYR A 982 5.42 -2.83 10.12
C TYR A 982 5.90 -1.50 10.70
N VAL A 983 6.48 -0.64 9.86
CA VAL A 983 6.95 0.65 10.33
C VAL A 983 5.77 1.49 10.81
N THR A 984 4.67 1.48 10.06
CA THR A 984 3.50 2.25 10.48
C THR A 984 2.98 1.78 11.83
N GLN A 985 2.90 0.45 12.03
CA GLN A 985 2.48 -0.07 13.32
C GLN A 985 3.46 0.32 14.41
N GLN A 986 4.76 0.25 14.11
CA GLN A 986 5.77 0.65 15.09
C GLN A 986 5.62 2.13 15.43
N LEU A 987 5.36 2.96 14.43
CA LEU A 987 5.19 4.39 14.69
C LEU A 987 4.01 4.64 15.62
N ILE A 988 2.90 3.94 15.40
CA ILE A 988 1.72 4.12 16.24
C ILE A 988 2.05 3.77 17.68
N ARG A 989 2.72 2.63 17.88
CA ARG A 989 3.10 2.24 19.24
C ARG A 989 4.08 3.22 19.85
N ALA A 990 4.99 3.77 19.04
CA ALA A 990 5.94 4.73 19.57
C ALA A 990 5.24 5.94 20.15
N ALA A 991 4.22 6.45 19.46
CA ALA A 991 3.45 7.56 20.00
C ALA A 991 2.77 7.17 21.29
N GLU A 992 2.17 5.97 21.34
CA GLU A 992 1.54 5.50 22.57
C GLU A 992 2.56 5.37 23.68
N ILE A 993 3.74 4.81 23.38
CA ILE A 993 4.77 4.67 24.41
C ILE A 993 5.23 6.05 24.89
N ARG A 994 5.42 6.99 23.96
CA ARG A 994 5.84 8.33 24.35
C ARG A 994 4.80 8.97 25.24
N ALA A 995 3.52 8.82 24.92
CA ALA A 995 2.48 9.36 25.79
C ALA A 995 2.55 8.73 27.17
N SER A 996 2.72 7.41 27.24
CA SER A 996 2.92 6.77 28.53
C SER A 996 4.23 7.21 29.17
N ALA A 997 5.30 7.33 28.38
CA ALA A 997 6.58 7.77 28.92
C ALA A 997 6.47 9.17 29.49
N ASN A 998 5.82 10.09 28.76
CA ASN A 998 5.61 11.43 29.28
C ASN A 998 4.77 11.41 30.54
N LEU A 999 3.73 10.58 30.55
CA LEU A 999 2.93 10.45 31.76
C LEU A 999 3.77 9.88 32.91
N ALA A 1000 4.61 8.89 32.62
CA ALA A 1000 5.48 8.35 33.65
C ALA A 1000 6.42 9.42 34.19
N ALA A 1001 7.00 10.22 33.31
CA ALA A 1001 7.88 11.30 33.75
C ALA A 1001 7.11 12.30 34.60
N THR A 1002 5.88 12.63 34.19
CA THR A 1002 5.08 13.57 34.96
C THR A 1002 4.80 13.03 36.36
N LYS A 1003 4.46 11.75 36.46
CA LYS A 1003 4.21 11.15 37.77
C LYS A 1003 5.47 11.22 38.62
N MET A 1004 6.64 10.93 38.02
CA MET A 1004 7.89 11.07 38.76
C MET A 1004 8.12 12.52 39.15
N SER A 1005 7.79 13.46 38.27
CA SER A 1005 8.04 14.87 38.55
C SER A 1005 7.28 15.31 39.80
N GLU A 1006 6.02 14.91 39.94
CA GLU A 1006 5.18 15.35 41.04
C GLU A 1006 5.17 14.39 42.22
N CYS A 1007 4.96 13.10 41.97
CA CYS A 1007 4.73 12.14 43.03
C CYS A 1007 6.01 11.52 43.59
N VAL A 1008 7.16 11.79 42.99
CA VAL A 1008 8.43 11.26 43.49
C VAL A 1008 9.29 12.42 43.97
N LEU A 1009 9.55 13.37 43.08
CA LEU A 1009 10.36 14.52 43.45
C LEU A 1009 9.68 15.38 44.51
N GLY A 1010 8.38 15.26 44.67
CA GLY A 1010 7.66 15.99 45.69
C GLY A 1010 6.38 15.29 46.05
N GLN A 1011 5.43 16.06 46.61
CA GLN A 1011 4.14 15.54 47.01
C GLN A 1011 3.07 16.04 46.04
N SER A 1012 2.22 15.13 45.59
CA SER A 1012 1.18 15.45 44.61
C SER A 1012 -0.07 15.89 45.36
N LYS A 1013 -0.29 17.21 45.41
CA LYS A 1013 -1.49 17.72 46.05
C LYS A 1013 -2.75 17.29 45.30
N ARG A 1014 -2.68 17.24 43.97
CA ARG A 1014 -3.81 16.79 43.17
C ARG A 1014 -4.24 15.39 43.59
N VAL A 1015 -5.54 15.19 43.67
CA VAL A 1015 -6.09 13.99 44.30
C VAL A 1015 -6.10 12.84 43.31
N ASP A 1016 -5.73 11.66 43.79
CA ASP A 1016 -5.85 10.41 43.04
C ASP A 1016 -5.07 10.46 41.73
N PHE A 1017 -4.00 11.26 41.68
CA PHE A 1017 -3.09 11.23 40.55
C PHE A 1017 -2.03 10.16 40.71
N CYS A 1018 -1.76 9.74 41.95
CA CYS A 1018 -0.76 8.71 42.23
C CYS A 1018 -1.25 7.91 43.43
N GLY A 1019 -1.92 6.79 43.17
CA GLY A 1019 -2.42 5.95 44.22
C GLY A 1019 -3.72 6.46 44.83
N LYS A 1020 -4.67 5.57 45.05
CA LYS A 1020 -5.93 5.97 45.66
C LYS A 1020 -5.69 6.40 47.11
N GLY A 1021 -6.35 7.48 47.51
CA GLY A 1021 -6.17 8.06 48.83
C GLY A 1021 -5.30 9.30 48.77
N TYR A 1022 -5.12 9.90 49.94
CA TYR A 1022 -4.29 11.10 50.06
C TYR A 1022 -2.84 10.71 49.87
N HIS A 1023 -2.28 11.04 48.71
CA HIS A 1023 -0.93 10.61 48.38
C HIS A 1023 0.09 11.33 49.24
N LEU A 1024 1.07 10.58 49.77
CA LEU A 1024 2.17 11.14 50.52
C LEU A 1024 3.43 11.24 49.68
N MET A 1025 3.88 10.14 49.12
CA MET A 1025 5.06 10.11 48.27
C MET A 1025 5.13 8.75 47.60
N SER A 1026 6.18 8.53 46.81
CA SER A 1026 6.33 7.29 46.08
C SER A 1026 7.81 7.02 45.83
N PHE A 1027 8.12 5.77 45.53
CA PHE A 1027 9.49 5.33 45.27
C PHE A 1027 9.55 4.68 43.90
N PRO A 1028 10.33 5.19 42.95
CA PRO A 1028 10.44 4.50 41.66
C PRO A 1028 11.22 3.21 41.78
N GLN A 1029 10.94 2.29 40.85
CA GLN A 1029 11.64 1.02 40.79
C GLN A 1029 11.94 0.69 39.34
N SER A 1030 13.13 0.15 39.09
CA SER A 1030 13.54 -0.17 37.73
C SER A 1030 12.73 -1.35 37.19
N ALA A 1031 12.45 -1.30 35.91
CA ALA A 1031 11.74 -2.37 35.20
C ALA A 1031 12.47 -2.61 33.88
N PRO A 1032 12.30 -3.79 33.29
CA PRO A 1032 13.03 -4.08 32.04
C PRO A 1032 12.77 -3.08 30.93
N HIS A 1033 11.55 -2.53 30.84
CA HIS A 1033 11.24 -1.55 29.81
C HIS A 1033 10.36 -0.42 30.32
N GLY A 1034 10.36 -0.17 31.61
CA GLY A 1034 9.52 0.86 32.17
C GLY A 1034 9.96 1.23 33.57
N VAL A 1035 9.01 1.70 34.37
CA VAL A 1035 9.26 2.07 35.75
C VAL A 1035 8.03 1.70 36.58
N VAL A 1036 8.27 1.29 37.82
CA VAL A 1036 7.21 0.90 38.74
C VAL A 1036 7.32 1.77 39.99
N PHE A 1037 6.21 2.43 40.33
CA PHE A 1037 6.16 3.28 41.50
C PHE A 1037 5.53 2.52 42.67
N LEU A 1038 5.72 3.07 43.87
CA LEU A 1038 5.12 2.55 45.10
C LEU A 1038 4.48 3.72 45.81
N HIS A 1039 3.23 4.02 45.43
CA HIS A 1039 2.55 5.21 45.95
C HIS A 1039 2.13 4.97 47.39
N VAL A 1040 2.76 5.68 48.32
CA VAL A 1040 2.38 5.61 49.73
C VAL A 1040 1.19 6.53 49.95
N THR A 1041 0.04 5.95 50.28
CA THR A 1041 -1.21 6.69 50.41
C THR A 1041 -1.72 6.61 51.85
N TYR A 1042 -2.46 7.64 52.23
CA TYR A 1042 -3.02 7.77 53.57
C TYR A 1042 -4.52 7.49 53.47
N VAL A 1043 -4.92 6.29 53.86
CA VAL A 1043 -6.31 5.84 53.75
C VAL A 1043 -6.94 5.91 55.14
N PRO A 1044 -7.92 6.78 55.38
CA PRO A 1044 -8.57 6.80 56.69
C PRO A 1044 -9.50 5.62 56.88
N ALA A 1045 -9.82 5.35 58.14
CA ALA A 1045 -10.71 4.24 58.48
C ALA A 1045 -11.27 4.47 59.88
N GLN A 1046 -12.20 3.60 60.27
CA GLN A 1046 -12.83 3.64 61.58
C GLN A 1046 -13.52 4.99 61.81
N GLU A 1047 -14.54 5.23 61.00
CA GLU A 1047 -15.28 6.48 61.04
C GLU A 1047 -16.41 6.41 62.06
N LYS A 1048 -16.72 7.56 62.65
CA LYS A 1048 -17.83 7.71 63.57
C LYS A 1048 -18.65 8.93 63.17
N ASN A 1049 -19.96 8.85 63.35
CA ASN A 1049 -20.88 9.91 62.96
C ASN A 1049 -21.33 10.67 64.20
N PHE A 1050 -21.32 12.00 64.10
CA PHE A 1050 -21.64 12.87 65.22
C PHE A 1050 -22.65 13.92 64.78
N THR A 1051 -23.46 14.37 65.74
CA THR A 1051 -24.39 15.47 65.52
C THR A 1051 -23.61 16.78 65.63
N THR A 1052 -23.71 17.62 64.61
CA THR A 1052 -22.86 18.80 64.49
C THR A 1052 -23.68 20.00 64.05
N ALA A 1053 -23.01 21.15 64.00
CA ALA A 1053 -23.60 22.37 63.49
C ALA A 1053 -22.52 23.13 62.74
N PRO A 1054 -22.90 23.99 61.77
CA PRO A 1054 -21.89 24.73 61.01
C PRO A 1054 -21.32 25.94 61.73
N ALA A 1055 -21.93 26.38 62.83
CA ALA A 1055 -21.45 27.55 63.56
C ALA A 1055 -21.93 27.47 64.99
N ILE A 1056 -21.33 28.30 65.84
CA ILE A 1056 -21.67 28.38 67.25
C ILE A 1056 -21.97 29.83 67.59
N CYS A 1057 -23.05 30.06 68.34
CA CYS A 1057 -23.41 31.40 68.80
C CYS A 1057 -23.04 31.53 70.27
N HIS A 1058 -22.25 32.55 70.58
CA HIS A 1058 -21.83 32.84 71.96
C HIS A 1058 -21.95 34.34 72.18
N ASP A 1059 -22.82 34.72 73.12
CA ASP A 1059 -23.05 36.13 73.43
C ASP A 1059 -23.55 36.89 72.20
N GLY A 1060 -24.33 36.21 71.37
CA GLY A 1060 -24.89 36.83 70.19
C GLY A 1060 -23.95 36.94 69.01
N LYS A 1061 -22.72 36.43 69.13
CA LYS A 1061 -21.74 36.48 68.05
C LYS A 1061 -21.60 35.09 67.45
N ALA A 1062 -21.66 35.01 66.13
CA ALA A 1062 -21.50 33.74 65.44
C ALA A 1062 -20.03 33.37 65.36
N HIS A 1063 -19.69 32.17 65.80
CA HIS A 1063 -18.32 31.67 65.78
C HIS A 1063 -18.17 30.63 64.69
N PHE A 1064 -17.01 30.64 64.04
CA PHE A 1064 -16.66 29.66 63.02
C PHE A 1064 -15.29 29.07 63.32
N PRO A 1065 -15.03 27.85 62.87
CA PRO A 1065 -13.74 27.23 63.16
C PRO A 1065 -12.67 27.67 62.16
N ARG A 1066 -11.49 28.01 62.70
CA ARG A 1066 -10.37 28.36 61.83
C ARG A 1066 -10.01 27.17 60.94
N GLU A 1067 -9.97 25.97 61.50
CA GLU A 1067 -9.77 24.76 60.73
C GLU A 1067 -10.59 23.65 61.36
N GLY A 1068 -10.87 22.63 60.58
CA GLY A 1068 -11.68 21.52 61.06
C GLY A 1068 -13.15 21.90 61.11
N VAL A 1069 -13.92 21.04 61.78
CA VAL A 1069 -15.36 21.20 61.89
C VAL A 1069 -15.78 20.93 63.32
N PHE A 1070 -16.97 21.43 63.66
CA PHE A 1070 -17.54 21.18 64.98
C PHE A 1070 -18.07 19.76 65.07
N VAL A 1071 -17.99 19.19 66.28
CA VAL A 1071 -18.49 17.85 66.54
C VAL A 1071 -19.02 17.81 67.96
N SER A 1072 -19.83 16.79 68.25
CA SER A 1072 -20.40 16.62 69.58
C SER A 1072 -20.68 15.15 69.83
N ASN A 1073 -20.22 14.66 70.98
CA ASN A 1073 -20.50 13.28 71.39
C ASN A 1073 -21.80 13.23 72.20
N GLY A 1074 -22.85 13.75 71.58
CA GLY A 1074 -24.16 13.81 72.22
C GLY A 1074 -24.43 15.14 72.91
N THR A 1075 -23.65 15.44 73.95
CA THR A 1075 -23.86 16.66 74.74
C THR A 1075 -22.70 17.64 74.60
N HIS A 1076 -21.47 17.21 74.90
CA HIS A 1076 -20.32 18.11 74.83
C HIS A 1076 -19.92 18.34 73.38
N TRP A 1077 -19.54 19.57 73.08
CA TRP A 1077 -19.11 19.96 71.74
C TRP A 1077 -17.59 20.03 71.68
N PHE A 1078 -17.06 19.79 70.48
CA PHE A 1078 -15.61 19.77 70.29
C PHE A 1078 -15.29 20.20 68.88
N VAL A 1079 -14.02 20.52 68.65
CA VAL A 1079 -13.49 20.89 67.34
C VAL A 1079 -12.38 19.92 66.98
N THR A 1080 -12.41 19.41 65.76
CA THR A 1080 -11.40 18.47 65.29
C THR A 1080 -11.17 18.68 63.81
N GLN A 1081 -9.98 18.32 63.35
CA GLN A 1081 -9.66 18.43 61.94
C GLN A 1081 -10.49 17.45 61.13
N ARG A 1082 -10.72 17.81 59.87
CA ARG A 1082 -11.63 17.05 59.02
C ARG A 1082 -11.14 15.64 58.73
N ASN A 1083 -9.84 15.38 58.85
CA ASN A 1083 -9.26 14.10 58.47
C ASN A 1083 -8.89 13.23 59.65
N PHE A 1084 -9.10 13.69 60.88
CA PHE A 1084 -8.79 12.88 62.05
C PHE A 1084 -9.61 13.38 63.22
N TYR A 1085 -9.99 12.46 64.10
CA TYR A 1085 -10.79 12.79 65.27
C TYR A 1085 -9.84 13.20 66.40
N GLU A 1086 -9.68 14.51 66.59
CA GLU A 1086 -8.86 15.06 67.66
C GLU A 1086 -9.68 16.14 68.37
N PRO A 1087 -10.68 15.73 69.14
CA PRO A 1087 -11.58 16.72 69.75
C PRO A 1087 -10.82 17.68 70.66
N GLN A 1088 -11.25 18.94 70.64
CA GLN A 1088 -10.64 19.98 71.45
C GLN A 1088 -11.73 20.92 71.95
N ILE A 1089 -11.46 21.57 73.08
CA ILE A 1089 -12.42 22.50 73.66
C ILE A 1089 -12.58 23.70 72.73
N ILE A 1090 -13.82 24.16 72.56
CA ILE A 1090 -14.06 25.35 71.75
C ILE A 1090 -13.41 26.53 72.45
N THR A 1091 -12.55 27.24 71.73
CA THR A 1091 -11.77 28.32 72.30
C THR A 1091 -11.73 29.49 71.33
N THR A 1092 -11.51 30.68 71.88
CA THR A 1092 -11.46 31.87 71.04
C THR A 1092 -10.29 31.82 70.06
N ASP A 1093 -9.15 31.28 70.51
CA ASP A 1093 -7.95 31.30 69.67
C ASP A 1093 -8.15 30.50 68.39
N ASN A 1094 -8.75 29.32 68.48
CA ASN A 1094 -8.95 28.45 67.33
C ASN A 1094 -10.30 28.66 66.67
N THR A 1095 -10.86 29.86 66.79
CA THR A 1095 -12.11 30.20 66.13
C THR A 1095 -12.12 31.69 65.84
N PHE A 1096 -12.94 32.09 64.86
CA PHE A 1096 -13.09 33.49 64.50
C PHE A 1096 -14.57 33.82 64.37
N VAL A 1097 -14.90 35.07 64.68
CA VAL A 1097 -16.28 35.52 64.72
C VAL A 1097 -16.55 36.43 63.54
N SER A 1098 -17.81 36.48 63.12
CA SER A 1098 -18.23 37.33 62.02
C SER A 1098 -19.76 37.36 61.98
N GLY A 1099 -20.31 38.54 61.75
CA GLY A 1099 -21.75 38.67 61.66
C GLY A 1099 -22.44 38.48 62.99
N ASN A 1100 -23.72 38.15 62.92
CA ASN A 1100 -24.57 37.94 64.08
C ASN A 1100 -25.14 36.51 64.04
N CYS A 1101 -26.00 36.21 65.01
CA CYS A 1101 -26.55 34.86 65.16
C CYS A 1101 -27.74 34.59 64.25
N ASP A 1102 -28.22 35.58 63.50
CA ASP A 1102 -29.46 35.43 62.74
C ASP A 1102 -29.23 35.12 61.27
N VAL A 1103 -28.08 35.47 60.71
CA VAL A 1103 -27.89 35.35 59.26
C VAL A 1103 -27.57 33.93 58.83
N VAL A 1104 -27.04 33.09 59.71
CA VAL A 1104 -26.67 31.71 59.39
C VAL A 1104 -27.71 30.77 59.97
N ILE A 1105 -28.04 29.73 59.22
CA ILE A 1105 -29.01 28.74 59.65
C ILE A 1105 -28.27 27.54 60.22
N GLY A 1106 -28.97 26.78 61.05
CA GLY A 1106 -28.39 25.58 61.65
C GLY A 1106 -27.47 25.82 62.82
N ILE A 1107 -27.36 27.06 63.30
CA ILE A 1107 -26.46 27.33 64.41
C ILE A 1107 -26.99 26.68 65.67
N VAL A 1108 -26.08 26.38 66.59
CA VAL A 1108 -26.44 25.84 67.90
C VAL A 1108 -25.95 26.82 68.97
N ASN A 1109 -26.63 26.77 70.12
CA ASN A 1109 -26.30 27.64 71.24
C ASN A 1109 -25.30 26.93 72.13
N ASN A 1110 -24.15 27.55 72.35
CA ASN A 1110 -23.11 26.97 73.19
C ASN A 1110 -22.20 28.09 73.68
N THR A 1111 -21.41 27.78 74.70
CA THR A 1111 -20.47 28.71 75.29
C THR A 1111 -19.08 28.46 74.74
N VAL A 1112 -18.36 29.55 74.43
CA VAL A 1112 -17.01 29.49 73.89
C VAL A 1112 -16.05 29.83 75.01
N TYR A 1113 -15.15 28.90 75.33
CA TYR A 1113 -14.18 29.12 76.39
C TYR A 1113 -13.15 30.18 75.97
N ASP A 1114 -12.73 30.99 76.92
CA ASP A 1114 -11.72 32.02 76.70
C ASP A 1114 -10.56 31.80 77.66
N PRO A 1115 -9.33 31.61 77.19
CA PRO A 1115 -8.23 31.34 78.13
C PRO A 1115 -7.83 32.55 78.97
N LEU A 1116 -8.23 33.76 78.59
CA LEU A 1116 -7.79 34.94 79.33
C LEU A 1116 -8.48 35.05 80.67
N GLN A 1117 -9.74 34.63 80.77
CA GLN A 1117 -10.48 34.80 82.02
C GLN A 1117 -9.82 34.10 83.19
N PRO A 1118 -9.45 32.82 83.11
CA PRO A 1118 -8.75 32.21 84.25
C PRO A 1118 -7.45 32.90 84.59
N GLU A 1119 -6.70 33.36 83.57
CA GLU A 1119 -5.48 34.09 83.82
C GLU A 1119 -5.77 35.42 84.51
N LEU A 1120 -6.79 36.14 84.04
CA LEU A 1120 -7.14 37.41 84.66
C LEU A 1120 -7.59 37.23 86.10
N ASP A 1121 -8.41 36.21 86.36
CA ASP A 1121 -8.93 35.99 87.70
C ASP A 1121 -7.86 35.41 88.63
N PRO B 1 54.66 2.88 -12.62
CA PRO B 1 55.95 3.58 -12.72
C PRO B 1 55.82 5.08 -12.47
N ALA B 2 56.48 5.56 -11.41
CA ALA B 2 56.47 6.98 -11.08
C ALA B 2 55.05 7.48 -10.84
N TYR B 3 54.33 6.80 -9.97
CA TYR B 3 52.96 7.20 -9.64
C TYR B 3 52.95 8.53 -8.92
N THR B 4 51.87 9.28 -9.12
CA THR B 4 51.65 10.56 -8.45
C THR B 4 50.26 10.58 -7.87
N ASN B 5 50.09 11.31 -6.77
CA ASN B 5 48.83 11.36 -6.05
C ASN B 5 47.98 12.49 -6.59
N SER B 6 46.84 12.15 -7.18
CA SER B 6 45.88 13.15 -7.66
C SER B 6 45.06 13.63 -6.46
N PHE B 7 45.30 14.86 -6.02
CA PHE B 7 44.72 15.33 -4.77
C PHE B 7 43.23 15.53 -4.91
N THR B 8 42.81 16.47 -5.77
CA THR B 8 41.39 16.78 -5.93
C THR B 8 40.95 16.92 -7.38
N ARG B 9 41.86 17.03 -8.34
CA ARG B 9 41.46 17.24 -9.72
C ARG B 9 40.86 15.98 -10.31
N GLY B 10 40.03 16.15 -11.32
CA GLY B 10 39.37 15.04 -11.99
C GLY B 10 37.87 15.11 -11.90
N VAL B 11 37.33 16.32 -11.76
CA VAL B 11 35.90 16.53 -11.65
C VAL B 11 35.43 17.33 -12.86
N TYR B 12 34.24 16.98 -13.36
CA TYR B 12 33.68 17.62 -14.53
C TYR B 12 32.16 17.68 -14.37
N TYR B 13 31.55 18.57 -15.13
CA TYR B 13 30.10 18.71 -15.08
C TYR B 13 29.46 17.46 -15.67
N PRO B 14 28.66 16.71 -14.91
CA PRO B 14 28.08 15.48 -15.47
C PRO B 14 27.08 15.72 -16.59
N ASP B 15 26.54 16.93 -16.70
CA ASP B 15 25.56 17.24 -17.73
C ASP B 15 25.57 18.76 -17.94
N LYS B 16 24.68 19.21 -18.83
CA LYS B 16 24.58 20.62 -19.19
C LYS B 16 23.49 21.33 -18.42
N VAL B 17 23.24 20.92 -17.18
CA VAL B 17 22.20 21.49 -16.36
C VAL B 17 22.80 22.58 -15.48
N PHE B 18 21.93 23.44 -14.94
CA PHE B 18 22.34 24.55 -14.10
C PHE B 18 21.76 24.37 -12.70
N ARG B 19 22.61 24.55 -11.69
CA ARG B 19 22.20 24.51 -10.30
C ARG B 19 22.94 25.60 -9.55
N SER B 20 22.24 26.31 -8.68
CA SER B 20 22.80 27.43 -7.95
C SER B 20 22.56 27.28 -6.46
N SER B 21 23.61 27.45 -5.67
CA SER B 21 23.51 27.45 -4.21
C SER B 21 22.85 26.18 -3.69
N VAL B 22 23.21 25.05 -4.29
CA VAL B 22 22.65 23.76 -3.91
C VAL B 22 23.71 22.69 -4.10
N LEU B 23 23.67 21.68 -3.24
CA LEU B 23 24.57 20.53 -3.32
C LEU B 23 23.82 19.37 -3.95
N HIS B 24 24.35 18.85 -5.06
CA HIS B 24 23.73 17.76 -5.78
C HIS B 24 24.71 16.59 -5.90
N SER B 25 24.21 15.38 -5.66
CA SER B 25 25.02 14.18 -5.73
C SER B 25 24.70 13.43 -7.01
N THR B 26 25.74 13.09 -7.77
CA THR B 26 25.59 12.42 -9.05
C THR B 26 26.41 11.15 -9.07
N GLN B 27 25.82 10.09 -9.61
CA GLN B 27 26.50 8.81 -9.79
C GLN B 27 26.94 8.71 -11.25
N ASP B 28 28.25 8.85 -11.47
CA ASP B 28 28.79 8.85 -12.83
C ASP B 28 30.26 8.49 -12.77
N LEU B 29 30.85 8.30 -13.95
CA LEU B 29 32.28 8.01 -14.04
C LEU B 29 33.07 9.17 -13.48
N PHE B 30 34.06 8.85 -12.65
CA PHE B 30 34.84 9.88 -11.98
C PHE B 30 36.20 9.31 -11.61
N LEU B 31 37.13 10.21 -11.31
CA LEU B 31 38.46 9.83 -10.90
C LEU B 31 38.56 10.01 -9.39
N PRO B 32 38.63 8.94 -8.60
CA PRO B 32 38.61 9.12 -7.14
C PRO B 32 39.76 9.97 -6.65
N PHE B 33 39.46 10.81 -5.66
CA PHE B 33 40.47 11.71 -5.12
C PHE B 33 41.59 10.92 -4.44
N PHE B 34 42.78 11.51 -4.42
CA PHE B 34 43.95 10.88 -3.81
C PHE B 34 44.23 9.51 -4.43
N SER B 35 44.03 9.41 -5.74
CA SER B 35 44.27 8.20 -6.49
C SER B 35 45.55 8.32 -7.29
N ASN B 36 46.30 7.23 -7.34
CA ASN B 36 47.56 7.22 -8.08
C ASN B 36 47.30 7.43 -9.56
N VAL B 37 48.10 8.30 -10.19
CA VAL B 37 48.02 8.58 -11.62
C VAL B 37 49.39 8.34 -12.23
N THR B 38 49.41 7.59 -13.33
CA THR B 38 50.68 7.32 -14.00
C THR B 38 51.26 8.60 -14.58
N TRP B 39 52.57 8.76 -14.44
CA TRP B 39 53.28 9.93 -14.93
C TRP B 39 54.28 9.50 -15.99
N PHE B 40 54.27 10.20 -17.13
CA PHE B 40 55.19 9.95 -18.22
C PHE B 40 55.87 11.27 -18.59
N HIS B 41 57.19 11.22 -18.74
CA HIS B 41 57.96 12.40 -19.09
C HIS B 41 59.03 12.08 -20.11
N ASP B 55 58.98 9.64 -24.04
CA ASP B 55 58.07 8.72 -23.37
C ASP B 55 56.67 8.93 -23.95
N ASN B 56 56.18 7.96 -24.72
CA ASN B 56 54.85 8.01 -25.28
C ASN B 56 54.33 6.61 -25.57
N PRO B 57 54.14 5.79 -24.54
CA PRO B 57 53.66 4.43 -24.77
C PRO B 57 52.15 4.38 -24.96
N VAL B 58 51.69 3.22 -25.42
CA VAL B 58 50.26 2.99 -25.62
C VAL B 58 49.62 2.62 -24.29
N LEU B 59 48.43 3.15 -24.03
CA LEU B 59 47.72 2.93 -22.78
C LEU B 59 46.32 2.39 -23.06
N PRO B 60 45.76 1.61 -22.14
CA PRO B 60 44.38 1.15 -22.31
C PRO B 60 43.37 2.24 -21.97
N PHE B 61 42.16 2.07 -22.50
CA PHE B 61 41.09 3.03 -22.25
C PHE B 61 40.39 2.75 -20.92
N ASN B 62 39.89 1.53 -20.75
CA ASN B 62 39.24 1.12 -19.50
C ASN B 62 38.06 2.02 -19.16
N ASP B 63 37.34 2.46 -20.20
CA ASP B 63 36.11 3.23 -20.03
C ASP B 63 36.36 4.51 -19.23
N GLY B 64 37.15 5.40 -19.82
CA GLY B 64 37.41 6.69 -19.23
C GLY B 64 38.89 6.96 -19.01
N VAL B 65 39.38 8.04 -19.61
CA VAL B 65 40.79 8.43 -19.48
C VAL B 65 40.83 9.90 -19.07
N TYR B 66 41.60 10.20 -18.03
CA TYR B 66 41.82 11.56 -17.57
C TYR B 66 43.23 11.98 -17.96
N PHE B 67 43.33 13.04 -18.76
CA PHE B 67 44.60 13.51 -19.28
C PHE B 67 44.94 14.86 -18.68
N ALA B 68 46.22 15.07 -18.37
CA ALA B 68 46.68 16.33 -17.79
C ALA B 68 48.14 16.51 -18.18
N SER B 69 48.40 17.36 -19.16
CA SER B 69 49.75 17.66 -19.60
C SER B 69 50.36 18.77 -18.76
N THR B 70 51.68 18.88 -18.84
CA THR B 70 52.39 19.91 -18.10
C THR B 70 52.32 21.24 -18.85
N GLU B 71 52.64 22.31 -18.13
CA GLU B 71 52.62 23.65 -18.70
C GLU B 71 53.96 23.95 -19.37
N LYS B 72 54.08 25.15 -19.95
CA LYS B 72 55.31 25.58 -20.61
C LYS B 72 55.72 24.60 -21.71
N SER B 73 54.75 24.04 -22.40
CA SER B 73 55.03 23.05 -23.43
C SER B 73 53.91 23.05 -24.46
N ASN B 74 54.27 22.68 -25.70
CA ASN B 74 53.30 22.51 -26.77
C ASN B 74 53.60 21.27 -27.61
N ILE B 75 54.43 20.36 -27.09
CA ILE B 75 54.82 19.18 -27.86
C ILE B 75 53.61 18.31 -28.16
N ILE B 76 52.75 18.11 -27.16
CA ILE B 76 51.55 17.30 -27.36
C ILE B 76 50.61 18.03 -28.31
N ARG B 77 50.15 17.33 -29.35
CA ARG B 77 49.31 17.94 -30.37
C ARG B 77 48.07 17.14 -30.69
N GLY B 78 47.79 16.06 -29.99
CA GLY B 78 46.58 15.30 -30.24
C GLY B 78 46.65 13.93 -29.60
N TRP B 79 45.63 13.14 -29.90
CA TRP B 79 45.50 11.79 -29.38
C TRP B 79 44.93 10.90 -30.47
N ILE B 80 45.23 9.59 -30.37
CA ILE B 80 44.72 8.59 -31.29
C ILE B 80 44.00 7.53 -30.46
N PHE B 81 42.77 7.22 -30.86
CA PHE B 81 41.94 6.24 -30.16
C PHE B 81 41.54 5.14 -31.13
N GLY B 82 40.99 4.07 -30.57
CA GLY B 82 40.53 2.94 -31.35
C GLY B 82 40.63 1.67 -30.54
N THR B 83 40.39 0.55 -31.22
CA THR B 83 40.46 -0.78 -30.63
C THR B 83 41.79 -1.47 -30.93
N THR B 84 42.23 -1.44 -32.20
CA THR B 84 43.48 -2.06 -32.61
C THR B 84 44.50 -1.08 -33.16
N LEU B 85 44.08 0.11 -33.58
CA LEU B 85 45.00 1.09 -34.18
C LEU B 85 45.74 0.48 -35.36
N ASP B 86 45.02 -0.30 -36.18
CA ASP B 86 45.61 -0.99 -37.31
C ASP B 86 44.64 -0.91 -38.47
N SER B 87 44.89 -1.71 -39.51
CA SER B 87 44.06 -1.70 -40.71
C SER B 87 42.76 -2.47 -40.53
N LYS B 88 42.57 -3.17 -39.42
CA LYS B 88 41.39 -4.00 -39.24
C LYS B 88 40.19 -3.15 -38.77
N THR B 89 40.36 -2.39 -37.70
CA THR B 89 39.28 -1.64 -37.08
C THR B 89 39.49 -0.15 -37.30
N GLN B 90 38.39 0.57 -37.51
CA GLN B 90 38.46 2.01 -37.69
C GLN B 90 38.99 2.66 -36.42
N SER B 91 39.83 3.68 -36.59
CA SER B 91 40.51 4.36 -35.50
C SER B 91 40.14 5.84 -35.50
N LEU B 92 39.86 6.37 -34.31
CA LEU B 92 39.56 7.79 -34.14
C LEU B 92 40.84 8.55 -33.86
N LEU B 93 41.22 9.44 -34.79
CA LEU B 93 42.45 10.21 -34.67
C LEU B 93 42.10 11.68 -34.49
N ILE B 94 42.66 12.28 -33.44
CA ILE B 94 42.45 13.69 -33.14
C ILE B 94 43.79 14.39 -33.26
N VAL B 95 43.86 15.40 -34.13
CA VAL B 95 45.10 16.11 -34.41
C VAL B 95 44.82 17.60 -34.34
N ASN B 96 45.71 18.34 -33.67
CA ASN B 96 45.62 19.79 -33.58
C ASN B 96 46.93 20.39 -34.06
N ASN B 97 46.84 21.32 -35.00
CA ASN B 97 48.02 21.97 -35.59
C ASN B 97 48.07 23.46 -35.24
N ALA B 98 47.61 23.82 -34.05
CA ALA B 98 47.62 25.18 -33.51
C ALA B 98 46.64 26.11 -34.23
N THR B 99 45.91 25.63 -35.23
CA THR B 99 44.92 26.43 -35.93
C THR B 99 43.58 25.73 -36.13
N ASN B 100 43.54 24.40 -36.07
CA ASN B 100 42.30 23.66 -36.22
C ASN B 100 42.49 22.27 -35.61
N VAL B 101 41.37 21.60 -35.38
CA VAL B 101 41.35 20.23 -34.88
C VAL B 101 40.80 19.33 -35.98
N VAL B 102 41.54 18.27 -36.29
CA VAL B 102 41.19 17.34 -37.36
C VAL B 102 40.77 16.03 -36.71
N ILE B 103 39.57 15.56 -37.06
CA ILE B 103 39.01 14.33 -36.50
C ILE B 103 38.82 13.35 -37.64
N LYS B 104 39.58 12.27 -37.62
CA LYS B 104 39.55 11.23 -38.64
C LYS B 104 39.01 9.94 -38.03
N VAL B 105 38.23 9.21 -38.83
CA VAL B 105 37.75 7.89 -38.45
C VAL B 105 38.10 6.91 -39.57
N CYS B 106 39.19 7.21 -40.28
CA CYS B 106 39.60 6.39 -41.41
C CYS B 106 40.37 5.17 -40.92
N GLU B 107 40.77 4.33 -41.87
CA GLU B 107 41.53 3.11 -41.57
C GLU B 107 43.01 3.46 -41.55
N PHE B 108 43.57 3.61 -40.34
CA PHE B 108 44.96 4.00 -40.16
C PHE B 108 45.73 2.87 -39.49
N GLN B 109 46.96 2.68 -39.92
CA GLN B 109 47.85 1.68 -39.37
C GLN B 109 48.63 2.24 -38.19
N PHE B 110 49.11 1.34 -37.34
CA PHE B 110 49.91 1.73 -36.19
C PHE B 110 51.35 2.05 -36.63
N CYS B 111 52.09 2.70 -35.73
CA CYS B 111 53.48 3.05 -35.96
C CYS B 111 54.28 2.71 -34.71
N ASN B 112 55.57 2.39 -34.93
CA ASN B 112 56.44 2.07 -33.81
C ASN B 112 56.60 3.27 -32.87
N ASP B 113 56.74 4.47 -33.43
CA ASP B 113 56.89 5.69 -32.63
C ASP B 113 56.28 6.85 -33.41
N PRO B 114 54.96 6.89 -33.51
CA PRO B 114 54.31 7.97 -34.27
C PRO B 114 54.59 9.34 -33.66
N PHE B 115 54.73 10.34 -34.52
CA PHE B 115 55.00 11.70 -34.09
C PHE B 115 54.73 12.63 -35.28
N LEU B 116 55.08 13.89 -35.11
CA LEU B 116 54.92 14.89 -36.18
C LEU B 116 56.27 15.22 -36.80
N SER B 130 58.62 19.98 -39.31
CA SER B 130 58.14 18.81 -40.01
C SER B 130 56.97 18.20 -39.24
N GLU B 131 55.90 17.87 -39.95
CA GLU B 131 54.69 17.35 -39.32
C GLU B 131 54.07 16.31 -40.25
N PHE B 132 52.89 15.81 -39.84
CA PHE B 132 52.13 14.82 -40.60
C PHE B 132 52.89 13.52 -40.79
N ARG B 133 53.88 13.25 -39.94
CA ARG B 133 54.60 11.98 -40.02
C ARG B 133 53.77 10.83 -39.48
N VAL B 134 52.82 11.11 -38.57
CA VAL B 134 51.98 10.06 -38.03
C VAL B 134 51.05 9.47 -39.07
N TYR B 135 50.86 10.14 -40.20
CA TYR B 135 49.94 9.68 -41.23
C TYR B 135 50.47 8.38 -41.82
N SER B 136 49.85 7.26 -41.45
CA SER B 136 50.25 5.96 -41.95
C SER B 136 49.45 5.57 -43.19
N SER B 137 48.12 5.54 -43.07
CA SER B 137 47.25 5.21 -44.20
C SER B 137 45.90 5.85 -43.97
N ALA B 138 45.46 6.64 -44.94
CA ALA B 138 44.16 7.32 -44.89
C ALA B 138 43.11 6.60 -45.73
N ASN B 139 43.38 5.38 -46.17
CA ASN B 139 42.48 4.66 -47.05
C ASN B 139 41.18 4.33 -46.34
N ASN B 140 40.08 4.33 -47.11
CA ASN B 140 38.77 3.93 -46.63
C ASN B 140 38.32 4.82 -45.46
N CYS B 141 38.22 6.12 -45.73
CA CYS B 141 37.70 7.06 -44.75
C CYS B 141 36.20 6.88 -44.60
N THR B 142 35.73 6.79 -43.37
CA THR B 142 34.32 6.55 -43.07
C THR B 142 33.59 7.81 -42.61
N PHE B 143 34.09 8.47 -41.57
CA PHE B 143 33.48 9.68 -41.03
C PHE B 143 34.48 10.82 -41.10
N GLU B 144 33.98 12.02 -41.38
CA GLU B 144 34.80 13.21 -41.54
C GLU B 144 34.27 14.30 -40.62
N TYR B 145 35.20 15.07 -40.03
CA TYR B 145 34.81 16.17 -39.16
C TYR B 145 35.98 17.10 -38.88
N VAL B 146 35.77 18.41 -39.09
CA VAL B 146 36.77 19.43 -38.80
C VAL B 146 36.09 20.52 -37.99
N SER B 147 36.74 20.96 -36.91
CA SER B 147 36.21 21.98 -36.04
C SER B 147 37.31 23.00 -35.71
N GLN B 148 36.92 24.04 -34.99
CA GLN B 148 37.86 25.06 -34.56
C GLN B 148 38.68 24.56 -33.37
N PRO B 149 39.87 25.10 -33.17
CA PRO B 149 40.70 24.66 -32.04
C PRO B 149 40.09 25.08 -30.71
N PHE B 150 40.29 24.24 -29.70
CA PHE B 150 39.77 24.56 -28.36
C PHE B 150 40.49 25.76 -27.77
N LEU B 151 41.82 25.77 -27.81
CA LEU B 151 42.63 26.87 -27.33
C LEU B 151 44.09 26.54 -27.59
N PHE B 161 55.36 29.39 -14.82
CA PHE B 161 54.06 30.05 -14.73
C PHE B 161 53.36 30.07 -16.08
N LYS B 162 52.46 29.12 -16.30
CA LYS B 162 51.69 29.04 -17.54
C LYS B 162 50.47 28.17 -17.30
N ASN B 163 49.65 28.04 -18.33
CA ASN B 163 48.42 27.28 -18.22
C ASN B 163 48.69 25.79 -18.07
N LEU B 164 47.87 25.14 -17.23
CA LEU B 164 47.91 23.70 -17.05
C LEU B 164 46.77 23.08 -17.83
N ARG B 165 47.10 22.22 -18.78
CA ARG B 165 46.11 21.60 -19.65
C ARG B 165 45.60 20.32 -19.01
N GLU B 166 44.28 20.21 -18.89
CA GLU B 166 43.62 19.02 -18.37
C GLU B 166 42.48 18.63 -19.29
N PHE B 167 42.36 17.33 -19.57
CA PHE B 167 41.33 16.84 -20.47
C PHE B 167 40.77 15.54 -19.90
N VAL B 168 39.49 15.30 -20.15
CA VAL B 168 38.81 14.08 -19.75
C VAL B 168 38.13 13.50 -20.98
N PHE B 169 38.45 12.25 -21.30
CA PHE B 169 37.90 11.55 -22.45
C PHE B 169 37.11 10.34 -21.96
N LYS B 170 35.90 10.18 -22.49
CA LYS B 170 35.07 9.04 -22.13
C LYS B 170 34.18 8.68 -23.31
N ASN B 171 33.74 7.43 -23.34
CA ASN B 171 32.89 6.92 -24.42
C ASN B 171 31.75 6.12 -23.78
N ILE B 172 30.58 6.73 -23.70
CA ILE B 172 29.40 6.10 -23.14
C ILE B 172 28.21 6.44 -24.03
N ASP B 173 27.36 5.44 -24.28
CA ASP B 173 26.16 5.61 -25.10
C ASP B 173 26.50 6.08 -26.51
N GLY B 174 27.67 5.68 -27.01
CA GLY B 174 28.08 6.02 -28.35
C GLY B 174 28.54 7.45 -28.54
N TYR B 175 28.69 8.20 -27.46
CA TYR B 175 29.14 9.59 -27.52
C TYR B 175 30.52 9.69 -26.91
N PHE B 176 31.45 10.31 -27.63
CA PHE B 176 32.82 10.50 -27.17
C PHE B 176 32.94 11.93 -26.68
N LYS B 177 32.56 12.15 -25.42
CA LYS B 177 32.53 13.48 -24.84
C LYS B 177 33.93 13.98 -24.55
N ILE B 178 34.14 15.27 -24.74
CA ILE B 178 35.42 15.93 -24.50
C ILE B 178 35.21 17.02 -23.47
N TYR B 179 36.10 17.07 -22.47
CA TYR B 179 36.12 18.13 -21.48
C TYR B 179 37.52 18.70 -21.40
N SER B 180 37.62 19.99 -21.08
CA SER B 180 38.92 20.63 -21.00
C SER B 180 38.83 21.86 -20.12
N LYS B 181 39.97 22.27 -19.59
CA LYS B 181 40.08 23.52 -18.84
C LYS B 181 41.56 23.83 -18.65
N HIS B 182 41.95 25.07 -18.92
CA HIS B 182 43.33 25.52 -18.83
C HIS B 182 43.47 26.42 -17.61
N THR B 183 44.39 26.07 -16.71
CA THR B 183 44.56 26.77 -15.45
C THR B 183 45.99 27.29 -15.33
N PRO B 184 46.20 28.61 -15.21
CA PRO B 184 47.56 29.11 -14.95
C PRO B 184 47.93 28.88 -13.49
N ILE B 185 48.96 28.08 -13.26
CA ILE B 185 49.42 27.71 -11.93
C ILE B 185 50.94 27.61 -11.94
N ASN B 186 51.50 27.32 -10.77
CA ASN B 186 52.94 27.14 -10.57
C ASN B 186 53.20 25.71 -10.11
N LEU B 187 54.44 25.45 -9.72
CA LEU B 187 54.84 24.11 -9.29
C LEU B 187 54.62 23.10 -10.41
N VAL B 188 55.35 23.32 -11.52
CA VAL B 188 55.17 22.50 -12.71
C VAL B 188 55.52 21.05 -12.44
N ARG B 189 56.37 20.79 -11.46
CA ARG B 189 56.83 19.42 -11.22
C ARG B 189 55.69 18.49 -10.84
N ASP B 190 54.78 18.95 -9.98
CA ASP B 190 53.70 18.13 -9.47
C ASP B 190 52.35 18.82 -9.71
N LEU B 191 51.28 18.08 -9.49
CA LEU B 191 49.94 18.62 -9.66
C LEU B 191 49.61 19.55 -8.49
N PRO B 192 49.32 20.83 -8.72
CA PRO B 192 48.98 21.71 -7.61
C PRO B 192 47.66 21.31 -6.97
N GLN B 193 47.52 21.63 -5.69
CA GLN B 193 46.29 21.36 -4.96
C GLN B 193 45.22 22.35 -5.43
N GLY B 194 44.06 22.29 -4.79
CA GLY B 194 42.95 23.16 -5.12
C GLY B 194 41.82 22.42 -5.80
N PHE B 195 41.03 23.17 -6.56
CA PHE B 195 39.86 22.63 -7.24
C PHE B 195 39.81 23.16 -8.67
N SER B 196 39.23 22.36 -9.55
CA SER B 196 39.09 22.74 -10.96
C SER B 196 37.99 21.91 -11.57
N ALA B 197 36.99 22.57 -12.14
CA ALA B 197 35.83 21.90 -12.73
C ALA B 197 36.01 21.86 -14.24
N LEU B 198 36.11 20.64 -14.79
CA LEU B 198 36.26 20.49 -16.23
C LEU B 198 34.92 20.67 -16.92
N GLU B 199 34.91 21.48 -17.99
CA GLU B 199 33.68 21.77 -18.71
C GLU B 199 33.66 21.06 -20.06
N PRO B 200 32.49 20.61 -20.52
CA PRO B 200 32.44 20.01 -21.86
C PRO B 200 32.64 21.06 -22.95
N LEU B 201 33.32 20.66 -24.02
CA LEU B 201 33.54 21.54 -25.16
C LEU B 201 32.91 21.01 -26.43
N VAL B 202 33.15 19.75 -26.78
CA VAL B 202 32.62 19.16 -28.01
C VAL B 202 32.23 17.72 -27.73
N ASP B 203 31.12 17.29 -28.33
CA ASP B 203 30.64 15.92 -28.25
C ASP B 203 30.77 15.27 -29.62
N LEU B 204 31.46 14.14 -29.67
CA LEU B 204 31.68 13.44 -30.93
C LEU B 204 30.79 12.20 -30.99
N PRO B 205 29.74 12.18 -31.83
CA PRO B 205 28.89 10.98 -31.91
C PRO B 205 29.45 9.94 -32.87
N ILE B 206 30.53 9.28 -32.44
CA ILE B 206 31.18 8.28 -33.28
C ILE B 206 30.48 6.93 -33.15
N GLY B 207 30.30 6.45 -31.92
CA GLY B 207 29.61 5.20 -31.71
C GLY B 207 30.43 3.96 -31.96
N ILE B 208 31.74 4.02 -31.79
CA ILE B 208 32.62 2.88 -31.98
C ILE B 208 33.18 2.44 -30.64
N ASN B 209 33.69 1.21 -30.61
CA ASN B 209 34.30 0.65 -29.43
C ASN B 209 35.77 1.06 -29.37
N ILE B 210 36.19 1.63 -28.24
CA ILE B 210 37.56 2.04 -28.01
C ILE B 210 38.07 1.31 -26.77
N THR B 211 39.19 0.62 -26.91
CA THR B 211 39.80 -0.12 -25.81
C THR B 211 41.15 0.46 -25.38
N ARG B 212 41.85 1.15 -26.27
CA ARG B 212 43.14 1.74 -25.93
C ARG B 212 43.37 2.95 -26.82
N PHE B 213 44.29 3.81 -26.39
CA PHE B 213 44.60 5.04 -27.09
C PHE B 213 46.10 5.28 -27.05
N GLN B 214 46.53 6.34 -27.73
CA GLN B 214 47.95 6.68 -27.81
C GLN B 214 48.06 8.19 -28.00
N THR B 215 48.83 8.84 -27.14
CA THR B 215 49.05 10.27 -27.28
C THR B 215 49.96 10.57 -28.46
N LEU B 216 49.98 11.84 -28.86
CA LEU B 216 50.76 12.31 -29.99
C LEU B 216 51.76 13.35 -29.53
N LEU B 217 52.98 13.28 -30.07
CA LEU B 217 54.04 14.21 -29.76
C LEU B 217 54.67 14.72 -31.05
N ALA B 218 55.24 15.92 -30.97
CA ALA B 218 55.93 16.54 -32.09
C ALA B 218 57.42 16.60 -31.80
N LEU B 219 58.23 16.09 -32.73
CA LEU B 219 59.67 16.08 -32.61
C LEU B 219 60.27 17.19 -33.46
N HIS B 220 61.08 18.04 -32.83
CA HIS B 220 61.72 19.15 -33.53
C HIS B 220 63.07 19.42 -32.88
N ALA B 237 61.42 16.27 -24.36
CA ALA B 237 60.32 15.43 -23.90
C ALA B 237 59.42 16.20 -22.95
N ALA B 238 58.12 16.04 -23.13
CA ALA B 238 57.11 16.70 -22.30
C ALA B 238 56.60 15.75 -21.23
N ALA B 239 55.93 16.32 -20.23
CA ALA B 239 55.39 15.58 -19.10
C ALA B 239 53.87 15.62 -19.14
N TYR B 240 53.25 14.46 -18.91
CA TYR B 240 51.81 14.37 -18.86
C TYR B 240 51.40 13.22 -17.96
N TYR B 241 50.17 13.28 -17.46
CA TYR B 241 49.62 12.30 -16.54
C TYR B 241 48.37 11.68 -17.14
N VAL B 242 48.20 10.38 -16.92
CA VAL B 242 47.05 9.64 -17.45
C VAL B 242 46.37 8.94 -16.27
N GLY B 243 45.09 9.24 -16.07
CA GLY B 243 44.29 8.62 -15.05
C GLY B 243 43.25 7.68 -15.62
N TYR B 244 42.28 7.32 -14.78
CA TYR B 244 41.19 6.45 -15.19
C TYR B 244 39.95 6.78 -14.38
N LEU B 245 38.79 6.40 -14.93
CA LEU B 245 37.50 6.73 -14.34
C LEU B 245 36.74 5.46 -14.03
N GLN B 246 36.03 5.48 -12.90
CA GLN B 246 35.19 4.36 -12.47
C GLN B 246 33.86 4.94 -11.99
N PRO B 247 32.80 4.14 -11.99
CA PRO B 247 31.49 4.66 -11.55
C PRO B 247 31.43 4.86 -10.05
N ARG B 248 31.97 5.97 -9.58
CA ARG B 248 31.99 6.31 -8.17
C ARG B 248 31.11 7.54 -7.93
N THR B 249 30.21 7.44 -6.97
CA THR B 249 29.27 8.53 -6.70
C THR B 249 29.98 9.68 -5.99
N PHE B 250 29.78 10.88 -6.50
CA PHE B 250 30.36 12.10 -5.93
C PHE B 250 29.26 13.06 -5.52
N LEU B 251 29.63 14.03 -4.68
CA LEU B 251 28.76 15.12 -4.28
C LEU B 251 29.37 16.42 -4.77
N LEU B 252 28.58 17.23 -5.45
CA LEU B 252 29.03 18.47 -6.06
C LEU B 252 28.38 19.66 -5.39
N LYS B 253 29.18 20.70 -5.15
CA LYS B 253 28.71 21.94 -4.55
C LYS B 253 28.64 23.03 -5.63
N TYR B 254 27.50 23.70 -5.72
CA TYR B 254 27.27 24.76 -6.69
C TYR B 254 27.14 26.09 -5.96
N ASN B 255 27.80 27.12 -6.47
CA ASN B 255 27.76 28.44 -5.88
C ASN B 255 26.60 29.23 -6.51
N GLU B 256 26.54 30.53 -6.20
CA GLU B 256 25.48 31.36 -6.76
C GLU B 256 25.56 31.45 -8.27
N ASN B 257 26.77 31.35 -8.82
CA ASN B 257 26.97 31.42 -10.26
C ASN B 257 26.91 30.06 -10.95
N GLY B 258 26.58 29.00 -10.21
CA GLY B 258 26.52 27.68 -10.79
C GLY B 258 27.86 27.14 -11.24
N THR B 259 28.91 27.37 -10.45
CA THR B 259 30.24 26.85 -10.73
C THR B 259 30.63 25.87 -9.63
N ILE B 260 31.11 24.70 -10.05
CA ILE B 260 31.50 23.67 -9.08
C ILE B 260 32.78 24.12 -8.40
N THR B 261 32.65 24.54 -7.14
CA THR B 261 33.81 25.01 -6.37
C THR B 261 34.41 23.93 -5.49
N ASP B 262 33.62 22.96 -5.05
CA ASP B 262 34.12 21.92 -4.18
C ASP B 262 33.31 20.65 -4.39
N ALA B 263 33.91 19.51 -4.04
CA ALA B 263 33.26 18.23 -4.15
C ALA B 263 33.94 17.26 -3.20
N VAL B 264 33.25 16.17 -2.89
CA VAL B 264 33.76 15.14 -1.99
C VAL B 264 33.49 13.76 -2.60
N ASP B 265 34.29 12.79 -2.18
CA ASP B 265 34.15 11.41 -2.63
C ASP B 265 33.34 10.64 -1.59
N CYS B 266 32.33 9.92 -2.05
CA CYS B 266 31.41 9.22 -1.17
C CYS B 266 31.91 7.85 -0.74
N ALA B 267 33.08 7.43 -1.22
CA ALA B 267 33.62 6.12 -0.86
C ALA B 267 35.11 6.19 -0.58
N LEU B 268 35.59 7.31 -0.04
CA LEU B 268 37.01 7.51 0.24
C LEU B 268 37.33 7.24 1.70
N ASP B 269 36.69 7.96 2.61
CA ASP B 269 36.90 7.80 4.04
C ASP B 269 35.58 7.99 4.76
N PRO B 270 35.46 7.51 6.00
CA PRO B 270 34.19 7.70 6.73
C PRO B 270 33.81 9.15 6.88
N LEU B 271 34.77 10.06 7.02
CA LEU B 271 34.44 11.47 7.16
C LEU B 271 33.67 11.98 5.94
N SER B 272 34.14 11.62 4.74
CA SER B 272 33.43 11.97 3.53
C SER B 272 32.21 11.10 3.30
N GLU B 273 32.18 9.90 3.90
CA GLU B 273 31.01 9.04 3.75
C GLU B 273 29.77 9.68 4.34
N THR B 274 29.90 10.30 5.51
CA THR B 274 28.75 10.94 6.14
C THR B 274 28.31 12.18 5.39
N LYS B 275 29.26 12.90 4.77
CA LYS B 275 28.89 14.13 4.06
C LYS B 275 27.93 13.84 2.92
N CYS B 276 28.19 12.78 2.15
CA CYS B 276 27.33 12.48 1.01
C CYS B 276 25.92 12.12 1.46
N THR B 277 25.81 11.28 2.49
CA THR B 277 24.49 10.85 2.93
C THR B 277 23.76 11.91 3.74
N LEU B 278 24.47 12.92 4.25
CA LEU B 278 23.84 14.06 4.90
C LEU B 278 23.60 15.22 3.93
N LYS B 279 24.05 15.12 2.69
CA LYS B 279 23.88 16.19 1.71
C LYS B 279 24.45 17.51 2.24
N SER B 280 25.58 17.43 2.92
CA SER B 280 26.23 18.62 3.46
C SER B 280 27.71 18.34 3.65
N PHE B 281 28.49 19.42 3.72
CA PHE B 281 29.92 19.32 3.96
C PHE B 281 30.25 19.44 5.44
N THR B 282 29.61 20.38 6.13
CA THR B 282 29.89 20.63 7.55
C THR B 282 28.98 19.76 8.39
N VAL B 283 29.43 18.55 8.70
CA VAL B 283 28.70 17.66 9.58
C VAL B 283 28.90 18.11 11.02
N GLU B 284 27.82 18.10 11.80
CA GLU B 284 27.86 18.58 13.17
C GLU B 284 28.35 17.49 14.11
N LYS B 285 28.70 17.90 15.32
CA LYS B 285 29.17 16.97 16.34
C LYS B 285 28.06 16.00 16.70
N GLY B 286 28.27 14.73 16.41
CA GLY B 286 27.28 13.72 16.73
C GLY B 286 27.65 12.38 16.13
N ILE B 287 26.71 11.45 16.23
CA ILE B 287 26.85 10.10 15.67
C ILE B 287 25.88 9.97 14.50
N TYR B 288 26.37 9.44 13.39
CA TYR B 288 25.58 9.27 12.19
C TYR B 288 25.77 7.87 11.64
N GLN B 289 24.67 7.19 11.35
CA GLN B 289 24.69 5.89 10.70
C GLN B 289 24.66 6.14 9.19
N THR B 290 25.75 5.79 8.51
CA THR B 290 25.95 6.21 7.13
C THR B 290 25.70 5.11 6.11
N SER B 291 26.00 3.86 6.43
CA SER B 291 25.85 2.77 5.47
C SER B 291 25.79 1.46 6.22
N ASN B 292 25.82 0.35 5.48
CA ASN B 292 25.75 -0.99 6.03
C ASN B 292 26.92 -1.81 5.48
N PHE B 293 26.96 -3.08 5.87
CA PHE B 293 28.05 -3.96 5.46
C PHE B 293 27.60 -5.40 5.62
N ARG B 294 28.39 -6.32 5.08
CA ARG B 294 28.12 -7.74 5.18
C ARG B 294 29.42 -8.50 4.91
N VAL B 295 29.34 -9.82 4.92
CA VAL B 295 30.46 -10.69 4.60
C VAL B 295 30.03 -11.64 3.49
N GLN B 296 30.84 -11.71 2.44
CA GLN B 296 30.46 -12.52 1.29
C GLN B 296 30.94 -13.96 1.44
N PRO B 297 30.28 -14.92 0.78
CA PRO B 297 30.77 -16.29 0.80
C PRO B 297 32.06 -16.43 0.04
N THR B 298 32.83 -17.46 0.41
CA THR B 298 34.16 -17.68 -0.16
C THR B 298 34.25 -18.97 -0.96
N GLU B 299 33.84 -20.10 -0.38
CA GLU B 299 34.05 -21.41 -1.00
C GLU B 299 32.80 -21.94 -1.72
N SER B 300 31.61 -21.73 -1.15
CA SER B 300 30.37 -22.27 -1.71
C SER B 300 30.45 -23.79 -1.83
N ILE B 301 30.60 -24.43 -0.67
CA ILE B 301 30.73 -25.89 -0.64
C ILE B 301 29.40 -26.54 -1.01
N VAL B 302 29.49 -27.75 -1.55
CA VAL B 302 28.33 -28.56 -1.90
C VAL B 302 28.54 -29.94 -1.30
N ARG B 303 27.52 -30.47 -0.63
CA ARG B 303 27.61 -31.75 0.07
C ARG B 303 26.54 -32.70 -0.46
N PHE B 304 26.79 -34.01 -0.38
CA PHE B 304 25.81 -35.03 -0.78
C PHE B 304 26.10 -36.34 -0.06
N PRO B 305 25.32 -37.39 -0.35
CA PRO B 305 25.39 -38.73 0.25
C PRO B 305 26.73 -39.46 0.05
N ASN B 306 27.20 -40.11 1.11
CA ASN B 306 28.49 -40.79 1.13
C ASN B 306 28.64 -41.91 0.13
N ILE B 307 27.56 -42.66 -0.08
CA ILE B 307 27.58 -43.81 -0.99
C ILE B 307 27.65 -43.47 -2.48
N THR B 308 26.49 -43.50 -3.14
CA THR B 308 26.39 -43.10 -4.54
C THR B 308 27.39 -43.82 -5.46
N ASN B 309 27.54 -45.14 -5.27
CA ASN B 309 28.47 -45.93 -6.09
C ASN B 309 27.94 -47.32 -6.46
N LEU B 310 26.62 -47.36 -6.67
CA LEU B 310 25.84 -48.53 -7.04
C LEU B 310 25.50 -48.52 -8.53
N CYS B 311 24.58 -49.40 -8.90
CA CYS B 311 23.97 -49.50 -10.21
C CYS B 311 25.01 -50.06 -11.18
N PRO B 312 25.52 -51.27 -10.95
CA PRO B 312 26.57 -51.80 -11.84
C PRO B 312 26.08 -51.89 -13.28
N PHE B 313 27.00 -51.63 -14.20
CA PHE B 313 26.71 -51.70 -15.63
C PHE B 313 27.59 -52.69 -16.38
N GLY B 314 28.60 -53.27 -15.73
CA GLY B 314 29.44 -54.25 -16.41
C GLY B 314 28.68 -55.48 -16.85
N GLU B 315 27.65 -55.86 -16.08
CA GLU B 315 26.82 -57.01 -16.43
C GLU B 315 26.04 -56.80 -17.71
N VAL B 316 25.93 -55.57 -18.19
CA VAL B 316 25.26 -55.28 -19.46
C VAL B 316 26.18 -54.63 -20.48
N PHE B 317 27.35 -54.14 -20.07
CA PHE B 317 28.34 -53.57 -20.97
C PHE B 317 29.51 -54.53 -21.22
N ASN B 318 30.04 -55.14 -20.17
CA ASN B 318 31.22 -56.00 -20.25
C ASN B 318 30.88 -57.47 -19.99
N ALA B 319 29.64 -57.88 -20.20
CA ALA B 319 29.27 -59.27 -20.00
C ALA B 319 29.86 -60.14 -21.11
N THR B 320 30.17 -61.39 -20.74
CA THR B 320 30.79 -62.30 -21.71
C THR B 320 29.87 -62.60 -22.88
N ARG B 321 28.59 -62.83 -22.60
CA ARG B 321 27.62 -63.26 -23.60
C ARG B 321 26.58 -62.17 -23.81
N PHE B 322 26.29 -61.87 -25.07
CA PHE B 322 25.23 -60.93 -25.44
C PHE B 322 24.28 -61.63 -26.42
N ALA B 323 23.01 -61.25 -26.33
CA ALA B 323 22.00 -61.81 -27.23
C ALA B 323 22.19 -61.27 -28.64
N SER B 324 21.48 -61.89 -29.58
CA SER B 324 21.55 -61.51 -30.98
C SER B 324 20.57 -60.37 -31.24
N VAL B 325 20.49 -59.93 -32.50
CA VAL B 325 19.57 -58.85 -32.85
C VAL B 325 18.13 -59.32 -32.87
N TYR B 326 17.89 -60.58 -33.25
CA TYR B 326 16.54 -61.11 -33.30
C TYR B 326 16.00 -61.47 -31.92
N ALA B 327 16.84 -61.52 -30.90
CA ALA B 327 16.44 -61.83 -29.53
C ALA B 327 17.03 -60.81 -28.56
N TRP B 328 16.99 -59.54 -28.93
CA TRP B 328 17.51 -58.49 -28.06
C TRP B 328 16.72 -58.45 -26.76
N ASN B 329 17.45 -58.39 -25.64
CA ASN B 329 16.84 -58.35 -24.32
C ASN B 329 16.56 -56.91 -23.91
N ARG B 330 15.58 -56.75 -23.01
CA ARG B 330 15.19 -55.44 -22.48
C ARG B 330 15.06 -55.58 -20.97
N LYS B 331 16.15 -55.30 -20.27
CA LYS B 331 16.17 -55.38 -18.81
C LYS B 331 15.86 -54.02 -18.21
N ARG B 332 15.01 -54.02 -17.19
CA ARG B 332 14.62 -52.79 -16.52
C ARG B 332 15.78 -52.26 -15.69
N ILE B 333 16.06 -50.96 -15.83
CA ILE B 333 17.06 -50.27 -15.02
C ILE B 333 16.37 -49.07 -14.38
N SER B 334 16.25 -49.09 -13.06
CA SER B 334 15.61 -48.00 -12.34
C SER B 334 16.06 -48.04 -10.89
N ASN B 335 15.90 -46.91 -10.22
CA ASN B 335 16.26 -46.78 -8.81
C ASN B 335 17.72 -47.19 -8.57
N CYS B 336 18.60 -46.85 -9.51
CA CYS B 336 20.02 -47.09 -9.30
C CYS B 336 20.77 -45.89 -9.87
N VAL B 337 21.90 -45.55 -9.25
CA VAL B 337 22.64 -44.34 -9.57
C VAL B 337 23.66 -44.67 -10.67
N ALA B 338 23.43 -44.13 -11.86
CA ALA B 338 24.27 -44.40 -13.02
C ALA B 338 25.24 -43.25 -13.23
N ASP B 339 26.51 -43.58 -13.45
CA ASP B 339 27.57 -42.60 -13.68
C ASP B 339 27.95 -42.63 -15.15
N TYR B 340 27.53 -41.61 -15.90
CA TYR B 340 27.79 -41.54 -17.33
C TYR B 340 29.15 -40.91 -17.66
N SER B 341 29.81 -40.28 -16.68
CA SER B 341 31.08 -39.63 -16.97
C SER B 341 32.14 -40.63 -17.40
N VAL B 342 32.19 -41.80 -16.73
CA VAL B 342 33.20 -42.79 -17.05
C VAL B 342 33.06 -43.31 -18.48
N LEU B 343 31.84 -43.23 -19.04
CA LEU B 343 31.65 -43.68 -20.42
C LEU B 343 32.33 -42.74 -21.41
N TYR B 344 32.35 -41.43 -21.11
CA TYR B 344 32.94 -40.48 -22.05
C TYR B 344 34.44 -40.74 -22.25
N ASN B 345 35.16 -41.01 -21.16
CA ASN B 345 36.60 -41.23 -21.22
C ASN B 345 36.96 -42.71 -21.33
N SER B 346 36.02 -43.53 -21.81
CA SER B 346 36.32 -44.95 -22.00
C SER B 346 37.38 -45.16 -23.08
N ALA B 347 37.40 -44.30 -24.10
CA ALA B 347 38.35 -44.40 -25.20
C ALA B 347 38.25 -45.73 -25.93
N SER B 348 37.04 -46.29 -25.99
CA SER B 348 36.79 -47.55 -26.68
C SER B 348 35.58 -47.53 -27.59
N PHE B 349 34.64 -46.61 -27.39
CA PHE B 349 33.45 -46.56 -28.23
C PHE B 349 33.78 -45.98 -29.61
N SER B 350 32.98 -46.37 -30.59
CA SER B 350 33.14 -45.92 -31.96
C SER B 350 31.94 -45.18 -32.51
N THR B 351 30.73 -45.49 -32.04
CA THR B 351 29.50 -44.87 -32.51
C THR B 351 28.72 -44.31 -31.32
N PHE B 352 29.42 -43.63 -30.42
CA PHE B 352 28.81 -43.03 -29.24
C PHE B 352 28.03 -41.79 -29.68
N LYS B 353 26.81 -42.02 -30.15
CA LYS B 353 25.94 -40.97 -30.65
C LYS B 353 24.71 -40.84 -29.75
N CYS B 354 24.35 -39.61 -29.42
CA CYS B 354 23.21 -39.31 -28.57
C CYS B 354 22.14 -38.62 -29.40
N TYR B 355 20.90 -39.11 -29.29
CA TYR B 355 19.77 -38.56 -30.02
C TYR B 355 18.77 -37.97 -29.03
N GLY B 356 18.43 -36.70 -29.21
CA GLY B 356 17.51 -36.03 -28.33
C GLY B 356 18.09 -35.59 -27.01
N VAL B 357 19.40 -35.75 -26.82
CA VAL B 357 20.05 -35.40 -25.56
C VAL B 357 21.53 -35.17 -25.83
N SER B 358 22.17 -34.37 -24.98
CA SER B 358 23.60 -34.11 -25.09
C SER B 358 24.33 -34.78 -23.93
N PRO B 359 25.60 -35.19 -24.13
CA PRO B 359 26.32 -35.86 -23.03
C PRO B 359 26.46 -35.00 -21.78
N THR B 360 26.55 -33.67 -21.94
CA THR B 360 26.75 -32.81 -20.79
C THR B 360 25.47 -32.68 -19.96
N LYS B 361 24.32 -32.54 -20.62
CA LYS B 361 23.08 -32.20 -19.94
C LYS B 361 22.31 -33.41 -19.44
N LEU B 362 22.78 -34.63 -19.68
CA LEU B 362 22.12 -35.82 -19.17
C LEU B 362 22.58 -36.19 -17.76
N ASN B 363 23.54 -35.46 -17.20
CA ASN B 363 24.03 -35.73 -15.85
C ASN B 363 23.32 -34.87 -14.81
N ASP B 364 23.27 -33.56 -15.03
CA ASP B 364 22.58 -32.68 -14.10
C ASP B 364 21.10 -33.03 -14.00
N LEU B 365 20.47 -33.29 -15.14
CA LEU B 365 19.09 -33.78 -15.19
C LEU B 365 19.06 -35.12 -15.90
N CYS B 366 18.14 -35.98 -15.47
CA CYS B 366 18.04 -37.33 -16.00
C CYS B 366 16.58 -37.76 -15.95
N PHE B 367 16.29 -38.86 -16.63
CA PHE B 367 14.93 -39.37 -16.72
C PHE B 367 14.92 -40.84 -16.31
N THR B 368 13.75 -41.30 -15.86
CA THR B 368 13.58 -42.70 -15.48
C THR B 368 13.40 -43.54 -16.74
N ASN B 369 12.99 -44.80 -16.57
CA ASN B 369 12.73 -45.71 -17.69
C ASN B 369 14.00 -45.88 -18.54
N VAL B 370 14.97 -46.54 -17.91
CA VAL B 370 16.33 -46.63 -18.45
C VAL B 370 16.52 -48.02 -19.06
N TYR B 371 15.44 -48.59 -19.60
CA TYR B 371 15.52 -49.88 -20.29
C TYR B 371 16.70 -49.90 -21.24
N ALA B 372 17.49 -50.98 -21.16
CA ALA B 372 18.69 -51.14 -21.98
C ALA B 372 18.50 -52.31 -22.93
N ASP B 373 18.87 -52.11 -24.19
CA ASP B 373 18.81 -53.15 -25.21
C ASP B 373 20.23 -53.49 -25.66
N SER B 374 20.56 -54.77 -25.61
CA SER B 374 21.87 -55.27 -26.00
C SER B 374 21.72 -56.30 -27.11
N PHE B 375 22.49 -56.12 -28.18
CA PHE B 375 22.46 -57.06 -29.31
C PHE B 375 23.73 -56.88 -30.11
N VAL B 376 23.97 -57.83 -31.02
CA VAL B 376 25.17 -57.85 -31.85
C VAL B 376 24.80 -57.35 -33.24
N ILE B 377 25.56 -56.39 -33.74
CA ILE B 377 25.34 -55.80 -35.06
C ILE B 377 26.67 -55.73 -35.78
N ARG B 378 26.68 -56.10 -37.06
CA ARG B 378 27.88 -56.02 -37.86
C ARG B 378 28.26 -54.56 -38.11
N GLY B 379 29.55 -54.35 -38.39
CA GLY B 379 30.05 -52.99 -38.53
C GLY B 379 29.39 -52.22 -39.65
N ASP B 380 29.17 -52.88 -40.79
CA ASP B 380 28.64 -52.18 -41.97
C ASP B 380 27.23 -51.65 -41.73
N GLU B 381 26.43 -52.35 -40.91
CA GLU B 381 25.03 -52.00 -40.70
C GLU B 381 24.78 -51.37 -39.34
N VAL B 382 25.81 -50.76 -38.73
CA VAL B 382 25.62 -50.08 -37.46
C VAL B 382 24.72 -48.86 -37.63
N ARG B 383 24.88 -48.14 -38.76
CA ARG B 383 24.13 -46.91 -38.97
C ARG B 383 22.62 -47.17 -39.08
N GLN B 384 22.22 -48.41 -39.36
CA GLN B 384 20.79 -48.70 -39.47
C GLN B 384 20.05 -48.42 -38.17
N ILE B 385 20.75 -48.51 -37.04
CA ILE B 385 20.12 -48.29 -35.74
C ILE B 385 20.11 -46.80 -35.43
N ALA B 386 19.04 -46.11 -35.83
CA ALA B 386 18.89 -44.69 -35.57
C ALA B 386 17.42 -44.33 -35.72
N PRO B 387 16.94 -43.32 -35.01
CA PRO B 387 15.52 -42.93 -35.16
C PRO B 387 15.24 -42.44 -36.58
N GLY B 388 14.12 -42.88 -37.13
CA GLY B 388 13.75 -42.50 -38.47
C GLY B 388 14.57 -43.15 -39.57
N GLN B 389 15.40 -44.13 -39.23
CA GLN B 389 16.27 -44.80 -40.20
C GLN B 389 15.69 -46.18 -40.50
N THR B 390 15.51 -46.46 -41.78
CA THR B 390 14.96 -47.73 -42.25
C THR B 390 16.05 -48.54 -42.97
N GLY B 391 15.69 -49.78 -43.30
CA GLY B 391 16.61 -50.67 -43.99
C GLY B 391 16.19 -52.12 -43.88
N LYS B 392 17.15 -53.01 -43.63
CA LYS B 392 16.87 -54.43 -43.45
C LYS B 392 16.83 -54.80 -41.98
N ILE B 393 17.91 -54.53 -41.25
CA ILE B 393 17.93 -54.83 -39.82
C ILE B 393 17.01 -53.89 -39.07
N ALA B 394 17.00 -52.60 -39.46
CA ALA B 394 16.16 -51.63 -38.78
C ALA B 394 14.67 -51.86 -39.05
N ASP B 395 14.33 -52.69 -40.04
CA ASP B 395 12.95 -52.91 -40.43
C ASP B 395 12.38 -54.25 -39.97
N TYR B 396 13.22 -55.29 -39.89
CA TYR B 396 12.76 -56.62 -39.55
C TYR B 396 13.27 -57.14 -38.22
N ASN B 397 14.28 -56.50 -37.62
CA ASN B 397 14.88 -56.99 -36.38
C ASN B 397 14.70 -56.05 -35.22
N TYR B 398 15.04 -54.77 -35.38
CA TYR B 398 14.95 -53.81 -34.28
C TYR B 398 14.76 -52.42 -34.87
N LYS B 399 13.57 -51.85 -34.68
CA LYS B 399 13.22 -50.54 -35.21
C LYS B 399 13.19 -49.52 -34.08
N LEU B 400 13.88 -48.40 -34.27
CA LEU B 400 13.91 -47.33 -33.28
C LEU B 400 12.79 -46.34 -33.57
N PRO B 401 11.90 -46.06 -32.63
CA PRO B 401 10.83 -45.08 -32.91
C PRO B 401 11.37 -43.67 -33.02
N ASP B 402 10.59 -42.82 -33.71
CA ASP B 402 10.96 -41.43 -33.86
C ASP B 402 10.95 -40.72 -32.50
N ASP B 403 11.78 -39.69 -32.40
CA ASP B 403 11.93 -38.93 -31.16
C ASP B 403 12.44 -39.83 -30.03
N PHE B 404 13.57 -40.47 -30.29
CA PHE B 404 14.20 -41.39 -29.33
C PHE B 404 15.17 -40.59 -28.47
N THR B 405 14.76 -40.28 -27.24
CA THR B 405 15.60 -39.53 -26.31
C THR B 405 16.55 -40.53 -25.63
N GLY B 406 17.59 -40.89 -26.36
CA GLY B 406 18.58 -41.82 -25.85
C GLY B 406 19.84 -41.76 -26.68
N CYS B 407 20.78 -42.63 -26.33
CA CYS B 407 22.07 -42.69 -26.99
C CYS B 407 22.38 -44.12 -27.40
N VAL B 408 23.23 -44.25 -28.42
CA VAL B 408 23.67 -45.54 -28.92
C VAL B 408 25.18 -45.63 -28.73
N ILE B 409 25.64 -46.72 -28.12
CA ILE B 409 27.05 -46.93 -27.82
C ILE B 409 27.47 -48.22 -28.51
N ALA B 410 28.52 -48.15 -29.33
CA ALA B 410 29.03 -49.31 -30.03
C ALA B 410 30.56 -49.30 -29.97
N TRP B 411 31.14 -50.50 -29.93
CA TRP B 411 32.58 -50.65 -29.92
C TRP B 411 32.93 -51.97 -30.58
N ASN B 412 34.15 -52.04 -31.12
CA ASN B 412 34.59 -53.25 -31.79
C ASN B 412 34.80 -54.38 -30.79
N SER B 413 34.52 -55.60 -31.25
CA SER B 413 34.67 -56.80 -30.44
C SER B 413 35.34 -57.90 -31.24
N ASN B 414 36.37 -57.53 -32.02
CA ASN B 414 37.07 -58.51 -32.85
C ASN B 414 37.76 -59.56 -31.99
N ASN B 415 38.38 -59.15 -30.89
CA ASN B 415 39.19 -60.04 -30.08
C ASN B 415 38.36 -61.03 -29.26
N LEU B 416 37.06 -60.80 -29.11
CA LEU B 416 36.22 -61.72 -28.33
C LEU B 416 34.99 -62.20 -29.09
N ASP B 417 34.36 -61.34 -29.89
CA ASP B 417 33.18 -61.74 -30.66
C ASP B 417 33.56 -62.22 -32.06
N SER B 418 34.48 -63.18 -32.11
CA SER B 418 34.90 -63.78 -33.37
C SER B 418 35.65 -65.07 -33.08
N LYS B 419 35.62 -65.99 -34.03
CA LYS B 419 36.32 -67.26 -33.88
C LYS B 419 36.74 -67.75 -35.26
N VAL B 420 37.76 -68.61 -35.27
CA VAL B 420 38.25 -69.16 -36.53
C VAL B 420 37.17 -70.02 -37.16
N GLY B 421 37.03 -69.88 -38.48
CA GLY B 421 36.03 -70.62 -39.22
C GLY B 421 34.67 -69.96 -39.28
N GLY B 422 34.49 -68.81 -38.63
CA GLY B 422 33.22 -68.10 -38.67
C GLY B 422 32.41 -68.30 -37.41
N ASN B 423 31.99 -67.19 -36.80
CA ASN B 423 31.19 -67.23 -35.58
C ASN B 423 29.72 -67.35 -35.98
N TYR B 424 29.26 -68.58 -36.14
CA TYR B 424 27.87 -68.86 -36.49
C TYR B 424 27.01 -69.07 -35.25
N ASN B 425 27.08 -68.11 -34.32
CA ASN B 425 26.31 -68.15 -33.09
C ASN B 425 25.28 -67.04 -32.98
N TYR B 426 25.38 -66.00 -33.82
CA TYR B 426 24.45 -64.88 -33.82
C TYR B 426 23.56 -64.96 -35.04
N LEU B 427 22.26 -64.88 -34.83
CA LEU B 427 21.27 -64.99 -35.89
C LEU B 427 20.50 -63.69 -36.02
N TYR B 428 19.79 -63.55 -37.14
CA TYR B 428 19.01 -62.35 -37.40
C TYR B 428 17.82 -62.72 -38.27
N ARG B 429 16.81 -61.85 -38.26
CA ARG B 429 15.62 -62.03 -39.08
C ARG B 429 15.84 -61.35 -40.42
N LEU B 430 15.83 -62.14 -41.49
CA LEU B 430 16.08 -61.64 -42.84
C LEU B 430 14.80 -61.30 -43.59
N PHE B 431 13.71 -62.00 -43.33
CA PHE B 431 12.44 -61.77 -44.00
C PHE B 431 11.33 -61.67 -42.96
N ARG B 432 10.34 -60.82 -43.23
CA ARG B 432 9.17 -60.69 -42.37
C ARG B 432 7.98 -60.26 -43.23
N LYS B 433 6.80 -60.76 -42.87
CA LYS B 433 5.60 -60.41 -43.62
C LYS B 433 5.27 -58.93 -43.47
N SER B 434 5.45 -58.38 -42.27
CA SER B 434 5.13 -56.99 -41.98
C SER B 434 6.27 -56.33 -41.23
N ASN B 435 6.38 -55.02 -41.38
CA ASN B 435 7.42 -54.27 -40.70
C ASN B 435 7.23 -54.32 -39.18
N LEU B 436 8.35 -54.36 -38.46
CA LEU B 436 8.31 -54.48 -37.02
C LEU B 436 7.91 -53.17 -36.36
N LYS B 437 7.00 -53.26 -35.38
CA LYS B 437 6.65 -52.09 -34.59
C LYS B 437 7.83 -51.70 -33.70
N PRO B 438 8.16 -50.40 -33.60
CA PRO B 438 9.35 -50.01 -32.84
C PRO B 438 9.30 -50.49 -31.40
N PHE B 439 10.46 -50.96 -30.91
CA PHE B 439 10.58 -51.55 -29.58
C PHE B 439 9.68 -52.77 -29.44
N GLU B 440 9.90 -53.74 -30.32
CA GLU B 440 9.20 -55.02 -30.29
C GLU B 440 10.19 -56.13 -30.58
N ARG B 441 10.09 -57.22 -29.85
CA ARG B 441 10.90 -58.41 -30.08
C ARG B 441 10.00 -59.52 -30.62
N ASP B 442 10.36 -60.05 -31.78
CA ASP B 442 9.56 -61.05 -32.49
C ASP B 442 10.31 -62.37 -32.47
N ILE B 443 10.01 -63.19 -31.46
CA ILE B 443 10.57 -64.53 -31.34
C ILE B 443 9.53 -65.50 -31.90
N SER B 444 9.74 -65.93 -33.14
CA SER B 444 8.81 -66.84 -33.79
C SER B 444 9.56 -67.64 -34.85
N THR B 445 9.10 -68.87 -35.08
CA THR B 445 9.69 -69.77 -36.05
C THR B 445 8.92 -69.77 -37.38
N GLU B 446 7.93 -68.89 -37.53
CA GLU B 446 7.19 -68.82 -38.77
C GLU B 446 8.12 -68.43 -39.91
N ILE B 447 7.95 -69.07 -41.06
CA ILE B 447 8.81 -68.84 -42.20
C ILE B 447 8.13 -67.93 -43.20
N TYR B 448 8.92 -67.31 -44.08
CA TYR B 448 8.41 -66.32 -44.99
C TYR B 448 7.54 -66.96 -46.07
N GLN B 449 6.70 -66.13 -46.69
CA GLN B 449 5.80 -66.55 -47.77
C GLN B 449 6.06 -65.65 -48.97
N ALA B 450 6.97 -66.08 -49.85
CA ALA B 450 7.29 -65.29 -51.04
C ALA B 450 6.16 -65.35 -52.07
N GLY B 451 5.64 -66.55 -52.33
CA GLY B 451 4.61 -66.73 -53.33
C GLY B 451 3.23 -66.93 -52.74
N SER B 452 2.33 -67.53 -53.50
CA SER B 452 0.98 -67.82 -53.04
C SER B 452 0.81 -69.23 -52.48
N THR B 453 1.70 -70.15 -52.84
CA THR B 453 1.60 -71.52 -52.37
C THR B 453 2.07 -71.60 -50.93
N PRO B 454 1.24 -72.02 -49.98
CA PRO B 454 1.68 -72.04 -48.57
C PRO B 454 2.75 -73.09 -48.33
N CYS B 455 3.61 -72.81 -47.36
CA CYS B 455 4.65 -73.73 -46.94
C CYS B 455 4.19 -74.43 -45.66
N ASN B 456 4.23 -75.76 -45.68
CA ASN B 456 3.77 -76.58 -44.56
C ASN B 456 4.91 -77.04 -43.67
N GLY B 457 5.94 -76.21 -43.50
CA GLY B 457 7.09 -76.55 -42.71
C GLY B 457 8.24 -77.16 -43.50
N VAL B 458 8.01 -77.50 -44.76
CA VAL B 458 9.06 -78.04 -45.62
C VAL B 458 9.61 -76.91 -46.47
N GLU B 459 10.90 -76.66 -46.35
CA GLU B 459 11.52 -75.57 -47.10
C GLU B 459 11.47 -75.85 -48.60
N GLY B 460 11.17 -74.81 -49.37
CA GLY B 460 11.09 -74.94 -50.81
C GLY B 460 11.65 -73.73 -51.54
N PHE B 461 11.10 -73.43 -52.71
CA PHE B 461 11.56 -72.29 -53.51
C PHE B 461 10.93 -70.98 -53.07
N ASN B 462 9.94 -71.00 -52.17
CA ASN B 462 9.29 -69.77 -51.72
C ASN B 462 9.04 -69.76 -50.22
N CYS B 463 9.69 -70.64 -49.46
CA CYS B 463 9.56 -70.63 -48.01
C CYS B 463 10.54 -69.66 -47.36
N TYR B 464 11.83 -69.77 -47.69
CA TYR B 464 12.84 -68.79 -47.31
C TYR B 464 12.89 -68.60 -45.79
N PHE B 465 13.36 -69.67 -45.13
CA PHE B 465 13.55 -69.68 -43.69
C PHE B 465 14.26 -68.40 -43.25
N PRO B 466 13.58 -67.46 -42.60
CA PRO B 466 14.21 -66.14 -42.33
C PRO B 466 15.45 -66.22 -41.48
N LEU B 467 15.49 -67.11 -40.49
CA LEU B 467 16.58 -67.11 -39.52
C LEU B 467 17.86 -67.59 -40.19
N GLN B 468 18.86 -66.72 -40.26
CA GLN B 468 20.17 -67.03 -40.81
C GLN B 468 21.25 -66.60 -39.82
N SER B 469 22.35 -67.36 -39.79
CA SER B 469 23.43 -67.13 -38.84
C SER B 469 24.48 -66.22 -39.45
N TYR B 470 25.00 -65.30 -38.64
CA TYR B 470 26.07 -64.42 -39.07
C TYR B 470 27.39 -65.17 -39.18
N GLY B 471 28.29 -64.62 -39.99
CA GLY B 471 29.63 -65.14 -40.11
C GLY B 471 30.67 -64.08 -39.76
N PHE B 472 31.39 -64.30 -38.66
CA PHE B 472 32.38 -63.33 -38.16
C PHE B 472 33.72 -64.05 -38.03
N GLN B 473 34.50 -64.07 -39.12
CA GLN B 473 35.83 -64.64 -39.08
C GLN B 473 36.84 -63.62 -38.56
N PRO B 474 37.94 -64.07 -37.96
CA PRO B 474 38.95 -63.12 -37.47
C PRO B 474 39.57 -62.28 -38.57
N THR B 475 39.57 -62.75 -39.81
CA THR B 475 40.18 -62.05 -40.93
C THR B 475 39.19 -61.20 -41.72
N ASN B 476 37.96 -61.05 -41.22
CA ASN B 476 36.97 -60.26 -41.92
C ASN B 476 37.39 -58.78 -41.95
N GLY B 477 36.81 -58.06 -42.90
CA GLY B 477 37.13 -56.65 -43.05
C GLY B 477 36.55 -55.81 -41.92
N VAL B 478 37.02 -54.57 -41.86
CA VAL B 478 36.58 -53.66 -40.80
C VAL B 478 35.08 -53.42 -40.89
N GLY B 479 34.55 -53.29 -42.11
CA GLY B 479 33.13 -53.08 -42.27
C GLY B 479 32.30 -54.27 -41.80
N TYR B 480 32.80 -55.48 -41.99
CA TYR B 480 32.09 -56.70 -41.61
C TYR B 480 32.41 -57.13 -40.19
N GLN B 481 33.25 -56.41 -39.47
CA GLN B 481 33.58 -56.80 -38.11
C GLN B 481 32.35 -56.66 -37.21
N PRO B 482 32.11 -57.62 -36.29
CA PRO B 482 30.97 -57.50 -35.38
C PRO B 482 31.27 -56.52 -34.26
N TYR B 483 30.61 -55.36 -34.30
CA TYR B 483 30.81 -54.32 -33.30
C TYR B 483 29.79 -54.51 -32.18
N ARG B 484 30.29 -54.67 -30.95
CA ARG B 484 29.42 -54.82 -29.80
C ARG B 484 28.70 -53.51 -29.53
N VAL B 485 27.36 -53.54 -29.61
CA VAL B 485 26.54 -52.34 -29.54
C VAL B 485 25.47 -52.53 -28.48
N VAL B 486 25.23 -51.48 -27.71
CA VAL B 486 24.14 -51.44 -26.72
C VAL B 486 23.35 -50.16 -26.94
N VAL B 487 22.08 -50.20 -26.55
CA VAL B 487 21.17 -49.07 -26.73
C VAL B 487 20.51 -48.76 -25.39
N LEU B 488 20.52 -47.49 -25.01
CA LEU B 488 19.88 -47.02 -23.79
C LEU B 488 18.75 -46.08 -24.15
N SER B 489 17.56 -46.35 -23.59
CA SER B 489 16.37 -45.55 -23.85
C SER B 489 15.95 -44.84 -22.57
N PHE B 490 15.60 -43.55 -22.70
CA PHE B 490 15.17 -42.74 -21.58
C PHE B 490 13.84 -42.10 -21.91
N GLU B 491 12.88 -42.23 -20.99
CA GLU B 491 11.57 -41.59 -21.15
C GLU B 491 11.00 -41.34 -19.77
N LEU B 492 10.01 -40.44 -19.71
CA LEU B 492 9.41 -39.99 -18.45
C LEU B 492 7.90 -40.23 -18.50
N ALA B 495 5.53 -42.53 -13.64
CA ALA B 495 6.29 -43.01 -12.49
C ALA B 495 7.15 -41.88 -11.93
N PRO B 496 7.07 -41.57 -10.62
CA PRO B 496 7.91 -40.51 -10.07
C PRO B 496 9.27 -41.00 -9.59
N ALA B 497 10.03 -40.11 -8.96
CA ALA B 497 11.31 -40.45 -8.33
C ALA B 497 12.31 -41.01 -9.34
N THR B 498 12.67 -40.16 -10.31
CA THR B 498 13.77 -40.48 -11.20
C THR B 498 15.09 -40.41 -10.44
N VAL B 499 16.06 -41.21 -10.89
CA VAL B 499 17.35 -41.34 -10.23
C VAL B 499 18.45 -40.95 -11.21
N CYS B 500 19.33 -40.03 -10.81
CA CYS B 500 20.37 -39.54 -11.72
C CYS B 500 21.81 -39.90 -11.44
N GLY B 501 22.71 -39.05 -11.93
CA GLY B 501 24.14 -39.19 -11.75
C GLY B 501 24.53 -38.85 -10.33
N PRO B 502 25.68 -39.38 -9.88
CA PRO B 502 26.12 -39.13 -8.50
C PRO B 502 26.38 -37.65 -8.25
N LYS B 503 26.03 -37.20 -7.05
CA LYS B 503 26.19 -35.81 -6.64
C LYS B 503 27.63 -35.37 -6.38
N LYS B 504 27.88 -34.07 -6.44
CA LYS B 504 29.23 -33.54 -6.26
C LYS B 504 29.87 -33.79 -4.90
N SER B 505 29.14 -33.59 -3.82
CA SER B 505 29.68 -33.87 -2.48
C SER B 505 31.05 -33.26 -2.13
N THR B 506 31.24 -31.95 -2.35
CA THR B 506 32.50 -31.30 -2.02
C THR B 506 32.78 -31.21 -0.51
N ASN B 507 34.02 -30.98 -0.12
CA ASN B 507 34.39 -30.89 1.30
C ASN B 507 33.78 -29.73 2.09
N LEU B 508 33.80 -29.78 3.43
CA LEU B 508 33.19 -28.67 4.13
C LEU B 508 34.24 -27.77 4.76
N VAL B 509 33.80 -26.60 5.21
CA VAL B 509 34.65 -25.62 5.87
C VAL B 509 33.89 -25.05 7.06
N LYS B 510 34.60 -24.82 8.16
CA LYS B 510 34.00 -24.39 9.41
C LYS B 510 34.44 -22.98 9.77
N ASN B 511 33.58 -22.28 10.52
CA ASN B 511 33.91 -20.97 11.07
C ASN B 511 34.23 -19.96 9.98
N LYS B 512 33.47 -20.00 8.89
CA LYS B 512 33.65 -19.05 7.81
C LYS B 512 32.30 -18.81 7.14
N CYS B 513 31.99 -17.55 6.84
CA CYS B 513 30.78 -17.24 6.09
C CYS B 513 30.92 -17.84 4.71
N VAL B 514 30.20 -18.93 4.46
CA VAL B 514 30.36 -19.71 3.24
C VAL B 514 28.99 -20.18 2.76
N ASN B 515 28.78 -20.11 1.46
CA ASN B 515 27.57 -20.69 0.87
C ASN B 515 27.62 -22.20 1.03
N PHE B 516 26.47 -22.80 1.29
CA PHE B 516 26.34 -24.24 1.42
C PHE B 516 25.19 -24.72 0.56
N ASN B 517 25.36 -25.89 -0.05
CA ASN B 517 24.32 -26.51 -0.87
C ASN B 517 24.27 -27.99 -0.51
N PHE B 518 23.39 -28.34 0.41
CA PHE B 518 23.21 -29.73 0.81
C PHE B 518 22.22 -30.40 -0.13
N ASN B 519 21.83 -31.64 0.19
CA ASN B 519 20.95 -32.42 -0.68
C ASN B 519 19.53 -31.86 -0.57
N GLY B 520 19.28 -30.81 -1.36
CA GLY B 520 17.95 -30.23 -1.44
C GLY B 520 17.87 -28.79 -0.98
N LEU B 521 18.59 -28.47 0.09
CA LEU B 521 18.58 -27.12 0.66
C LEU B 521 19.94 -26.47 0.51
N THR B 522 19.93 -25.15 0.46
CA THR B 522 21.14 -24.37 0.29
C THR B 522 20.96 -23.02 0.99
N GLY B 523 22.09 -22.37 1.28
CA GLY B 523 22.04 -21.08 1.94
C GLY B 523 23.43 -20.58 2.24
N THR B 524 23.48 -19.47 2.95
CA THR B 524 24.74 -18.83 3.34
C THR B 524 24.76 -18.65 4.85
N GLY B 525 25.86 -19.05 5.47
CA GLY B 525 25.99 -18.88 6.91
C GLY B 525 27.30 -19.49 7.39
N VAL B 526 27.56 -19.31 8.67
CA VAL B 526 28.75 -19.84 9.30
C VAL B 526 28.42 -21.21 9.89
N LEU B 527 29.29 -22.18 9.64
CA LEU B 527 29.11 -23.54 10.11
C LEU B 527 30.04 -23.80 11.29
N THR B 528 29.49 -24.36 12.36
CA THR B 528 30.25 -24.63 13.57
C THR B 528 29.65 -25.86 14.25
N GLU B 529 30.35 -26.35 15.27
CA GLU B 529 29.88 -27.50 16.03
C GLU B 529 28.60 -27.15 16.78
N SER B 530 27.82 -28.18 17.09
CA SER B 530 26.54 -28.01 17.75
C SER B 530 26.41 -29.01 18.89
N ASN B 531 25.62 -28.63 19.90
CA ASN B 531 25.36 -29.50 21.04
C ASN B 531 24.04 -30.25 20.92
N LYS B 532 23.08 -29.73 20.17
CA LYS B 532 21.80 -30.39 20.01
C LYS B 532 21.98 -31.71 19.26
N LYS B 533 21.08 -32.65 19.56
CA LYS B 533 21.12 -33.99 18.98
C LYS B 533 19.90 -34.20 18.09
N PHE B 534 20.14 -34.68 16.88
CA PHE B 534 19.09 -35.00 15.93
C PHE B 534 18.74 -36.48 16.02
N LEU B 535 17.46 -36.79 15.81
CA LEU B 535 17.07 -38.18 15.69
C LEU B 535 17.53 -38.71 14.33
N PRO B 536 17.66 -40.04 14.19
CA PRO B 536 18.33 -40.58 13.00
C PRO B 536 17.59 -40.35 11.68
N PHE B 537 16.42 -39.72 11.69
CA PHE B 537 15.62 -39.59 10.48
C PHE B 537 15.40 -38.14 10.04
N GLN B 538 16.05 -37.17 10.69
CA GLN B 538 15.99 -35.80 10.22
C GLN B 538 17.15 -35.50 9.28
N GLN B 539 17.02 -34.40 8.55
CA GLN B 539 18.08 -33.89 7.68
C GLN B 539 18.56 -32.51 8.09
N PHE B 540 17.64 -31.60 8.40
CA PHE B 540 17.97 -30.26 8.85
C PHE B 540 16.97 -29.85 9.91
N GLY B 541 17.20 -28.68 10.51
CA GLY B 541 16.35 -28.21 11.58
C GLY B 541 16.15 -26.72 11.51
N ARG B 542 15.00 -26.28 12.00
CA ARG B 542 14.65 -24.87 12.07
C ARG B 542 14.08 -24.57 13.44
N ASP B 543 14.19 -23.31 13.87
CA ASP B 543 13.81 -22.90 15.21
C ASP B 543 12.56 -22.04 15.25
N ILE B 544 12.53 -20.94 14.53
CA ILE B 544 11.41 -20.00 14.60
C ILE B 544 11.24 -19.36 13.22
N ALA B 545 9.99 -19.16 12.81
CA ALA B 545 9.67 -18.43 11.59
C ALA B 545 10.36 -19.05 10.37
N ASP B 546 10.39 -20.38 10.34
CA ASP B 546 10.93 -21.11 9.20
C ASP B 546 12.39 -20.72 8.91
N THR B 547 13.17 -20.55 9.98
CA THR B 547 14.57 -20.18 9.88
C THR B 547 15.41 -21.42 10.15
N THR B 548 16.07 -21.94 9.11
CA THR B 548 16.93 -23.09 9.28
C THR B 548 18.17 -22.69 10.06
N ASP B 549 18.53 -23.49 11.05
CA ASP B 549 19.69 -23.22 11.90
C ASP B 549 20.61 -24.41 12.10
N ALA B 550 20.13 -25.64 11.94
CA ALA B 550 20.94 -26.83 12.12
C ALA B 550 20.74 -27.77 10.94
N VAL B 551 21.84 -28.21 10.35
CA VAL B 551 21.80 -29.11 9.21
C VAL B 551 22.75 -30.26 9.48
N ARG B 552 22.28 -31.48 9.26
CA ARG B 552 23.08 -32.69 9.43
C ARG B 552 23.55 -33.13 8.04
N ASP B 553 24.83 -32.96 7.77
CA ASP B 553 25.36 -33.31 6.45
C ASP B 553 25.25 -34.81 6.23
N PRO B 554 24.63 -35.27 5.14
CA PRO B 554 24.50 -36.71 4.93
C PRO B 554 25.84 -37.43 4.81
N GLN B 555 26.86 -36.76 4.27
CA GLN B 555 28.14 -37.41 4.07
C GLN B 555 28.79 -37.82 5.39
N THR B 556 28.73 -36.95 6.40
CA THR B 556 29.38 -37.20 7.67
C THR B 556 28.43 -37.70 8.76
N LEU B 557 27.12 -37.53 8.57
CA LEU B 557 26.14 -37.90 9.59
C LEU B 557 26.43 -37.19 10.91
N GLU B 558 26.83 -35.92 10.81
CA GLU B 558 27.15 -35.10 11.96
C GLU B 558 26.30 -33.84 11.92
N ILE B 559 25.98 -33.33 13.10
CA ILE B 559 25.08 -32.18 13.26
C ILE B 559 25.91 -30.93 13.48
N LEU B 560 25.58 -29.86 12.76
CA LEU B 560 26.31 -28.61 12.82
C LEU B 560 25.35 -27.44 12.99
N ASP B 561 25.81 -26.41 13.65
CA ASP B 561 25.04 -25.18 13.82
C ASP B 561 25.28 -24.25 12.64
N ILE B 562 24.22 -23.58 12.20
CA ILE B 562 24.26 -22.63 11.10
C ILE B 562 23.74 -21.29 11.60
N THR B 563 24.54 -20.24 11.40
CA THR B 563 24.16 -18.89 11.77
C THR B 563 24.54 -17.93 10.66
N PRO B 564 23.70 -16.95 10.34
CA PRO B 564 24.12 -15.93 9.37
C PRO B 564 25.35 -15.22 9.87
N CYS B 565 26.26 -14.91 8.94
CA CYS B 565 27.51 -14.28 9.33
C CYS B 565 27.28 -12.79 9.62
N SER B 566 28.31 -12.16 10.17
CA SER B 566 28.16 -10.81 10.71
C SER B 566 27.68 -9.83 9.63
N PHE B 567 26.74 -8.99 10.01
CA PHE B 567 26.28 -7.90 9.16
C PHE B 567 25.62 -6.86 10.07
N GLY B 568 25.29 -5.72 9.48
CA GLY B 568 24.63 -4.66 10.21
C GLY B 568 24.98 -3.31 9.64
N GLY B 569 24.71 -2.28 10.42
CA GLY B 569 24.91 -0.91 10.00
C GLY B 569 26.19 -0.34 10.60
N VAL B 570 26.99 0.30 9.76
CA VAL B 570 28.22 0.95 10.19
C VAL B 570 27.92 2.42 10.44
N SER B 571 28.38 2.92 11.59
CA SER B 571 28.17 4.30 11.99
C SER B 571 29.51 4.98 12.16
N VAL B 572 29.52 6.30 11.94
CA VAL B 572 30.73 7.10 11.99
C VAL B 572 30.62 8.08 13.16
N ILE B 573 31.64 8.11 14.00
CA ILE B 573 31.71 9.02 15.14
C ILE B 573 32.58 10.20 14.74
N THR B 574 32.03 11.41 14.87
CA THR B 574 32.77 12.63 14.55
C THR B 574 32.55 13.65 15.64
N PRO B 575 33.52 14.52 15.91
CA PRO B 575 33.34 15.58 16.89
C PRO B 575 32.88 16.92 16.32
N GLY B 576 32.59 16.99 15.02
CA GLY B 576 32.25 18.24 14.37
C GLY B 576 33.26 18.60 13.30
N THR B 577 32.77 19.07 12.15
CA THR B 577 33.67 19.34 11.03
C THR B 577 34.68 20.42 11.38
N ASN B 578 34.21 21.51 11.99
CA ASN B 578 35.11 22.61 12.35
C ASN B 578 35.96 22.27 13.56
N THR B 579 35.41 21.51 14.51
CA THR B 579 36.15 21.18 15.73
C THR B 579 37.39 20.37 15.40
N SER B 580 37.27 19.39 14.51
CA SER B 580 38.39 18.53 14.14
C SER B 580 38.02 17.81 12.85
N ASN B 581 38.85 16.86 12.45
CA ASN B 581 38.65 16.12 11.21
C ASN B 581 38.65 14.60 11.42
N GLN B 582 39.47 14.09 12.33
CA GLN B 582 39.54 12.65 12.54
C GLN B 582 38.19 12.12 13.02
N VAL B 583 37.85 10.93 12.55
CA VAL B 583 36.59 10.27 12.90
C VAL B 583 36.89 8.82 13.26
N ALA B 584 35.97 8.22 14.01
CA ALA B 584 36.08 6.85 14.46
C ALA B 584 34.92 6.03 13.90
N VAL B 585 35.24 4.92 13.27
CA VAL B 585 34.24 4.04 12.66
C VAL B 585 33.64 3.16 13.75
N LEU B 586 32.34 2.94 13.69
CA LEU B 586 31.61 2.12 14.65
C LEU B 586 30.90 1.00 13.91
N TYR B 587 31.14 -0.23 14.36
CA TYR B 587 30.44 -1.40 13.86
C TYR B 587 29.52 -1.94 14.95
N GLN B 588 28.32 -2.36 14.57
CA GLN B 588 27.27 -2.70 15.52
C GLN B 588 27.12 -4.21 15.60
N ASP B 589 27.28 -4.75 16.80
CA ASP B 589 27.00 -6.16 17.10
C ASP B 589 27.72 -7.09 16.13
N VAL B 590 29.04 -6.97 16.11
CA VAL B 590 29.89 -7.82 15.29
C VAL B 590 31.13 -8.20 16.09
N ASN B 591 31.46 -9.48 16.10
CA ASN B 591 32.73 -9.92 16.67
C ASN B 591 33.86 -9.28 15.89
N CYS B 592 34.73 -8.55 16.59
CA CYS B 592 35.69 -7.67 15.93
C CYS B 592 36.94 -8.47 15.54
N THR B 593 36.74 -9.36 14.58
CA THR B 593 37.84 -10.15 14.03
C THR B 593 37.78 -10.28 12.52
N GLU B 594 36.76 -9.74 11.85
CA GLU B 594 36.64 -9.86 10.41
C GLU B 594 36.14 -8.57 9.76
N VAL B 595 35.98 -7.50 10.52
CA VAL B 595 35.36 -6.28 9.97
C VAL B 595 36.18 -5.68 8.83
N PRO B 596 37.51 -5.54 8.93
CA PRO B 596 38.22 -4.63 8.01
C PRO B 596 38.48 -5.21 6.63
N ASN B 616 43.90 1.38 16.13
CA ASN B 616 43.38 1.07 17.46
C ASN B 616 41.98 0.48 17.34
N VAL B 617 41.78 -0.67 17.96
CA VAL B 617 40.50 -1.37 17.95
C VAL B 617 40.09 -1.67 19.37
N PHE B 618 38.86 -1.28 19.73
CA PHE B 618 38.32 -1.51 21.06
C PHE B 618 36.96 -2.16 20.93
N GLN B 619 36.76 -3.27 21.65
CA GLN B 619 35.53 -4.04 21.59
C GLN B 619 34.61 -3.62 22.72
N THR B 620 33.33 -3.44 22.41
CA THR B 620 32.32 -3.02 23.38
C THR B 620 31.07 -3.87 23.19
N ARG B 621 30.13 -3.71 24.13
CA ARG B 621 28.89 -4.48 24.08
C ARG B 621 28.09 -4.19 22.82
N ALA B 622 28.23 -2.99 22.26
CA ALA B 622 27.54 -2.59 21.04
C ALA B 622 28.43 -2.72 19.82
N GLY B 623 29.30 -3.72 19.81
CA GLY B 623 30.26 -3.88 18.74
C GLY B 623 31.50 -3.04 18.98
N CYS B 624 32.51 -3.28 18.15
CA CYS B 624 33.78 -2.59 18.29
C CYS B 624 33.81 -1.33 17.43
N LEU B 625 34.60 -0.36 17.88
CA LEU B 625 34.78 0.90 17.19
C LEU B 625 36.26 1.11 16.90
N ILE B 626 36.57 1.62 15.72
CA ILE B 626 37.94 1.84 15.27
C ILE B 626 38.18 3.34 15.22
N GLY B 627 39.28 3.78 15.81
CA GLY B 627 39.66 5.18 15.84
C GLY B 627 39.56 5.83 17.20
N ALA B 628 39.28 5.07 18.26
CA ALA B 628 39.21 5.61 19.61
C ALA B 628 39.92 4.67 20.56
N GLU B 629 40.38 5.23 21.68
CA GLU B 629 41.09 4.47 22.70
C GLU B 629 40.24 4.43 23.97
N HIS B 630 40.12 3.24 24.56
CA HIS B 630 39.37 3.10 25.80
C HIS B 630 40.04 3.86 26.93
N VAL B 631 39.22 4.55 27.72
CA VAL B 631 39.69 5.33 28.85
C VAL B 631 39.03 4.80 30.11
N ASN B 632 39.84 4.44 31.11
CA ASN B 632 39.27 3.98 32.37
C ASN B 632 38.47 5.08 33.04
N ASN B 633 38.98 6.31 33.02
CA ASN B 633 38.26 7.43 33.63
C ASN B 633 36.95 7.67 32.90
N SER B 634 35.94 8.08 33.66
CA SER B 634 34.60 8.32 33.15
C SER B 634 34.30 9.81 33.17
N TYR B 635 33.73 10.31 32.07
CA TYR B 635 33.37 11.71 31.93
C TYR B 635 31.94 11.79 31.38
N GLU B 636 31.42 13.01 31.31
CA GLU B 636 30.06 13.22 30.84
C GLU B 636 29.95 12.83 29.36
N CYS B 637 28.76 12.39 28.98
CA CYS B 637 28.54 11.93 27.61
C CYS B 637 28.54 13.10 26.64
N ASP B 638 29.25 12.94 25.52
CA ASP B 638 29.23 13.90 24.43
C ASP B 638 28.61 13.30 23.18
N ILE B 639 29.13 12.18 22.71
CA ILE B 639 28.57 11.43 21.59
C ILE B 639 27.91 10.17 22.15
N PRO B 640 26.60 9.98 21.98
CA PRO B 640 25.96 8.75 22.47
C PRO B 640 26.12 7.62 21.47
N ILE B 641 26.91 6.61 21.84
CA ILE B 641 27.05 5.39 21.04
C ILE B 641 25.96 4.43 21.46
N GLY B 642 25.94 4.06 22.73
CA GLY B 642 24.97 3.11 23.25
C GLY B 642 25.61 2.08 24.16
N ALA B 643 24.79 1.32 24.87
CA ALA B 643 25.28 0.27 25.77
C ALA B 643 26.18 0.85 26.85
N GLY B 644 25.96 2.10 27.22
CA GLY B 644 26.67 2.69 28.34
C GLY B 644 28.05 3.21 28.03
N ILE B 645 28.34 3.55 26.77
CA ILE B 645 29.62 4.16 26.40
C ILE B 645 29.34 5.38 25.53
N CYS B 646 30.10 6.43 25.79
CA CYS B 646 30.00 7.68 25.04
C CYS B 646 31.39 8.12 24.62
N ALA B 647 31.47 8.81 23.49
CA ALA B 647 32.74 9.29 22.95
C ALA B 647 32.77 10.80 22.96
N SER B 648 33.97 11.36 23.02
CA SER B 648 34.18 12.80 23.02
C SER B 648 35.58 13.09 22.51
N TYR B 649 35.95 14.37 22.52
CA TYR B 649 37.25 14.82 22.06
C TYR B 649 38.13 15.15 23.26
N GLN B 650 39.32 14.58 23.28
CA GLN B 650 40.26 14.80 24.38
C GLN B 650 40.89 16.18 24.28
N SER B 666 42.16 13.84 20.63
CA SER B 666 41.80 12.61 19.95
C SER B 666 40.47 12.11 20.50
N ILE B 667 39.83 11.23 19.74
CA ILE B 667 38.56 10.65 20.13
C ILE B 667 38.81 9.61 21.20
N ILE B 668 38.06 9.69 22.31
CA ILE B 668 38.20 8.79 23.43
C ILE B 668 36.84 8.21 23.76
N ALA B 669 36.78 6.89 23.98
CA ALA B 669 35.57 6.20 24.39
C ALA B 669 35.69 5.84 25.87
N TYR B 670 34.66 6.19 26.64
CA TYR B 670 34.70 6.01 28.08
C TYR B 670 33.34 5.51 28.56
N THR B 671 33.34 4.90 29.74
CA THR B 671 32.11 4.44 30.34
C THR B 671 31.24 5.62 30.75
N MET B 672 29.93 5.40 30.75
CA MET B 672 28.98 6.44 31.10
C MET B 672 29.29 6.98 32.49
N SER B 673 29.34 8.30 32.62
CA SER B 673 29.44 8.96 33.92
C SER B 673 28.05 9.38 34.35
N LEU B 674 27.47 8.63 35.30
CA LEU B 674 26.11 8.91 35.73
C LEU B 674 26.00 10.30 36.35
N GLY B 675 26.96 10.70 37.15
CA GLY B 675 26.94 12.00 37.77
C GLY B 675 27.96 12.08 38.89
N ALA B 676 27.92 13.19 39.61
CA ALA B 676 28.84 13.45 40.71
C ALA B 676 28.31 12.76 41.96
N GLU B 677 28.83 11.57 42.24
CA GLU B 677 28.38 10.81 43.41
C GLU B 677 28.76 11.57 44.67
N ASN B 678 27.75 11.98 45.44
CA ASN B 678 27.96 12.67 46.70
C ASN B 678 27.10 12.02 47.78
N SER B 679 27.63 11.98 49.00
CA SER B 679 26.94 11.40 50.14
C SER B 679 26.34 12.52 50.97
N VAL B 680 25.02 12.52 51.10
CA VAL B 680 24.33 13.54 51.88
C VAL B 680 24.54 13.25 53.36
N ALA B 681 24.91 14.29 54.11
CA ALA B 681 25.19 14.16 55.53
C ALA B 681 23.87 14.01 56.28
N TYR B 682 23.31 12.80 56.19
CA TYR B 682 22.04 12.51 56.83
C TYR B 682 22.25 12.25 58.33
N SER B 683 21.32 12.74 59.14
CA SER B 683 21.33 12.47 60.57
C SER B 683 19.89 12.58 61.07
N ASN B 684 19.64 11.96 62.22
CA ASN B 684 18.29 11.94 62.77
C ASN B 684 17.90 13.25 63.44
N ASN B 685 18.85 14.15 63.68
CA ASN B 685 18.57 15.42 64.34
C ASN B 685 19.33 16.56 63.68
N SER B 686 19.31 16.61 62.35
CA SER B 686 20.05 17.64 61.61
C SER B 686 19.26 18.05 60.38
N ILE B 687 19.05 19.35 60.21
CA ILE B 687 18.36 19.90 59.05
C ILE B 687 19.20 21.03 58.45
N ALA B 688 19.27 21.05 57.13
CA ALA B 688 19.86 22.15 56.38
C ALA B 688 18.73 23.05 55.90
N ILE B 689 18.77 24.32 56.31
CA ILE B 689 17.77 25.31 55.94
C ILE B 689 18.46 26.40 55.13
N PRO B 690 17.96 26.75 53.94
CA PRO B 690 18.61 27.81 53.18
C PRO B 690 18.54 29.14 53.89
N THR B 691 19.62 29.91 53.77
CA THR B 691 19.67 31.27 54.27
C THR B 691 19.64 32.30 53.14
N ASN B 692 19.58 31.85 51.89
CA ASN B 692 19.58 32.75 50.75
C ASN B 692 18.88 32.05 49.59
N PHE B 693 18.48 32.83 48.61
CA PHE B 693 17.73 32.32 47.47
C PHE B 693 18.25 32.95 46.19
N THR B 694 18.14 32.21 45.09
CA THR B 694 18.48 32.71 43.77
C THR B 694 17.29 32.48 42.85
N ILE B 695 16.81 33.55 42.22
CA ILE B 695 15.69 33.48 41.30
C ILE B 695 16.26 33.36 39.88
N SER B 696 15.96 32.24 39.23
CA SER B 696 16.46 31.94 37.90
C SER B 696 15.30 31.70 36.96
N VAL B 697 15.32 32.36 35.81
CA VAL B 697 14.28 32.19 34.80
C VAL B 697 14.74 31.13 33.82
N THR B 698 13.87 30.14 33.57
CA THR B 698 14.19 29.01 32.73
C THR B 698 13.35 29.06 31.46
N THR B 699 13.98 28.76 30.32
CA THR B 699 13.30 28.77 29.03
C THR B 699 12.80 27.37 28.71
N GLU B 700 11.49 27.25 28.52
CA GLU B 700 10.87 26.00 28.07
C GLU B 700 10.32 26.22 26.66
N ILE B 701 10.72 25.36 25.73
CA ILE B 701 10.38 25.49 24.32
C ILE B 701 9.41 24.37 23.96
N LEU B 702 8.30 24.73 23.32
CA LEU B 702 7.29 23.76 22.95
C LEU B 702 6.64 24.19 21.64
N PRO B 703 6.51 23.30 20.66
CA PRO B 703 5.78 23.65 19.44
C PRO B 703 4.28 23.45 19.60
N VAL B 704 3.52 24.29 18.90
CA VAL B 704 2.07 24.24 18.95
C VAL B 704 1.44 24.08 17.59
N SER B 705 2.15 24.34 16.50
CA SER B 705 1.56 24.24 15.17
C SER B 705 2.67 23.99 14.15
N MET B 706 2.25 23.55 12.97
CA MET B 706 3.15 23.28 11.86
C MET B 706 2.61 23.97 10.61
N THR B 707 3.30 23.77 9.50
CA THR B 707 2.89 24.40 8.25
C THR B 707 1.63 23.74 7.72
N LYS B 708 0.66 24.56 7.32
CA LYS B 708 -0.59 24.05 6.75
C LYS B 708 -0.35 23.72 5.29
N THR B 709 -0.38 22.43 4.96
CA THR B 709 -0.08 21.95 3.62
C THR B 709 -1.29 21.26 3.02
N SER B 710 -1.40 21.37 1.70
CA SER B 710 -2.48 20.74 0.94
C SER B 710 -1.89 20.08 -0.30
N VAL B 711 -2.46 18.94 -0.69
CA VAL B 711 -2.01 18.19 -1.84
C VAL B 711 -3.21 17.94 -2.75
N ASP B 712 -3.05 18.24 -4.03
CA ASP B 712 -4.12 18.04 -5.00
C ASP B 712 -4.11 16.60 -5.50
N CYS B 713 -5.17 16.25 -6.24
CA CYS B 713 -5.35 14.91 -6.78
C CYS B 713 -5.30 14.88 -8.31
N THR B 714 -6.17 15.64 -8.97
CA THR B 714 -6.32 15.49 -10.41
C THR B 714 -5.05 15.87 -11.16
N MET B 715 -4.46 17.02 -10.83
CA MET B 715 -3.33 17.55 -11.56
C MET B 715 -1.99 17.23 -10.91
N TYR B 716 -1.98 16.49 -9.80
CA TYR B 716 -0.73 16.06 -9.17
C TYR B 716 -0.35 14.65 -9.59
N ILE B 717 -1.26 13.68 -9.43
CA ILE B 717 -0.94 12.30 -9.76
C ILE B 717 -0.59 12.17 -11.24
N CYS B 718 -1.37 12.80 -12.10
CA CYS B 718 -1.13 12.79 -13.54
C CYS B 718 -0.68 14.14 -14.06
N GLY B 719 -1.49 15.17 -13.88
CA GLY B 719 -1.13 16.51 -14.33
C GLY B 719 -1.65 16.81 -15.73
N ASP B 720 -2.67 17.67 -15.81
CA ASP B 720 -3.24 18.14 -17.07
C ASP B 720 -3.37 17.02 -18.10
N SER B 721 -3.80 15.84 -17.66
CA SER B 721 -3.96 14.69 -18.55
C SER B 721 -5.33 14.07 -18.28
N THR B 722 -6.32 14.45 -19.10
CA THR B 722 -7.66 13.91 -18.93
C THR B 722 -7.67 12.39 -19.13
N GLU B 723 -6.89 11.90 -20.09
CA GLU B 723 -6.84 10.46 -20.31
C GLU B 723 -6.28 9.74 -19.09
N CYS B 724 -5.28 10.33 -18.43
CA CYS B 724 -4.71 9.72 -17.24
C CYS B 724 -5.70 9.76 -16.07
N SER B 725 -6.42 10.86 -15.93
CA SER B 725 -7.39 10.98 -14.84
C SER B 725 -8.48 9.93 -14.97
N ASN B 726 -8.78 9.49 -16.20
CA ASN B 726 -9.77 8.43 -16.38
C ASN B 726 -9.32 7.15 -15.69
N LEU B 727 -8.04 6.82 -15.80
CA LEU B 727 -7.50 5.67 -15.08
C LEU B 727 -7.51 5.91 -13.58
N LEU B 728 -7.39 7.16 -13.15
CA LEU B 728 -7.36 7.46 -11.72
C LEU B 728 -8.74 7.31 -11.08
N LEU B 729 -9.78 7.83 -11.74
CA LEU B 729 -11.09 7.89 -11.11
C LEU B 729 -11.67 6.50 -10.88
N GLN B 730 -11.32 5.53 -11.72
CA GLN B 730 -11.87 4.19 -11.56
C GLN B 730 -11.23 3.43 -10.41
N TYR B 731 -10.16 3.97 -9.80
CA TYR B 731 -9.62 3.35 -8.59
C TYR B 731 -10.53 3.53 -7.39
N GLY B 732 -11.41 4.53 -7.42
CA GLY B 732 -12.33 4.77 -6.32
C GLY B 732 -12.25 6.17 -5.78
N SER B 733 -12.15 6.29 -4.47
CA SER B 733 -12.13 7.59 -3.78
C SER B 733 -10.96 7.67 -2.83
N PHE B 734 -9.81 7.14 -3.23
CA PHE B 734 -8.63 7.22 -2.38
C PHE B 734 -8.23 8.66 -2.11
N CYS B 735 -8.07 9.44 -3.18
CA CYS B 735 -7.62 10.82 -3.02
C CYS B 735 -8.74 11.75 -2.57
N THR B 736 -10.01 11.35 -2.73
CA THR B 736 -11.10 12.19 -2.25
C THR B 736 -11.02 12.35 -0.73
N GLN B 737 -10.82 11.24 -0.01
CA GLN B 737 -10.70 11.32 1.43
C GLN B 737 -9.33 11.82 1.87
N LEU B 738 -8.28 11.51 1.11
CA LEU B 738 -6.93 11.92 1.51
C LEU B 738 -6.83 13.44 1.57
N ASN B 739 -7.37 14.13 0.56
CA ASN B 739 -7.43 15.59 0.63
C ASN B 739 -8.25 16.03 1.83
N ARG B 740 -9.36 15.34 2.09
CA ARG B 740 -10.14 15.61 3.29
C ARG B 740 -9.31 15.36 4.54
N ALA B 741 -8.55 14.27 4.56
CA ALA B 741 -7.70 13.98 5.70
C ALA B 741 -6.66 15.08 5.90
N LEU B 742 -6.00 15.50 4.81
CA LEU B 742 -5.06 16.60 4.92
C LEU B 742 -5.76 17.89 5.33
N THR B 743 -6.91 18.17 4.74
CA THR B 743 -7.68 19.35 5.14
C THR B 743 -8.21 19.18 6.57
N GLY B 744 -8.53 17.95 6.97
CA GLY B 744 -8.99 17.73 8.33
C GLY B 744 -7.97 18.11 9.37
N ILE B 745 -6.69 17.84 9.09
CA ILE B 745 -5.63 18.24 10.02
C ILE B 745 -5.15 19.65 9.78
N ALA B 746 -5.34 20.20 8.58
CA ALA B 746 -4.89 21.56 8.31
C ALA B 746 -5.61 22.56 9.23
N VAL B 747 -6.91 22.39 9.41
CA VAL B 747 -7.64 23.24 10.35
C VAL B 747 -7.27 22.94 11.79
N GLU B 748 -6.68 21.77 12.05
CA GLU B 748 -6.32 21.42 13.43
C GLU B 748 -5.29 22.38 13.99
N GLN B 749 -4.31 22.77 13.18
CA GLN B 749 -3.27 23.69 13.66
C GLN B 749 -3.88 25.02 14.08
N ASP B 750 -4.85 25.53 13.30
CA ASP B 750 -5.51 26.77 13.69
C ASP B 750 -6.20 26.62 15.03
N LYS B 751 -6.87 25.47 15.25
CA LYS B 751 -7.46 25.22 16.56
C LYS B 751 -6.39 25.13 17.64
N ASN B 752 -5.27 24.49 17.34
CA ASN B 752 -4.19 24.38 18.32
C ASN B 752 -3.67 25.75 18.71
N THR B 753 -3.34 26.57 17.72
CA THR B 753 -2.84 27.91 18.01
C THR B 753 -3.89 28.74 18.74
N GLN B 754 -5.15 28.62 18.32
CA GLN B 754 -6.22 29.35 18.99
C GLN B 754 -6.35 28.90 20.44
N GLU B 755 -6.29 27.59 20.68
CA GLU B 755 -6.46 27.08 22.05
C GLU B 755 -5.29 27.48 22.94
N VAL B 756 -4.06 27.45 22.43
CA VAL B 756 -2.90 27.72 23.27
C VAL B 756 -2.69 29.21 23.51
N PHE B 757 -3.22 30.07 22.64
CA PHE B 757 -3.02 31.51 22.74
C PHE B 757 -4.29 32.28 23.08
N ALA B 758 -5.36 32.06 22.31
CA ALA B 758 -6.61 32.80 22.52
C ALA B 758 -7.29 32.27 23.77
N GLN B 759 -6.75 32.68 24.93
CA GLN B 759 -7.28 32.29 26.22
C GLN B 759 -7.69 33.49 27.06
N VAL B 760 -7.74 34.68 26.48
CA VAL B 760 -8.10 35.91 27.19
C VAL B 760 -9.37 36.47 26.57
N LYS B 761 -10.36 36.75 27.41
CA LYS B 761 -11.62 37.29 26.92
C LYS B 761 -11.45 38.65 26.26
N GLN B 762 -10.41 39.40 26.63
CA GLN B 762 -10.20 40.73 26.08
C GLN B 762 -8.71 41.02 26.06
N ILE B 763 -8.33 42.00 25.24
CA ILE B 763 -6.93 42.37 25.07
C ILE B 763 -6.58 43.41 26.12
N TYR B 764 -5.50 43.16 26.86
CA TYR B 764 -5.01 44.07 27.89
C TYR B 764 -3.83 44.86 27.36
N LYS B 765 -3.73 46.12 27.77
CA LYS B 765 -2.66 47.01 27.35
C LYS B 765 -1.88 47.45 28.58
N THR B 766 -0.56 47.37 28.49
CA THR B 766 0.28 47.80 29.60
C THR B 766 0.14 49.30 29.81
N PRO B 767 0.22 49.77 31.06
CA PRO B 767 0.11 51.20 31.31
C PRO B 767 1.30 51.94 30.70
N PRO B 768 1.13 53.21 30.34
CA PRO B 768 2.26 53.96 29.76
C PRO B 768 3.46 54.04 30.70
N ILE B 769 3.21 54.14 31.99
CA ILE B 769 4.28 54.22 32.98
C ILE B 769 4.61 52.80 33.44
N LYS B 770 5.89 52.47 33.48
CA LYS B 770 6.37 51.14 33.84
C LYS B 770 7.20 51.25 35.11
N ASP B 771 6.54 51.15 36.26
CA ASP B 771 7.21 51.15 37.57
C ASP B 771 6.69 49.95 38.35
N PHE B 772 7.29 48.79 38.10
CA PHE B 772 6.87 47.54 38.73
C PHE B 772 7.76 47.22 39.93
N GLY B 773 7.80 48.14 40.88
CA GLY B 773 8.55 47.92 42.10
C GLY B 773 10.03 47.64 41.86
N GLY B 774 10.65 48.40 40.96
CA GLY B 774 12.06 48.22 40.67
C GLY B 774 12.38 47.12 39.69
N PHE B 775 11.39 46.51 39.08
CA PHE B 775 11.62 45.47 38.08
C PHE B 775 11.76 46.09 36.69
N ASN B 776 12.34 45.31 35.78
CA ASN B 776 12.50 45.72 34.39
C ASN B 776 11.90 44.66 33.49
N PHE B 777 11.14 45.09 32.49
CA PHE B 777 10.49 44.16 31.57
C PHE B 777 10.59 44.62 30.12
N SER B 778 11.52 45.53 29.80
CA SER B 778 11.60 46.06 28.45
C SER B 778 11.88 44.97 27.43
N GLN B 779 12.69 43.98 27.81
CA GLN B 779 13.08 42.95 26.85
C GLN B 779 11.88 42.13 26.37
N ILE B 780 10.97 41.78 27.28
CA ILE B 780 9.85 40.93 26.91
C ILE B 780 8.62 41.70 26.45
N LEU B 781 8.47 42.95 26.88
CA LEU B 781 7.35 43.75 26.45
C LEU B 781 7.52 44.16 24.99
N PRO B 782 6.41 44.48 24.30
CA PRO B 782 6.53 44.88 22.89
C PRO B 782 7.36 46.15 22.75
N ASP B 783 8.11 46.22 21.66
CA ASP B 783 8.99 47.37 21.42
C ASP B 783 8.18 48.55 20.90
N PRO B 784 8.20 49.71 21.57
CA PRO B 784 7.56 50.89 20.99
C PRO B 784 8.19 51.35 19.68
N SER B 785 9.43 50.95 19.41
CA SER B 785 10.11 51.35 18.18
C SER B 785 9.45 50.77 16.93
N LYS B 786 8.56 49.80 17.08
CA LYS B 786 7.84 49.21 15.96
C LYS B 786 8.80 48.57 14.96
N PRO B 787 9.57 47.56 15.36
CA PRO B 787 10.24 46.74 14.35
C PRO B 787 9.21 45.99 13.52
N SER B 788 8.41 45.18 14.22
CA SER B 788 7.20 44.58 13.65
C SER B 788 6.08 44.54 14.68
N LYS B 789 6.10 45.43 15.67
CA LYS B 789 5.23 45.35 16.84
C LYS B 789 5.41 44.00 17.53
N ARG B 790 6.65 43.77 17.99
CA ARG B 790 7.02 42.54 18.65
C ARG B 790 7.94 42.87 19.83
N SER B 791 8.25 41.86 20.62
CA SER B 791 9.14 42.03 21.76
C SER B 791 10.59 41.86 21.34
N PHE B 792 11.49 42.36 22.18
CA PHE B 792 12.91 42.25 21.87
C PHE B 792 13.34 40.80 21.79
N ILE B 793 12.89 39.97 22.72
CA ILE B 793 13.23 38.54 22.68
C ILE B 793 12.53 37.88 21.49
N GLU B 794 11.30 38.28 21.20
CA GLU B 794 10.57 37.71 20.08
C GLU B 794 11.31 37.98 18.77
N ASP B 795 11.80 39.21 18.59
CA ASP B 795 12.57 39.51 17.39
C ASP B 795 13.82 38.65 17.31
N LEU B 796 14.50 38.47 18.44
CA LEU B 796 15.66 37.59 18.48
C LEU B 796 15.28 36.17 18.11
N LEU B 797 14.16 35.68 18.65
CA LEU B 797 13.74 34.31 18.37
C LEU B 797 13.42 34.11 16.90
N PHE B 798 12.69 35.05 16.29
CA PHE B 798 12.33 34.90 14.88
C PHE B 798 13.55 34.87 13.99
N ASN B 799 14.54 35.73 14.28
CA ASN B 799 15.73 35.78 13.44
C ASN B 799 16.48 34.45 13.47
N LYS B 800 16.55 33.82 14.64
CA LYS B 800 17.31 32.57 14.76
C LYS B 800 16.70 31.46 13.91
N VAL B 801 15.38 31.36 13.90
CA VAL B 801 14.71 30.32 13.12
C VAL B 801 14.74 30.69 11.64
N PHE B 830 5.10 25.37 -6.07
CA PHE B 830 5.35 24.64 -7.31
C PHE B 830 4.14 23.75 -7.58
N ASN B 831 4.25 22.95 -8.64
CA ASN B 831 3.11 22.15 -9.08
C ASN B 831 2.77 21.07 -8.05
N GLY B 832 1.47 20.87 -7.85
CA GLY B 832 0.97 19.76 -7.04
C GLY B 832 0.82 20.05 -5.56
N LEU B 833 1.87 20.58 -4.94
CA LEU B 833 1.91 20.79 -3.50
C LEU B 833 1.72 22.26 -3.20
N THR B 834 0.78 22.55 -2.30
CA THR B 834 0.46 23.93 -1.92
C THR B 834 0.47 24.05 -0.41
N VAL B 835 0.92 25.21 0.07
CA VAL B 835 1.02 25.50 1.50
C VAL B 835 0.03 26.60 1.82
N LEU B 836 -0.98 26.28 2.62
CA LEU B 836 -1.96 27.27 3.01
C LEU B 836 -1.36 28.23 4.04
N PRO B 837 -1.76 29.49 4.03
CA PRO B 837 -1.22 30.45 5.00
C PRO B 837 -1.81 30.20 6.37
N PRO B 838 -1.12 30.60 7.44
CA PRO B 838 -1.69 30.45 8.78
C PRO B 838 -2.91 31.34 8.97
N LEU B 839 -3.84 30.87 9.79
CA LEU B 839 -5.05 31.64 10.04
C LEU B 839 -4.73 32.96 10.73
N LEU B 840 -3.80 32.94 11.68
CA LEU B 840 -3.41 34.12 12.44
C LEU B 840 -2.01 34.54 12.03
N THR B 841 -1.84 35.82 11.72
CA THR B 841 -0.53 36.34 11.36
C THR B 841 0.33 36.50 12.61
N ASP B 842 1.65 36.53 12.38
CA ASP B 842 2.57 36.63 13.51
C ASP B 842 2.33 37.88 14.34
N GLU B 843 1.89 38.98 13.71
CA GLU B 843 1.66 40.20 14.45
C GLU B 843 0.56 40.01 15.49
N MET B 844 -0.54 39.37 15.10
CA MET B 844 -1.64 39.17 16.04
C MET B 844 -1.29 38.11 17.08
N ILE B 845 -0.48 37.12 16.72
CA ILE B 845 0.00 36.16 17.71
C ILE B 845 0.79 36.88 18.79
N ALA B 846 1.67 37.79 18.38
CA ALA B 846 2.40 38.59 19.37
C ALA B 846 1.45 39.44 20.19
N GLN B 847 0.33 39.86 19.62
CA GLN B 847 -0.64 40.64 20.38
C GLN B 847 -1.21 39.84 21.55
N TYR B 848 -1.54 38.56 21.31
CA TYR B 848 -2.06 37.73 22.38
C TYR B 848 -1.03 37.57 23.50
N THR B 849 0.23 37.32 23.14
CA THR B 849 1.26 37.19 24.16
C THR B 849 1.42 38.48 24.94
N SER B 850 1.37 39.62 24.26
CA SER B 850 1.41 40.90 24.96
C SER B 850 0.20 41.04 25.88
N ALA B 851 -0.98 40.64 25.40
CA ALA B 851 -2.18 40.70 26.23
C ALA B 851 -2.01 39.83 27.47
N LEU B 852 -1.53 38.59 27.29
CA LEU B 852 -1.29 37.74 28.43
C LEU B 852 -0.21 38.32 29.33
N LEU B 853 0.86 38.84 28.74
CA LEU B 853 1.93 39.42 29.53
C LEU B 853 1.44 40.63 30.32
N ALA B 854 0.63 41.48 29.69
CA ALA B 854 0.07 42.61 30.40
C ALA B 854 -0.89 42.15 31.50
N GLY B 855 -1.68 41.13 31.22
CA GLY B 855 -2.62 40.64 32.22
C GLY B 855 -1.92 40.05 33.44
N THR B 856 -0.90 39.24 33.22
CA THR B 856 -0.21 38.58 34.33
C THR B 856 0.71 39.52 35.08
N ILE B 857 1.30 40.50 34.41
CA ILE B 857 2.19 41.44 35.09
C ILE B 857 1.40 42.46 35.92
N THR B 858 0.20 42.82 35.49
CA THR B 858 -0.62 43.81 36.17
C THR B 858 -1.69 43.19 37.05
N SER B 859 -2.52 42.33 36.48
CA SER B 859 -3.61 41.70 37.23
C SER B 859 -3.20 40.41 37.92
N GLY B 860 -1.95 39.97 37.74
CA GLY B 860 -1.50 38.75 38.38
C GLY B 860 -2.23 37.53 37.85
N TRP B 861 -3.15 36.98 38.63
CA TRP B 861 -3.91 35.80 38.25
C TRP B 861 -5.42 36.00 38.32
N THR B 862 -5.89 37.14 38.82
CA THR B 862 -7.34 37.35 38.91
C THR B 862 -7.98 37.37 37.52
N PHE B 863 -7.31 38.02 36.56
CA PHE B 863 -7.86 38.09 35.21
C PHE B 863 -8.04 36.70 34.60
N GLY B 864 -7.23 35.72 35.03
CA GLY B 864 -7.41 34.37 34.54
C GLY B 864 -8.72 33.77 35.00
N ALA B 865 -9.14 34.06 36.23
CA ALA B 865 -10.39 33.52 36.75
C ALA B 865 -11.58 34.31 36.20
N GLY B 866 -11.62 35.61 36.45
CA GLY B 866 -12.70 36.45 35.98
C GLY B 866 -12.22 37.79 35.49
N ALA B 867 -12.86 38.86 35.96
CA ALA B 867 -12.45 40.20 35.55
C ALA B 867 -11.05 40.50 36.06
N ALA B 868 -10.28 41.21 35.23
CA ALA B 868 -8.92 41.56 35.60
C ALA B 868 -8.94 42.60 36.72
N LEU B 869 -8.22 42.31 37.80
CA LEU B 869 -8.14 43.20 38.96
C LEU B 869 -6.70 43.64 39.13
N GLN B 870 -6.48 44.95 39.10
CA GLN B 870 -5.13 45.48 39.21
C GLN B 870 -4.56 45.21 40.60
N ILE B 871 -3.25 44.98 40.64
CA ILE B 871 -2.54 44.72 41.89
C ILE B 871 -1.08 45.14 41.71
N PRO B 872 -0.51 45.96 42.60
CA PRO B 872 0.89 46.36 42.41
C PRO B 872 1.82 45.16 42.40
N PHE B 873 2.84 45.23 41.55
CA PHE B 873 3.79 44.14 41.44
C PHE B 873 4.55 43.89 42.74
N ALA B 874 4.62 44.89 43.62
CA ALA B 874 5.36 44.72 44.86
C ALA B 874 4.79 43.59 45.69
N MET B 875 3.46 43.54 45.84
CA MET B 875 2.80 42.51 46.62
C MET B 875 2.27 41.36 45.78
N GLN B 876 2.26 41.50 44.45
CA GLN B 876 1.86 40.36 43.63
C GLN B 876 2.84 39.20 43.80
N MET B 877 4.14 39.49 43.80
CA MET B 877 5.11 38.46 44.10
C MET B 877 5.05 38.04 45.56
N ALA B 878 4.61 38.96 46.44
CA ALA B 878 4.50 38.62 47.85
C ALA B 878 3.57 37.45 48.07
N TYR B 879 2.44 37.42 47.37
CA TYR B 879 1.55 36.26 47.48
C TYR B 879 2.22 35.01 46.93
N ARG B 880 2.91 35.13 45.79
CA ARG B 880 3.56 33.97 45.21
C ARG B 880 4.60 33.39 46.15
N PHE B 881 5.36 34.24 46.82
CA PHE B 881 6.24 33.77 47.88
C PHE B 881 5.43 33.12 48.99
N ASN B 882 4.29 33.72 49.34
CA ASN B 882 3.39 33.10 50.30
C ASN B 882 2.81 31.79 49.75
N GLY B 883 2.75 31.66 48.43
CA GLY B 883 2.21 30.46 47.82
C GLY B 883 3.16 29.28 47.77
N ILE B 884 4.42 29.49 48.16
CA ILE B 884 5.41 28.41 48.18
C ILE B 884 5.94 28.23 49.59
N GLY B 885 5.10 28.53 50.59
CA GLY B 885 5.49 28.33 51.97
C GLY B 885 6.57 29.27 52.47
N VAL B 886 6.72 30.44 51.85
CA VAL B 886 7.72 31.42 52.24
C VAL B 886 6.97 32.66 52.72
N THR B 887 7.25 33.07 53.95
CA THR B 887 6.61 34.27 54.49
C THR B 887 6.94 35.47 53.62
N GLN B 888 5.91 36.26 53.29
CA GLN B 888 6.09 37.37 52.38
C GLN B 888 7.03 38.44 52.91
N ASN B 889 7.27 38.46 54.23
CA ASN B 889 8.11 39.50 54.81
C ASN B 889 9.51 39.48 54.21
N VAL B 890 10.00 38.31 53.79
CA VAL B 890 11.32 38.22 53.20
C VAL B 890 11.36 38.96 51.87
N LEU B 891 10.27 38.91 51.11
CA LEU B 891 10.25 39.57 49.80
C LEU B 891 10.42 41.07 49.94
N TYR B 892 9.63 41.70 50.81
CA TYR B 892 9.74 43.14 50.98
C TYR B 892 11.10 43.52 51.54
N GLU B 893 11.60 42.74 52.51
CA GLU B 893 12.92 43.01 53.07
C GLU B 893 14.04 42.74 52.07
N ASN B 894 13.76 42.00 51.00
CA ASN B 894 14.73 41.72 49.96
C ASN B 894 14.21 42.14 48.59
N GLN B 895 13.36 43.17 48.55
CA GLN B 895 12.77 43.59 47.29
C GLN B 895 13.84 44.03 46.30
N LYS B 896 14.78 44.86 46.74
CA LYS B 896 15.82 45.34 45.84
C LYS B 896 16.67 44.20 45.32
N LEU B 897 17.05 43.27 46.21
CA LEU B 897 17.87 42.14 45.78
C LEU B 897 17.12 41.28 44.78
N ILE B 898 15.83 41.05 45.01
CA ILE B 898 15.04 40.25 44.08
C ILE B 898 14.98 40.92 42.71
N ALA B 899 14.77 42.23 42.69
CA ALA B 899 14.69 42.94 41.42
C ALA B 899 16.00 42.81 40.65
N ASN B 900 17.13 42.99 41.34
CA ASN B 900 18.42 42.85 40.67
C ASN B 900 18.61 41.42 40.16
N GLN B 901 18.24 40.43 40.96
CA GLN B 901 18.36 39.04 40.53
C GLN B 901 17.47 38.77 39.33
N PHE B 902 16.25 39.27 39.35
CA PHE B 902 15.33 39.06 38.23
C PHE B 902 15.85 39.73 36.97
N ASN B 903 16.24 41.01 37.09
CA ASN B 903 16.75 41.73 35.93
C ASN B 903 18.01 41.07 35.38
N SER B 904 18.92 40.67 36.26
CA SER B 904 20.15 40.03 35.81
C SER B 904 19.85 38.73 35.08
N ALA B 905 18.91 37.94 35.61
CA ALA B 905 18.57 36.68 34.97
C ALA B 905 18.01 36.91 33.57
N ILE B 906 17.15 37.92 33.41
CA ILE B 906 16.59 38.21 32.10
C ILE B 906 17.69 38.61 31.13
N GLY B 907 18.63 39.45 31.58
CA GLY B 907 19.72 39.85 30.71
C GLY B 907 20.60 38.68 30.30
N LYS B 908 20.80 37.72 31.21
CA LYS B 908 21.64 36.57 30.89
C LYS B 908 20.98 35.66 29.87
N ILE B 909 19.67 35.43 30.01
CA ILE B 909 19.01 34.45 29.16
C ILE B 909 18.92 34.92 27.72
N GLN B 910 18.72 36.22 27.50
CA GLN B 910 18.67 36.72 26.12
C GLN B 910 20.00 36.49 25.41
N ASP B 911 21.11 36.56 26.14
CA ASP B 911 22.42 36.29 25.55
C ASP B 911 22.63 34.80 25.30
N SER B 912 21.96 33.93 26.06
CA SER B 912 22.10 32.50 25.84
C SER B 912 21.65 32.09 24.45
N LEU B 913 20.75 32.87 23.83
CA LEU B 913 20.26 32.59 22.49
C LEU B 913 20.67 33.65 21.48
N SER B 914 21.48 34.62 21.89
CA SER B 914 21.83 35.73 21.00
C SER B 914 22.94 35.33 20.04
N SER B 915 24.11 34.98 20.58
CA SER B 915 25.26 34.65 19.73
C SER B 915 25.03 33.32 19.01
N THR B 916 24.91 32.25 19.78
CA THR B 916 24.70 30.92 19.20
C THR B 916 24.03 30.05 20.24
N ALA B 917 23.10 29.20 19.78
CA ALA B 917 22.39 28.30 20.68
C ALA B 917 21.79 27.18 19.85
N SER B 918 22.24 25.94 20.10
CA SER B 918 21.67 24.76 19.48
C SER B 918 20.56 24.14 20.32
N ALA B 919 20.14 24.81 21.40
CA ALA B 919 19.15 24.29 22.33
C ALA B 919 17.72 24.61 21.89
N LEU B 920 17.54 25.23 20.72
CA LEU B 920 16.18 25.48 20.24
C LEU B 920 15.41 24.18 20.07
N GLY B 921 16.06 23.16 19.50
CA GLY B 921 15.49 21.83 19.49
C GLY B 921 14.19 21.71 18.72
N LYS B 922 13.09 21.55 19.46
CA LYS B 922 11.81 21.22 18.84
C LYS B 922 11.44 22.23 17.77
N LEU B 923 11.46 23.52 18.12
CA LEU B 923 11.11 24.54 17.13
C LEU B 923 12.08 24.53 15.96
N GLN B 924 13.38 24.39 16.23
CA GLN B 924 14.36 24.45 15.15
C GLN B 924 14.21 23.28 14.19
N ASP B 925 13.96 22.08 14.72
CA ASP B 925 13.98 20.88 13.90
C ASP B 925 12.60 20.48 13.37
N VAL B 926 11.52 21.01 13.95
CA VAL B 926 10.18 20.61 13.49
C VAL B 926 10.02 20.92 12.01
N VAL B 927 10.55 22.06 11.57
CA VAL B 927 10.49 22.39 10.15
C VAL B 927 11.31 21.40 9.34
N ASN B 928 12.39 20.87 9.90
CA ASN B 928 13.30 20.05 9.12
C ASN B 928 12.60 18.80 8.56
N GLN B 929 11.93 18.04 9.43
CA GLN B 929 11.24 16.86 8.93
C GLN B 929 10.04 17.23 8.06
N ASN B 930 9.48 18.42 8.25
CA ASN B 930 8.43 18.87 7.34
C ASN B 930 9.00 19.25 5.98
N ALA B 931 10.12 19.97 5.97
CA ALA B 931 10.72 20.38 4.71
C ALA B 931 11.14 19.17 3.88
N GLN B 932 11.79 18.19 4.51
CA GLN B 932 12.21 17.01 3.78
C GLN B 932 11.00 16.17 3.36
N ALA B 933 9.97 16.11 4.21
CA ALA B 933 8.77 15.37 3.86
C ALA B 933 8.13 15.94 2.61
N LEU B 934 8.03 17.27 2.52
CA LEU B 934 7.57 17.89 1.28
C LEU B 934 8.54 17.61 0.14
N ASN B 935 9.84 17.69 0.41
CA ASN B 935 10.83 17.54 -0.65
C ASN B 935 10.93 16.09 -1.12
N THR B 936 10.95 15.15 -0.18
CA THR B 936 11.11 13.74 -0.58
C THR B 936 9.96 13.28 -1.45
N LEU B 937 8.77 13.86 -1.29
CA LEU B 937 7.65 13.50 -2.14
C LEU B 937 7.91 13.87 -3.59
N VAL B 938 8.57 15.01 -3.84
CA VAL B 938 8.80 15.45 -5.20
C VAL B 938 9.68 14.46 -5.95
N LYS B 939 10.74 13.97 -5.30
CA LYS B 939 11.65 13.05 -5.98
C LYS B 939 10.94 11.79 -6.45
N GLN B 940 9.88 11.38 -5.76
CA GLN B 940 9.18 10.17 -6.17
C GLN B 940 8.55 10.31 -7.54
N LEU B 941 8.26 11.53 -7.98
CA LEU B 941 7.73 11.73 -9.33
C LEU B 941 8.72 11.27 -10.38
N SER B 942 10.01 11.43 -10.12
CA SER B 942 11.04 11.00 -11.06
C SER B 942 11.29 9.50 -11.02
N SER B 943 10.75 8.79 -10.04
CA SER B 943 10.96 7.35 -9.96
C SER B 943 10.25 6.64 -11.10
N ASN B 944 10.93 5.66 -11.70
CA ASN B 944 10.35 4.93 -12.82
C ASN B 944 9.20 4.03 -12.37
N PHE B 945 9.31 3.43 -11.18
CA PHE B 945 8.29 2.52 -10.67
C PHE B 945 8.07 1.37 -11.65
N GLY B 946 9.14 0.92 -12.30
CA GLY B 946 9.07 -0.14 -13.27
C GLY B 946 8.70 0.30 -14.67
N ALA B 947 8.27 1.54 -14.86
CA ALA B 947 7.92 2.03 -16.19
C ALA B 947 9.19 2.45 -16.93
N ILE B 948 9.11 2.40 -18.26
CA ILE B 948 10.26 2.75 -19.08
C ILE B 948 10.62 4.23 -18.95
N SER B 949 9.67 5.09 -18.59
CA SER B 949 9.92 6.51 -18.44
C SER B 949 9.23 7.01 -17.17
N SER B 950 9.81 8.04 -16.57
CA SER B 950 9.30 8.62 -15.34
C SER B 950 8.43 9.85 -15.57
N VAL B 951 8.18 10.23 -16.82
CA VAL B 951 7.37 11.39 -17.16
C VAL B 951 6.15 10.93 -17.95
N LEU B 952 4.99 11.51 -17.63
CA LEU B 952 3.75 11.05 -18.23
C LEU B 952 3.74 11.28 -19.73
N ASN B 953 4.30 12.40 -20.19
CA ASN B 953 4.22 12.74 -21.61
C ASN B 953 4.89 11.68 -22.47
N ASP B 954 6.05 11.18 -22.04
CA ASP B 954 6.75 10.18 -22.81
C ASP B 954 5.91 8.91 -22.96
N ILE B 955 5.25 8.49 -21.88
CA ILE B 955 4.40 7.31 -21.94
C ILE B 955 3.25 7.55 -22.91
N LEU B 956 2.63 8.73 -22.85
CA LEU B 956 1.52 9.04 -23.74
C LEU B 956 1.94 9.23 -25.18
N SER B 957 3.25 9.34 -25.46
CA SER B 957 3.71 9.65 -26.80
C SER B 957 4.05 8.40 -27.61
N ARG B 958 4.99 7.59 -27.10
CA ARG B 958 5.56 6.48 -27.86
C ARG B 958 5.12 5.12 -27.35
N LEU B 959 3.87 5.01 -26.89
CA LEU B 959 3.31 3.74 -26.46
C LEU B 959 1.96 3.52 -27.14
N ASP B 960 1.67 2.28 -27.44
CA ASP B 960 0.39 1.92 -28.04
C ASP B 960 -0.72 2.11 -27.02
N PRO B 961 -1.72 2.95 -27.27
CA PRO B 961 -2.71 3.28 -26.23
C PRO B 961 -3.41 2.04 -25.68
N PRO B 962 -3.71 1.04 -26.51
CA PRO B 962 -4.30 -0.19 -25.95
C PRO B 962 -3.50 -0.80 -24.82
N GLU B 963 -2.16 -0.73 -24.87
CA GLU B 963 -1.32 -1.22 -23.78
C GLU B 963 -0.57 -0.10 -23.07
N ALA B 964 -0.81 1.16 -23.42
CA ALA B 964 -0.11 2.25 -22.76
C ALA B 964 -0.49 2.32 -21.28
N GLU B 965 -1.76 2.07 -20.96
CA GLU B 965 -2.20 2.17 -19.57
C GLU B 965 -1.46 1.20 -18.65
N VAL B 966 -0.90 0.11 -19.19
CA VAL B 966 -0.16 -0.83 -18.37
C VAL B 966 1.05 -0.13 -17.74
N GLN B 967 1.78 0.65 -18.54
CA GLN B 967 2.86 1.45 -18.00
C GLN B 967 2.34 2.52 -17.04
N ILE B 968 1.19 3.11 -17.35
CA ILE B 968 0.61 4.10 -16.45
C ILE B 968 0.23 3.47 -15.13
N ASP B 969 -0.40 2.29 -15.17
CA ASP B 969 -0.89 1.67 -13.95
C ASP B 969 0.24 1.42 -12.96
N ARG B 970 1.37 0.88 -13.42
CA ARG B 970 2.51 0.71 -12.55
C ARG B 970 3.07 2.04 -12.08
N LEU B 971 2.77 3.13 -12.78
CA LEU B 971 3.23 4.46 -12.39
C LEU B 971 2.29 5.12 -11.40
N ILE B 972 0.98 5.05 -11.64
CA ILE B 972 0.02 5.67 -10.73
C ILE B 972 0.09 5.02 -9.36
N THR B 973 0.19 3.69 -9.31
CA THR B 973 0.28 3.00 -8.03
C THR B 973 1.52 3.44 -7.27
N GLY B 974 2.66 3.53 -7.94
CA GLY B 974 3.87 4.00 -7.28
C GLY B 974 3.73 5.43 -6.79
N ARG B 975 3.22 6.31 -7.65
CA ARG B 975 3.00 7.70 -7.23
C ARG B 975 1.98 7.77 -6.11
N LEU B 976 0.89 7.01 -6.22
CA LEU B 976 -0.12 7.00 -5.17
C LEU B 976 0.46 6.47 -3.86
N GLN B 977 1.27 5.40 -3.94
CA GLN B 977 1.83 4.83 -2.72
C GLN B 977 2.71 5.84 -2.00
N SER B 978 3.47 6.63 -2.74
CA SER B 978 4.28 7.67 -2.11
C SER B 978 3.41 8.66 -1.38
N LEU B 979 2.29 9.05 -1.97
CA LEU B 979 1.36 9.95 -1.29
C LEU B 979 0.79 9.31 -0.04
N GLN B 980 0.52 8.01 -0.07
CA GLN B 980 -0.02 7.34 1.11
C GLN B 980 0.92 7.49 2.29
N THR B 981 2.22 7.28 2.06
CA THR B 981 3.19 7.40 3.15
C THR B 981 3.22 8.82 3.68
N TYR B 982 3.21 9.82 2.79
CA TYR B 982 3.32 11.20 3.22
C TYR B 982 2.14 11.59 4.11
N VAL B 983 0.93 11.23 3.72
CA VAL B 983 -0.23 11.53 4.55
C VAL B 983 -0.16 10.80 5.87
N THR B 984 0.17 9.50 5.84
CA THR B 984 0.26 8.73 7.07
C THR B 984 1.33 9.30 7.99
N GLN B 985 2.51 9.62 7.45
CA GLN B 985 3.54 10.24 8.26
C GLN B 985 3.09 11.61 8.77
N GLN B 986 2.36 12.37 7.95
CA GLN B 986 1.88 13.66 8.38
C GLN B 986 0.92 13.54 9.56
N LEU B 987 0.04 12.54 9.52
CA LEU B 987 -0.89 12.35 10.63
C LEU B 987 -0.15 12.05 11.93
N ILE B 988 0.88 11.21 11.86
CA ILE B 988 1.64 10.88 13.07
C ILE B 988 2.26 12.14 13.64
N ARG B 989 2.88 12.95 12.79
CA ARG B 989 3.45 14.22 13.26
C ARG B 989 2.35 15.15 13.74
N ALA B 990 1.21 15.18 13.03
CA ALA B 990 0.11 16.02 13.47
C ALA B 990 -0.39 15.60 14.84
N ALA B 991 -0.46 14.30 15.10
CA ALA B 991 -0.96 13.82 16.39
C ALA B 991 -0.07 14.30 17.53
N GLU B 992 1.25 14.07 17.41
CA GLU B 992 2.14 14.42 18.51
C GLU B 992 2.26 15.93 18.67
N ILE B 993 2.18 16.69 17.57
CA ILE B 993 2.11 18.14 17.70
C ILE B 993 0.87 18.54 18.49
N ARG B 994 -0.26 17.91 18.20
CA ARG B 994 -1.48 18.20 18.96
C ARG B 994 -1.28 17.86 20.43
N ALA B 995 -0.61 16.74 20.72
CA ALA B 995 -0.28 16.42 22.10
C ALA B 995 0.61 17.48 22.71
N SER B 996 1.62 17.94 21.95
CA SER B 996 2.47 19.02 22.42
C SER B 996 1.66 20.30 22.60
N ALA B 997 0.76 20.59 21.66
CA ALA B 997 -0.06 21.79 21.78
C ALA B 997 -0.93 21.72 23.04
N ASN B 998 -1.53 20.56 23.31
CA ASN B 998 -2.30 20.41 24.54
C ASN B 998 -1.42 20.60 25.76
N LEU B 999 -0.21 20.04 25.74
CA LEU B 999 0.73 20.26 26.84
C LEU B 999 1.07 21.73 26.97
N ALA B 1000 1.32 22.40 25.84
CA ALA B 1000 1.60 23.84 25.88
C ALA B 1000 0.41 24.61 26.42
N ALA B 1001 -0.79 24.25 25.99
CA ALA B 1001 -1.99 24.90 26.52
C ALA B 1001 -2.13 24.66 28.01
N THR B 1002 -1.81 23.44 28.46
CA THR B 1002 -1.86 23.14 29.89
C THR B 1002 -0.90 24.04 30.66
N LYS B 1003 0.33 24.19 30.16
CA LYS B 1003 1.28 25.06 30.85
C LYS B 1003 0.79 26.50 30.88
N MET B 1004 0.11 26.95 29.83
CA MET B 1004 -0.48 28.29 29.86
C MET B 1004 -1.48 28.42 30.98
N SER B 1005 -2.35 27.43 31.13
CA SER B 1005 -3.43 27.54 32.11
C SER B 1005 -2.88 27.63 33.53
N GLU B 1006 -1.88 26.80 33.84
CA GLU B 1006 -1.36 26.74 35.21
C GLU B 1006 -0.22 27.72 35.43
N CYS B 1007 0.79 27.69 34.58
CA CYS B 1007 2.03 28.41 34.85
C CYS B 1007 2.02 29.87 34.39
N VAL B 1008 0.99 30.29 33.65
CA VAL B 1008 0.91 31.67 33.18
C VAL B 1008 -0.29 32.35 33.79
N LEU B 1009 -1.49 31.79 33.54
CA LEU B 1009 -2.70 32.37 34.07
C LEU B 1009 -2.75 32.30 35.60
N GLY B 1010 -1.96 31.43 36.21
CA GLY B 1010 -1.94 31.29 37.66
C GLY B 1010 -0.59 30.79 38.12
N GLN B 1011 -0.57 30.20 39.31
CA GLN B 1011 0.65 29.65 39.90
C GLN B 1011 0.53 28.13 39.95
N SER B 1012 1.57 27.45 39.47
CA SER B 1012 1.58 25.99 39.40
C SER B 1012 2.14 25.43 40.70
N LYS B 1013 1.26 24.99 41.60
CA LYS B 1013 1.71 24.39 42.84
C LYS B 1013 2.42 23.07 42.59
N ARG B 1014 2.00 22.32 41.59
CA ARG B 1014 2.66 21.07 41.24
C ARG B 1014 4.13 21.33 40.93
N VAL B 1015 5.00 20.48 41.45
CA VAL B 1015 6.44 20.71 41.44
C VAL B 1015 7.03 20.19 40.14
N ASP B 1016 8.02 20.91 39.63
CA ASP B 1016 8.79 20.49 38.45
C ASP B 1016 7.91 20.33 37.22
N PHE B 1017 6.80 21.06 37.17
CA PHE B 1017 5.96 21.11 35.99
C PHE B 1017 6.29 22.27 35.07
N CYS B 1018 6.83 23.36 35.62
CA CYS B 1018 7.21 24.54 34.83
C CYS B 1018 8.49 25.10 35.45
N GLY B 1019 9.63 24.69 34.92
CA GLY B 1019 10.91 25.16 35.40
C GLY B 1019 11.34 24.48 36.67
N LYS B 1020 12.63 24.15 36.77
CA LYS B 1020 13.14 23.51 37.98
C LYS B 1020 13.07 24.48 39.15
N GLY B 1021 12.74 23.95 40.32
CA GLY B 1021 12.59 24.76 41.52
C GLY B 1021 11.15 25.15 41.77
N TYR B 1022 10.97 25.87 42.87
CA TYR B 1022 9.64 26.34 43.25
C TYR B 1022 9.17 27.38 42.23
N HIS B 1023 8.23 26.99 41.38
CA HIS B 1023 7.77 27.89 40.33
C HIS B 1023 6.91 29.00 40.91
N LEU B 1024 7.16 30.23 40.46
CA LEU B 1024 6.35 31.39 40.84
C LEU B 1024 5.37 31.76 39.73
N MET B 1025 5.87 32.02 38.53
CA MET B 1025 5.04 32.35 37.38
C MET B 1025 5.93 32.32 36.15
N SER B 1026 5.32 32.60 34.99
CA SER B 1026 6.05 32.54 33.74
C SER B 1026 5.44 33.53 32.76
N PHE B 1027 6.23 33.89 31.75
CA PHE B 1027 5.81 34.82 30.70
C PHE B 1027 5.87 34.11 29.35
N PRO B 1028 4.78 34.03 28.60
CA PRO B 1028 4.87 33.43 27.26
C PRO B 1028 5.54 34.38 26.27
N GLN B 1029 6.08 33.79 25.22
CA GLN B 1029 6.71 34.54 24.14
C GLN B 1029 6.41 33.87 22.82
N SER B 1030 6.12 34.68 21.80
CA SER B 1030 5.76 34.15 20.50
C SER B 1030 6.97 33.48 19.85
N ALA B 1031 6.68 32.44 19.06
CA ALA B 1031 7.67 31.72 18.30
C ALA B 1031 7.10 31.46 16.91
N PRO B 1032 7.95 31.23 15.91
CA PRO B 1032 7.41 31.03 14.55
C PRO B 1032 6.42 29.89 14.45
N HIS B 1033 6.59 28.81 15.22
CA HIS B 1033 5.66 27.69 15.16
C HIS B 1033 5.39 27.10 16.54
N GLY B 1034 5.62 27.84 17.60
CA GLY B 1034 5.47 27.31 18.94
C GLY B 1034 5.30 28.41 19.95
N VAL B 1035 5.65 28.12 21.20
CA VAL B 1035 5.58 29.08 22.29
C VAL B 1035 6.77 28.86 23.20
N VAL B 1036 7.32 29.96 23.72
CA VAL B 1036 8.48 29.92 24.60
C VAL B 1036 8.11 30.58 25.91
N PHE B 1037 8.37 29.90 27.02
CA PHE B 1037 8.07 30.39 28.34
C PHE B 1037 9.32 30.93 29.02
N LEU B 1038 9.11 31.69 30.08
CA LEU B 1038 10.19 32.17 30.95
C LEU B 1038 9.77 31.85 32.38
N HIS B 1039 10.06 30.62 32.81
CA HIS B 1039 9.59 30.15 34.11
C HIS B 1039 10.40 30.80 35.22
N VAL B 1040 9.79 31.74 35.93
CA VAL B 1040 10.45 32.40 37.06
C VAL B 1040 10.37 31.46 38.25
N THR B 1041 11.48 30.85 38.61
CA THR B 1041 11.55 29.86 39.66
C THR B 1041 12.33 30.40 40.86
N TYR B 1042 12.02 29.85 42.02
CA TYR B 1042 12.63 30.25 43.29
C TYR B 1042 13.52 29.08 43.75
N VAL B 1043 14.83 29.25 43.61
CA VAL B 1043 15.81 28.22 43.93
C VAL B 1043 16.52 28.65 45.22
N PRO B 1044 16.34 27.95 46.33
CA PRO B 1044 17.10 28.30 47.54
C PRO B 1044 18.56 27.91 47.42
N ALA B 1045 19.38 28.58 48.22
CA ALA B 1045 20.83 28.33 48.22
C ALA B 1045 21.40 28.78 49.56
N GLN B 1046 22.70 28.55 49.73
CA GLN B 1046 23.42 28.93 50.95
C GLN B 1046 22.77 28.28 52.18
N GLU B 1047 22.84 26.96 52.22
CA GLU B 1047 22.20 26.18 53.28
C GLU B 1047 23.16 25.97 54.44
N LYS B 1048 22.62 26.08 55.65
CA LYS B 1048 23.35 25.81 56.88
C LYS B 1048 22.59 24.75 57.67
N ASN B 1049 23.31 23.80 58.25
CA ASN B 1049 22.69 22.67 58.95
C ASN B 1049 22.69 22.91 60.45
N PHE B 1050 21.55 22.64 61.08
CA PHE B 1050 21.34 22.90 62.49
C PHE B 1050 20.72 21.69 63.16
N THR B 1051 20.94 21.59 64.47
CA THR B 1051 20.32 20.54 65.28
C THR B 1051 18.86 20.87 65.53
N THR B 1052 17.98 19.89 65.32
CA THR B 1052 16.54 20.07 65.39
C THR B 1052 15.90 18.93 66.16
N ALA B 1053 14.70 19.20 66.70
CA ALA B 1053 13.95 18.21 67.47
C ALA B 1053 12.50 18.25 67.04
N PRO B 1054 11.78 17.13 67.12
CA PRO B 1054 10.38 17.13 66.70
C PRO B 1054 9.48 18.02 67.54
N ALA B 1055 9.75 18.12 68.84
CA ALA B 1055 8.86 18.85 69.74
C ALA B 1055 9.67 19.37 70.91
N ILE B 1056 9.03 20.24 71.70
CA ILE B 1056 9.61 20.81 72.90
C ILE B 1056 8.66 20.54 74.07
N CYS B 1057 9.23 20.06 75.17
CA CYS B 1057 8.47 19.84 76.39
C CYS B 1057 8.68 21.03 77.32
N HIS B 1058 7.60 21.73 77.64
CA HIS B 1058 7.62 22.86 78.56
C HIS B 1058 6.53 22.65 79.59
N ASP B 1059 6.94 22.56 80.87
CA ASP B 1059 6.00 22.30 81.96
C ASP B 1059 5.28 20.97 81.77
N GLY B 1060 5.99 20.00 81.17
CA GLY B 1060 5.44 18.68 80.97
C GLY B 1060 4.51 18.53 79.78
N LYS B 1061 4.29 19.59 79.01
CA LYS B 1061 3.42 19.55 77.85
C LYS B 1061 4.26 19.62 76.59
N ALA B 1062 3.97 18.75 75.63
CA ALA B 1062 4.67 18.76 74.35
C ALA B 1062 4.19 19.92 73.50
N HIS B 1063 5.14 20.69 72.96
CA HIS B 1063 4.84 21.81 72.09
C HIS B 1063 5.25 21.48 70.67
N PHE B 1064 4.37 21.77 69.71
CA PHE B 1064 4.65 21.55 68.31
C PHE B 1064 4.58 22.87 67.56
N PRO B 1065 5.31 23.01 66.45
CA PRO B 1065 5.30 24.29 65.71
C PRO B 1065 4.12 24.35 64.76
N ARG B 1066 3.40 25.47 64.80
CA ARG B 1066 2.31 25.66 63.85
C ARG B 1066 2.83 25.65 62.42
N GLU B 1067 3.94 26.33 62.17
CA GLU B 1067 4.60 26.31 60.88
C GLU B 1067 6.11 26.27 61.10
N GLY B 1068 6.82 25.72 60.14
CA GLY B 1068 8.26 25.59 60.26
C GLY B 1068 8.65 24.49 61.22
N VAL B 1069 9.94 24.46 61.53
CA VAL B 1069 10.51 23.43 62.39
C VAL B 1069 11.43 24.09 63.41
N PHE B 1070 11.70 23.36 64.50
CA PHE B 1070 12.61 23.84 65.52
C PHE B 1070 14.05 23.72 65.04
N VAL B 1071 14.87 24.71 65.41
CA VAL B 1071 16.28 24.72 65.07
C VAL B 1071 17.06 25.23 66.28
N SER B 1072 18.36 24.96 66.27
CA SER B 1072 19.24 25.39 67.35
C SER B 1072 20.59 25.77 66.78
N ASN B 1073 21.07 26.96 67.15
CA ASN B 1073 22.41 27.39 66.76
C ASN B 1073 23.43 26.99 67.82
N GLY B 1074 23.42 25.70 68.16
CA GLY B 1074 24.27 25.18 69.21
C GLY B 1074 23.59 25.12 70.56
N THR B 1075 23.21 26.27 71.11
CA THR B 1075 22.61 26.36 72.43
C THR B 1075 21.16 26.86 72.38
N HIS B 1076 20.93 28.02 71.79
CA HIS B 1076 19.60 28.61 71.79
C HIS B 1076 18.73 28.00 70.70
N TRP B 1077 17.46 27.78 71.01
CA TRP B 1077 16.51 27.19 70.09
C TRP B 1077 15.68 28.27 69.41
N PHE B 1078 15.17 27.95 68.23
CA PHE B 1078 14.43 28.91 67.42
C PHE B 1078 13.46 28.19 66.51
N VAL B 1079 12.51 28.94 65.97
CA VAL B 1079 11.52 28.44 65.02
C VAL B 1079 11.64 29.24 63.74
N THR B 1080 11.70 28.53 62.61
CA THR B 1080 11.82 29.19 61.31
C THR B 1080 11.12 28.34 60.26
N GLN B 1081 10.68 29.00 59.20
CA GLN B 1081 10.03 28.29 58.11
C GLN B 1081 11.03 27.38 57.41
N ARG B 1082 10.51 26.30 56.82
CA ARG B 1082 11.35 25.29 56.22
C ARG B 1082 12.13 25.79 55.01
N ASN B 1083 11.67 26.86 54.38
CA ASN B 1083 12.28 27.35 53.14
C ASN B 1083 13.13 28.59 53.34
N PHE B 1084 13.29 29.07 54.56
CA PHE B 1084 14.13 30.23 54.80
C PHE B 1084 14.49 30.27 56.27
N TYR B 1085 15.70 30.76 56.56
CA TYR B 1085 16.21 30.84 57.93
C TYR B 1085 15.80 32.19 58.51
N GLU B 1086 14.70 32.18 59.26
CA GLU B 1086 14.21 33.37 59.96
C GLU B 1086 13.91 32.99 61.40
N PRO B 1087 14.95 32.75 62.20
CA PRO B 1087 14.72 32.26 63.57
C PRO B 1087 13.90 33.24 64.39
N GLN B 1088 13.05 32.68 65.24
CA GLN B 1088 12.19 33.47 66.11
C GLN B 1088 12.11 32.78 67.47
N ILE B 1089 11.81 33.58 68.49
CA ILE B 1089 11.68 33.03 69.84
C ILE B 1089 10.47 32.11 69.89
N ILE B 1090 10.61 31.01 70.64
CA ILE B 1090 9.53 30.04 70.76
C ILE B 1090 8.46 30.62 71.65
N THR B 1091 7.37 31.07 71.05
CA THR B 1091 6.25 31.67 71.77
C THR B 1091 5.06 30.72 71.73
N THR B 1092 4.03 31.08 72.50
CA THR B 1092 2.81 30.29 72.52
C THR B 1092 1.98 30.49 71.27
N ASP B 1093 2.05 31.68 70.65
CA ASP B 1093 1.24 31.95 69.48
C ASP B 1093 1.65 31.11 68.29
N ASN B 1094 2.95 30.91 68.08
CA ASN B 1094 3.47 30.17 66.93
C ASN B 1094 3.69 28.70 67.25
N THR B 1095 2.97 28.17 68.23
CA THR B 1095 3.09 26.76 68.59
C THR B 1095 1.76 26.30 69.19
N PHE B 1096 1.54 24.99 69.12
CA PHE B 1096 0.35 24.37 69.70
C PHE B 1096 0.76 23.12 70.47
N VAL B 1097 0.02 22.84 71.54
CA VAL B 1097 0.35 21.78 72.47
C VAL B 1097 -0.66 20.64 72.30
N SER B 1098 -0.15 19.40 72.36
CA SER B 1098 -1.01 18.23 72.29
C SER B 1098 -0.27 17.06 72.90
N GLY B 1099 -1.01 16.21 73.61
CA GLY B 1099 -0.41 15.05 74.22
C GLY B 1099 0.47 15.41 75.41
N ASN B 1100 1.37 14.49 75.74
CA ASN B 1100 2.28 14.63 76.86
C ASN B 1100 3.72 14.47 76.34
N CYS B 1101 4.67 14.45 77.27
CA CYS B 1101 6.09 14.43 76.95
C CYS B 1101 6.64 13.02 76.75
N ASP B 1102 5.81 11.98 76.92
CA ASP B 1102 6.30 10.61 76.90
C ASP B 1102 6.08 9.90 75.57
N VAL B 1103 4.93 10.09 74.93
CA VAL B 1103 4.58 9.30 73.76
C VAL B 1103 5.40 9.64 72.52
N VAL B 1104 6.08 10.79 72.50
CA VAL B 1104 6.85 11.23 71.36
C VAL B 1104 8.33 11.07 71.66
N ILE B 1105 9.08 10.58 70.68
CA ILE B 1105 10.51 10.36 70.84
C ILE B 1105 11.26 11.52 70.21
N GLY B 1106 12.51 11.70 70.64
CA GLY B 1106 13.35 12.74 70.12
C GLY B 1106 13.13 14.11 70.72
N ILE B 1107 12.20 14.25 71.66
CA ILE B 1107 11.89 15.56 72.22
C ILE B 1107 13.12 16.08 72.96
N VAL B 1108 13.27 17.41 72.97
CA VAL B 1108 14.35 18.09 73.68
C VAL B 1108 13.73 18.99 74.73
N ASN B 1109 14.21 18.86 75.97
CA ASN B 1109 13.69 19.67 77.06
C ASN B 1109 14.14 21.12 76.89
N ASN B 1110 13.17 22.03 76.80
CA ASN B 1110 13.47 23.45 76.66
C ASN B 1110 12.27 24.25 77.13
N THR B 1111 12.51 25.53 77.38
CA THR B 1111 11.46 26.43 77.85
C THR B 1111 10.78 27.10 76.65
N VAL B 1112 9.52 27.49 76.86
CA VAL B 1112 8.72 28.18 75.86
C VAL B 1112 8.33 29.54 76.42
N TYR B 1113 8.64 30.60 75.67
CA TYR B 1113 8.31 31.94 76.11
C TYR B 1113 6.81 32.17 76.03
N ASP B 1114 6.29 32.92 77.01
CA ASP B 1114 4.87 33.25 77.08
C ASP B 1114 4.70 34.76 77.02
N PRO B 1115 4.04 35.31 76.00
CA PRO B 1115 3.95 36.78 75.91
C PRO B 1115 3.02 37.41 76.93
N LEU B 1116 2.16 36.63 77.59
CA LEU B 1116 1.22 37.20 78.54
C LEU B 1116 1.88 37.63 79.84
N GLN B 1117 2.91 36.91 80.28
CA GLN B 1117 3.55 37.23 81.56
C GLN B 1117 4.09 38.64 81.61
N PRO B 1118 4.88 39.12 80.64
CA PRO B 1118 5.37 40.51 80.73
C PRO B 1118 4.25 41.53 80.79
N GLU B 1119 3.16 41.31 80.06
CA GLU B 1119 2.02 42.22 80.15
C GLU B 1119 1.44 42.22 81.55
N LEU B 1120 1.26 41.04 82.15
CA LEU B 1120 0.82 40.96 83.53
C LEU B 1120 1.86 41.56 84.48
N ASP B 1121 3.14 41.29 84.23
CA ASP B 1121 4.19 41.81 85.09
C ASP B 1121 4.32 43.33 84.97
N PRO C 1 -34.43 33.01 -31.19
CA PRO C 1 -35.75 33.59 -31.48
C PRO C 1 -36.78 33.29 -30.39
N ALA C 2 -37.13 34.31 -29.61
CA ALA C 2 -38.11 34.17 -28.53
C ALA C 2 -37.66 33.13 -27.51
N TYR C 3 -36.48 33.38 -26.93
CA TYR C 3 -35.94 32.49 -25.92
C TYR C 3 -36.75 32.58 -24.63
N THR C 4 -36.82 31.46 -23.92
CA THR C 4 -37.51 31.37 -22.64
C THR C 4 -36.60 30.71 -21.63
N ASN C 5 -36.77 31.07 -20.35
CA ASN C 5 -35.92 30.58 -19.27
C ASN C 5 -36.61 29.41 -18.58
N SER C 6 -35.95 28.26 -18.58
CA SER C 6 -36.45 27.07 -17.89
C SER C 6 -35.92 27.09 -16.46
N PHE C 7 -36.82 27.27 -15.50
CA PHE C 7 -36.40 27.47 -14.11
C PHE C 7 -35.90 26.17 -13.48
N THR C 8 -36.78 25.17 -13.39
CA THR C 8 -36.44 23.91 -12.75
C THR C 8 -36.85 22.69 -13.55
N ARG C 9 -37.69 22.82 -14.57
CA ARG C 9 -38.11 21.67 -15.35
C ARG C 9 -36.94 21.11 -16.16
N GLY C 10 -37.03 19.82 -16.48
CA GLY C 10 -36.00 19.16 -17.26
C GLY C 10 -35.29 18.08 -16.50
N VAL C 11 -36.00 17.42 -15.57
CA VAL C 11 -35.43 16.34 -14.76
C VAL C 11 -36.27 15.09 -14.94
N TYR C 12 -35.63 13.96 -14.72
CA TYR C 12 -36.28 12.66 -14.91
C TYR C 12 -35.58 11.64 -14.03
N TYR C 13 -36.25 10.51 -13.82
CA TYR C 13 -35.65 9.44 -13.04
C TYR C 13 -34.53 8.80 -13.85
N PRO C 14 -33.28 8.83 -13.39
CA PRO C 14 -32.20 8.29 -14.23
C PRO C 14 -32.30 6.79 -14.46
N ASP C 15 -33.02 6.06 -13.62
CA ASP C 15 -33.11 4.61 -13.74
C ASP C 15 -34.36 4.15 -13.00
N LYS C 16 -34.58 2.83 -13.00
CA LYS C 16 -35.73 2.22 -12.36
C LYS C 16 -35.42 1.76 -10.94
N VAL C 17 -34.53 2.46 -10.25
CA VAL C 17 -34.15 2.10 -8.91
C VAL C 17 -34.99 2.91 -7.92
N PHE C 18 -35.03 2.45 -6.67
CA PHE C 18 -35.83 3.06 -5.62
C PHE C 18 -34.91 3.55 -4.52
N ARG C 19 -35.13 4.80 -4.09
CA ARG C 19 -34.39 5.40 -2.99
C ARG C 19 -35.37 6.18 -2.13
N SER C 20 -35.24 6.05 -0.82
CA SER C 20 -36.19 6.65 0.12
C SER C 20 -35.44 7.50 1.13
N SER C 21 -35.86 8.75 1.28
CA SER C 21 -35.34 9.65 2.30
C SER C 21 -33.81 9.73 2.25
N VAL C 22 -33.28 9.76 1.02
CA VAL C 22 -31.84 9.81 0.82
C VAL C 22 -31.56 10.66 -0.42
N LEU C 23 -30.45 11.40 -0.38
CA LEU C 23 -30.04 12.24 -1.49
C LEU C 23 -28.94 11.54 -2.26
N HIS C 24 -29.15 11.38 -3.57
CA HIS C 24 -28.21 10.69 -4.44
C HIS C 24 -27.85 11.59 -5.61
N SER C 25 -26.57 11.54 -6.00
CA SER C 25 -26.06 12.32 -7.12
C SER C 25 -25.81 11.38 -8.30
N THR C 26 -26.35 11.75 -9.46
CA THR C 26 -26.23 10.94 -10.67
C THR C 26 -25.65 11.79 -11.78
N GLN C 27 -24.66 11.24 -12.48
CA GLN C 27 -24.02 11.90 -13.62
C GLN C 27 -24.67 11.35 -14.88
N ASP C 28 -25.52 12.16 -15.52
CA ASP C 28 -26.23 11.75 -16.71
C ASP C 28 -26.63 12.99 -17.49
N LEU C 29 -27.10 12.76 -18.72
CA LEU C 29 -27.58 13.86 -19.54
C LEU C 29 -28.75 14.56 -18.86
N PHE C 30 -28.71 15.89 -18.82
CA PHE C 30 -29.73 16.66 -18.13
C PHE C 30 -29.83 18.04 -18.75
N LEU C 31 -30.92 18.72 -18.43
CA LEU C 31 -31.14 20.08 -18.89
C LEU C 31 -30.77 21.04 -17.78
N PRO C 32 -29.70 21.84 -17.91
CA PRO C 32 -29.29 22.71 -16.80
C PRO C 32 -30.38 23.69 -16.42
N PHE C 33 -30.51 23.92 -15.12
CA PHE C 33 -31.55 24.82 -14.61
C PHE C 33 -31.29 26.25 -15.07
N PHE C 34 -32.37 27.01 -15.20
CA PHE C 34 -32.28 28.42 -15.58
C PHE C 34 -31.54 28.58 -16.91
N SER C 35 -31.82 27.70 -17.85
CA SER C 35 -31.24 27.73 -19.18
C SER C 35 -32.26 28.21 -20.19
N ASN C 36 -31.77 28.69 -21.32
CA ASN C 36 -32.64 29.18 -22.39
C ASN C 36 -33.19 28.01 -23.20
N VAL C 37 -34.50 28.01 -23.41
CA VAL C 37 -35.17 27.00 -24.21
C VAL C 37 -35.88 27.71 -25.37
N THR C 38 -35.64 27.24 -26.59
CA THR C 38 -36.28 27.84 -27.75
C THR C 38 -37.78 27.63 -27.70
N TRP C 39 -38.52 28.67 -28.09
CA TRP C 39 -39.97 28.63 -28.13
C TRP C 39 -40.45 28.92 -29.54
N PHE C 40 -41.38 28.10 -30.03
CA PHE C 40 -41.95 28.24 -31.36
C PHE C 40 -43.45 28.41 -31.25
N HIS C 41 -44.02 29.19 -32.17
CA HIS C 41 -45.45 29.42 -32.19
C HIS C 41 -45.95 29.74 -33.59
N ASP C 55 -45.78 27.09 -37.76
CA ASP C 55 -44.37 26.93 -37.39
C ASP C 55 -44.11 25.46 -37.11
N ASN C 56 -43.19 24.86 -37.87
CA ASN C 56 -42.80 23.48 -37.66
C ASN C 56 -41.48 23.19 -38.37
N PRO C 57 -40.39 23.83 -37.94
CA PRO C 57 -39.10 23.60 -38.58
C PRO C 57 -38.39 22.37 -38.02
N VAL C 58 -37.39 21.91 -38.76
CA VAL C 58 -36.58 20.78 -38.33
C VAL C 58 -35.61 21.24 -37.25
N LEU C 59 -35.52 20.45 -36.17
CA LEU C 59 -34.66 20.78 -35.05
C LEU C 59 -33.59 19.71 -34.87
N PRO C 60 -32.34 20.11 -34.59
CA PRO C 60 -31.31 19.10 -34.34
C PRO C 60 -31.54 18.40 -33.01
N PHE C 61 -31.02 17.18 -32.91
CA PHE C 61 -31.17 16.40 -31.68
C PHE C 61 -30.13 16.80 -30.65
N ASN C 62 -28.86 16.80 -31.04
CA ASN C 62 -27.76 17.18 -30.14
C ASN C 62 -27.77 16.34 -28.87
N ASP C 63 -28.04 15.04 -29.01
CA ASP C 63 -27.94 14.07 -27.92
C ASP C 63 -28.83 14.49 -26.74
N GLY C 64 -30.14 14.47 -27.00
CA GLY C 64 -31.11 14.74 -25.97
C GLY C 64 -31.97 15.96 -26.25
N VAL C 65 -33.28 15.78 -26.29
CA VAL C 65 -34.23 16.84 -26.58
C VAL C 65 -35.28 16.85 -25.49
N TYR C 66 -35.51 18.02 -24.88
CA TYR C 66 -36.55 18.20 -23.89
C TYR C 66 -37.73 18.92 -24.54
N PHE C 67 -38.88 18.26 -24.56
CA PHE C 67 -40.07 18.79 -25.21
C PHE C 67 -41.13 19.12 -24.19
N ALA C 68 -41.85 20.22 -24.41
CA ALA C 68 -42.92 20.64 -23.50
C ALA C 68 -43.98 21.33 -24.34
N SER C 69 -45.13 20.68 -24.49
CA SER C 69 -46.24 21.23 -25.26
C SER C 69 -47.15 22.07 -24.38
N THR C 70 -47.83 23.01 -25.00
CA THR C 70 -48.78 23.87 -24.29
C THR C 70 -50.08 23.12 -24.05
N GLU C 71 -50.94 23.72 -23.23
CA GLU C 71 -52.22 23.13 -22.88
C GLU C 71 -53.32 23.67 -23.79
N LYS C 72 -54.53 23.15 -23.60
CA LYS C 72 -55.70 23.58 -24.37
C LYS C 72 -55.48 23.41 -25.87
N SER C 73 -54.79 22.33 -26.25
CA SER C 73 -54.50 22.09 -27.65
C SER C 73 -54.25 20.60 -27.86
N ASN C 74 -54.40 20.17 -29.11
CA ASN C 74 -54.13 18.78 -29.48
C ASN C 74 -53.43 18.70 -30.84
N ILE C 75 -52.80 19.79 -31.28
CA ILE C 75 -52.18 19.80 -32.60
C ILE C 75 -51.03 18.80 -32.66
N ILE C 76 -50.22 18.74 -31.61
CA ILE C 76 -49.09 17.83 -31.60
C ILE C 76 -49.60 16.39 -31.49
N ARG C 77 -49.18 15.56 -32.44
CA ARG C 77 -49.61 14.16 -32.49
C ARG C 77 -48.45 13.17 -32.60
N GLY C 78 -47.23 13.65 -32.80
CA GLY C 78 -46.11 12.75 -32.92
C GLY C 78 -44.86 13.51 -33.32
N TRP C 79 -43.78 12.74 -33.48
CA TRP C 79 -42.49 13.29 -33.85
C TRP C 79 -41.81 12.32 -34.82
N ILE C 80 -40.92 12.88 -35.64
CA ILE C 80 -40.13 12.10 -36.60
C ILE C 80 -38.66 12.31 -36.26
N PHE C 81 -37.95 11.20 -36.05
CA PHE C 81 -36.53 11.22 -35.74
C PHE C 81 -35.74 10.51 -36.83
N GLY C 82 -34.44 10.67 -36.78
CA GLY C 82 -33.55 10.05 -37.75
C GLY C 82 -32.34 10.94 -37.99
N THR C 83 -31.66 10.65 -39.09
CA THR C 83 -30.46 11.39 -39.49
C THR C 83 -30.73 12.35 -40.64
N THR C 84 -31.30 11.85 -41.75
CA THR C 84 -31.58 12.65 -42.92
C THR C 84 -33.06 12.82 -43.23
N LEU C 85 -33.92 11.93 -42.74
CA LEU C 85 -35.35 11.99 -43.03
C LEU C 85 -35.60 11.98 -44.53
N ASP C 86 -34.87 11.13 -45.25
CA ASP C 86 -34.96 11.05 -46.70
C ASP C 86 -34.91 9.57 -47.10
N SER C 87 -34.70 9.33 -48.40
CA SER C 87 -34.71 7.98 -48.93
C SER C 87 -33.36 7.26 -48.76
N LYS C 88 -32.34 7.94 -48.24
CA LYS C 88 -31.04 7.30 -48.10
C LYS C 88 -30.98 6.42 -46.86
N THR C 89 -31.32 6.97 -45.70
CA THR C 89 -31.26 6.26 -44.42
C THR C 89 -32.66 6.12 -43.84
N GLN C 90 -32.93 4.96 -43.26
CA GLN C 90 -34.21 4.75 -42.60
C GLN C 90 -34.37 5.72 -41.43
N SER C 91 -35.58 6.25 -41.28
CA SER C 91 -35.86 7.26 -40.26
C SER C 91 -37.02 6.79 -39.39
N LEU C 92 -36.95 7.15 -38.11
CA LEU C 92 -37.97 6.76 -37.15
C LEU C 92 -39.15 7.73 -37.22
N LEU C 93 -40.36 7.18 -37.30
CA LEU C 93 -41.59 7.94 -37.40
C LEU C 93 -42.53 7.52 -36.29
N ILE C 94 -42.98 8.49 -35.49
CA ILE C 94 -43.93 8.27 -34.41
C ILE C 94 -45.15 9.15 -34.64
N VAL C 95 -46.33 8.54 -34.62
CA VAL C 95 -47.59 9.26 -34.77
C VAL C 95 -48.56 8.74 -33.71
N ASN C 96 -49.60 9.52 -33.46
CA ASN C 96 -50.63 9.16 -32.50
C ASN C 96 -51.97 9.66 -33.01
N ASN C 97 -52.92 8.74 -33.22
CA ASN C 97 -54.25 9.07 -33.69
C ASN C 97 -55.28 8.96 -32.58
N ALA C 98 -54.86 9.22 -31.33
CA ALA C 98 -55.70 9.20 -30.14
C ALA C 98 -56.17 7.80 -29.75
N THR C 99 -55.75 6.76 -30.48
CA THR C 99 -56.17 5.40 -30.17
C THR C 99 -54.96 4.46 -30.14
N ASN C 100 -53.90 4.80 -30.87
CA ASN C 100 -52.70 3.97 -30.92
C ASN C 100 -51.52 4.82 -31.34
N VAL C 101 -50.32 4.28 -31.12
CA VAL C 101 -49.09 4.90 -31.56
C VAL C 101 -48.37 3.94 -32.50
N VAL C 102 -47.98 4.44 -33.66
CA VAL C 102 -47.38 3.63 -34.71
C VAL C 102 -45.93 4.06 -34.88
N ILE C 103 -45.03 3.08 -34.90
CA ILE C 103 -43.59 3.33 -35.03
C ILE C 103 -43.15 2.72 -36.36
N LYS C 104 -42.82 3.57 -37.33
CA LYS C 104 -42.30 3.15 -38.62
C LYS C 104 -40.84 3.57 -38.72
N VAL C 105 -39.97 2.61 -39.01
CA VAL C 105 -38.55 2.91 -39.24
C VAL C 105 -38.33 2.74 -40.73
N CYS C 106 -39.40 2.93 -41.51
CA CYS C 106 -39.35 2.64 -42.93
C CYS C 106 -38.63 3.76 -43.68
N GLU C 107 -38.45 3.57 -44.98
CA GLU C 107 -37.79 4.58 -45.82
C GLU C 107 -38.80 5.67 -46.15
N PHE C 108 -38.77 6.76 -45.39
CA PHE C 108 -39.70 7.86 -45.55
C PHE C 108 -38.97 9.06 -46.15
N GLN C 109 -39.54 9.63 -47.20
CA GLN C 109 -38.97 10.82 -47.81
C GLN C 109 -39.34 12.06 -47.00
N PHE C 110 -38.60 13.14 -47.25
CA PHE C 110 -38.86 14.40 -46.59
C PHE C 110 -40.06 15.09 -47.24
N CYS C 111 -40.64 16.03 -46.49
CA CYS C 111 -41.79 16.81 -46.96
C CYS C 111 -41.53 18.28 -46.71
N ASN C 112 -41.99 19.12 -47.64
CA ASN C 112 -41.79 20.56 -47.49
C ASN C 112 -42.52 21.09 -46.26
N ASP C 113 -43.75 20.62 -46.02
CA ASP C 113 -44.55 21.05 -44.88
C ASP C 113 -45.40 19.89 -44.40
N PRO C 114 -44.77 18.89 -43.78
CA PRO C 114 -45.54 17.72 -43.34
C PRO C 114 -46.58 18.10 -42.29
N PHE C 115 -47.72 17.41 -42.34
CA PHE C 115 -48.82 17.65 -41.42
C PHE C 115 -49.78 16.47 -41.54
N LEU C 116 -50.93 16.57 -40.88
CA LEU C 116 -51.94 15.53 -40.91
C LEU C 116 -53.18 16.01 -41.65
N SER C 130 -58.76 14.98 -41.64
CA SER C 130 -57.79 14.50 -42.62
C SER C 130 -56.47 14.24 -41.91
N GLU C 131 -55.90 13.07 -42.13
CA GLU C 131 -54.66 12.66 -41.47
C GLU C 131 -53.84 11.80 -42.42
N PHE C 132 -52.68 11.37 -41.93
CA PHE C 132 -51.78 10.50 -42.69
C PHE C 132 -51.26 11.16 -43.96
N ARG C 133 -51.27 12.50 -43.99
CA ARG C 133 -50.72 13.22 -45.13
C ARG C 133 -49.20 13.19 -45.15
N VAL C 134 -48.56 13.04 -43.98
CA VAL C 134 -47.11 12.99 -43.91
C VAL C 134 -46.53 11.74 -44.55
N TYR C 135 -47.36 10.75 -44.86
CA TYR C 135 -46.88 9.49 -45.42
C TYR C 135 -46.37 9.75 -46.84
N SER C 136 -45.05 9.86 -46.97
CA SER C 136 -44.41 10.08 -48.25
C SER C 136 -44.01 8.76 -48.92
N SER C 137 -43.39 7.86 -48.17
CA SER C 137 -43.01 6.56 -48.69
C SER C 137 -42.83 5.59 -47.52
N ALA C 138 -43.45 4.41 -47.65
CA ALA C 138 -43.32 3.35 -46.66
C ALA C 138 -42.60 2.13 -47.24
N ASN C 139 -41.91 2.29 -48.36
CA ASN C 139 -41.24 1.18 -49.01
C ASN C 139 -40.01 0.74 -48.20
N ASN C 140 -39.72 -0.55 -48.28
CA ASN C 140 -38.54 -1.14 -47.61
C ASN C 140 -38.58 -0.86 -46.11
N CYS C 141 -39.63 -1.34 -45.47
CA CYS C 141 -39.75 -1.22 -44.02
C CYS C 141 -38.78 -2.17 -43.34
N THR C 142 -38.03 -1.63 -42.37
CA THR C 142 -37.03 -2.40 -41.63
C THR C 142 -37.58 -2.88 -40.29
N PHE C 143 -38.04 -1.95 -39.45
CA PHE C 143 -38.58 -2.28 -38.14
C PHE C 143 -39.96 -1.66 -37.99
N GLU C 144 -40.87 -2.43 -37.38
CA GLU C 144 -42.25 -1.99 -37.14
C GLU C 144 -42.62 -2.28 -35.69
N TYR C 145 -43.37 -1.36 -35.09
CA TYR C 145 -43.81 -1.53 -33.71
C TYR C 145 -45.06 -0.69 -33.49
N VAL C 146 -46.03 -1.26 -32.78
CA VAL C 146 -47.28 -0.58 -32.46
C VAL C 146 -47.55 -0.77 -30.98
N SER C 147 -47.98 0.29 -30.31
CA SER C 147 -48.29 0.25 -28.88
C SER C 147 -49.54 1.08 -28.62
N GLN C 148 -49.94 1.14 -27.36
CA GLN C 148 -51.10 1.91 -26.95
C GLN C 148 -50.70 3.35 -26.68
N PRO C 149 -51.65 4.29 -26.75
CA PRO C 149 -51.32 5.69 -26.47
C PRO C 149 -50.84 5.87 -25.04
N PHE C 150 -49.89 6.79 -24.87
CA PHE C 150 -49.34 7.03 -23.53
C PHE C 150 -50.40 7.62 -22.61
N LEU C 151 -51.07 8.68 -23.05
CA LEU C 151 -52.12 9.31 -22.28
C LEU C 151 -52.78 10.38 -23.14
N PHE C 161 -56.35 26.39 -18.19
CA PHE C 161 -56.36 25.40 -17.11
C PHE C 161 -56.54 23.99 -17.66
N LYS C 162 -55.43 23.36 -18.03
CA LYS C 162 -55.46 22.00 -18.56
C LYS C 162 -54.08 21.39 -18.35
N ASN C 163 -53.94 20.13 -18.75
CA ASN C 163 -52.69 19.40 -18.54
C ASN C 163 -51.54 20.08 -19.28
N LEU C 164 -50.38 20.09 -18.64
CA LEU C 164 -49.15 20.58 -19.24
C LEU C 164 -48.31 19.39 -19.66
N ARG C 165 -48.08 19.25 -20.97
CA ARG C 165 -47.36 18.11 -21.52
C ARG C 165 -45.86 18.38 -21.48
N GLU C 166 -45.11 17.44 -20.92
CA GLU C 166 -43.65 17.50 -20.88
C GLU C 166 -43.11 16.14 -21.29
N PHE C 167 -42.14 16.13 -22.20
CA PHE C 167 -41.56 14.89 -22.70
C PHE C 167 -40.06 15.06 -22.85
N VAL C 168 -39.32 14.02 -22.47
CA VAL C 168 -37.87 13.98 -22.59
C VAL C 168 -37.51 12.76 -23.43
N PHE C 169 -36.71 12.99 -24.47
CA PHE C 169 -36.30 11.93 -25.39
C PHE C 169 -34.79 11.81 -25.40
N LYS C 170 -34.31 10.57 -25.41
CA LYS C 170 -32.89 10.30 -25.44
C LYS C 170 -32.64 8.97 -26.14
N ASN C 171 -31.42 8.79 -26.61
CA ASN C 171 -31.06 7.57 -27.35
C ASN C 171 -29.60 7.25 -27.02
N ILE C 172 -29.40 6.31 -26.10
CA ILE C 172 -28.07 5.87 -25.70
C ILE C 172 -28.00 4.36 -25.88
N ASP C 173 -26.95 3.90 -26.57
CA ASP C 173 -26.75 2.47 -26.83
C ASP C 173 -27.92 1.87 -27.60
N GLY C 174 -28.56 2.67 -28.44
CA GLY C 174 -29.67 2.20 -29.23
C GLY C 174 -30.99 2.10 -28.49
N TYR C 175 -31.04 2.53 -27.23
CA TYR C 175 -32.26 2.47 -26.43
C TYR C 175 -32.92 3.84 -26.47
N PHE C 176 -34.07 3.92 -27.14
CA PHE C 176 -34.84 5.15 -27.22
C PHE C 176 -35.80 5.18 -26.05
N LYS C 177 -35.49 6.00 -25.04
CA LYS C 177 -36.28 6.08 -23.83
C LYS C 177 -37.25 7.25 -23.93
N ILE C 178 -38.52 6.98 -23.63
CA ILE C 178 -39.59 7.97 -23.72
C ILE C 178 -40.06 8.31 -22.32
N TYR C 179 -40.12 9.60 -22.00
CA TYR C 179 -40.59 10.09 -20.72
C TYR C 179 -41.77 11.01 -20.96
N SER C 180 -42.70 11.01 -20.02
CA SER C 180 -43.91 11.82 -20.16
C SER C 180 -44.43 12.21 -18.78
N LYS C 181 -45.13 13.35 -18.74
CA LYS C 181 -45.81 13.78 -17.53
C LYS C 181 -46.81 14.88 -17.86
N HIS C 182 -48.07 14.68 -17.47
CA HIS C 182 -49.14 15.65 -17.67
C HIS C 182 -49.52 16.24 -16.32
N THR C 183 -49.41 17.56 -16.20
CA THR C 183 -49.68 18.26 -14.95
C THR C 183 -50.61 19.43 -15.26
N PRO C 184 -51.78 19.53 -14.62
CA PRO C 184 -52.63 20.71 -14.84
C PRO C 184 -52.05 21.93 -14.13
N ILE C 185 -51.71 22.95 -14.92
CA ILE C 185 -51.06 24.15 -14.42
C ILE C 185 -51.69 25.37 -15.11
N ASN C 186 -51.30 26.54 -14.65
CA ASN C 186 -51.76 27.82 -15.20
C ASN C 186 -50.54 28.56 -15.77
N LEU C 187 -50.76 29.80 -16.18
CA LEU C 187 -49.72 30.62 -16.80
C LEU C 187 -49.22 29.97 -18.09
N VAL C 188 -50.15 29.80 -19.03
CA VAL C 188 -49.84 29.08 -20.26
C VAL C 188 -48.78 29.82 -21.08
N ARG C 189 -48.62 31.12 -20.85
CA ARG C 189 -47.71 31.90 -21.67
C ARG C 189 -46.27 31.41 -21.52
N ASP C 190 -45.85 31.12 -20.29
CA ASP C 190 -44.47 30.73 -20.00
C ASP C 190 -44.47 29.47 -19.15
N LEU C 191 -43.28 28.90 -18.99
CA LEU C 191 -43.14 27.67 -18.21
C LEU C 191 -43.38 27.97 -16.74
N PRO C 192 -44.36 27.34 -16.08
CA PRO C 192 -44.58 27.61 -14.67
C PRO C 192 -43.40 27.14 -13.82
N GLN C 193 -43.20 27.82 -12.70
CA GLN C 193 -42.19 27.43 -11.74
C GLN C 193 -42.65 26.17 -10.99
N GLY C 194 -41.84 25.75 -10.03
CA GLY C 194 -42.16 24.58 -9.24
C GLY C 194 -41.20 23.43 -9.52
N PHE C 195 -41.73 22.21 -9.58
CA PHE C 195 -40.89 21.04 -9.81
C PHE C 195 -41.73 19.95 -10.46
N SER C 196 -41.08 19.13 -11.28
CA SER C 196 -41.76 18.03 -11.96
C SER C 196 -40.73 16.95 -12.29
N ALA C 197 -41.06 15.71 -11.97
CA ALA C 197 -40.17 14.57 -12.19
C ALA C 197 -40.73 13.72 -13.32
N LEU C 198 -39.96 13.61 -14.41
CA LEU C 198 -40.38 12.80 -15.55
C LEU C 198 -40.09 11.33 -15.30
N GLU C 199 -41.05 10.47 -15.69
CA GLU C 199 -40.92 9.04 -15.49
C GLU C 199 -40.74 8.32 -16.83
N PRO C 200 -39.92 7.26 -16.88
CA PRO C 200 -39.79 6.51 -18.14
C PRO C 200 -41.03 5.69 -18.41
N LEU C 201 -41.40 5.62 -19.69
CA LEU C 201 -42.56 4.83 -20.13
C LEU C 201 -42.18 3.72 -21.09
N VAL C 202 -41.47 4.04 -22.17
CA VAL C 202 -41.19 3.10 -23.24
C VAL C 202 -39.70 3.11 -23.54
N ASP C 203 -39.10 1.93 -23.65
CA ASP C 203 -37.74 1.75 -24.13
C ASP C 203 -37.80 1.02 -25.46
N LEU C 204 -37.16 1.59 -26.48
CA LEU C 204 -37.24 1.07 -27.84
C LEU C 204 -35.84 0.75 -28.37
N PRO C 205 -35.49 -0.52 -28.62
CA PRO C 205 -34.15 -0.82 -29.16
C PRO C 205 -34.05 -0.66 -30.67
N ILE C 206 -33.83 0.57 -31.11
CA ILE C 206 -33.72 0.87 -32.53
C ILE C 206 -32.28 0.64 -32.98
N GLY C 207 -31.35 1.40 -32.41
CA GLY C 207 -29.94 1.20 -32.68
C GLY C 207 -29.37 1.97 -33.85
N ILE C 208 -30.04 3.02 -34.31
CA ILE C 208 -29.55 3.84 -35.40
C ILE C 208 -29.07 5.18 -34.84
N ASN C 209 -28.38 5.93 -35.69
CA ASN C 209 -27.92 7.27 -35.33
C ASN C 209 -29.02 8.29 -35.60
N ILE C 210 -29.32 9.10 -34.59
CA ILE C 210 -30.31 10.17 -34.70
C ILE C 210 -29.60 11.48 -34.46
N THR C 211 -29.66 12.38 -35.43
CA THR C 211 -29.01 13.69 -35.35
C THR C 211 -29.99 14.85 -35.36
N ARG C 212 -31.18 14.67 -35.94
CA ARG C 212 -32.16 15.74 -35.99
C ARG C 212 -33.55 15.11 -36.03
N PHE C 213 -34.55 15.91 -35.64
CA PHE C 213 -35.92 15.45 -35.56
C PHE C 213 -36.85 16.56 -36.03
N GLN C 214 -38.08 16.16 -36.35
CA GLN C 214 -39.11 17.08 -36.82
C GLN C 214 -40.40 16.78 -36.08
N THR C 215 -41.01 17.81 -35.51
CA THR C 215 -42.30 17.66 -34.85
C THR C 215 -43.41 17.58 -35.89
N LEU C 216 -44.55 17.05 -35.46
CA LEU C 216 -45.71 16.85 -36.33
C LEU C 216 -46.88 17.67 -35.81
N LEU C 217 -47.51 18.41 -36.71
CA LEU C 217 -48.68 19.25 -36.39
C LEU C 217 -49.85 18.81 -37.26
N ALA C 218 -51.04 18.79 -36.65
CA ALA C 218 -52.27 18.40 -37.33
C ALA C 218 -53.01 19.66 -37.79
N LEU C 219 -53.27 19.76 -39.09
CA LEU C 219 -53.97 20.89 -39.66
C LEU C 219 -55.41 20.50 -39.96
N HIS C 220 -56.35 21.28 -39.44
CA HIS C 220 -57.77 21.03 -39.65
C HIS C 220 -58.50 22.36 -39.64
N ALA C 237 -52.15 27.97 -34.67
CA ALA C 237 -50.76 27.68 -34.35
C ALA C 237 -50.62 27.24 -32.90
N ALA C 238 -49.80 26.22 -32.68
CA ALA C 238 -49.58 25.67 -31.34
C ALA C 238 -48.29 26.24 -30.75
N ALA C 239 -48.17 26.10 -29.42
CA ALA C 239 -47.02 26.58 -28.67
C ALA C 239 -46.32 25.40 -28.02
N TYR C 240 -45.00 25.33 -28.20
CA TYR C 240 -44.20 24.26 -27.61
C TYR C 240 -42.78 24.76 -27.45
N TYR C 241 -42.02 24.06 -26.60
CA TYR C 241 -40.65 24.40 -26.29
C TYR C 241 -39.73 23.21 -26.53
N VAL C 242 -38.56 23.47 -27.11
CA VAL C 242 -37.59 22.44 -27.41
C VAL C 242 -36.30 22.78 -26.69
N GLY C 243 -35.90 21.93 -25.74
CA GLY C 243 -34.67 22.10 -25.00
C GLY C 243 -33.56 21.19 -25.51
N TYR C 244 -32.51 21.09 -24.70
CA TYR C 244 -31.40 20.21 -25.01
C TYR C 244 -30.77 19.72 -23.71
N LEU C 245 -30.08 18.59 -23.81
CA LEU C 245 -29.49 17.91 -22.66
C LEU C 245 -28.00 17.76 -22.85
N GLN C 246 -27.25 17.88 -21.76
CA GLN C 246 -25.82 17.69 -21.74
C GLN C 246 -25.44 16.91 -20.49
N PRO C 247 -24.30 16.24 -20.50
CA PRO C 247 -23.92 15.43 -19.33
C PRO C 247 -23.51 16.28 -18.14
N ARG C 248 -24.48 16.77 -17.39
CA ARG C 248 -24.26 17.59 -16.22
C ARG C 248 -24.69 16.83 -14.98
N THR C 249 -23.85 16.85 -13.95
CA THR C 249 -24.13 16.12 -12.72
C THR C 249 -25.17 16.85 -11.88
N PHE C 250 -26.19 16.12 -11.44
CA PHE C 250 -27.26 16.66 -10.61
C PHE C 250 -27.36 15.84 -9.33
N LEU C 251 -27.90 16.48 -8.30
CA LEU C 251 -28.19 15.83 -7.03
C LEU C 251 -29.70 15.78 -6.85
N LEU C 252 -30.21 14.58 -6.57
CA LEU C 252 -31.64 14.33 -6.46
C LEU C 252 -32.01 14.03 -5.01
N LYS C 253 -33.17 14.53 -4.59
CA LYS C 253 -33.68 14.31 -3.25
C LYS C 253 -34.88 13.36 -3.32
N TYR C 254 -34.87 12.34 -2.49
CA TYR C 254 -35.95 11.36 -2.42
C TYR C 254 -36.67 11.49 -1.08
N ASN C 255 -37.99 11.45 -1.12
CA ASN C 255 -38.81 11.58 0.07
C ASN C 255 -39.07 10.19 0.65
N GLU C 256 -39.94 10.12 1.68
CA GLU C 256 -40.24 8.84 2.31
C GLU C 256 -40.91 7.88 1.34
N ASN C 257 -41.67 8.41 0.38
CA ASN C 257 -42.34 7.58 -0.61
C ASN C 257 -41.49 7.30 -1.83
N GLY C 258 -40.23 7.74 -1.83
CA GLY C 258 -39.34 7.50 -2.96
C GLY C 258 -39.76 8.23 -4.22
N THR C 259 -40.21 9.48 -4.08
CA THR C 259 -40.55 10.33 -5.21
C THR C 259 -39.67 11.56 -5.18
N ILE C 260 -39.09 11.89 -6.33
CA ILE C 260 -38.19 13.04 -6.41
C ILE C 260 -39.00 14.32 -6.22
N THR C 261 -38.51 15.19 -5.33
CA THR C 261 -39.18 16.45 -5.03
C THR C 261 -38.32 17.67 -5.26
N ASP C 262 -37.00 17.55 -5.18
CA ASP C 262 -36.11 18.68 -5.39
C ASP C 262 -34.81 18.20 -6.01
N ALA C 263 -34.15 19.12 -6.72
CA ALA C 263 -32.86 18.81 -7.32
C ALA C 263 -32.06 20.10 -7.44
N VAL C 264 -30.74 19.96 -7.54
CA VAL C 264 -29.83 21.09 -7.66
C VAL C 264 -28.81 20.79 -8.74
N ASP C 265 -28.24 21.86 -9.31
CA ASP C 265 -27.22 21.76 -10.33
C ASP C 265 -25.84 21.91 -9.71
N CYS C 266 -24.91 21.07 -10.13
CA CYS C 266 -23.57 21.05 -9.57
C CYS C 266 -22.61 21.98 -10.30
N ALA C 267 -23.07 22.72 -11.31
CA ALA C 267 -22.21 23.64 -12.04
C ALA C 267 -22.93 24.94 -12.36
N LEU C 268 -23.91 25.33 -11.55
CA LEU C 268 -24.68 26.54 -11.80
C LEU C 268 -24.09 27.74 -11.08
N ASP C 269 -24.02 27.68 -9.75
CA ASP C 269 -23.50 28.75 -8.94
C ASP C 269 -22.73 28.16 -7.76
N PRO C 270 -21.85 28.95 -7.12
CA PRO C 270 -21.11 28.41 -5.98
C PRO C 270 -22.01 27.89 -4.87
N LEU C 271 -23.16 28.52 -4.64
CA LEU C 271 -24.07 28.03 -3.61
C LEU C 271 -24.51 26.61 -3.91
N SER C 272 -24.88 26.33 -5.17
CA SER C 272 -25.21 24.98 -5.57
C SER C 272 -23.98 24.12 -5.76
N GLU C 273 -22.82 24.73 -6.00
CA GLU C 273 -21.58 23.96 -6.11
C GLU C 273 -21.26 23.26 -4.80
N THR C 274 -21.45 23.95 -3.68
CA THR C 274 -21.15 23.36 -2.38
C THR C 274 -22.14 22.26 -2.01
N LYS C 275 -23.40 22.41 -2.42
CA LYS C 275 -24.42 21.45 -2.03
C LYS C 275 -24.07 20.05 -2.55
N CYS C 276 -23.65 19.95 -3.80
CA CYS C 276 -23.35 18.65 -4.38
C CYS C 276 -22.22 17.96 -3.64
N THR C 277 -21.15 18.68 -3.33
CA THR C 277 -20.02 18.06 -2.65
C THR C 277 -20.36 17.73 -1.19
N LEU C 278 -21.24 18.52 -0.57
CA LEU C 278 -21.64 18.27 0.81
C LEU C 278 -22.79 17.29 0.93
N LYS C 279 -23.41 16.89 -0.19
CA LYS C 279 -24.52 15.94 -0.16
C LYS C 279 -25.66 16.45 0.72
N SER C 280 -25.93 17.74 0.65
CA SER C 280 -27.00 18.33 1.45
C SER C 280 -27.46 19.62 0.79
N PHE C 281 -28.66 20.06 1.17
CA PHE C 281 -29.22 21.31 0.67
C PHE C 281 -28.95 22.48 1.61
N THR C 282 -29.33 22.35 2.88
CA THR C 282 -29.13 23.41 3.86
C THR C 282 -27.72 23.29 4.42
N VAL C 283 -26.79 24.03 3.85
CA VAL C 283 -25.41 24.02 4.30
C VAL C 283 -25.24 25.00 5.46
N GLU C 284 -24.60 24.52 6.52
CA GLU C 284 -24.39 25.34 7.70
C GLU C 284 -23.48 26.53 7.36
N LYS C 285 -23.72 27.64 8.04
CA LYS C 285 -22.87 28.82 7.89
C LYS C 285 -21.42 28.45 8.15
N GLY C 286 -20.54 28.83 7.22
CA GLY C 286 -19.14 28.52 7.36
C GLY C 286 -18.43 28.68 6.02
N ILE C 287 -17.23 28.10 5.97
CA ILE C 287 -16.38 28.13 4.78
C ILE C 287 -16.18 26.69 4.32
N TYR C 288 -16.29 26.46 3.01
CA TYR C 288 -16.14 25.13 2.44
C TYR C 288 -15.29 25.20 1.19
N GLN C 289 -14.47 24.17 0.99
CA GLN C 289 -13.70 24.00 -0.23
C GLN C 289 -14.45 23.00 -1.11
N THR C 290 -14.83 23.44 -2.32
CA THR C 290 -15.68 22.64 -3.18
C THR C 290 -14.95 21.98 -4.33
N SER C 291 -13.92 22.63 -4.88
CA SER C 291 -13.21 22.08 -6.03
C SER C 291 -11.87 22.81 -6.14
N ASN C 292 -11.19 22.60 -7.27
CA ASN C 292 -9.94 23.28 -7.59
C ASN C 292 -10.04 23.85 -9.00
N PHE C 293 -8.96 24.51 -9.42
CA PHE C 293 -8.92 25.12 -10.75
C PHE C 293 -7.47 25.32 -11.14
N ARG C 294 -7.26 25.62 -12.42
CA ARG C 294 -5.93 25.87 -12.96
C ARG C 294 -6.07 26.75 -14.18
N VAL C 295 -4.99 26.87 -14.95
CA VAL C 295 -4.99 27.61 -16.20
C VAL C 295 -4.43 26.70 -17.29
N GLN C 296 -5.18 26.57 -18.38
CA GLN C 296 -4.82 25.66 -19.44
C GLN C 296 -3.81 26.30 -20.39
N PRO C 297 -3.00 25.50 -21.09
CA PRO C 297 -2.10 26.06 -22.10
C PRO C 297 -2.87 26.61 -23.28
N THR C 298 -2.25 27.56 -23.97
CA THR C 298 -2.89 28.28 -25.07
C THR C 298 -2.22 28.03 -26.42
N GLU C 299 -0.90 28.22 -26.52
CA GLU C 299 -0.21 28.21 -27.80
C GLU C 299 0.59 26.95 -28.06
N SER C 300 1.19 26.36 -27.02
CA SER C 300 2.04 25.17 -27.17
C SER C 300 3.20 25.45 -28.14
N ILE C 301 4.04 26.40 -27.73
CA ILE C 301 5.15 26.83 -28.59
C ILE C 301 6.24 25.76 -28.59
N VAL C 302 7.01 25.74 -29.68
CA VAL C 302 8.14 24.83 -29.83
C VAL C 302 9.35 25.66 -30.26
N ARG C 303 10.39 25.53 -29.46
CA ARG C 303 11.64 26.25 -29.65
C ARG C 303 12.77 25.25 -29.66
N PHE C 304 13.58 25.34 -30.70
CA PHE C 304 14.68 24.45 -30.89
C PHE C 304 15.91 25.24 -31.19
N PRO C 305 17.06 24.55 -31.22
CA PRO C 305 18.40 25.06 -31.49
C PRO C 305 18.42 25.63 -32.88
N ASN C 306 19.23 26.66 -33.08
CA ASN C 306 19.24 27.39 -34.34
C ASN C 306 19.33 26.54 -35.59
N ILE C 307 18.41 26.81 -36.51
CA ILE C 307 18.36 26.08 -37.76
C ILE C 307 19.29 26.73 -38.74
N THR C 308 20.58 26.49 -38.58
CA THR C 308 21.55 27.06 -39.48
C THR C 308 21.27 26.48 -40.84
N ASN C 309 21.29 27.32 -41.87
CA ASN C 309 21.04 26.84 -43.23
C ASN C 309 22.32 26.32 -43.85
N LEU C 310 22.75 25.15 -43.40
CA LEU C 310 23.96 24.55 -43.89
C LEU C 310 23.62 23.32 -44.71
N CYS C 311 24.61 22.43 -44.82
CA CYS C 311 24.56 21.15 -45.51
C CYS C 311 24.16 21.40 -46.96
N PRO C 312 24.95 22.17 -47.72
CA PRO C 312 24.55 22.46 -49.10
C PRO C 312 24.40 21.19 -49.92
N PHE C 313 23.42 21.20 -50.83
CA PHE C 313 23.14 20.08 -51.71
C PHE C 313 23.25 20.44 -53.18
N GLY C 314 23.43 21.72 -53.53
CA GLY C 314 23.56 22.08 -54.93
C GLY C 314 24.78 21.48 -55.58
N GLU C 315 25.85 21.28 -54.82
CA GLU C 315 27.07 20.67 -55.33
C GLU C 315 26.87 19.22 -55.73
N VAL C 316 25.78 18.58 -55.31
CA VAL C 316 25.46 17.22 -55.71
C VAL C 316 24.14 17.12 -56.46
N PHE C 317 23.30 18.16 -56.43
CA PHE C 317 22.05 18.19 -57.18
C PHE C 317 22.15 19.07 -58.42
N ASN C 318 22.73 20.27 -58.29
CA ASN C 318 22.80 21.23 -59.38
C ASN C 318 24.22 21.45 -59.87
N ALA C 319 25.10 20.47 -59.69
CA ALA C 319 26.47 20.60 -60.18
C ALA C 319 26.51 20.48 -61.69
N THR C 320 27.47 21.18 -62.30
CA THR C 320 27.55 21.19 -63.76
C THR C 320 27.87 19.81 -64.32
N ARG C 321 28.79 19.09 -63.67
CA ARG C 321 29.28 17.81 -64.16
C ARG C 321 28.86 16.70 -63.21
N PHE C 322 28.35 15.60 -63.77
CA PHE C 322 28.01 14.41 -63.03
C PHE C 322 28.71 13.21 -63.65
N ALA C 323 29.07 12.26 -62.80
CA ALA C 323 29.73 11.04 -63.27
C ALA C 323 28.73 10.17 -64.02
N SER C 324 29.28 9.14 -64.70
CA SER C 324 28.47 8.22 -65.47
C SER C 324 27.96 7.10 -64.56
N VAL C 325 27.23 6.15 -65.13
CA VAL C 325 26.70 5.05 -64.34
C VAL C 325 27.80 4.05 -63.97
N TYR C 326 28.79 3.87 -64.83
CA TYR C 326 29.88 2.94 -64.55
C TYR C 326 30.90 3.50 -63.56
N ALA C 327 30.85 4.80 -63.28
CA ALA C 327 31.75 5.45 -62.33
C ALA C 327 30.97 6.32 -61.36
N TRP C 328 29.85 5.80 -60.86
CA TRP C 328 29.04 6.55 -59.91
C TRP C 328 29.84 6.81 -58.63
N ASN C 329 29.80 8.05 -58.17
CA ASN C 329 30.51 8.45 -56.96
C ASN C 329 29.63 8.23 -55.74
N ARG C 330 30.29 8.07 -54.59
CA ARG C 330 29.61 7.86 -53.30
C ARG C 330 30.29 8.78 -52.28
N LYS C 331 29.76 10.00 -52.14
CA LYS C 331 30.30 10.95 -51.20
C LYS C 331 29.56 10.87 -49.86
N ARG C 332 30.33 10.89 -48.77
CA ARG C 332 29.76 10.80 -47.44
C ARG C 332 29.03 12.09 -47.10
N ILE C 333 27.81 11.96 -46.58
CA ILE C 333 27.03 13.09 -46.09
C ILE C 333 26.63 12.77 -44.66
N SER C 334 27.14 13.53 -43.71
CA SER C 334 26.83 13.32 -42.30
C SER C 334 27.13 14.60 -41.55
N ASN C 335 26.51 14.71 -40.36
CA ASN C 335 26.70 15.86 -39.49
C ASN C 335 26.38 17.17 -40.21
N CYS C 336 25.36 17.14 -41.07
CA CYS C 336 24.90 18.37 -41.71
C CYS C 336 23.39 18.32 -41.76
N VAL C 337 22.76 19.49 -41.65
CA VAL C 337 21.31 19.60 -41.53
C VAL C 337 20.70 19.71 -42.92
N ALA C 338 19.98 18.67 -43.33
CA ALA C 338 19.40 18.59 -44.66
C ALA C 338 17.91 18.94 -44.59
N ASP C 339 17.47 19.79 -45.50
CA ASP C 339 16.08 20.24 -45.59
C ASP C 339 15.44 19.57 -46.79
N TYR C 340 14.58 18.59 -46.53
CA TYR C 340 13.91 17.84 -47.58
C TYR C 340 12.62 18.51 -48.08
N SER C 341 12.11 19.50 -47.35
CA SER C 341 10.86 20.13 -47.74
C SER C 341 11.00 20.83 -49.09
N VAL C 342 12.12 21.52 -49.32
CA VAL C 342 12.31 22.25 -50.57
C VAL C 342 12.32 21.31 -51.77
N LEU C 343 12.66 20.04 -51.56
CA LEU C 343 12.66 19.10 -52.67
C LEU C 343 11.25 18.77 -53.12
N TYR C 344 10.29 18.72 -52.19
CA TYR C 344 8.92 18.37 -52.56
C TYR C 344 8.32 19.40 -53.51
N ASN C 345 8.54 20.68 -53.25
CA ASN C 345 7.98 21.75 -54.07
C ASN C 345 8.95 22.22 -55.16
N SER C 346 9.91 21.39 -55.54
CA SER C 346 10.82 21.75 -56.61
C SER C 346 10.11 21.87 -57.94
N ALA C 347 9.07 21.06 -58.16
CA ALA C 347 8.30 21.07 -59.41
C ALA C 347 9.18 20.78 -60.61
N SER C 348 10.21 19.96 -60.42
CA SER C 348 11.12 19.58 -61.50
C SER C 348 11.40 18.08 -61.57
N PHE C 349 11.20 17.34 -60.49
CA PHE C 349 11.48 15.91 -60.48
C PHE C 349 10.39 15.16 -61.26
N SER C 350 10.77 14.00 -61.78
CA SER C 350 9.87 13.15 -62.54
C SER C 350 9.71 11.75 -61.95
N THR C 351 10.71 11.23 -61.25
CA THR C 351 10.67 9.90 -60.65
C THR C 351 11.02 9.99 -59.17
N PHE C 352 10.42 10.96 -58.49
CA PHE C 352 10.64 11.16 -57.06
C PHE C 352 9.89 10.06 -56.31
N LYS C 353 10.53 8.90 -56.20
CA LYS C 353 9.96 7.74 -55.54
C LYS C 353 10.77 7.39 -54.31
N CYS C 354 10.07 7.10 -53.21
CA CYS C 354 10.68 6.75 -51.94
C CYS C 354 10.39 5.29 -51.62
N TYR C 355 11.43 4.55 -51.27
CA TYR C 355 11.32 3.13 -50.94
C TYR C 355 11.67 2.94 -49.48
N GLY C 356 10.76 2.31 -48.73
CA GLY C 356 10.98 2.08 -47.32
C GLY C 356 10.78 3.28 -46.43
N VAL C 357 10.32 4.40 -46.98
CA VAL C 357 10.14 5.62 -46.22
C VAL C 357 9.13 6.49 -46.95
N SER C 358 8.44 7.36 -46.20
CA SER C 358 7.49 8.30 -46.77
C SER C 358 8.04 9.72 -46.70
N PRO C 359 7.67 10.60 -47.64
CA PRO C 359 8.21 11.97 -47.59
C PRO C 359 7.86 12.72 -46.31
N THR C 360 6.71 12.43 -45.71
CA THR C 360 6.31 13.16 -44.52
C THR C 360 7.11 12.73 -43.29
N LYS C 361 7.36 11.43 -43.15
CA LYS C 361 7.93 10.89 -41.92
C LYS C 361 9.46 10.88 -41.92
N LEU C 362 10.10 11.30 -43.00
CA LEU C 362 11.56 11.37 -43.02
C LEU C 362 12.10 12.69 -42.47
N ASN C 363 11.22 13.63 -42.11
CA ASN C 363 11.64 14.91 -41.55
C ASN C 363 11.65 14.90 -40.03
N ASP C 364 10.55 14.46 -39.41
CA ASP C 364 10.51 14.39 -37.96
C ASP C 364 11.56 13.44 -37.42
N LEU C 365 11.71 12.28 -38.06
CA LEU C 365 12.76 11.33 -37.74
C LEU C 365 13.61 11.09 -38.98
N CYS C 366 14.91 10.87 -38.76
CA CYS C 366 15.87 10.70 -39.84
C CYS C 366 16.94 9.74 -39.39
N PHE C 367 17.75 9.30 -40.36
CA PHE C 367 18.80 8.33 -40.10
C PHE C 367 20.13 8.87 -40.64
N THR C 368 21.23 8.40 -40.06
CA THR C 368 22.56 8.78 -40.51
C THR C 368 22.90 7.99 -41.78
N ASN C 369 24.17 8.04 -42.18
CA ASN C 369 24.65 7.30 -43.36
C ASN C 369 23.88 7.72 -44.61
N VAL C 370 24.13 8.97 -45.01
CA VAL C 370 23.34 9.63 -46.05
C VAL C 370 24.15 9.64 -47.35
N TYR C 371 24.98 8.62 -47.54
CA TYR C 371 25.73 8.47 -48.78
C TYR C 371 24.85 8.72 -49.99
N ALA C 372 25.33 9.56 -50.90
CA ALA C 372 24.60 9.95 -52.09
C ALA C 372 25.32 9.42 -53.33
N ASP C 373 24.55 8.84 -54.25
CA ASP C 373 25.07 8.33 -55.51
C ASP C 373 24.48 9.15 -56.66
N SER C 374 25.36 9.67 -57.50
CA SER C 374 24.98 10.49 -58.65
C SER C 374 25.51 9.85 -59.93
N PHE C 375 24.63 9.69 -60.91
CA PHE C 375 25.01 9.12 -62.19
C PHE C 375 23.96 9.50 -63.23
N VAL C 376 24.30 9.27 -64.49
CA VAL C 376 23.44 9.62 -65.62
C VAL C 376 22.77 8.35 -66.13
N ILE C 377 21.45 8.40 -66.27
CA ILE C 377 20.66 7.28 -66.73
C ILE C 377 19.69 7.78 -67.80
N ARG C 378 19.56 7.02 -68.88
CA ARG C 378 18.62 7.38 -69.94
C ARG C 378 17.18 7.22 -69.45
N GLY C 379 16.28 7.94 -70.11
CA GLY C 379 14.89 7.97 -69.66
C GLY C 379 14.23 6.60 -69.69
N ASP C 380 14.50 5.82 -70.75
CA ASP C 380 13.82 4.54 -70.91
C ASP C 380 14.18 3.55 -69.80
N GLU C 381 15.40 3.62 -69.28
CA GLU C 381 15.89 2.66 -68.30
C GLU C 381 15.95 3.24 -66.89
N VAL C 382 15.16 4.27 -66.60
CA VAL C 382 15.14 4.82 -65.26
C VAL C 382 14.55 3.82 -64.27
N ARG C 383 13.52 3.08 -64.71
CA ARG C 383 12.85 2.14 -63.82
C ARG C 383 13.76 1.02 -63.35
N GLN C 384 14.86 0.77 -64.06
CA GLN C 384 15.77 -0.29 -63.65
C GLN C 384 16.35 -0.05 -62.27
N ILE C 385 16.46 1.21 -61.86
CA ILE C 385 17.03 1.54 -60.56
C ILE C 385 15.94 1.46 -59.50
N ALA C 386 15.79 0.28 -58.90
CA ALA C 386 14.82 0.07 -57.84
C ALA C 386 15.21 -1.19 -57.08
N PRO C 387 14.87 -1.28 -55.79
CA PRO C 387 15.22 -2.49 -55.04
C PRO C 387 14.50 -3.71 -55.58
N GLY C 388 15.24 -4.80 -55.71
CA GLY C 388 14.68 -6.03 -56.25
C GLY C 388 14.42 -6.00 -57.74
N GLN C 389 14.89 -4.98 -58.45
CA GLN C 389 14.68 -4.84 -59.88
C GLN C 389 15.97 -5.21 -60.61
N THR C 390 15.86 -6.12 -61.57
CA THR C 390 16.99 -6.57 -62.36
C THR C 390 16.86 -6.09 -63.80
N GLY C 391 17.92 -6.33 -64.58
CA GLY C 391 17.94 -5.92 -65.97
C GLY C 391 19.35 -5.89 -66.52
N LYS C 392 19.66 -4.85 -67.31
CA LYS C 392 20.99 -4.67 -67.86
C LYS C 392 21.80 -3.67 -67.05
N ILE C 393 21.30 -2.45 -66.88
CA ILE C 393 22.00 -1.45 -66.08
C ILE C 393 21.96 -1.83 -64.61
N ALA C 394 20.80 -2.32 -64.15
CA ALA C 394 20.67 -2.71 -62.75
C ALA C 394 21.50 -3.93 -62.38
N ASP C 395 22.01 -4.66 -63.38
CA ASP C 395 22.75 -5.90 -63.14
C ASP C 395 24.24 -5.75 -63.34
N TYR C 396 24.69 -4.89 -64.25
CA TYR C 396 26.11 -4.76 -64.57
C TYR C 396 26.71 -3.41 -64.18
N ASN C 397 25.89 -2.41 -63.86
CA ASN C 397 26.39 -1.07 -63.58
C ASN C 397 26.11 -0.63 -62.15
N TYR C 398 24.86 -0.73 -61.69
CA TYR C 398 24.50 -0.26 -60.36
C TYR C 398 23.29 -1.05 -59.88
N LYS C 399 23.50 -1.91 -58.88
CA LYS C 399 22.45 -2.76 -58.34
C LYS C 399 22.03 -2.26 -56.97
N LEU C 400 20.72 -2.08 -56.78
CA LEU C 400 20.18 -1.63 -55.51
C LEU C 400 19.84 -2.83 -54.63
N PRO C 401 20.37 -2.93 -53.42
CA PRO C 401 20.04 -4.08 -52.57
C PRO C 401 18.60 -4.03 -52.09
N ASP C 402 18.09 -5.20 -51.73
CA ASP C 402 16.74 -5.30 -51.20
C ASP C 402 16.63 -4.57 -49.87
N ASP C 403 15.42 -4.07 -49.59
CA ASP C 403 15.15 -3.31 -48.37
C ASP C 403 16.00 -2.03 -48.34
N PHE C 404 15.86 -1.24 -49.39
CA PHE C 404 16.60 0.01 -49.54
C PHE C 404 15.76 1.13 -48.95
N THR C 405 16.12 1.57 -47.74
CA THR C 405 15.42 2.65 -47.06
C THR C 405 15.96 3.98 -47.58
N GLY C 406 15.48 4.35 -48.77
CA GLY C 406 15.91 5.58 -49.40
C GLY C 406 14.96 5.96 -50.50
N CYS C 407 15.30 7.05 -51.19
CA CYS C 407 14.47 7.58 -52.27
C CYS C 407 15.33 7.82 -53.50
N VAL C 408 14.68 7.81 -54.65
CA VAL C 408 15.32 8.06 -55.94
C VAL C 408 14.70 9.31 -56.54
N ILE C 409 15.54 10.25 -56.95
CA ILE C 409 15.11 11.53 -57.51
C ILE C 409 15.70 11.64 -58.90
N ALA C 410 14.84 11.87 -59.90
CA ALA C 410 15.28 12.02 -61.28
C ALA C 410 14.53 13.18 -61.92
N TRP C 411 15.22 13.86 -62.83
CA TRP C 411 14.62 14.95 -63.58
C TRP C 411 15.28 15.04 -64.94
N ASN C 412 14.56 15.60 -65.90
CA ASN C 412 15.07 15.72 -67.26
C ASN C 412 16.20 16.74 -67.31
N SER C 413 17.16 16.47 -68.18
CA SER C 413 18.33 17.34 -68.38
C SER C 413 18.60 17.53 -69.87
N ASN C 414 17.53 17.70 -70.65
CA ASN C 414 17.69 17.87 -72.09
C ASN C 414 18.48 19.14 -72.41
N ASN C 415 18.19 20.23 -71.70
CA ASN C 415 18.78 21.53 -72.03
C ASN C 415 20.26 21.64 -71.65
N LEU C 416 20.78 20.73 -70.83
CA LEU C 416 22.18 20.79 -70.42
C LEU C 416 22.92 19.48 -70.67
N ASP C 417 22.29 18.34 -70.44
CA ASP C 417 22.94 17.04 -70.66
C ASP C 417 22.67 16.52 -72.07
N SER C 418 22.98 17.34 -73.07
CA SER C 418 22.82 16.94 -74.47
C SER C 418 23.56 17.94 -75.33
N LYS C 419 24.00 17.48 -76.50
CA LYS C 419 24.71 18.32 -77.44
C LYS C 419 24.45 17.84 -78.86
N VAL C 420 24.61 18.75 -79.81
CA VAL C 420 24.39 18.41 -81.21
C VAL C 420 25.41 17.36 -81.64
N GLY C 421 24.93 16.38 -82.41
CA GLY C 421 25.78 15.30 -82.87
C GLY C 421 25.91 14.13 -81.92
N GLY C 422 25.29 14.20 -80.75
CA GLY C 422 25.35 13.11 -79.80
C GLY C 422 26.33 13.35 -78.67
N ASN C 423 25.86 13.23 -77.43
CA ASN C 423 26.69 13.44 -76.25
C ASN C 423 27.39 12.12 -75.92
N TYR C 424 28.55 11.91 -76.53
CA TYR C 424 29.36 10.72 -76.30
C TYR C 424 30.36 10.93 -75.18
N ASN C 425 29.87 11.40 -74.03
CA ASN C 425 30.70 11.63 -72.86
C ASN C 425 30.35 10.73 -71.69
N TYR C 426 29.21 10.06 -71.71
CA TYR C 426 28.77 9.17 -70.65
C TYR C 426 28.86 7.73 -71.13
N LEU C 427 29.54 6.89 -70.34
CA LEU C 427 29.77 5.49 -70.68
C LEU C 427 29.06 4.60 -69.68
N TYR C 428 28.92 3.32 -70.04
CA TYR C 428 28.27 2.34 -69.18
C TYR C 428 28.86 0.97 -69.46
N ARG C 429 28.68 0.08 -68.50
CA ARG C 429 29.15 -1.30 -68.61
C ARG C 429 28.05 -2.15 -69.25
N LEU C 430 28.33 -2.68 -70.43
CA LEU C 430 27.36 -3.48 -71.18
C LEU C 430 27.47 -4.96 -70.92
N PHE C 431 28.67 -5.47 -70.65
CA PHE C 431 28.90 -6.88 -70.39
C PHE C 431 29.73 -7.05 -69.13
N ARG C 432 29.44 -8.12 -68.37
CA ARG C 432 30.21 -8.45 -67.19
C ARG C 432 30.17 -9.95 -66.98
N LYS C 433 31.28 -10.50 -66.50
CA LYS C 433 31.35 -11.94 -66.26
C LYS C 433 30.38 -12.37 -65.16
N SER C 434 30.25 -11.56 -64.10
CA SER C 434 29.39 -11.88 -62.98
C SER C 434 28.56 -10.68 -62.60
N ASN C 435 27.40 -10.95 -62.00
CA ASN C 435 26.50 -9.88 -61.58
C ASN C 435 27.15 -9.03 -60.50
N LEU C 436 26.85 -7.73 -60.52
CA LEU C 436 27.46 -6.80 -59.59
C LEU C 436 26.83 -6.91 -58.21
N LYS C 437 27.67 -6.94 -57.18
CA LYS C 437 27.17 -6.91 -55.81
C LYS C 437 26.56 -5.54 -55.52
N PRO C 438 25.41 -5.49 -54.86
CA PRO C 438 24.75 -4.19 -54.66
C PRO C 438 25.63 -3.20 -53.92
N PHE C 439 25.59 -1.93 -54.37
CA PHE C 439 26.45 -0.88 -53.85
C PHE C 439 27.93 -1.22 -54.04
N GLU C 440 28.29 -1.44 -55.31
CA GLU C 440 29.67 -1.69 -55.69
C GLU C 440 29.97 -0.94 -56.97
N ARG C 441 31.14 -0.32 -57.04
CA ARG C 441 31.61 0.35 -58.25
C ARG C 441 32.77 -0.44 -58.83
N ASP C 442 32.62 -0.83 -60.10
CA ASP C 442 33.59 -1.69 -60.79
C ASP C 442 34.28 -0.87 -61.87
N ILE C 443 35.42 -0.28 -61.51
CA ILE C 443 36.25 0.47 -62.44
C ILE C 443 37.35 -0.48 -62.90
N SER C 444 37.19 -1.04 -64.10
CA SER C 444 38.17 -1.98 -64.64
C SER C 444 38.07 -1.96 -66.16
N THR C 445 39.21 -2.21 -66.80
CA THR C 445 39.31 -2.23 -68.25
C THR C 445 39.25 -3.65 -68.81
N GLU C 446 39.00 -4.65 -67.97
CA GLU C 446 38.90 -6.02 -68.45
C GLU C 446 37.74 -6.15 -69.42
N ILE C 447 37.96 -6.90 -70.50
CA ILE C 447 36.96 -7.04 -71.54
C ILE C 447 36.24 -8.37 -71.39
N TYR C 448 35.06 -8.47 -72.00
CA TYR C 448 34.22 -9.63 -71.83
C TYR C 448 34.82 -10.86 -72.54
N GLN C 449 34.35 -12.03 -72.12
CA GLN C 449 34.79 -13.30 -72.69
C GLN C 449 33.53 -14.07 -73.12
N ALA C 450 33.13 -13.88 -74.38
CA ALA C 450 31.94 -14.57 -74.88
C ALA C 450 32.21 -16.05 -75.11
N GLY C 451 33.34 -16.38 -75.74
CA GLY C 451 33.67 -17.76 -76.06
C GLY C 451 34.73 -18.35 -75.14
N SER C 452 35.40 -19.39 -75.60
CA SER C 452 36.46 -20.03 -74.82
C SER C 452 37.84 -19.52 -75.17
N THR C 453 38.03 -18.93 -76.35
CA THR C 453 39.34 -18.44 -76.75
C THR C 453 39.64 -17.13 -76.03
N PRO C 454 40.71 -17.06 -75.23
CA PRO C 454 40.97 -15.82 -74.48
C PRO C 454 41.36 -14.67 -75.41
N CYS C 455 41.02 -13.46 -74.97
CA CYS C 455 41.38 -12.24 -75.67
C CYS C 455 42.59 -11.61 -74.99
N ASN C 456 43.63 -11.34 -75.78
CA ASN C 456 44.89 -10.81 -75.26
C ASN C 456 44.99 -9.30 -75.44
N GLY C 457 43.87 -8.60 -75.31
CA GLY C 457 43.82 -7.16 -75.49
C GLY C 457 43.48 -6.71 -76.89
N VAL C 458 43.44 -7.63 -77.86
CA VAL C 458 43.07 -7.31 -79.23
C VAL C 458 41.60 -7.68 -79.42
N GLU C 459 40.79 -6.69 -79.78
CA GLU C 459 39.36 -6.93 -79.96
C GLU C 459 39.12 -7.88 -81.12
N GLY C 460 38.18 -8.80 -80.92
CA GLY C 460 37.84 -9.77 -81.94
C GLY C 460 36.35 -10.06 -82.00
N PHE C 461 36.00 -11.28 -82.39
CA PHE C 461 34.60 -11.67 -82.50
C PHE C 461 34.00 -12.10 -81.17
N ASN C 462 34.81 -12.25 -80.12
CA ASN C 462 34.30 -12.68 -78.82
C ASN C 462 34.91 -11.89 -77.67
N CYS C 463 35.55 -10.75 -77.94
CA CYS C 463 36.09 -9.91 -76.88
C CYS C 463 35.03 -8.95 -76.33
N TYR C 464 34.38 -8.19 -77.20
CA TYR C 464 33.21 -7.39 -76.85
C TYR C 464 33.55 -6.40 -75.72
N PHE C 465 34.38 -5.43 -76.09
CA PHE C 465 34.78 -4.34 -75.18
C PHE C 465 33.54 -3.78 -74.49
N PRO C 466 33.35 -4.06 -73.19
CA PRO C 466 32.08 -3.67 -72.55
C PRO C 466 31.79 -2.18 -72.57
N LEU C 467 32.80 -1.34 -72.42
CA LEU C 467 32.59 0.10 -72.25
C LEU C 467 32.11 0.70 -73.57
N GLN C 468 30.89 1.22 -73.57
CA GLN C 468 30.30 1.89 -74.72
C GLN C 468 29.75 3.24 -74.29
N SER C 469 29.82 4.22 -75.20
CA SER C 469 29.41 5.58 -74.91
C SER C 469 27.95 5.80 -75.29
N TYR C 470 27.23 6.54 -74.45
CA TYR C 470 25.84 6.87 -74.72
C TYR C 470 25.75 7.92 -75.82
N GLY C 471 24.59 7.95 -76.47
CA GLY C 471 24.29 8.96 -77.46
C GLY C 471 23.05 9.75 -77.10
N PHE C 472 23.22 11.04 -76.79
CA PHE C 472 22.12 11.91 -76.35
C PHE C 472 22.07 13.11 -77.28
N GLN C 473 21.33 12.98 -78.38
CA GLN C 473 21.13 14.10 -79.28
C GLN C 473 19.99 14.98 -78.81
N PRO C 474 20.00 16.27 -79.16
CA PRO C 474 18.90 17.14 -78.73
C PRO C 474 17.55 16.74 -79.29
N THR C 475 17.52 16.02 -80.41
CA THR C 475 16.28 15.61 -81.06
C THR C 475 15.84 14.21 -80.67
N ASN C 476 16.49 13.60 -79.68
CA ASN C 476 16.12 12.26 -79.27
C ASN C 476 14.72 12.26 -78.64
N GLY C 477 14.11 11.08 -78.61
CA GLY C 477 12.78 10.96 -78.05
C GLY C 477 12.77 11.10 -76.54
N VAL C 478 11.57 11.25 -76.00
CA VAL C 478 11.41 11.44 -74.55
C VAL C 478 11.95 10.23 -73.81
N GLY C 479 11.70 9.02 -74.32
CA GLY C 479 12.18 7.82 -73.67
C GLY C 479 13.70 7.75 -73.64
N TYR C 480 14.36 8.22 -74.70
CA TYR C 480 15.81 8.18 -74.80
C TYR C 480 16.48 9.42 -74.23
N GLN C 481 15.72 10.37 -73.71
CA GLN C 481 16.32 11.57 -73.14
C GLN C 481 17.13 11.22 -71.89
N PRO C 482 18.31 11.81 -71.70
CA PRO C 482 19.09 11.55 -70.48
C PRO C 482 18.51 12.31 -69.29
N TYR C 483 17.93 11.57 -68.36
CA TYR C 483 17.31 12.16 -67.17
C TYR C 483 18.35 12.18 -66.06
N ARG C 484 18.63 13.37 -65.53
CA ARG C 484 19.57 13.51 -64.42
C ARG C 484 18.97 12.89 -63.17
N VAL C 485 19.63 11.86 -62.64
CA VAL C 485 19.12 11.07 -61.53
C VAL C 485 20.16 11.00 -60.42
N VAL C 486 19.70 11.12 -59.18
CA VAL C 486 20.53 10.97 -58.00
C VAL C 486 19.83 10.00 -57.06
N VAL C 487 20.63 9.31 -56.24
CA VAL C 487 20.12 8.31 -55.31
C VAL C 487 20.65 8.63 -53.91
N LEU C 488 19.76 8.63 -52.93
CA LEU C 488 20.10 8.87 -51.54
C LEU C 488 19.80 7.61 -50.73
N SER C 489 20.79 7.16 -49.97
CA SER C 489 20.66 5.97 -49.14
C SER C 489 20.73 6.35 -47.67
N PHE C 490 19.84 5.76 -46.88
CA PHE C 490 19.76 6.02 -45.44
C PHE C 490 19.81 4.69 -44.70
N GLU C 491 20.70 4.59 -43.71
CA GLU C 491 20.79 3.41 -42.86
C GLU C 491 21.33 3.84 -41.51
N LEU C 492 21.14 2.97 -40.51
CA LEU C 492 21.49 3.26 -39.12
C LEU C 492 22.41 2.16 -38.60
N ALA C 495 27.05 4.01 -35.51
CA ALA C 495 27.44 5.40 -35.33
C ALA C 495 26.29 6.18 -34.70
N PRO C 496 26.53 6.91 -33.59
CA PRO C 496 25.43 7.69 -32.98
C PRO C 496 25.32 9.09 -33.56
N ALA C 497 24.42 9.89 -32.97
CA ALA C 497 24.28 11.30 -33.31
C ALA C 497 23.89 11.50 -34.77
N THR C 498 22.70 10.97 -35.11
CA THR C 498 22.11 11.27 -36.41
C THR C 498 21.65 12.72 -36.46
N VAL C 499 21.65 13.29 -37.65
CA VAL C 499 21.33 14.70 -37.87
C VAL C 499 20.13 14.80 -38.81
N CYS C 500 19.11 15.55 -38.43
CA CYS C 500 17.92 15.64 -39.26
C CYS C 500 17.63 17.01 -39.88
N GLY C 501 16.41 17.16 -40.36
CA GLY C 501 15.93 18.39 -40.96
C GLY C 501 15.61 19.42 -39.90
N PRO C 502 15.52 20.70 -40.29
CA PRO C 502 15.24 21.78 -39.35
C PRO C 502 13.88 21.56 -38.69
N LYS C 503 13.80 21.89 -37.41
CA LYS C 503 12.59 21.66 -36.63
C LYS C 503 11.53 22.78 -36.59
N LYS C 504 11.77 23.88 -37.31
CA LYS C 504 10.81 24.97 -37.40
C LYS C 504 10.31 25.47 -36.05
N SER C 505 11.21 25.81 -35.16
CA SER C 505 10.79 26.27 -33.84
C SER C 505 9.90 27.51 -33.94
N THR C 506 8.79 27.45 -33.20
CA THR C 506 7.77 28.50 -33.15
C THR C 506 8.25 29.71 -32.36
N ASN C 507 7.65 30.88 -32.59
CA ASN C 507 8.01 32.07 -31.83
C ASN C 507 7.58 31.89 -30.39
N LEU C 508 8.35 32.44 -29.45
CA LEU C 508 8.00 32.30 -28.04
C LEU C 508 7.05 33.39 -27.57
N VAL C 509 6.36 33.11 -26.47
CA VAL C 509 5.41 34.04 -25.87
C VAL C 509 5.72 34.13 -24.38
N LYS C 510 5.51 35.32 -23.81
CA LYS C 510 5.90 35.61 -22.44
C LYS C 510 4.69 35.95 -21.60
N ASN C 511 4.82 35.73 -20.29
CA ASN C 511 3.80 36.10 -19.32
C ASN C 511 2.46 35.45 -19.65
N LYS C 512 2.48 34.17 -19.98
CA LYS C 512 1.27 33.42 -20.27
C LYS C 512 1.50 31.95 -19.96
N CYS C 513 0.49 31.29 -19.41
CA CYS C 513 0.57 29.86 -19.13
C CYS C 513 0.50 29.13 -20.46
N VAL C 514 1.66 28.82 -21.03
CA VAL C 514 1.78 28.25 -22.36
C VAL C 514 2.61 26.99 -22.27
N ASN C 515 2.13 25.91 -22.88
CA ASN C 515 2.92 24.69 -22.98
C ASN C 515 4.17 24.96 -23.84
N PHE C 516 5.28 24.36 -23.44
CA PHE C 516 6.55 24.55 -24.13
C PHE C 516 7.20 23.20 -24.37
N ASN C 517 7.88 23.09 -25.52
CA ASN C 517 8.63 21.89 -25.88
C ASN C 517 9.94 22.35 -26.50
N PHE C 518 10.97 22.47 -25.66
CA PHE C 518 12.29 22.86 -26.11
C PHE C 518 13.02 21.62 -26.63
N ASN C 519 14.32 21.75 -26.90
CA ASN C 519 15.09 20.66 -27.47
C ASN C 519 15.34 19.58 -26.42
N GLY C 520 14.40 18.64 -26.29
CA GLY C 520 14.56 17.51 -25.39
C GLY C 520 13.58 17.52 -24.24
N LEU C 521 13.30 18.69 -23.69
CA LEU C 521 12.43 18.84 -22.54
C LEU C 521 11.17 19.62 -22.93
N THR C 522 10.09 19.34 -22.20
CA THR C 522 8.82 20.00 -22.45
C THR C 522 8.07 20.16 -21.14
N GLY C 523 7.12 21.07 -21.13
CA GLY C 523 6.34 21.32 -19.93
C GLY C 523 5.36 22.45 -20.15
N THR C 524 4.67 22.82 -19.08
CA THR C 524 3.69 23.90 -19.10
C THR C 524 3.96 24.85 -17.95
N GLY C 525 3.93 26.13 -18.25
CA GLY C 525 4.17 27.14 -17.23
C GLY C 525 4.17 28.52 -17.84
N VAL C 526 4.48 29.50 -17.01
CA VAL C 526 4.55 30.90 -17.42
C VAL C 526 6.00 31.25 -17.73
N LEU C 527 6.22 31.88 -18.87
CA LEU C 527 7.55 32.27 -19.32
C LEU C 527 7.76 33.75 -19.00
N THR C 528 8.80 34.04 -18.21
CA THR C 528 9.09 35.39 -17.77
C THR C 528 10.59 35.65 -17.87
N GLU C 529 10.97 36.90 -17.64
CA GLU C 529 12.37 37.27 -17.65
C GLU C 529 13.08 36.69 -16.44
N SER C 530 14.40 36.55 -16.56
CA SER C 530 15.23 35.99 -15.51
C SER C 530 16.45 36.86 -15.28
N ASN C 531 16.89 36.92 -14.03
CA ASN C 531 18.09 37.68 -13.65
C ASN C 531 19.33 36.79 -13.53
N LYS C 532 19.14 35.50 -13.28
CA LYS C 532 20.27 34.59 -13.16
C LYS C 532 21.00 34.46 -14.49
N LYS C 533 22.29 34.15 -14.41
CA LYS C 533 23.15 34.05 -15.59
C LYS C 533 23.65 32.61 -15.71
N PHE C 534 23.47 32.03 -16.89
CA PHE C 534 23.94 30.69 -17.17
C PHE C 534 25.33 30.75 -17.80
N LEU C 535 26.15 29.73 -17.50
CA LEU C 535 27.42 29.61 -18.18
C LEU C 535 27.16 29.16 -19.62
N PRO C 536 28.10 29.43 -20.54
CA PRO C 536 27.80 29.25 -21.97
C PRO C 536 27.53 27.81 -22.38
N PHE C 537 27.67 26.83 -21.49
CA PHE C 537 27.54 25.42 -21.87
C PHE C 537 26.33 24.75 -21.25
N GLN C 538 25.45 25.48 -20.57
CA GLN C 538 24.21 24.90 -20.07
C GLN C 538 23.09 25.07 -21.08
N GLN C 539 22.03 24.28 -20.90
CA GLN C 539 20.83 24.36 -21.72
C GLN C 539 19.61 24.72 -20.90
N PHE C 540 19.40 24.07 -19.76
CA PHE C 540 18.29 24.37 -18.88
C PHE C 540 18.76 24.26 -17.44
N GLY C 541 17.98 24.82 -16.53
CA GLY C 541 18.33 24.86 -15.13
C GLY C 541 17.22 24.32 -14.25
N ARG C 542 17.62 23.81 -13.10
CA ARG C 542 16.70 23.31 -12.09
C ARG C 542 17.18 23.79 -10.72
N ASP C 543 16.24 23.88 -9.79
CA ASP C 543 16.51 24.45 -8.47
C ASP C 543 16.52 23.38 -7.38
N ILE C 544 15.44 22.63 -7.23
CA ILE C 544 15.33 21.63 -6.17
C ILE C 544 14.48 20.48 -6.68
N ALA C 545 14.86 19.26 -6.31
CA ALA C 545 14.10 18.05 -6.62
C ALA C 545 13.83 17.93 -8.11
N ASP C 546 14.92 18.02 -8.89
CA ASP C 546 14.91 17.87 -10.34
C ASP C 546 13.73 18.59 -10.99
N THR C 547 13.44 19.81 -10.52
CA THR C 547 12.38 20.64 -11.08
C THR C 547 13.01 21.68 -12.01
N THR C 548 12.69 21.60 -13.29
CA THR C 548 13.20 22.57 -14.26
C THR C 548 12.44 23.87 -14.14
N ASP C 549 13.17 24.97 -13.96
CA ASP C 549 12.55 26.28 -13.82
C ASP C 549 13.27 27.38 -14.58
N ALA C 550 14.36 27.07 -15.29
CA ALA C 550 15.10 28.09 -16.03
C ALA C 550 15.62 27.44 -17.30
N VAL C 551 15.07 27.82 -18.44
CA VAL C 551 15.42 27.25 -19.73
C VAL C 551 15.91 28.38 -20.63
N ARG C 552 17.03 28.14 -21.30
CA ARG C 552 17.62 29.09 -22.23
C ARG C 552 17.27 28.66 -23.65
N ASP C 553 16.45 29.45 -24.33
CA ASP C 553 16.08 29.11 -25.69
C ASP C 553 17.31 29.17 -26.59
N PRO C 554 17.44 28.25 -27.56
CA PRO C 554 18.65 28.24 -28.38
C PRO C 554 18.67 29.28 -29.48
N GLN C 555 17.51 29.76 -29.93
CA GLN C 555 17.44 30.72 -31.02
C GLN C 555 17.69 32.15 -30.57
N THR C 556 17.74 32.41 -29.25
CA THR C 556 18.00 33.74 -28.73
C THR C 556 19.15 33.79 -27.73
N LEU C 557 19.58 32.66 -27.18
CA LEU C 557 20.66 32.62 -26.20
C LEU C 557 20.32 33.49 -24.99
N GLU C 558 19.05 33.53 -24.63
CA GLU C 558 18.56 34.30 -23.49
C GLU C 558 17.88 33.35 -22.51
N ILE C 559 18.25 33.44 -21.24
CA ILE C 559 17.73 32.56 -20.21
C ILE C 559 16.42 33.14 -19.69
N LEU C 560 15.39 32.31 -19.62
CA LEU C 560 14.07 32.72 -19.17
C LEU C 560 13.59 31.79 -18.06
N ASP C 561 12.97 32.37 -17.04
CA ASP C 561 12.45 31.59 -15.93
C ASP C 561 11.16 30.88 -16.33
N ILE C 562 10.93 29.73 -15.69
CA ILE C 562 9.71 28.96 -15.88
C ILE C 562 9.09 28.73 -14.50
N THR C 563 7.79 29.03 -14.37
CA THR C 563 7.07 28.83 -13.14
C THR C 563 5.70 28.23 -13.48
N PRO C 564 5.21 27.27 -12.70
CA PRO C 564 3.84 26.80 -12.90
C PRO C 564 2.86 27.95 -12.76
N CYS C 565 1.86 27.97 -13.64
CA CYS C 565 0.92 29.08 -13.69
C CYS C 565 -0.12 28.91 -12.58
N SER C 566 -1.11 29.79 -12.57
CA SER C 566 -2.06 29.84 -11.47
C SER C 566 -2.81 28.52 -11.34
N PHE C 567 -2.89 28.03 -10.11
CA PHE C 567 -3.67 26.83 -9.81
C PHE C 567 -3.85 26.77 -8.29
N GLY C 568 -4.81 25.97 -7.86
CA GLY C 568 -5.06 25.79 -6.45
C GLY C 568 -6.54 25.53 -6.21
N GLY C 569 -6.88 25.42 -4.92
CA GLY C 569 -8.25 25.17 -4.53
C GLY C 569 -9.08 26.44 -4.51
N VAL C 570 -10.39 26.26 -4.71
CA VAL C 570 -11.37 27.33 -4.65
C VAL C 570 -12.36 27.00 -3.55
N SER C 571 -12.62 27.96 -2.67
CA SER C 571 -13.53 27.79 -1.55
C SER C 571 -14.67 28.78 -1.67
N VAL C 572 -15.82 28.41 -1.09
CA VAL C 572 -17.04 29.21 -1.16
C VAL C 572 -17.37 29.68 0.25
N ILE C 573 -17.59 30.98 0.40
CA ILE C 573 -18.00 31.59 1.66
C ILE C 573 -19.50 31.75 1.62
N THR C 574 -20.19 31.20 2.62
CA THR C 574 -21.64 31.28 2.70
C THR C 574 -22.06 31.69 4.10
N PRO C 575 -23.18 32.41 4.23
CA PRO C 575 -23.71 32.73 5.56
C PRO C 575 -24.74 31.74 6.09
N GLY C 576 -25.01 30.67 5.38
CA GLY C 576 -26.03 29.71 5.75
C GLY C 576 -27.19 29.77 4.76
N THR C 577 -27.66 28.60 4.35
CA THR C 577 -28.73 28.54 3.35
C THR C 577 -29.98 29.26 3.83
N ASN C 578 -30.41 28.96 5.05
CA ASN C 578 -31.62 29.61 5.58
C ASN C 578 -31.34 31.06 5.99
N THR C 579 -30.11 31.35 6.42
CA THR C 579 -29.78 32.72 6.80
C THR C 579 -29.87 33.66 5.62
N SER C 580 -29.35 33.25 4.47
CA SER C 580 -29.38 34.05 3.26
C SER C 580 -29.00 33.16 2.08
N ASN C 581 -28.82 33.76 0.91
CA ASN C 581 -28.52 33.02 -0.31
C ASN C 581 -27.20 33.49 -0.92
N GLN C 582 -26.85 34.75 -0.72
CA GLN C 582 -25.63 35.29 -1.32
C GLN C 582 -24.41 34.56 -0.77
N VAL C 583 -23.47 34.27 -1.67
CA VAL C 583 -22.22 33.60 -1.31
C VAL C 583 -21.08 34.32 -1.99
N ALA C 584 -19.88 34.13 -1.44
CA ALA C 584 -18.66 34.72 -1.98
C ALA C 584 -17.64 33.62 -2.23
N VAL C 585 -17.18 33.53 -3.48
CA VAL C 585 -16.17 32.54 -3.87
C VAL C 585 -14.80 33.08 -3.50
N LEU C 586 -13.92 32.18 -3.08
CA LEU C 586 -12.57 32.55 -2.66
C LEU C 586 -11.56 31.73 -3.45
N TYR C 587 -10.55 32.41 -3.99
CA TYR C 587 -9.43 31.77 -4.66
C TYR C 587 -8.20 31.91 -3.78
N GLN C 588 -7.35 30.89 -3.80
CA GLN C 588 -6.22 30.78 -2.88
C GLN C 588 -4.91 30.89 -3.63
N ASP C 589 -4.03 31.78 -3.15
CA ASP C 589 -2.66 31.87 -3.62
C ASP C 589 -2.58 32.02 -5.13
N VAL C 590 -3.44 32.87 -5.68
CA VAL C 590 -3.47 33.15 -7.11
C VAL C 590 -3.58 34.65 -7.31
N ASN C 591 -2.69 35.20 -8.14
CA ASN C 591 -2.81 36.60 -8.51
C ASN C 591 -4.17 36.82 -9.17
N CYS C 592 -4.88 37.85 -8.71
CA CYS C 592 -6.30 37.99 -9.01
C CYS C 592 -6.49 38.85 -10.26
N THR C 593 -6.04 38.29 -11.39
CA THR C 593 -6.17 38.95 -12.68
C THR C 593 -6.71 38.06 -13.78
N GLU C 594 -6.76 36.73 -13.59
CA GLU C 594 -7.27 35.83 -14.63
C GLU C 594 -8.15 34.73 -14.04
N VAL C 595 -8.61 34.88 -12.80
CA VAL C 595 -9.40 33.82 -12.16
C VAL C 595 -10.68 33.52 -12.92
N PRO C 596 -11.46 34.49 -13.39
CA PRO C 596 -12.78 34.16 -13.95
C PRO C 596 -12.77 33.74 -15.42
N ASN C 616 -17.68 42.78 -7.55
CA ASN C 616 -16.76 43.24 -6.54
C ASN C 616 -15.63 42.23 -6.37
N VAL C 617 -14.39 42.71 -6.46
CA VAL C 617 -13.20 41.88 -6.31
C VAL C 617 -12.29 42.53 -5.28
N PHE C 618 -11.92 41.78 -4.25
CA PHE C 618 -11.02 42.26 -3.21
C PHE C 618 -9.88 41.28 -3.04
N GLN C 619 -8.65 41.80 -3.05
CA GLN C 619 -7.46 40.98 -2.95
C GLN C 619 -6.97 40.93 -1.50
N THR C 620 -6.70 39.72 -1.03
CA THR C 620 -6.19 39.49 0.32
C THR C 620 -4.88 38.73 0.24
N ARG C 621 -4.26 38.52 1.41
CA ARG C 621 -2.99 37.80 1.46
C ARG C 621 -3.15 36.34 1.07
N ALA C 622 -4.35 35.79 1.18
CA ALA C 622 -4.64 34.41 0.81
C ALA C 622 -5.41 34.32 -0.51
N GLY C 623 -5.08 35.18 -1.46
CA GLY C 623 -5.83 35.27 -2.71
C GLY C 623 -7.03 36.18 -2.57
N CYS C 624 -7.65 36.46 -3.71
CA CYS C 624 -8.79 37.36 -3.74
C CYS C 624 -10.10 36.57 -3.66
N LEU C 625 -11.15 37.28 -3.23
CA LEU C 625 -12.48 36.71 -3.14
C LEU C 625 -13.45 37.63 -3.87
N ILE C 626 -14.50 37.03 -4.43
CA ILE C 626 -15.50 37.75 -5.20
C ILE C 626 -16.84 37.61 -4.48
N GLY C 627 -17.52 38.74 -4.30
CA GLY C 627 -18.80 38.77 -3.62
C GLY C 627 -18.77 39.44 -2.26
N ALA C 628 -17.64 39.99 -1.84
CA ALA C 628 -17.51 40.65 -0.55
C ALA C 628 -16.83 42.00 -0.73
N GLU C 629 -17.18 42.94 0.14
CA GLU C 629 -16.64 44.29 0.12
C GLU C 629 -15.70 44.48 1.30
N HIS C 630 -14.49 44.96 1.02
CA HIS C 630 -13.53 45.21 2.09
C HIS C 630 -14.05 46.30 3.02
N VAL C 631 -13.92 46.06 4.32
CA VAL C 631 -14.36 47.01 5.34
C VAL C 631 -13.17 47.33 6.23
N ASN C 632 -12.89 48.62 6.39
CA ASN C 632 -11.81 49.03 7.29
C ASN C 632 -12.13 48.68 8.73
N ASN C 633 -13.37 48.85 9.14
CA ASN C 633 -13.76 48.54 10.50
C ASN C 633 -13.54 47.06 10.79
N SER C 634 -13.09 46.76 12.01
CA SER C 634 -12.76 45.41 12.43
C SER C 634 -13.82 44.90 13.39
N TYR C 635 -14.19 43.63 13.22
CA TYR C 635 -15.17 42.96 14.07
C TYR C 635 -14.62 41.60 14.46
N GLU C 636 -15.41 40.85 15.24
CA GLU C 636 -15.03 39.50 15.61
C GLU C 636 -15.16 38.57 14.42
N CYS C 637 -14.37 37.50 14.43
CA CYS C 637 -14.38 36.55 13.33
C CYS C 637 -15.65 35.73 13.35
N ASP C 638 -16.28 35.59 12.18
CA ASP C 638 -17.42 34.71 11.99
C ASP C 638 -17.10 33.54 11.06
N ILE C 639 -16.61 33.84 9.86
CA ILE C 639 -16.17 32.84 8.90
C ILE C 639 -14.65 32.91 8.82
N PRO C 640 -13.90 31.86 9.20
CA PRO C 640 -12.44 31.95 9.17
C PRO C 640 -11.90 31.73 7.76
N ILE C 641 -11.40 32.80 7.17
CA ILE C 641 -10.75 32.72 5.86
C ILE C 641 -9.25 32.51 6.01
N GLY C 642 -8.63 33.17 6.98
CA GLY C 642 -7.23 33.01 7.28
C GLY C 642 -6.40 34.17 6.74
N ALA C 643 -5.12 34.12 7.07
CA ALA C 643 -4.17 35.16 6.67
C ALA C 643 -4.62 36.53 7.17
N GLY C 644 -5.20 36.57 8.37
CA GLY C 644 -5.62 37.83 8.94
C GLY C 644 -6.94 38.35 8.45
N ILE C 645 -7.75 37.52 7.80
CA ILE C 645 -9.02 37.95 7.23
C ILE C 645 -10.12 36.99 7.69
N CYS C 646 -11.22 37.55 8.19
CA CYS C 646 -12.42 36.79 8.51
C CYS C 646 -13.62 37.51 7.90
N ALA C 647 -14.61 36.72 7.49
CA ALA C 647 -15.80 37.23 6.81
C ALA C 647 -17.03 37.00 7.67
N SER C 648 -18.04 37.83 7.44
CA SER C 648 -19.30 37.75 8.17
C SER C 648 -20.40 38.36 7.30
N TYR C 649 -21.59 38.47 7.87
CA TYR C 649 -22.76 38.99 7.17
C TYR C 649 -23.08 40.38 7.68
N GLN C 650 -23.21 41.34 6.76
CA GLN C 650 -23.51 42.71 7.15
C GLN C 650 -24.87 42.83 7.81
N SER C 666 -25.14 41.63 3.63
CA SER C 666 -24.16 41.38 2.58
C SER C 666 -22.89 40.75 3.15
N ILE C 667 -22.07 40.20 2.27
CA ILE C 667 -20.82 39.57 2.68
C ILE C 667 -19.74 40.65 2.85
N ILE C 668 -19.08 40.65 4.00
CA ILE C 668 -18.06 41.64 4.31
C ILE C 668 -16.81 40.92 4.80
N ALA C 669 -15.65 41.37 4.33
CA ALA C 669 -14.36 40.84 4.74
C ALA C 669 -13.60 41.91 5.50
N TYR C 670 -12.92 41.50 6.58
CA TYR C 670 -12.26 42.46 7.46
C TYR C 670 -11.18 41.75 8.25
N THR C 671 -10.25 42.54 8.77
CA THR C 671 -9.26 42.01 9.69
C THR C 671 -9.91 41.72 11.05
N MET C 672 -9.49 40.63 11.67
CA MET C 672 -10.13 40.20 12.91
C MET C 672 -9.88 41.21 14.02
N SER C 673 -10.93 41.49 14.80
CA SER C 673 -10.79 42.28 16.02
C SER C 673 -10.35 41.35 17.13
N LEU C 674 -9.15 41.57 17.66
CA LEU C 674 -8.59 40.67 18.66
C LEU C 674 -9.45 40.63 19.91
N GLY C 675 -10.01 41.77 20.30
CA GLY C 675 -10.84 41.82 21.48
C GLY C 675 -10.99 43.26 21.95
N ALA C 676 -11.61 43.39 23.12
CA ALA C 676 -11.85 44.70 23.73
C ALA C 676 -10.56 45.19 24.35
N GLU C 677 -9.82 45.99 23.58
CA GLU C 677 -8.55 46.54 24.06
C GLU C 677 -8.84 47.55 25.17
N ASN C 678 -8.60 47.13 26.41
CA ASN C 678 -8.85 47.96 27.58
C ASN C 678 -7.57 48.13 28.37
N SER C 679 -7.31 49.36 28.81
CA SER C 679 -6.14 49.67 29.62
C SER C 679 -6.52 49.55 31.09
N VAL C 680 -5.94 48.56 31.77
CA VAL C 680 -6.22 48.37 33.18
C VAL C 680 -5.57 49.47 33.99
N ALA C 681 -6.33 50.09 34.88
CA ALA C 681 -5.81 51.18 35.72
C ALA C 681 -4.84 50.58 36.73
N TYR C 682 -3.55 50.71 36.45
CA TYR C 682 -2.50 50.15 37.27
C TYR C 682 -1.73 51.25 37.99
N SER C 683 -1.46 51.02 39.27
CA SER C 683 -0.64 51.93 40.05
C SER C 683 0.00 51.14 41.18
N ASN C 684 1.07 51.70 41.74
CA ASN C 684 1.80 51.01 42.79
C ASN C 684 0.99 50.86 44.07
N ASN C 685 -0.13 51.55 44.21
CA ASN C 685 -0.96 51.48 45.41
C ASN C 685 -2.43 51.40 45.05
N SER C 686 -2.78 50.55 44.09
CA SER C 686 -4.15 50.36 43.65
C SER C 686 -4.50 48.88 43.70
N ILE C 687 -5.52 48.53 44.47
CA ILE C 687 -6.00 47.17 44.61
C ILE C 687 -7.48 47.15 44.27
N ALA C 688 -7.88 46.23 43.39
CA ALA C 688 -9.28 46.01 43.07
C ALA C 688 -9.68 44.65 43.66
N ILE C 689 -10.65 44.67 44.57
CA ILE C 689 -11.09 43.48 45.28
C ILE C 689 -12.58 43.29 44.98
N PRO C 690 -13.02 42.09 44.60
CA PRO C 690 -14.45 41.90 44.36
C PRO C 690 -15.27 42.06 45.64
N THR C 691 -16.46 42.63 45.49
CA THR C 691 -17.44 42.70 46.57
C THR C 691 -18.60 41.75 46.37
N ASN C 692 -18.57 40.93 45.33
CA ASN C 692 -19.66 40.01 45.02
C ASN C 692 -19.09 38.90 44.16
N PHE C 693 -19.85 37.81 44.05
CA PHE C 693 -19.41 36.66 43.29
C PHE C 693 -20.58 36.08 42.52
N THR C 694 -20.27 35.48 41.37
CA THR C 694 -21.25 34.79 40.54
C THR C 694 -20.78 33.36 40.32
N ILE C 695 -21.64 32.41 40.62
CA ILE C 695 -21.35 30.99 40.45
C ILE C 695 -21.97 30.54 39.14
N SER C 696 -21.12 30.11 38.20
CA SER C 696 -21.56 29.72 36.87
C SER C 696 -21.10 28.30 36.59
N VAL C 697 -21.99 27.51 35.99
CA VAL C 697 -21.68 26.13 35.61
C VAL C 697 -21.25 26.12 34.16
N THR C 698 -20.09 25.50 33.89
CA THR C 698 -19.53 25.43 32.55
C THR C 698 -19.55 23.98 32.09
N THR C 699 -20.05 23.77 30.87
CA THR C 699 -20.19 22.42 30.31
C THR C 699 -18.96 22.12 29.46
N GLU C 700 -18.26 21.03 29.78
CA GLU C 700 -17.13 20.56 29.02
C GLU C 700 -17.47 19.20 28.43
N ILE C 701 -17.27 19.06 27.13
CA ILE C 701 -17.61 17.85 26.38
C ILE C 701 -16.32 17.15 25.98
N LEU C 702 -16.22 15.86 26.31
CA LEU C 702 -15.04 15.07 26.00
C LEU C 702 -15.49 13.67 25.57
N PRO C 703 -15.01 13.17 24.43
CA PRO C 703 -15.33 11.79 24.08
C PRO C 703 -14.41 10.80 24.79
N VAL C 704 -14.96 9.63 25.09
CA VAL C 704 -14.21 8.61 25.80
C VAL C 704 -14.20 7.27 25.06
N SER C 705 -15.10 7.04 24.11
CA SER C 705 -15.14 5.78 23.39
C SER C 705 -15.79 6.00 22.03
N MET C 706 -15.56 5.05 21.14
CA MET C 706 -16.16 5.08 19.81
C MET C 706 -16.78 3.73 19.49
N THR C 707 -17.36 3.59 18.30
CA THR C 707 -18.00 2.35 17.94
C THR C 707 -16.96 1.24 17.77
N LYS C 708 -17.21 0.11 18.43
CA LYS C 708 -16.31 -1.04 18.34
C LYS C 708 -16.58 -1.74 17.02
N THR C 709 -15.70 -1.50 16.04
CA THR C 709 -15.87 -2.08 14.71
C THR C 709 -14.94 -3.29 14.55
N SER C 710 -15.46 -4.31 13.88
CA SER C 710 -14.69 -5.50 13.56
C SER C 710 -14.87 -5.80 12.08
N VAL C 711 -13.77 -6.12 11.40
CA VAL C 711 -13.76 -6.32 9.96
C VAL C 711 -13.23 -7.72 9.66
N ASP C 712 -13.98 -8.48 8.88
CA ASP C 712 -13.50 -9.74 8.35
C ASP C 712 -12.79 -9.51 7.02
N CYS C 713 -12.06 -10.52 6.57
CA CYS C 713 -11.30 -10.42 5.34
C CYS C 713 -11.59 -11.57 4.37
N THR C 714 -11.78 -12.79 4.88
CA THR C 714 -12.05 -13.91 3.99
C THR C 714 -13.34 -13.71 3.20
N MET C 715 -14.39 -13.28 3.88
CA MET C 715 -15.68 -13.05 3.25
C MET C 715 -15.89 -11.59 2.84
N TYR C 716 -14.90 -10.73 3.04
CA TYR C 716 -14.97 -9.33 2.62
C TYR C 716 -14.17 -9.08 1.35
N ILE C 717 -12.91 -9.53 1.31
CA ILE C 717 -12.07 -9.28 0.14
C ILE C 717 -12.68 -9.93 -1.09
N CYS C 718 -13.12 -11.18 -0.96
CA CYS C 718 -13.75 -11.90 -2.07
C CYS C 718 -15.23 -12.13 -1.82
N GLY C 719 -15.59 -12.79 -0.73
CA GLY C 719 -16.98 -13.02 -0.40
C GLY C 719 -17.47 -14.37 -0.87
N ASP C 720 -17.61 -15.32 0.05
CA ASP C 720 -18.15 -16.65 -0.22
C ASP C 720 -17.64 -17.24 -1.51
N SER C 721 -16.36 -17.04 -1.81
CA SER C 721 -15.73 -17.57 -3.03
C SER C 721 -14.51 -18.38 -2.61
N THR C 722 -14.63 -19.71 -2.70
CA THR C 722 -13.51 -20.57 -2.33
C THR C 722 -12.33 -20.37 -3.27
N GLU C 723 -12.59 -20.27 -4.57
CA GLU C 723 -11.50 -20.08 -5.52
C GLU C 723 -10.78 -18.76 -5.29
N CYS C 724 -11.51 -17.69 -4.97
CA CYS C 724 -10.88 -16.41 -4.72
C CYS C 724 -10.13 -16.41 -3.39
N SER C 725 -10.66 -17.12 -2.39
CA SER C 725 -9.99 -17.16 -1.09
C SER C 725 -8.60 -17.77 -1.18
N ASN C 726 -8.38 -18.65 -2.16
CA ASN C 726 -7.07 -19.25 -2.33
C ASN C 726 -6.01 -18.19 -2.63
N LEU C 727 -6.34 -17.23 -3.50
CA LEU C 727 -5.42 -16.15 -3.80
C LEU C 727 -5.32 -15.15 -2.66
N LEU C 728 -6.27 -15.17 -1.72
CA LEU C 728 -6.19 -14.27 -0.58
C LEU C 728 -5.12 -14.70 0.40
N LEU C 729 -5.05 -15.99 0.72
CA LEU C 729 -4.13 -16.48 1.73
C LEU C 729 -2.69 -16.55 1.24
N GLN C 730 -2.47 -16.72 -0.07
CA GLN C 730 -1.12 -16.83 -0.58
C GLN C 730 -0.34 -15.53 -0.45
N TYR C 731 -1.00 -14.41 -0.17
CA TYR C 731 -0.29 -13.19 0.19
C TYR C 731 0.35 -13.27 1.57
N GLY C 732 0.02 -14.29 2.35
CA GLY C 732 0.58 -14.45 3.69
C GLY C 732 -0.44 -14.26 4.78
N SER C 733 -0.14 -13.42 5.75
CA SER C 733 -1.01 -13.15 6.89
C SER C 733 -1.34 -11.66 6.97
N PHE C 734 -1.65 -11.05 5.82
CA PHE C 734 -1.92 -9.62 5.81
C PHE C 734 -3.15 -9.29 6.65
N CYS C 735 -4.26 -9.98 6.40
CA CYS C 735 -5.49 -9.69 7.13
C CYS C 735 -5.59 -10.43 8.45
N THR C 736 -4.73 -11.42 8.70
CA THR C 736 -4.73 -12.08 10.00
C THR C 736 -4.38 -11.11 11.11
N GLN C 737 -3.37 -10.27 10.90
CA GLN C 737 -3.00 -9.28 11.90
C GLN C 737 -3.96 -8.10 11.91
N LEU C 738 -4.58 -7.79 10.77
CA LEU C 738 -5.51 -6.67 10.71
C LEU C 738 -6.67 -6.88 11.67
N ASN C 739 -7.24 -8.09 11.67
CA ASN C 739 -8.29 -8.40 12.64
C ASN C 739 -7.75 -8.32 14.05
N ARG C 740 -6.53 -8.82 14.27
CA ARG C 740 -5.90 -8.69 15.58
C ARG C 740 -5.67 -7.23 15.93
N ALA C 741 -5.23 -6.43 14.96
CA ALA C 741 -5.07 -5.01 15.21
C ALA C 741 -6.41 -4.34 15.48
N LEU C 742 -7.43 -4.67 14.70
CA LEU C 742 -8.74 -4.06 14.91
C LEU C 742 -9.35 -4.48 16.24
N THR C 743 -9.38 -5.79 16.52
CA THR C 743 -9.88 -6.24 17.80
C THR C 743 -9.00 -5.77 18.95
N GLY C 744 -7.72 -5.49 18.68
CA GLY C 744 -6.86 -4.95 19.72
C GLY C 744 -7.34 -3.60 20.23
N ILE C 745 -7.79 -2.74 19.31
CA ILE C 745 -8.35 -1.46 19.72
C ILE C 745 -9.81 -1.59 20.13
N ALA C 746 -10.51 -2.63 19.64
CA ALA C 746 -11.91 -2.78 20.00
C ALA C 746 -12.07 -2.96 21.51
N VAL C 747 -11.21 -3.78 22.12
CA VAL C 747 -11.25 -3.94 23.56
C VAL C 747 -10.73 -2.72 24.29
N GLU C 748 -9.91 -1.89 23.62
CA GLU C 748 -9.38 -0.70 24.27
C GLU C 748 -10.50 0.27 24.64
N GLN C 749 -11.47 0.44 23.75
CA GLN C 749 -12.60 1.33 24.07
C GLN C 749 -13.35 0.84 25.29
N ASP C 750 -13.59 -0.46 25.39
CA ASP C 750 -14.16 -1.01 26.61
C ASP C 750 -13.27 -0.68 27.81
N LYS C 751 -11.95 -0.77 27.62
CA LYS C 751 -11.05 -0.32 28.68
C LYS C 751 -11.20 1.17 28.92
N ASN C 752 -11.22 1.98 27.85
CA ASN C 752 -11.26 3.43 28.01
C ASN C 752 -12.43 3.84 28.89
N THR C 753 -13.61 3.26 28.64
CA THR C 753 -14.75 3.55 29.50
C THR C 753 -14.52 3.08 30.92
N GLN C 754 -13.65 2.10 31.12
CA GLN C 754 -13.50 1.50 32.44
C GLN C 754 -12.92 2.48 33.44
N GLU C 755 -11.78 3.11 33.11
CA GLU C 755 -11.15 4.00 34.08
C GLU C 755 -11.86 5.35 34.17
N VAL C 756 -12.43 5.81 33.06
CA VAL C 756 -13.07 7.13 33.08
C VAL C 756 -14.33 7.10 33.93
N PHE C 757 -15.06 5.99 33.93
CA PHE C 757 -16.32 5.89 34.67
C PHE C 757 -16.21 5.05 35.92
N ALA C 758 -15.74 3.80 35.80
CA ALA C 758 -15.70 2.88 36.95
C ALA C 758 -14.53 3.28 37.84
N GLN C 759 -14.74 4.34 38.61
CA GLN C 759 -13.78 4.82 39.59
C GLN C 759 -14.31 4.76 41.01
N VAL C 760 -15.42 4.07 41.23
CA VAL C 760 -16.04 3.96 42.55
C VAL C 760 -16.05 2.50 42.95
N LYS C 761 -15.51 2.21 44.15
CA LYS C 761 -15.47 0.84 44.64
C LYS C 761 -16.86 0.26 44.86
N GLN C 762 -17.86 1.12 45.11
CA GLN C 762 -19.22 0.65 45.35
C GLN C 762 -20.20 1.70 44.87
N ILE C 763 -21.43 1.27 44.65
CA ILE C 763 -22.48 2.13 44.12
C ILE C 763 -23.19 2.82 45.27
N TYR C 764 -23.28 4.14 45.20
CA TYR C 764 -23.97 4.94 46.20
C TYR C 764 -25.33 5.38 45.67
N LYS C 765 -26.25 5.61 46.60
CA LYS C 765 -27.61 6.02 46.27
C LYS C 765 -27.96 7.29 47.03
N THR C 766 -28.59 8.23 46.34
CA THR C 766 -29.02 9.46 46.98
C THR C 766 -30.11 9.16 48.01
N PRO C 767 -30.15 9.88 49.13
CA PRO C 767 -31.19 9.63 50.12
C PRO C 767 -32.56 9.97 49.56
N PRO C 768 -33.62 9.31 50.02
CA PRO C 768 -34.95 9.63 49.50
C PRO C 768 -35.34 11.08 49.74
N ILE C 769 -34.93 11.65 50.86
CA ILE C 769 -35.19 13.06 51.16
C ILE C 769 -34.01 13.87 50.65
N LYS C 770 -34.32 14.93 49.90
CA LYS C 770 -33.31 15.75 49.24
C LYS C 770 -33.42 17.18 49.79
N ASP C 771 -32.66 17.45 50.86
CA ASP C 771 -32.57 18.78 51.46
C ASP C 771 -31.09 19.13 51.55
N PHE C 772 -30.53 19.63 50.45
CA PHE C 772 -29.11 20.00 50.38
C PHE C 772 -28.94 21.50 50.61
N GLY C 773 -29.41 21.94 51.77
CA GLY C 773 -29.26 23.35 52.14
C GLY C 773 -29.87 24.29 51.13
N GLY C 774 -31.02 23.95 50.57
CA GLY C 774 -31.68 24.77 49.59
C GLY C 774 -31.26 24.53 48.15
N PHE C 775 -30.25 23.68 47.93
CA PHE C 775 -29.82 23.39 46.57
C PHE C 775 -30.80 22.45 45.89
N ASN C 776 -30.87 22.55 44.57
CA ASN C 776 -31.72 21.71 43.74
C ASN C 776 -30.85 20.87 42.81
N PHE C 777 -31.11 19.56 42.79
CA PHE C 777 -30.31 18.63 41.98
C PHE C 777 -31.18 17.68 41.16
N SER C 778 -32.50 17.89 41.13
CA SER C 778 -33.36 16.98 40.40
C SER C 778 -33.03 16.94 38.92
N GLN C 779 -32.43 18.00 38.37
CA GLN C 779 -32.10 18.01 36.96
C GLN C 779 -31.08 16.94 36.61
N ILE C 780 -30.06 16.77 37.46
CA ILE C 780 -28.97 15.85 37.18
C ILE C 780 -29.19 14.46 37.77
N LEU C 781 -30.01 14.33 38.81
CA LEU C 781 -30.23 13.03 39.42
C LEU C 781 -31.23 12.23 38.59
N PRO C 782 -31.16 10.90 38.65
CA PRO C 782 -32.12 10.08 37.92
C PRO C 782 -33.51 10.18 38.53
N ASP C 783 -34.51 9.92 37.69
CA ASP C 783 -35.91 9.96 38.10
C ASP C 783 -36.62 8.69 37.66
N PRO C 784 -37.61 8.22 38.43
CA PRO C 784 -38.38 7.05 37.97
C PRO C 784 -39.10 7.27 36.66
N SER C 785 -39.54 8.51 36.37
CA SER C 785 -40.28 8.77 35.16
C SER C 785 -39.45 8.44 33.91
N LYS C 786 -38.17 8.79 33.93
CA LYS C 786 -37.25 8.43 32.86
C LYS C 786 -37.00 6.94 32.97
N PRO C 787 -36.20 6.33 32.07
CA PRO C 787 -36.03 4.87 32.13
C PRO C 787 -35.26 4.37 33.34
N SER C 788 -35.66 4.80 34.53
CA SER C 788 -35.24 4.23 35.81
C SER C 788 -33.79 4.51 36.16
N LYS C 789 -33.00 5.04 35.22
CA LYS C 789 -31.62 5.41 35.53
C LYS C 789 -31.16 6.70 34.87
N ARG C 790 -31.87 7.24 33.88
CA ARG C 790 -31.41 8.39 33.14
C ARG C 790 -31.94 9.68 33.78
N SER C 791 -31.11 10.70 33.79
CA SER C 791 -31.48 12.00 34.33
C SER C 791 -32.10 12.88 33.24
N PHE C 792 -32.67 14.00 33.67
CA PHE C 792 -33.31 14.90 32.72
C PHE C 792 -32.30 15.44 31.71
N ILE C 793 -31.11 15.82 32.17
CA ILE C 793 -30.12 16.35 31.25
C ILE C 793 -29.62 15.27 30.32
N GLU C 794 -29.41 14.05 30.85
CA GLU C 794 -28.94 12.96 30.01
C GLU C 794 -29.94 12.67 28.89
N ASP C 795 -31.23 12.61 29.23
CA ASP C 795 -32.24 12.41 28.20
C ASP C 795 -32.19 13.52 27.16
N LEU C 796 -32.03 14.77 27.61
CA LEU C 796 -31.87 15.87 26.67
C LEU C 796 -30.64 15.68 25.81
N LEU C 797 -29.56 15.15 26.40
CA LEU C 797 -28.32 14.96 25.64
C LEU C 797 -28.47 13.85 24.61
N PHE C 798 -29.02 12.70 25.02
CA PHE C 798 -29.16 11.58 24.09
C PHE C 798 -30.07 11.94 22.92
N ASN C 799 -31.19 12.60 23.21
CA ASN C 799 -32.12 12.96 22.14
C ASN C 799 -31.47 13.88 21.12
N LYS C 800 -30.69 14.85 21.59
CA LYS C 800 -30.03 15.78 20.66
C LYS C 800 -29.03 15.08 19.77
N VAL C 801 -28.46 13.97 20.22
CA VAL C 801 -27.50 13.19 19.44
C VAL C 801 -28.28 12.20 18.58
N PHE C 830 -24.87 -4.85 7.50
CA PHE C 830 -24.85 -5.13 6.06
C PHE C 830 -23.68 -6.07 5.77
N ASN C 831 -23.61 -6.54 4.54
CA ASN C 831 -22.62 -7.53 4.16
C ASN C 831 -21.21 -6.96 4.25
N GLY C 832 -20.30 -7.75 4.80
CA GLY C 832 -18.89 -7.42 4.83
C GLY C 832 -18.40 -6.80 6.12
N LEU C 833 -19.29 -6.25 6.94
CA LEU C 833 -18.92 -5.53 8.14
C LEU C 833 -19.77 -5.98 9.31
N THR C 834 -19.25 -5.78 10.51
CA THR C 834 -19.98 -6.06 11.74
C THR C 834 -19.54 -5.07 12.80
N VAL C 835 -20.44 -4.82 13.76
CA VAL C 835 -20.20 -3.87 14.84
C VAL C 835 -20.35 -4.62 16.16
N LEU C 836 -19.34 -4.56 17.00
CA LEU C 836 -19.39 -5.22 18.30
C LEU C 836 -20.07 -4.31 19.32
N PRO C 837 -21.06 -4.79 20.06
CA PRO C 837 -21.72 -3.92 21.04
C PRO C 837 -20.76 -3.58 22.17
N PRO C 838 -20.93 -2.41 22.79
CA PRO C 838 -20.03 -2.05 23.90
C PRO C 838 -20.23 -2.96 25.09
N LEU C 839 -19.13 -3.16 25.83
CA LEU C 839 -19.20 -3.99 27.03
C LEU C 839 -20.14 -3.39 28.06
N LEU C 840 -20.06 -2.08 28.27
CA LEU C 840 -20.91 -1.38 29.22
C LEU C 840 -22.04 -0.72 28.45
N THR C 841 -23.23 -1.29 28.53
CA THR C 841 -24.39 -0.68 27.90
C THR C 841 -24.67 0.68 28.52
N ASP C 842 -25.09 1.63 27.68
CA ASP C 842 -25.33 2.98 28.16
C ASP C 842 -26.40 3.04 29.24
N GLU C 843 -27.25 2.02 29.33
CA GLU C 843 -28.31 2.03 30.33
C GLU C 843 -27.74 2.07 31.74
N MET C 844 -26.70 1.27 32.00
CA MET C 844 -26.06 1.28 33.32
C MET C 844 -24.83 2.17 33.37
N ILE C 845 -24.47 2.83 32.26
CA ILE C 845 -23.43 3.86 32.34
C ILE C 845 -23.91 4.99 33.25
N ALA C 846 -25.18 5.36 33.13
CA ALA C 846 -25.74 6.37 34.02
C ALA C 846 -25.68 5.91 35.47
N GLN C 847 -25.64 4.61 35.72
CA GLN C 847 -25.53 4.12 37.09
C GLN C 847 -24.24 4.60 37.73
N TYR C 848 -23.13 4.52 37.00
CA TYR C 848 -21.86 5.01 37.53
C TYR C 848 -21.93 6.51 37.81
N THR C 849 -22.47 7.28 36.86
CA THR C 849 -22.59 8.72 37.08
C THR C 849 -23.51 9.02 38.26
N SER C 850 -24.59 8.25 38.38
CA SER C 850 -25.47 8.40 39.54
C SER C 850 -24.71 8.11 40.83
N ALA C 851 -23.89 7.06 40.83
CA ALA C 851 -23.09 6.76 42.01
C ALA C 851 -22.11 7.89 42.30
N LEU C 852 -21.43 8.39 41.27
CA LEU C 852 -20.52 9.51 41.47
C LEU C 852 -21.25 10.75 41.96
N LEU C 853 -22.42 11.01 41.41
CA LEU C 853 -23.21 12.17 41.85
C LEU C 853 -23.56 12.06 43.33
N ALA C 854 -23.97 10.87 43.76
CA ALA C 854 -24.26 10.67 45.17
C ALA C 854 -23.01 10.84 46.03
N GLY C 855 -21.88 10.30 45.57
CA GLY C 855 -20.66 10.42 46.34
C GLY C 855 -20.16 11.84 46.45
N THR C 856 -20.16 12.57 45.33
CA THR C 856 -19.68 13.96 45.34
C THR C 856 -20.66 14.91 46.01
N ILE C 857 -21.90 14.48 46.26
CA ILE C 857 -22.89 15.31 46.91
C ILE C 857 -22.99 14.92 48.38
N THR C 858 -23.39 13.67 48.63
CA THR C 858 -23.54 13.22 50.00
C THR C 858 -22.21 13.14 50.73
N SER C 859 -21.23 12.48 50.12
CA SER C 859 -19.92 12.28 50.73
C SER C 859 -18.91 13.34 50.32
N GLY C 860 -19.26 14.22 49.39
CA GLY C 860 -18.29 15.22 48.94
C GLY C 860 -17.06 14.56 48.36
N TRP C 861 -15.89 15.09 48.72
CA TRP C 861 -14.62 14.58 48.24
C TRP C 861 -14.03 13.50 49.12
N THR C 862 -14.67 13.20 50.26
CA THR C 862 -14.11 12.21 51.18
C THR C 862 -14.08 10.82 50.55
N PHE C 863 -15.16 10.43 49.87
CA PHE C 863 -15.23 9.09 49.31
C PHE C 863 -14.18 8.84 48.23
N GLY C 864 -13.60 9.90 47.67
CA GLY C 864 -12.57 9.71 46.67
C GLY C 864 -11.32 9.06 47.23
N ALA C 865 -10.99 9.37 48.49
CA ALA C 865 -9.80 8.79 49.11
C ALA C 865 -10.06 7.38 49.60
N GLY C 866 -10.99 7.22 50.53
CA GLY C 866 -11.30 5.92 51.09
C GLY C 866 -12.79 5.71 51.28
N ALA C 867 -13.18 5.27 52.48
CA ALA C 867 -14.59 5.03 52.75
C ALA C 867 -15.39 6.31 52.60
N ALA C 868 -16.58 6.20 52.03
CA ALA C 868 -17.45 7.36 51.85
C ALA C 868 -17.91 7.89 53.19
N LEU C 869 -17.54 9.12 53.50
CA LEU C 869 -17.91 9.77 54.76
C LEU C 869 -18.96 10.83 54.46
N GLN C 870 -20.13 10.70 55.09
CA GLN C 870 -21.21 11.63 54.84
C GLN C 870 -20.85 13.03 55.34
N ILE C 871 -21.33 14.04 54.62
CA ILE C 871 -21.10 15.43 54.99
C ILE C 871 -22.27 16.26 54.47
N PRO C 872 -22.91 17.09 55.30
CA PRO C 872 -24.00 17.91 54.78
C PRO C 872 -23.51 18.86 53.70
N PHE C 873 -24.33 19.03 52.66
CA PHE C 873 -23.92 19.85 51.54
C PHE C 873 -23.79 21.32 51.90
N ALA C 874 -24.48 21.76 52.96
CA ALA C 874 -24.41 23.17 53.33
C ALA C 874 -22.98 23.58 53.67
N MET C 875 -22.28 22.77 54.46
CA MET C 875 -20.91 23.07 54.86
C MET C 875 -19.86 22.35 54.04
N GLN C 876 -20.27 21.45 53.13
CA GLN C 876 -19.30 20.90 52.18
C GLN C 876 -18.76 22.01 51.29
N MET C 877 -19.63 22.92 50.86
CA MET C 877 -19.17 24.08 50.10
C MET C 877 -18.17 24.91 50.91
N ALA C 878 -18.36 24.97 52.23
CA ALA C 878 -17.50 25.81 53.06
C ALA C 878 -16.05 25.40 52.92
N TYR C 879 -15.78 24.09 52.97
CA TYR C 879 -14.40 23.63 52.76
C TYR C 879 -13.92 24.04 51.38
N ARG C 880 -14.73 23.81 50.35
CA ARG C 880 -14.31 24.15 48.99
C ARG C 880 -14.08 25.64 48.86
N PHE C 881 -14.96 26.46 49.45
CA PHE C 881 -14.70 27.89 49.50
C PHE C 881 -13.42 28.19 50.26
N ASN C 882 -13.19 27.48 51.36
CA ASN C 882 -11.94 27.62 52.09
C ASN C 882 -10.75 27.18 51.24
N GLY C 883 -10.98 26.28 50.29
CA GLY C 883 -9.90 25.80 49.43
C GLY C 883 -9.49 26.75 48.33
N ILE C 884 -10.24 27.83 48.13
CA ILE C 884 -9.90 28.81 47.10
C ILE C 884 -9.62 30.15 47.77
N GLY C 885 -9.12 30.12 48.99
CA GLY C 885 -8.74 31.34 49.68
C GLY C 885 -9.89 32.22 50.09
N VAL C 886 -11.08 31.67 50.24
CA VAL C 886 -12.27 32.42 50.66
C VAL C 886 -12.70 31.90 52.02
N THR C 887 -12.75 32.79 53.00
CA THR C 887 -13.19 32.40 54.33
C THR C 887 -14.61 31.88 54.28
N GLN C 888 -14.85 30.75 54.94
CA GLN C 888 -16.15 30.09 54.87
C GLN C 888 -17.27 30.94 55.49
N ASN C 889 -16.93 31.95 56.29
CA ASN C 889 -17.96 32.74 56.93
C ASN C 889 -18.83 33.46 55.91
N VAL C 890 -18.25 33.86 54.77
CA VAL C 890 -19.02 34.57 53.75
C VAL C 890 -20.09 33.65 53.17
N LEU C 891 -19.79 32.38 53.02
CA LEU C 891 -20.74 31.46 52.39
C LEU C 891 -22.02 31.35 53.21
N TYR C 892 -21.88 31.07 54.52
CA TYR C 892 -23.06 30.90 55.35
C TYR C 892 -23.91 32.17 55.36
N GLU C 893 -23.26 33.34 55.43
CA GLU C 893 -23.99 34.59 55.36
C GLU C 893 -24.66 34.78 54.01
N ASN C 894 -24.21 34.08 52.98
CA ASN C 894 -24.77 34.19 51.63
C ASN C 894 -25.23 32.83 51.11
N GLN C 895 -25.66 31.96 52.01
CA GLN C 895 -26.09 30.63 51.60
C GLN C 895 -27.30 30.70 50.68
N LYS C 896 -28.31 31.50 51.05
CA LYS C 896 -29.52 31.58 50.24
C LYS C 896 -29.21 32.14 48.86
N LEU C 897 -28.40 33.19 48.79
CA LEU C 897 -28.05 33.77 47.49
C LEU C 897 -27.32 32.75 46.63
N ILE C 898 -26.41 31.98 47.22
CA ILE C 898 -25.66 30.99 46.46
C ILE C 898 -26.60 29.93 45.90
N ALA C 899 -27.54 29.45 46.72
CA ALA C 899 -28.47 28.43 46.25
C ALA C 899 -29.29 28.93 45.07
N ASN C 900 -29.78 30.17 45.15
CA ASN C 900 -30.53 30.73 44.04
C ASN C 900 -29.67 30.83 42.79
N GLN C 901 -28.42 31.28 42.95
CA GLN C 901 -27.53 31.37 41.80
C GLN C 901 -27.26 29.99 41.20
N PHE C 902 -27.03 28.99 42.05
CA PHE C 902 -26.79 27.65 41.55
C PHE C 902 -28.00 27.11 40.82
N ASN C 903 -29.19 27.27 41.40
CA ASN C 903 -30.39 26.77 40.75
C ASN C 903 -30.63 27.45 39.41
N SER C 904 -30.43 28.77 39.35
CA SER C 904 -30.57 29.48 38.09
C SER C 904 -29.55 28.99 37.07
N ALA C 905 -28.32 28.75 37.50
CA ALA C 905 -27.31 28.25 36.59
C ALA C 905 -27.70 26.88 36.05
N ILE C 906 -28.20 26.00 36.91
CA ILE C 906 -28.64 24.68 36.45
C ILE C 906 -29.80 24.82 35.48
N GLY C 907 -30.75 25.71 35.78
CA GLY C 907 -31.85 25.93 34.86
C GLY C 907 -31.40 26.52 33.55
N LYS C 908 -30.39 27.39 33.57
CA LYS C 908 -29.95 28.04 32.34
C LYS C 908 -29.23 27.06 31.43
N ILE C 909 -28.39 26.19 31.98
CA ILE C 909 -27.57 25.33 31.14
C ILE C 909 -28.42 24.34 30.36
N GLN C 910 -29.48 23.82 30.98
CA GLN C 910 -30.36 22.90 30.27
C GLN C 910 -31.07 23.59 29.11
N ASP C 911 -31.46 24.85 29.30
CA ASP C 911 -32.07 25.61 28.22
C ASP C 911 -31.08 25.95 27.12
N SER C 912 -29.79 26.03 27.45
CA SER C 912 -28.78 26.33 26.44
C SER C 912 -28.63 25.22 25.41
N LEU C 913 -29.12 24.02 25.72
CA LEU C 913 -29.05 22.88 24.81
C LEU C 913 -30.42 22.30 24.49
N SER C 914 -31.50 22.89 25.01
CA SER C 914 -32.82 22.30 24.83
C SER C 914 -33.36 22.55 23.42
N SER C 915 -33.50 23.82 23.05
CA SER C 915 -34.07 24.15 21.74
C SER C 915 -33.08 23.86 20.62
N THR C 916 -31.93 24.54 20.62
CA THR C 916 -30.92 24.37 19.59
C THR C 916 -29.57 24.73 20.16
N ALA C 917 -28.54 23.96 19.79
CA ALA C 917 -27.18 24.22 20.25
C ALA C 917 -26.22 23.47 19.35
N SER C 918 -25.29 24.19 18.74
CA SER C 918 -24.24 23.60 17.92
C SER C 918 -22.96 23.35 18.71
N ALA C 919 -23.01 23.44 20.03
CA ALA C 919 -21.83 23.29 20.88
C ALA C 919 -21.53 21.84 21.23
N LEU C 920 -22.27 20.87 20.67
CA LEU C 920 -21.97 19.48 20.94
C LEU C 920 -20.55 19.12 20.49
N GLY C 921 -20.18 19.56 19.29
CA GLY C 921 -18.80 19.45 18.85
C GLY C 921 -18.27 18.03 18.84
N LYS C 922 -17.39 17.73 19.81
CA LYS C 922 -16.66 16.46 19.79
C LYS C 922 -17.62 15.28 19.84
N LEU C 923 -18.65 15.34 20.69
CA LEU C 923 -19.57 14.22 20.81
C LEU C 923 -20.31 13.99 19.51
N GLN C 924 -20.82 15.05 18.89
CA GLN C 924 -21.64 14.90 17.70
C GLN C 924 -20.81 14.54 16.48
N ASP C 925 -19.66 15.20 16.30
CA ASP C 925 -18.89 15.01 15.07
C ASP C 925 -18.15 13.69 15.06
N VAL C 926 -17.79 13.15 16.24
CA VAL C 926 -16.99 11.93 16.26
C VAL C 926 -17.70 10.81 15.53
N VAL C 927 -19.02 10.75 15.62
CA VAL C 927 -19.76 9.74 14.87
C VAL C 927 -19.64 9.99 13.37
N ASN C 928 -19.51 11.25 12.96
CA ASN C 928 -19.56 11.57 11.54
C ASN C 928 -18.41 10.92 10.78
N GLN C 929 -17.17 11.12 11.23
CA GLN C 929 -16.06 10.51 10.51
C GLN C 929 -16.05 8.99 10.71
N ASN C 930 -16.63 8.51 11.81
CA ASN C 930 -16.79 7.07 11.97
C ASN C 930 -17.77 6.50 10.96
N ALA C 931 -18.93 7.15 10.80
CA ALA C 931 -19.93 6.66 9.86
C ALA C 931 -19.40 6.67 8.43
N GLN C 932 -18.77 7.77 8.04
CA GLN C 932 -18.25 7.86 6.67
C GLN C 932 -17.06 6.94 6.46
N ALA C 933 -16.25 6.72 7.51
CA ALA C 933 -15.12 5.82 7.37
C ALA C 933 -15.58 4.42 7.01
N LEU C 934 -16.64 3.94 7.67
CA LEU C 934 -17.26 2.69 7.24
C LEU C 934 -17.93 2.86 5.88
N ASN C 935 -18.61 3.99 5.68
CA ASN C 935 -19.34 4.21 4.44
C ASN C 935 -18.40 4.25 3.24
N THR C 936 -17.28 4.96 3.36
CA THR C 936 -16.37 5.10 2.23
C THR C 936 -15.76 3.76 1.85
N LEU C 937 -15.64 2.83 2.81
CA LEU C 937 -15.10 1.51 2.51
C LEU C 937 -16.02 0.75 1.55
N VAL C 938 -17.33 0.91 1.69
CA VAL C 938 -18.27 0.14 0.88
C VAL C 938 -18.07 0.45 -0.60
N LYS C 939 -17.93 1.73 -0.94
CA LYS C 939 -17.79 2.10 -2.35
C LYS C 939 -16.55 1.48 -2.96
N GLN C 940 -15.54 1.16 -2.15
CA GLN C 940 -14.34 0.55 -2.68
C GLN C 940 -14.62 -0.81 -3.32
N LEU C 941 -15.65 -1.50 -2.84
CA LEU C 941 -16.03 -2.76 -3.47
C LEU C 941 -16.47 -2.55 -4.91
N SER C 942 -17.06 -1.39 -5.21
CA SER C 942 -17.49 -1.07 -6.57
C SER C 942 -16.37 -0.53 -7.44
N SER C 943 -15.19 -0.29 -6.88
CA SER C 943 -14.08 0.22 -7.67
C SER C 943 -13.54 -0.87 -8.58
N ASN C 944 -13.23 -0.50 -9.82
CA ASN C 944 -12.75 -1.48 -10.79
C ASN C 944 -11.32 -1.90 -10.50
N PHE C 945 -10.48 -0.96 -10.07
CA PHE C 945 -9.07 -1.23 -9.82
C PHE C 945 -8.38 -1.80 -11.06
N GLY C 946 -8.78 -1.30 -12.23
CA GLY C 946 -8.22 -1.75 -13.47
C GLY C 946 -8.85 -2.98 -14.06
N ALA C 947 -9.79 -3.62 -13.36
CA ALA C 947 -10.49 -4.79 -13.87
C ALA C 947 -11.71 -4.35 -14.68
N ILE C 948 -12.12 -5.23 -15.60
CA ILE C 948 -13.27 -4.92 -16.45
C ILE C 948 -14.57 -4.88 -15.66
N SER C 949 -14.62 -5.55 -14.51
CA SER C 949 -15.81 -5.57 -13.68
C SER C 949 -15.43 -5.35 -12.23
N SER C 950 -16.33 -4.72 -11.48
CA SER C 950 -16.12 -4.44 -10.07
C SER C 950 -16.70 -5.51 -9.15
N VAL C 951 -17.31 -6.55 -9.71
CA VAL C 951 -17.91 -7.63 -8.92
C VAL C 951 -17.19 -8.93 -9.23
N LEU C 952 -17.05 -9.76 -8.20
CA LEU C 952 -16.32 -11.01 -8.35
C LEU C 952 -17.04 -11.99 -9.27
N ASN C 953 -18.38 -12.00 -9.22
CA ASN C 953 -19.13 -12.98 -9.99
C ASN C 953 -18.89 -12.81 -11.49
N ASP C 954 -18.90 -11.57 -11.98
CA ASP C 954 -18.71 -11.35 -13.41
C ASP C 954 -17.33 -11.81 -13.84
N ILE C 955 -16.30 -11.55 -13.03
CA ILE C 955 -14.95 -11.98 -13.37
C ILE C 955 -14.88 -13.49 -13.45
N LEU C 956 -15.48 -14.18 -12.47
CA LEU C 956 -15.45 -15.64 -12.47
C LEU C 956 -16.31 -16.26 -13.56
N SER C 957 -17.16 -15.47 -14.23
CA SER C 957 -18.11 -16.00 -15.21
C SER C 957 -17.55 -15.95 -16.62
N ARG C 958 -17.17 -14.77 -17.12
CA ARG C 958 -16.84 -14.57 -18.52
C ARG C 958 -15.36 -14.31 -18.73
N LEU C 959 -14.50 -14.94 -17.93
CA LEU C 959 -13.06 -14.87 -18.11
C LEU C 959 -12.50 -16.29 -18.12
N ASP C 960 -11.49 -16.51 -18.94
CA ASP C 960 -10.85 -17.82 -19.01
C ASP C 960 -10.06 -18.04 -17.72
N PRO C 961 -10.34 -19.11 -16.96
CA PRO C 961 -9.75 -19.24 -15.61
C PRO C 961 -8.23 -19.20 -15.63
N PRO C 962 -7.58 -19.78 -16.65
CA PRO C 962 -6.11 -19.65 -16.72
C PRO C 962 -5.61 -18.21 -16.65
N GLU C 963 -6.35 -17.26 -17.25
CA GLU C 963 -5.98 -15.85 -17.19
C GLU C 963 -6.93 -15.03 -16.33
N ALA C 964 -7.93 -15.67 -15.70
CA ALA C 964 -8.88 -14.92 -14.88
C ALA C 964 -8.21 -14.31 -13.66
N GLU C 965 -7.24 -14.99 -13.07
CA GLU C 965 -6.60 -14.49 -11.86
C GLU C 965 -5.89 -13.17 -12.09
N VAL C 966 -5.52 -12.86 -13.33
CA VAL C 966 -4.83 -11.60 -13.61
C VAL C 966 -5.72 -10.42 -13.23
N GLN C 967 -6.98 -10.46 -13.64
CA GLN C 967 -7.92 -9.42 -13.23
C GLN C 967 -8.19 -9.48 -11.74
N ILE C 968 -8.25 -10.68 -11.16
CA ILE C 968 -8.47 -10.79 -9.73
C ILE C 968 -7.32 -10.16 -8.97
N ASP C 969 -6.08 -10.44 -9.38
CA ASP C 969 -4.93 -9.96 -8.63
C ASP C 969 -4.93 -8.44 -8.50
N ARG C 970 -5.20 -7.74 -9.60
CA ARG C 970 -5.28 -6.29 -9.53
C ARG C 970 -6.47 -5.82 -8.69
N LEU C 971 -7.45 -6.68 -8.48
CA LEU C 971 -8.61 -6.33 -7.65
C LEU C 971 -8.36 -6.60 -6.18
N ILE C 972 -7.72 -7.72 -5.85
CA ILE C 972 -7.41 -8.01 -4.45
C ILE C 972 -6.48 -6.94 -3.89
N THR C 973 -5.46 -6.57 -4.65
CA THR C 973 -4.53 -5.55 -4.19
C THR C 973 -5.26 -4.23 -3.93
N GLY C 974 -6.15 -3.83 -4.84
CA GLY C 974 -6.89 -2.60 -4.63
C GLY C 974 -7.79 -2.68 -3.40
N ARG C 975 -8.52 -3.78 -3.25
CA ARG C 975 -9.36 -3.96 -2.08
C ARG C 975 -8.52 -4.05 -0.81
N LEU C 976 -7.39 -4.77 -0.88
CA LEU C 976 -6.50 -4.85 0.28
C LEU C 976 -5.95 -3.48 0.64
N GLN C 977 -5.58 -2.69 -0.37
CA GLN C 977 -5.09 -1.34 -0.10
C GLN C 977 -6.17 -0.50 0.59
N SER C 978 -7.41 -0.61 0.12
CA SER C 978 -8.50 0.13 0.76
C SER C 978 -8.65 -0.27 2.22
N LEU C 979 -8.61 -1.56 2.51
CA LEU C 979 -8.72 -2.01 3.90
C LEU C 979 -7.55 -1.53 4.73
N GLN C 980 -6.36 -1.48 4.13
CA GLN C 980 -5.18 -1.03 4.87
C GLN C 980 -5.36 0.41 5.34
N THR C 981 -5.86 1.27 4.47
CA THR C 981 -6.02 2.67 4.84
C THR C 981 -7.03 2.82 5.99
N TYR C 982 -8.14 2.08 5.92
CA TYR C 982 -9.17 2.20 6.94
C TYR C 982 -8.62 1.81 8.31
N VAL C 983 -7.88 0.70 8.39
CA VAL C 983 -7.32 0.28 9.65
C VAL C 983 -6.28 1.28 10.14
N THR C 984 -5.38 1.72 9.26
CA THR C 984 -4.38 2.69 9.66
C THR C 984 -5.03 4.00 10.10
N GLN C 985 -6.02 4.47 9.34
CA GLN C 985 -6.74 5.67 9.73
C GLN C 985 -7.50 5.44 11.03
N GLN C 986 -8.07 4.25 11.21
CA GLN C 986 -8.79 3.95 12.44
C GLN C 986 -7.84 4.02 13.64
N LEU C 987 -6.63 3.48 13.51
CA LEU C 987 -5.69 3.52 14.62
C LEU C 987 -5.35 4.95 15.02
N ILE C 988 -5.23 5.84 14.04
CA ILE C 988 -4.90 7.24 14.34
C ILE C 988 -5.96 7.84 15.24
N ARG C 989 -7.23 7.62 14.90
CA ARG C 989 -8.31 8.12 15.75
C ARG C 989 -8.32 7.41 17.10
N ALA C 990 -7.98 6.12 17.13
CA ALA C 990 -7.96 5.40 18.40
C ALA C 990 -6.97 6.03 19.37
N ALA C 991 -5.79 6.40 18.88
CA ALA C 991 -4.83 7.09 19.75
C ALA C 991 -5.38 8.42 20.22
N GLU C 992 -6.04 9.16 19.33
CA GLU C 992 -6.63 10.43 19.73
C GLU C 992 -7.71 10.23 20.79
N ILE C 993 -8.56 9.23 20.62
CA ILE C 993 -9.59 8.95 21.61
C ILE C 993 -8.96 8.55 22.93
N ARG C 994 -7.93 7.71 22.88
CA ARG C 994 -7.26 7.30 24.11
C ARG C 994 -6.68 8.51 24.84
N ALA C 995 -6.09 9.44 24.09
CA ALA C 995 -5.62 10.68 24.71
C ALA C 995 -6.78 11.46 25.32
N SER C 996 -7.90 11.53 24.59
CA SER C 996 -9.08 12.19 25.14
C SER C 996 -9.61 11.43 26.35
N ALA C 997 -9.65 10.10 26.27
CA ALA C 997 -10.15 9.31 27.40
C ALA C 997 -9.27 9.51 28.63
N ASN C 998 -7.95 9.50 28.45
CA ASN C 998 -7.05 9.74 29.57
C ASN C 998 -7.26 11.13 30.15
N LEU C 999 -7.43 12.13 29.29
CA LEU C 999 -7.73 13.47 29.76
C LEU C 999 -9.06 13.48 30.51
N ALA C 1000 -10.07 12.80 29.97
CA ALA C 1000 -11.35 12.71 30.67
C ALA C 1000 -11.18 11.99 32.00
N ALA C 1001 -10.39 10.91 32.02
CA ALA C 1001 -10.13 10.22 33.27
C ALA C 1001 -9.41 11.13 34.26
N THR C 1002 -8.45 11.92 33.77
CA THR C 1002 -7.74 12.85 34.63
C THR C 1002 -8.70 13.86 35.23
N LYS C 1003 -9.60 14.42 34.41
CA LYS C 1003 -10.60 15.34 34.94
C LYS C 1003 -11.52 14.64 35.92
N MET C 1004 -11.86 13.37 35.66
CA MET C 1004 -12.60 12.60 36.65
C MET C 1004 -11.82 12.47 37.94
N SER C 1005 -10.52 12.21 37.84
CA SER C 1005 -9.70 11.99 39.03
C SER C 1005 -9.66 13.24 39.90
N GLU C 1006 -9.50 14.41 39.30
CA GLU C 1006 -9.33 15.66 40.05
C GLU C 1006 -10.63 16.43 40.24
N CYS C 1007 -11.30 16.77 39.15
CA CYS C 1007 -12.43 17.71 39.20
C CYS C 1007 -13.76 17.04 39.55
N VAL C 1008 -13.80 15.73 39.73
CA VAL C 1008 -15.02 15.04 40.11
C VAL C 1008 -14.81 14.40 41.48
N LEU C 1009 -13.82 13.52 41.58
CA LEU C 1009 -13.56 12.84 42.84
C LEU C 1009 -13.09 13.81 43.92
N GLY C 1010 -12.64 14.99 43.55
CA GLY C 1010 -12.20 15.98 44.52
C GLY C 1010 -12.23 17.37 43.94
N GLN C 1011 -11.46 18.26 44.53
CA GLN C 1011 -11.36 19.65 44.10
C GLN C 1011 -10.04 19.87 43.39
N SER C 1012 -10.08 20.56 42.26
CA SER C 1012 -8.90 20.79 41.44
C SER C 1012 -8.28 22.13 41.82
N LYS C 1013 -7.17 22.09 42.55
CA LYS C 1013 -6.49 23.32 42.93
C LYS C 1013 -5.88 24.01 41.72
N ARG C 1014 -5.39 23.24 40.75
CA ARG C 1014 -4.82 23.82 39.54
C ARG C 1014 -5.85 24.69 38.84
N VAL C 1015 -5.41 25.85 38.36
CA VAL C 1015 -6.29 26.89 37.86
C VAL C 1015 -6.61 26.64 36.39
N ASP C 1016 -7.85 26.98 36.01
CA ASP C 1016 -8.28 26.93 34.62
C ASP C 1016 -8.09 25.55 34.00
N PHE C 1017 -8.25 24.50 34.82
CA PHE C 1017 -8.21 23.13 34.34
C PHE C 1017 -9.60 22.54 34.15
N CYS C 1018 -10.59 23.03 34.91
CA CYS C 1018 -11.97 22.55 34.80
C CYS C 1018 -12.88 23.77 34.98
N GLY C 1019 -13.25 24.39 33.86
CA GLY C 1019 -14.12 25.55 33.88
C GLY C 1019 -13.36 26.82 34.22
N LYS C 1020 -13.66 27.90 33.51
CA LYS C 1020 -13.02 29.18 33.78
C LYS C 1020 -13.41 29.65 35.18
N GLY C 1021 -12.45 30.22 35.89
CA GLY C 1021 -12.65 30.66 37.26
C GLY C 1021 -12.20 29.61 38.25
N TYR C 1022 -12.37 29.95 39.53
CA TYR C 1022 -11.98 29.06 40.60
C TYR C 1022 -12.93 27.87 40.65
N HIS C 1023 -12.39 26.67 40.52
CA HIS C 1023 -13.19 25.46 40.40
C HIS C 1023 -13.61 24.94 41.77
N LEU C 1024 -14.87 24.54 41.88
CA LEU C 1024 -15.41 23.95 43.09
C LEU C 1024 -15.65 22.45 42.95
N MET C 1025 -16.40 22.03 41.94
CA MET C 1025 -16.54 20.62 41.61
C MET C 1025 -17.04 20.51 40.18
N SER C 1026 -17.30 19.28 39.74
CA SER C 1026 -17.90 19.03 38.45
C SER C 1026 -18.81 17.82 38.57
N PHE C 1027 -19.95 17.88 37.90
CA PHE C 1027 -20.93 16.80 37.94
C PHE C 1027 -20.92 16.04 36.62
N PRO C 1028 -20.39 14.82 36.57
CA PRO C 1028 -20.36 14.09 35.30
C PRO C 1028 -21.76 13.74 34.83
N GLN C 1029 -21.90 13.68 33.50
CA GLN C 1029 -23.16 13.30 32.87
C GLN C 1029 -22.87 12.34 31.73
N SER C 1030 -23.70 11.31 31.60
CA SER C 1030 -23.50 10.32 30.56
C SER C 1030 -23.79 10.89 29.19
N ALA C 1031 -23.01 10.48 28.21
CA ALA C 1031 -23.19 10.85 26.81
C ALA C 1031 -23.08 9.59 25.98
N PRO C 1032 -23.68 9.58 24.78
CA PRO C 1032 -23.68 8.33 23.99
C PRO C 1032 -22.29 7.78 23.73
N HIS C 1033 -21.30 8.63 23.47
CA HIS C 1033 -19.93 8.19 23.23
C HIS C 1033 -18.95 9.12 23.92
N GLY C 1034 -19.24 9.48 25.15
CA GLY C 1034 -18.36 10.37 25.88
C GLY C 1034 -18.91 10.68 27.26
N VAL C 1035 -18.40 11.74 27.85
CA VAL C 1035 -18.81 12.20 29.17
C VAL C 1035 -18.92 13.72 29.15
N VAL C 1036 -19.90 14.25 29.88
CA VAL C 1036 -20.16 15.68 29.95
C VAL C 1036 -20.07 16.11 31.40
N PHE C 1037 -19.28 17.15 31.66
CA PHE C 1037 -19.10 17.71 32.99
C PHE C 1037 -19.93 18.97 33.16
N LEU C 1038 -20.11 19.36 34.42
CA LEU C 1038 -20.75 20.63 34.78
C LEU C 1038 -19.83 21.31 35.80
N HIS C 1039 -18.82 22.03 35.31
CA HIS C 1039 -17.82 22.62 36.19
C HIS C 1039 -18.44 23.78 36.95
N VAL C 1040 -18.64 23.60 38.26
CA VAL C 1040 -19.13 24.67 39.11
C VAL C 1040 -17.94 25.56 39.48
N THR C 1041 -17.97 26.80 39.01
CA THR C 1041 -16.85 27.73 39.17
C THR C 1041 -17.30 28.95 39.98
N TYR C 1042 -16.34 29.52 40.70
CA TYR C 1042 -16.55 30.70 41.52
C TYR C 1042 -15.92 31.89 40.80
N VAL C 1043 -16.75 32.71 40.18
CA VAL C 1043 -16.32 33.86 39.39
C VAL C 1043 -16.60 35.12 40.20
N PRO C 1044 -15.60 35.84 40.69
CA PRO C 1044 -15.87 37.09 41.40
C PRO C 1044 -16.32 38.19 40.46
N ALA C 1045 -16.99 39.18 41.04
CA ALA C 1045 -17.49 40.32 40.28
C ALA C 1045 -17.72 41.48 41.25
N GLN C 1046 -18.13 42.62 40.68
CA GLN C 1046 -18.41 43.83 41.46
C GLN C 1046 -17.17 44.25 42.26
N GLU C 1047 -16.14 44.63 41.51
CA GLU C 1047 -14.87 45.01 42.09
C GLU C 1047 -14.79 46.51 42.29
N LYS C 1048 -14.23 46.91 43.44
CA LYS C 1048 -13.99 48.30 43.76
C LYS C 1048 -12.50 48.49 44.03
N ASN C 1049 -11.95 49.61 43.58
CA ASN C 1049 -10.53 49.88 43.69
C ASN C 1049 -10.25 50.73 44.93
N PHE C 1050 -9.22 50.34 45.67
CA PHE C 1050 -8.86 51.01 46.91
C PHE C 1050 -7.35 51.26 46.95
N THR C 1051 -6.97 52.24 47.75
CA THR C 1051 -5.56 52.54 48.00
C THR C 1051 -5.04 51.60 49.08
N THR C 1052 -3.85 51.05 48.87
CA THR C 1052 -3.30 50.04 49.76
C THR C 1052 -1.81 50.27 49.97
N ALA C 1053 -1.28 49.62 51.01
CA ALA C 1053 0.15 49.63 51.29
C ALA C 1053 0.56 48.21 51.65
N PRO C 1054 1.81 47.83 51.39
CA PRO C 1054 2.23 46.45 51.67
C PRO C 1054 2.41 46.15 53.15
N ALA C 1055 2.58 47.17 53.99
CA ALA C 1055 2.81 46.95 55.41
C ALA C 1055 2.41 48.20 56.18
N ILE C 1056 2.36 48.06 57.49
CA ILE C 1056 1.97 49.15 58.39
C ILE C 1056 3.04 49.28 59.46
N CYS C 1057 3.49 50.51 59.71
CA CYS C 1057 4.46 50.79 60.76
C CYS C 1057 3.71 51.27 62.00
N HIS C 1058 3.90 50.57 63.12
CA HIS C 1058 3.28 50.92 64.38
C HIS C 1058 4.34 50.84 65.46
N ASP C 1059 4.64 51.97 66.10
CA ASP C 1059 5.64 52.03 67.16
C ASP C 1059 6.99 51.53 66.66
N GLY C 1060 7.31 51.85 65.42
CA GLY C 1060 8.59 51.48 64.83
C GLY C 1060 8.69 50.04 64.37
N LYS C 1061 7.61 49.27 64.46
CA LYS C 1061 7.60 47.88 64.04
C LYS C 1061 6.78 47.74 62.76
N ALA C 1062 7.33 47.07 61.76
CA ALA C 1062 6.61 46.86 60.51
C ALA C 1062 5.65 45.69 60.66
N HIS C 1063 4.39 45.94 60.35
CA HIS C 1063 3.34 44.93 60.46
C HIS C 1063 2.98 44.40 59.08
N PHE C 1064 2.72 43.10 59.00
CA PHE C 1064 2.31 42.45 57.76
C PHE C 1064 1.06 41.63 58.02
N PRO C 1065 0.22 41.43 57.00
CA PRO C 1065 -1.01 40.66 57.21
C PRO C 1065 -0.75 39.17 57.15
N ARG C 1066 -1.33 38.45 58.12
CA ARG C 1066 -1.23 36.99 58.09
C ARG C 1066 -1.85 36.43 56.83
N GLU C 1067 -3.01 36.95 56.43
CA GLU C 1067 -3.64 36.58 55.17
C GLU C 1067 -4.34 37.82 54.63
N GLY C 1068 -4.52 37.84 53.31
CA GLY C 1068 -5.12 38.98 52.67
C GLY C 1068 -4.16 40.14 52.55
N VAL C 1069 -4.71 41.30 52.18
CA VAL C 1069 -3.94 42.52 51.99
C VAL C 1069 -4.65 43.66 52.68
N PHE C 1070 -3.87 44.69 53.03
CA PHE C 1070 -4.42 45.89 53.64
C PHE C 1070 -5.15 46.73 52.60
N VAL C 1071 -6.24 47.36 53.02
CA VAL C 1071 -7.05 48.22 52.17
C VAL C 1071 -7.45 49.46 52.95
N SER C 1072 -7.92 50.46 52.22
CA SER C 1072 -8.37 51.71 52.84
C SER C 1072 -9.47 52.32 52.00
N ASN C 1073 -10.56 52.70 52.65
CA ASN C 1073 -11.65 53.42 51.98
C ASN C 1073 -11.43 54.92 52.08
N GLY C 1074 -10.25 55.34 51.63
CA GLY C 1074 -9.86 56.73 51.67
C GLY C 1074 -9.03 57.09 52.88
N THR C 1075 -9.62 56.99 54.08
CA THR C 1075 -8.95 57.37 55.32
C THR C 1075 -8.69 56.18 56.23
N HIS C 1076 -9.72 55.43 56.60
CA HIS C 1076 -9.56 54.31 57.49
C HIS C 1076 -8.92 53.14 56.77
N TRP C 1077 -8.12 52.37 57.51
CA TRP C 1077 -7.46 51.18 56.98
C TRP C 1077 -8.13 49.92 57.48
N PHE C 1078 -8.05 48.86 56.70
CA PHE C 1078 -8.73 47.62 57.01
C PHE C 1078 -7.95 46.45 56.41
N VAL C 1079 -8.26 45.25 56.87
CA VAL C 1079 -7.66 44.01 56.40
C VAL C 1079 -8.77 43.12 55.85
N THR C 1080 -8.53 42.56 54.67
CA THR C 1080 -9.52 41.68 54.04
C THR C 1080 -8.80 40.67 53.16
N GLN C 1081 -9.48 39.57 52.90
CA GLN C 1081 -8.91 38.54 52.04
C GLN C 1081 -8.86 39.01 50.59
N ARG C 1082 -8.07 38.30 49.79
CA ARG C 1082 -7.82 38.72 48.41
C ARG C 1082 -8.97 38.41 47.47
N ASN C 1083 -9.94 37.59 47.88
CA ASN C 1083 -11.03 37.17 47.01
C ASN C 1083 -12.39 37.72 47.42
N PHE C 1084 -12.46 38.49 48.50
CA PHE C 1084 -13.73 39.06 48.92
C PHE C 1084 -13.45 40.27 49.81
N TYR C 1085 -14.32 41.26 49.72
CA TYR C 1085 -14.17 42.49 50.50
C TYR C 1085 -14.84 42.28 51.85
N GLU C 1086 -14.05 41.94 52.85
CA GLU C 1086 -14.51 41.74 54.22
C GLU C 1086 -13.60 42.52 55.16
N PRO C 1087 -13.69 43.86 55.13
CA PRO C 1087 -12.76 44.67 55.92
C PRO C 1087 -12.88 44.37 57.41
N GLN C 1088 -11.73 44.40 58.09
CA GLN C 1088 -11.67 44.16 59.52
C GLN C 1088 -10.65 45.11 60.13
N ILE C 1089 -10.83 45.40 61.42
CA ILE C 1089 -9.94 46.30 62.12
C ILE C 1089 -8.55 45.67 62.19
N ILE C 1090 -7.53 46.49 61.99
CA ILE C 1090 -6.16 46.01 62.08
C ILE C 1090 -5.88 45.61 63.53
N THR C 1091 -5.61 44.33 63.75
CA THR C 1091 -5.41 43.79 65.08
C THR C 1091 -4.09 43.03 65.13
N THR C 1092 -3.49 42.99 66.32
CA THR C 1092 -2.24 42.27 66.49
C THR C 1092 -2.36 40.79 66.20
N ASP C 1093 -3.58 40.23 66.22
CA ASP C 1093 -3.79 38.81 66.03
C ASP C 1093 -3.87 38.40 64.56
N ASN C 1094 -4.35 39.28 63.69
CA ASN C 1094 -4.44 38.99 62.26
C ASN C 1094 -3.22 39.48 61.48
N THR C 1095 -2.22 40.01 62.16
CA THR C 1095 -1.00 40.50 61.52
C THR C 1095 0.20 40.03 62.32
N PHE C 1096 1.34 39.93 61.64
CA PHE C 1096 2.59 39.53 62.27
C PHE C 1096 3.64 40.59 61.98
N VAL C 1097 4.59 40.75 62.91
CA VAL C 1097 5.58 41.81 62.86
C VAL C 1097 6.94 41.21 62.57
N SER C 1098 7.69 41.87 61.68
CA SER C 1098 9.05 41.46 61.37
C SER C 1098 9.79 42.63 60.76
N GLY C 1099 11.11 42.62 60.92
CA GLY C 1099 11.93 43.66 60.34
C GLY C 1099 11.74 45.00 61.06
N ASN C 1100 12.09 46.06 60.34
CA ASN C 1100 12.00 47.43 60.83
C ASN C 1100 11.22 48.27 59.84
N CYS C 1101 10.97 49.53 60.21
CA CYS C 1101 10.19 50.44 59.38
C CYS C 1101 10.98 51.01 58.22
N ASP C 1102 12.29 50.83 58.18
CA ASP C 1102 13.12 51.48 57.18
C ASP C 1102 13.46 50.59 55.98
N VAL C 1103 13.58 49.28 56.20
CA VAL C 1103 14.06 48.40 55.14
C VAL C 1103 13.04 48.17 54.03
N VAL C 1104 11.75 48.33 54.32
CA VAL C 1104 10.68 48.07 53.35
C VAL C 1104 10.16 49.41 52.86
N ILE C 1105 9.98 49.52 51.54
CA ILE C 1105 9.47 50.73 50.93
C ILE C 1105 7.95 50.63 50.80
N GLY C 1106 7.30 51.78 50.65
CA GLY C 1106 5.87 51.84 50.46
C GLY C 1106 5.04 51.72 51.71
N ILE C 1107 5.65 51.61 52.88
CA ILE C 1107 4.91 51.46 54.12
C ILE C 1107 4.17 52.76 54.41
N VAL C 1108 3.02 52.65 55.09
CA VAL C 1108 2.25 53.80 55.51
C VAL C 1108 2.22 53.82 57.03
N ASN C 1109 2.21 55.03 57.58
CA ASN C 1109 2.18 55.22 59.03
C ASN C 1109 0.74 55.10 59.50
N ASN C 1110 0.48 54.10 60.35
CA ASN C 1110 -0.85 53.91 60.90
C ASN C 1110 -0.72 53.15 62.21
N THR C 1111 -1.80 53.19 62.99
CA THR C 1111 -1.85 52.53 64.30
C THR C 1111 -2.45 51.14 64.16
N VAL C 1112 -1.96 50.22 64.99
CA VAL C 1112 -2.43 48.83 65.01
C VAL C 1112 -3.13 48.61 66.34
N TYR C 1113 -4.39 48.20 66.29
CA TYR C 1113 -5.16 47.95 67.49
C TYR C 1113 -4.65 46.70 68.21
N ASP C 1114 -4.71 46.74 69.54
CA ASP C 1114 -4.30 45.63 70.39
C ASP C 1114 -5.47 45.19 71.24
N PRO C 1115 -5.91 43.92 71.20
CA PRO C 1115 -7.10 43.54 71.97
C PRO C 1115 -6.83 43.39 73.46
N LEU C 1116 -5.58 43.28 73.89
CA LEU C 1116 -5.29 43.06 75.30
C LEU C 1116 -5.44 44.33 76.12
N GLN C 1117 -5.13 45.50 75.54
CA GLN C 1117 -5.20 46.75 76.29
C GLN C 1117 -6.57 46.99 76.90
N PRO C 1118 -7.68 46.91 76.17
CA PRO C 1118 -8.98 47.13 76.82
C PRO C 1118 -9.26 46.16 77.95
N GLU C 1119 -8.84 44.89 77.81
CA GLU C 1119 -9.00 43.94 78.91
C GLU C 1119 -8.20 44.36 80.13
N LEU C 1120 -6.95 44.80 79.91
CA LEU C 1120 -6.13 45.26 81.03
C LEU C 1120 -6.74 46.48 81.70
N ASP C 1121 -7.22 47.43 80.90
CA ASP C 1121 -7.80 48.65 81.47
C ASP C 1121 -9.14 48.37 82.15
N GLU D 1 -4.15 -34.99 -46.61
CA GLU D 1 -4.64 -33.62 -46.61
C GLU D 1 -5.55 -33.38 -45.40
N GLU D 2 -4.98 -32.80 -44.35
CA GLU D 2 -5.73 -32.51 -43.14
C GLU D 2 -6.62 -31.29 -43.34
N TYR D 3 -7.81 -31.33 -42.72
CA TYR D 3 -8.78 -30.25 -42.83
C TYR D 3 -9.15 -29.78 -41.42
N ILE D 4 -9.32 -28.46 -41.28
CA ILE D 4 -9.67 -27.84 -40.01
C ILE D 4 -11.04 -27.22 -40.13
N ALA D 5 -11.89 -27.46 -39.13
CA ALA D 5 -13.24 -26.91 -39.11
C ALA D 5 -13.19 -25.50 -38.55
N VAL D 6 -13.76 -24.53 -39.30
CA VAL D 6 -13.73 -23.14 -38.88
C VAL D 6 -14.82 -22.84 -37.85
N GLY D 7 -15.83 -23.69 -37.72
CA GLY D 7 -16.91 -23.45 -36.77
C GLY D 7 -17.54 -24.73 -36.25
N ASP D 8 -18.67 -24.59 -35.58
CA ASP D 8 -19.40 -25.73 -35.01
C ASP D 8 -20.72 -25.90 -35.75
N PHE D 9 -20.99 -27.13 -36.18
CA PHE D 9 -22.21 -27.46 -36.91
C PHE D 9 -23.03 -28.42 -36.08
N PHE D 10 -24.36 -28.31 -35.93
CA PHE D 10 -25.17 -29.40 -35.33
C PHE D 10 -25.96 -30.26 -36.33
N SER D 11 -25.86 -31.57 -36.15
CA SER D 11 -26.52 -32.62 -36.92
C SER D 11 -27.58 -33.39 -36.10
N THR D 12 -28.85 -33.40 -36.53
CA THR D 12 -29.85 -34.36 -36.01
C THR D 12 -29.70 -35.78 -36.60
N ASP D 13 -29.31 -35.85 -37.87
CA ASP D 13 -29.38 -37.07 -38.68
C ASP D 13 -28.44 -38.17 -38.15
N PRO D 14 -28.94 -39.39 -37.87
CA PRO D 14 -28.11 -40.54 -37.49
C PRO D 14 -26.97 -40.88 -38.46
N ALA D 15 -27.00 -40.42 -39.70
CA ALA D 15 -25.92 -40.58 -40.67
C ALA D 15 -24.72 -39.63 -40.47
N ASP D 16 -24.74 -38.72 -39.48
CA ASP D 16 -23.86 -37.54 -39.44
C ASP D 16 -23.11 -37.35 -38.10
N LEU D 17 -22.01 -36.57 -38.17
CA LEU D 17 -20.99 -36.44 -37.14
C LEU D 17 -21.10 -35.08 -36.46
N THR D 18 -20.39 -34.94 -35.35
CA THR D 18 -20.32 -33.70 -34.59
C THR D 18 -18.87 -33.24 -34.53
N PHE D 19 -18.64 -31.99 -34.93
CA PHE D 19 -17.29 -31.42 -34.96
C PHE D 19 -17.32 -30.02 -34.36
N LYS D 20 -16.17 -29.60 -33.84
CA LYS D 20 -16.00 -28.27 -33.25
C LYS D 20 -14.72 -27.66 -33.80
N LYS D 21 -14.56 -26.36 -33.54
CA LYS D 21 -13.38 -25.65 -34.01
C LYS D 21 -12.12 -26.28 -33.47
N GLY D 22 -11.13 -26.44 -34.35
CA GLY D 22 -9.86 -27.04 -33.98
C GLY D 22 -9.80 -28.54 -34.06
N GLU D 23 -10.92 -29.21 -34.36
CA GLU D 23 -10.91 -30.66 -34.47
C GLU D 23 -10.12 -31.11 -35.68
N ILE D 24 -9.39 -32.21 -35.52
CA ILE D 24 -8.57 -32.79 -36.59
C ILE D 24 -9.34 -33.93 -37.23
N LEU D 25 -9.44 -33.91 -38.55
CA LEU D 25 -10.17 -34.93 -39.30
C LEU D 25 -9.34 -35.36 -40.50
N LEU D 26 -9.60 -36.57 -40.95
CA LEU D 26 -8.90 -37.16 -42.10
C LEU D 26 -9.85 -37.20 -43.29
N VAL D 27 -9.37 -36.73 -44.44
CA VAL D 27 -10.18 -36.69 -45.65
C VAL D 27 -10.31 -38.09 -46.22
N ILE D 28 -11.48 -38.38 -46.77
CA ILE D 28 -11.77 -39.67 -47.38
C ILE D 28 -11.92 -39.48 -48.89
N GLU D 29 -12.03 -40.60 -49.61
CA GLU D 29 -12.20 -40.54 -51.05
C GLU D 29 -13.33 -39.59 -51.43
N ARG D 30 -13.23 -39.03 -52.64
CA ARG D 30 -14.20 -38.06 -53.12
C ARG D 30 -15.35 -38.70 -53.89
N GLY D 31 -15.68 -39.95 -53.59
CA GLY D 31 -16.78 -40.62 -54.24
C GLY D 31 -18.13 -40.14 -53.75
N THR D 32 -18.40 -38.84 -53.89
CA THR D 32 -19.64 -38.25 -53.43
C THR D 32 -20.76 -38.59 -54.42
N SER D 33 -21.30 -39.80 -54.25
CA SER D 33 -22.39 -40.29 -55.08
C SER D 33 -23.70 -40.45 -54.33
N ALA D 34 -23.68 -40.42 -52.99
CA ALA D 34 -24.91 -40.56 -52.23
C ALA D 34 -25.76 -39.29 -52.30
N GLY D 35 -25.13 -38.13 -52.19
CA GLY D 35 -25.86 -36.88 -52.26
C GLY D 35 -24.94 -35.76 -52.70
N ASP D 36 -25.52 -34.78 -53.37
CA ASP D 36 -24.74 -33.64 -53.86
C ASP D 36 -24.33 -32.74 -52.71
N GLY D 37 -23.11 -32.22 -52.78
CA GLY D 37 -22.61 -31.33 -51.74
C GLY D 37 -22.49 -31.97 -50.39
N TRP D 38 -22.13 -33.25 -50.33
CA TRP D 38 -21.98 -33.97 -49.07
C TRP D 38 -20.60 -34.62 -49.04
N TRP D 39 -19.87 -34.43 -47.95
CA TRP D 39 -18.54 -34.98 -47.78
C TRP D 39 -18.51 -35.87 -46.53
N ILE D 40 -17.57 -36.82 -46.55
CA ILE D 40 -17.38 -37.76 -45.45
C ILE D 40 -15.98 -37.58 -44.90
N ALA D 41 -15.88 -37.52 -43.57
CA ALA D 41 -14.60 -37.34 -42.90
C ALA D 41 -14.62 -38.09 -41.58
N LYS D 42 -13.43 -38.53 -41.16
CA LYS D 42 -13.29 -39.27 -39.92
C LYS D 42 -13.12 -38.32 -38.74
N ASP D 43 -13.58 -38.76 -37.57
CA ASP D 43 -13.51 -37.99 -36.34
C ASP D 43 -12.52 -38.64 -35.39
N ALA D 44 -12.43 -38.09 -34.17
CA ALA D 44 -11.48 -38.62 -33.19
C ALA D 44 -11.80 -40.06 -32.83
N LYS D 45 -13.08 -40.39 -32.65
CA LYS D 45 -13.48 -41.74 -32.30
C LYS D 45 -13.52 -42.68 -33.50
N GLY D 46 -13.35 -42.17 -34.71
CA GLY D 46 -13.33 -42.99 -35.91
C GLY D 46 -14.67 -43.13 -36.60
N ASN D 47 -15.76 -42.68 -35.99
CA ASN D 47 -17.07 -42.78 -36.62
C ASN D 47 -17.11 -41.93 -37.88
N GLU D 48 -17.77 -42.44 -38.91
CA GLU D 48 -17.88 -41.79 -40.20
C GLU D 48 -19.33 -41.41 -40.46
N GLY D 49 -19.53 -40.23 -41.04
CA GLY D 49 -20.87 -39.76 -41.36
C GLY D 49 -20.80 -38.56 -42.30
N LEU D 50 -21.95 -38.28 -42.90
CA LEU D 50 -22.04 -37.17 -43.84
C LEU D 50 -21.94 -35.84 -43.11
N VAL D 51 -21.21 -34.90 -43.70
CA VAL D 51 -21.05 -33.56 -43.13
C VAL D 51 -21.18 -32.53 -44.25
N PRO D 52 -21.57 -31.30 -43.90
CA PRO D 52 -21.70 -30.28 -44.94
C PRO D 52 -20.39 -30.02 -45.66
N ARG D 53 -20.50 -29.79 -46.97
CA ARG D 53 -19.31 -29.52 -47.77
C ARG D 53 -18.65 -28.21 -47.35
N THR D 54 -19.45 -27.18 -47.10
CA THR D 54 -18.92 -25.88 -46.72
C THR D 54 -18.43 -25.83 -45.27
N TYR D 55 -18.71 -26.87 -44.48
CA TYR D 55 -18.28 -26.87 -43.08
C TYR D 55 -16.77 -27.01 -42.94
N LEU D 56 -16.08 -27.47 -43.98
CA LEU D 56 -14.64 -27.65 -43.96
C LEU D 56 -13.99 -26.72 -44.97
N GLU D 57 -12.72 -26.39 -44.71
CA GLU D 57 -11.94 -25.51 -45.56
C GLU D 57 -10.58 -26.14 -45.85
N PRO D 58 -9.97 -25.80 -46.98
CA PRO D 58 -8.66 -26.39 -47.32
C PRO D 58 -7.57 -25.84 -46.42
N TYR D 59 -6.82 -26.74 -45.78
CA TYR D 59 -5.74 -26.34 -44.91
C TYR D 59 -4.51 -25.94 -45.72
N SER D 60 -3.63 -25.17 -45.08
CA SER D 60 -2.41 -24.70 -45.72
C SER D 60 -1.34 -24.37 -44.69
N GLU E 1 15.14 -25.56 -50.50
CA GLU E 1 14.30 -26.22 -49.51
C GLU E 1 14.94 -26.16 -48.13
N GLU E 2 14.53 -25.18 -47.31
CA GLU E 2 15.06 -25.04 -45.97
C GLU E 2 14.47 -26.08 -45.05
N TYR E 3 15.28 -26.55 -44.10
CA TYR E 3 14.87 -27.56 -43.13
C TYR E 3 15.15 -27.04 -41.72
N ILE E 4 14.22 -27.34 -40.81
CA ILE E 4 14.30 -26.92 -39.42
C ILE E 4 14.45 -28.15 -38.54
N ALA E 5 15.39 -28.09 -37.60
CA ALA E 5 15.63 -29.20 -36.68
C ALA E 5 14.65 -29.09 -35.51
N VAL E 6 13.92 -30.19 -35.26
CA VAL E 6 12.94 -30.19 -34.18
C VAL E 6 13.55 -30.40 -32.82
N GLY E 7 14.79 -30.89 -32.76
CA GLY E 7 15.44 -31.13 -31.48
C GLY E 7 16.95 -31.01 -31.55
N ASP E 8 17.63 -31.45 -30.50
CA ASP E 8 19.08 -31.39 -30.40
C ASP E 8 19.66 -32.81 -30.44
N PHE E 9 20.62 -33.04 -31.31
CA PHE E 9 21.26 -34.34 -31.46
C PHE E 9 22.73 -34.23 -31.04
N PHE E 10 23.35 -35.13 -30.29
CA PHE E 10 24.83 -35.13 -30.12
C PHE E 10 25.58 -36.18 -30.95
N SER E 11 26.65 -35.71 -31.60
CA SER E 11 27.57 -36.49 -32.43
C SER E 11 28.98 -36.58 -31.81
N THR E 12 29.49 -37.80 -31.55
CA THR E 12 30.93 -38.01 -31.28
C THR E 12 31.80 -37.99 -32.55
N ASP E 13 31.26 -38.49 -33.67
CA ASP E 13 32.01 -38.81 -34.87
C ASP E 13 32.59 -37.54 -35.54
N PRO E 14 33.91 -37.47 -35.80
CA PRO E 14 34.54 -36.39 -36.55
C PRO E 14 33.92 -36.09 -37.92
N ALA E 15 33.17 -37.01 -38.52
CA ALA E 15 32.45 -36.78 -39.77
C ALA E 15 31.15 -35.96 -39.63
N ASP E 16 30.74 -35.54 -38.42
CA ASP E 16 29.37 -35.09 -38.14
C ASP E 16 29.28 -33.73 -37.42
N LEU E 17 28.09 -33.11 -37.53
CA LEU E 17 27.80 -31.73 -37.19
C LEU E 17 26.98 -31.66 -35.90
N THR E 18 26.87 -30.44 -35.36
CA THR E 18 26.09 -30.17 -34.16
C THR E 18 25.01 -29.15 -34.51
N PHE E 19 23.76 -29.48 -34.19
CA PHE E 19 22.62 -28.63 -34.49
C PHE E 19 21.70 -28.55 -33.29
N LYS E 20 20.96 -27.45 -33.20
CA LYS E 20 20.00 -27.23 -32.12
C LYS E 20 18.69 -26.76 -32.73
N LYS E 21 17.66 -26.73 -31.89
CA LYS E 21 16.33 -26.32 -32.34
C LYS E 21 16.38 -24.89 -32.89
N GLY E 22 15.74 -24.68 -34.03
CA GLY E 22 15.70 -23.39 -34.67
C GLY E 22 16.85 -23.09 -35.59
N GLU E 23 17.84 -23.97 -35.68
CA GLU E 23 18.98 -23.73 -36.56
C GLU E 23 18.55 -23.82 -38.03
N ILE E 24 19.12 -22.96 -38.86
CA ILE E 24 18.82 -22.91 -40.28
C ILE E 24 19.93 -23.64 -41.03
N LEU E 25 19.54 -24.58 -41.89
CA LEU E 25 20.47 -25.38 -42.66
C LEU E 25 20.01 -25.45 -44.11
N LEU E 26 20.97 -25.68 -45.00
CA LEU E 26 20.73 -25.77 -46.43
C LEU E 26 20.85 -27.23 -46.87
N VAL E 27 19.86 -27.70 -47.62
CA VAL E 27 19.83 -29.08 -48.08
C VAL E 27 20.84 -29.25 -49.21
N ILE E 28 21.48 -30.41 -49.24
CA ILE E 28 22.47 -30.75 -50.25
C ILE E 28 21.89 -31.85 -51.13
N GLU E 29 22.62 -32.17 -52.21
CA GLU E 29 22.20 -33.22 -53.12
C GLU E 29 21.87 -34.50 -52.36
N ARG E 30 20.98 -35.31 -52.92
CA ARG E 30 20.52 -36.54 -52.29
C ARG E 30 21.37 -37.75 -52.67
N GLY E 31 22.64 -37.55 -53.01
CA GLY E 31 23.52 -38.64 -53.35
C GLY E 31 23.97 -39.43 -52.14
N THR E 32 23.01 -39.99 -51.40
CA THR E 32 23.30 -40.74 -50.18
C THR E 32 23.82 -42.12 -50.58
N SER E 33 25.12 -42.17 -50.88
CA SER E 33 25.79 -43.41 -51.25
C SER E 33 26.82 -43.87 -50.23
N ALA E 34 27.21 -43.01 -49.30
CA ALA E 34 28.19 -43.41 -48.29
C ALA E 34 27.58 -44.35 -47.26
N GLY E 35 26.36 -44.05 -46.81
CA GLY E 35 25.69 -44.89 -45.84
C GLY E 35 24.19 -44.72 -45.92
N ASP E 36 23.48 -45.79 -45.59
CA ASP E 36 22.02 -45.75 -45.64
C ASP E 36 21.47 -44.90 -44.51
N GLY E 37 20.41 -44.14 -44.82
CA GLY E 37 19.78 -43.30 -43.81
C GLY E 37 20.68 -42.21 -43.27
N TRP E 38 21.54 -41.64 -44.11
CA TRP E 38 22.45 -40.57 -43.71
C TRP E 38 22.29 -39.40 -44.67
N TRP E 39 22.13 -38.21 -44.11
CA TRP E 39 21.96 -36.98 -44.89
C TRP E 39 23.06 -35.99 -44.54
N ILE E 40 23.35 -35.11 -45.49
CA ILE E 40 24.37 -34.07 -45.34
C ILE E 40 23.70 -32.71 -45.48
N ALA E 41 24.02 -31.81 -44.56
CA ALA E 41 23.46 -30.48 -44.56
C ALA E 41 24.50 -29.49 -44.05
N LYS E 42 24.40 -28.25 -44.52
CA LYS E 42 25.31 -27.20 -44.13
C LYS E 42 24.85 -26.51 -42.85
N ASP E 43 25.81 -26.03 -42.08
CA ASP E 43 25.56 -25.35 -40.82
C ASP E 43 25.89 -23.86 -40.95
N ALA E 44 25.81 -23.14 -39.84
CA ALA E 44 26.06 -21.70 -39.88
C ALA E 44 27.51 -21.41 -40.29
N LYS E 45 28.46 -22.18 -39.77
CA LYS E 45 29.86 -21.97 -40.11
C LYS E 45 30.25 -22.57 -41.45
N GLY E 46 29.35 -23.33 -42.09
CA GLY E 46 29.63 -23.91 -43.39
C GLY E 46 30.17 -25.31 -43.36
N ASN E 47 30.56 -25.82 -42.19
CA ASN E 47 31.10 -27.18 -42.11
C ASN E 47 30.03 -28.19 -42.50
N GLU E 48 30.44 -29.23 -43.21
CA GLU E 48 29.55 -30.27 -43.70
C GLU E 48 29.88 -31.60 -43.02
N GLY E 49 28.84 -32.35 -42.68
CA GLY E 49 29.03 -33.64 -42.05
C GLY E 49 27.75 -34.44 -42.06
N LEU E 50 27.89 -35.74 -41.82
CA LEU E 50 26.74 -36.62 -41.81
C LEU E 50 25.86 -36.36 -40.59
N VAL E 51 24.56 -36.38 -40.81
CA VAL E 51 23.58 -36.18 -39.73
C VAL E 51 22.47 -37.21 -39.88
N PRO E 52 21.77 -37.52 -38.78
CA PRO E 52 20.68 -38.50 -38.86
C PRO E 52 19.59 -38.04 -39.83
N ARG E 53 19.03 -39.00 -40.57
CA ARG E 53 17.96 -38.68 -41.50
C ARG E 53 16.72 -38.20 -40.76
N THR E 54 16.37 -38.85 -39.65
CA THR E 54 15.18 -38.47 -38.89
C THR E 54 15.37 -37.20 -38.08
N TYR E 55 16.60 -36.69 -37.97
CA TYR E 55 16.84 -35.48 -37.19
C TYR E 55 16.23 -34.24 -37.84
N LEU E 56 15.93 -34.29 -39.13
CA LEU E 56 15.36 -33.17 -39.86
C LEU E 56 13.95 -33.52 -40.34
N GLU E 57 13.14 -32.49 -40.53
CA GLU E 57 11.77 -32.63 -40.99
C GLU E 57 11.51 -31.68 -42.14
N PRO E 58 10.56 -32.01 -43.02
CA PRO E 58 10.27 -31.14 -44.17
C PRO E 58 9.56 -29.85 -43.72
N TYR E 59 10.13 -28.72 -44.11
CA TYR E 59 9.54 -27.43 -43.75
C TYR E 59 8.34 -27.13 -44.64
N SER E 60 7.49 -26.23 -44.16
CA SER E 60 6.30 -25.83 -44.89
C SER E 60 5.83 -24.44 -44.46
N GLU F 1 -3.57 -16.03 -55.48
CA GLU F 1 -2.29 -15.89 -54.79
C GLU F 1 -2.20 -14.53 -54.10
N GLU F 2 -2.51 -14.50 -52.81
CA GLU F 2 -2.45 -13.27 -52.05
C GLU F 2 -1.01 -12.90 -51.74
N TYR F 3 -0.73 -11.60 -51.73
CA TYR F 3 0.61 -11.08 -51.44
C TYR F 3 0.53 -10.07 -50.31
N ILE F 4 1.53 -10.09 -49.44
CA ILE F 4 1.61 -9.21 -48.28
C ILE F 4 2.82 -8.31 -48.44
N ALA F 5 2.62 -7.02 -48.20
CA ALA F 5 3.68 -6.02 -48.29
C ALA F 5 4.48 -6.02 -47.00
N VAL F 6 5.81 -6.17 -47.11
CA VAL F 6 6.66 -6.22 -45.93
C VAL F 6 6.97 -4.82 -45.39
N GLY F 7 6.76 -3.77 -46.20
CA GLY F 7 7.06 -2.42 -45.75
C GLY F 7 6.18 -1.38 -46.41
N ASP F 8 6.54 -0.11 -46.26
CA ASP F 8 5.80 1.00 -46.82
C ASP F 8 6.64 1.68 -47.90
N PHE F 9 6.05 1.87 -49.08
CA PHE F 9 6.71 2.49 -50.21
C PHE F 9 6.03 3.82 -50.53
N PHE F 10 6.70 4.95 -50.80
CA PHE F 10 6.01 6.14 -51.36
C PHE F 10 6.20 6.36 -52.86
N SER F 11 5.08 6.63 -53.53
CA SER F 11 4.97 6.93 -54.96
C SER F 11 4.54 8.38 -55.24
N THR F 12 5.34 9.16 -55.98
CA THR F 12 4.88 10.45 -56.57
C THR F 12 4.01 10.26 -57.82
N ASP F 13 4.31 9.23 -58.62
CA ASP F 13 3.78 9.06 -59.97
C ASP F 13 2.26 8.81 -59.98
N PRO F 14 1.47 9.61 -60.72
CA PRO F 14 0.04 9.38 -60.89
C PRO F 14 -0.37 7.97 -61.39
N ALA F 15 0.55 7.21 -61.99
CA ALA F 15 0.32 5.83 -62.38
C ALA F 15 0.36 4.80 -61.22
N ASP F 16 0.62 5.20 -59.97
CA ASP F 16 1.05 4.29 -58.89
C ASP F 16 0.25 4.43 -57.59
N LEU F 17 0.31 3.36 -56.77
CA LEU F 17 -0.54 3.10 -55.62
C LEU F 17 0.24 3.32 -54.32
N THR F 18 -0.50 3.35 -53.22
CA THR F 18 0.07 3.50 -51.89
C THR F 18 -0.32 2.30 -51.05
N PHE F 19 0.68 1.64 -50.46
CA PHE F 19 0.46 0.44 -49.66
C PHE F 19 1.27 0.52 -48.37
N LYS F 20 0.78 -0.17 -47.34
CA LYS F 20 1.44 -0.23 -46.04
C LYS F 20 1.52 -1.68 -45.59
N LYS F 21 2.30 -1.90 -44.54
CA LYS F 21 2.47 -3.25 -44.01
C LYS F 21 1.12 -3.84 -43.59
N GLY F 22 0.90 -5.10 -43.97
CA GLY F 22 -0.34 -5.78 -43.65
C GLY F 22 -1.46 -5.59 -44.64
N GLU F 23 -1.28 -4.75 -45.65
CA GLU F 23 -2.32 -4.53 -46.64
C GLU F 23 -2.52 -5.77 -47.49
N ILE F 24 -3.77 -6.06 -47.83
CA ILE F 24 -4.14 -7.21 -48.65
C ILE F 24 -4.35 -6.74 -50.07
N LEU F 25 -3.69 -7.42 -51.02
CA LEU F 25 -3.78 -7.06 -52.43
C LEU F 25 -3.97 -8.33 -53.25
N LEU F 26 -4.56 -8.15 -54.43
CA LEU F 26 -4.85 -9.25 -55.35
C LEU F 26 -3.89 -9.16 -56.53
N VAL F 27 -3.26 -10.28 -56.86
CA VAL F 27 -2.30 -10.33 -57.96
C VAL F 27 -3.04 -10.29 -59.29
N ILE F 28 -2.44 -9.62 -60.26
CA ILE F 28 -3.01 -9.48 -61.59
C ILE F 28 -2.13 -10.26 -62.56
N GLU F 29 -2.59 -10.37 -63.81
CA GLU F 29 -1.84 -11.07 -64.84
C GLU F 29 -0.40 -10.55 -64.90
N ARG F 30 0.50 -11.43 -65.34
CA ARG F 30 1.93 -11.13 -65.40
C ARG F 30 2.34 -10.52 -66.74
N GLY F 31 1.43 -9.84 -67.43
CA GLY F 31 1.76 -9.21 -68.69
C GLY F 31 2.56 -7.94 -68.51
N THR F 32 3.74 -8.06 -67.88
CA THR F 32 4.60 -6.90 -67.61
C THR F 32 5.31 -6.51 -68.90
N SER F 33 4.60 -5.74 -69.73
CA SER F 33 5.13 -5.26 -70.99
C SER F 33 5.33 -3.75 -71.02
N ALA F 34 4.75 -3.02 -70.07
CA ALA F 34 4.91 -1.56 -70.05
C ALA F 34 6.32 -1.17 -69.60
N GLY F 35 6.83 -1.84 -68.58
CA GLY F 35 8.17 -1.53 -68.07
C GLY F 35 8.75 -2.73 -67.37
N ASP F 36 10.07 -2.84 -67.41
CA ASP F 36 10.75 -3.95 -66.77
C ASP F 36 10.72 -3.79 -65.24
N GLY F 37 10.54 -4.91 -64.55
CA GLY F 37 10.51 -4.88 -63.10
C GLY F 37 9.37 -4.08 -62.52
N TRP F 38 8.21 -4.10 -63.16
CA TRP F 38 7.04 -3.37 -62.69
C TRP F 38 5.86 -4.34 -62.60
N TRP F 39 5.17 -4.33 -61.47
CA TRP F 39 4.03 -5.19 -61.24
C TRP F 39 2.79 -4.34 -60.93
N ILE F 40 1.62 -4.91 -61.22
CA ILE F 40 0.35 -4.26 -60.99
C ILE F 40 -0.45 -5.11 -60.00
N ALA F 41 -1.04 -4.44 -59.00
CA ALA F 41 -1.83 -5.12 -57.98
C ALA F 41 -2.96 -4.21 -57.54
N LYS F 42 -4.06 -4.83 -57.12
CA LYS F 42 -5.24 -4.10 -56.67
C LYS F 42 -5.12 -3.74 -55.20
N ASP F 43 -5.73 -2.63 -54.82
CA ASP F 43 -5.73 -2.13 -53.46
C ASP F 43 -7.14 -2.25 -52.86
N ALA F 44 -7.30 -1.74 -51.64
CA ALA F 44 -8.58 -1.84 -50.97
C ALA F 44 -9.68 -1.11 -51.74
N LYS F 45 -9.37 0.09 -52.26
CA LYS F 45 -10.34 0.87 -53.01
C LYS F 45 -10.51 0.39 -54.45
N GLY F 46 -9.67 -0.53 -54.90
CA GLY F 46 -9.77 -1.07 -56.25
C GLY F 46 -8.92 -0.37 -57.28
N ASN F 47 -8.31 0.77 -56.94
CA ASN F 47 -7.46 1.47 -57.90
C ASN F 47 -6.25 0.62 -58.26
N GLU F 48 -5.86 0.67 -59.53
CA GLU F 48 -4.74 -0.10 -60.05
C GLU F 48 -3.63 0.84 -60.48
N GLY F 49 -2.39 0.43 -60.22
CA GLY F 49 -1.24 1.24 -60.60
C GLY F 49 0.03 0.42 -60.47
N LEU F 50 1.08 0.94 -61.12
CA LEU F 50 2.37 0.26 -61.09
C LEU F 50 3.00 0.35 -59.71
N VAL F 51 3.60 -0.75 -59.27
CA VAL F 51 4.29 -0.81 -57.99
C VAL F 51 5.61 -1.53 -58.15
N PRO F 52 6.57 -1.27 -57.27
CA PRO F 52 7.88 -1.93 -57.39
C PRO F 52 7.74 -3.45 -57.28
N ARG F 53 8.53 -4.15 -58.09
CA ARG F 53 8.50 -5.62 -58.05
C ARG F 53 8.99 -6.15 -56.71
N THR F 54 10.04 -5.55 -56.16
CA THR F 54 10.60 -6.01 -54.89
C THR F 54 9.75 -5.59 -53.69
N TYR F 55 8.76 -4.72 -53.89
CA TYR F 55 7.93 -4.27 -52.77
C TYR F 55 7.03 -5.37 -52.24
N LEU F 56 6.80 -6.42 -53.01
CA LEU F 56 5.94 -7.53 -52.62
C LEU F 56 6.77 -8.81 -52.50
N GLU F 57 6.28 -9.73 -51.69
CA GLU F 57 6.93 -11.01 -51.45
C GLU F 57 5.91 -12.13 -51.58
N PRO F 58 6.36 -13.34 -51.94
CA PRO F 58 5.43 -14.46 -52.10
C PRO F 58 4.91 -14.94 -50.75
N TYR F 59 3.58 -15.00 -50.61
CA TYR F 59 2.97 -15.44 -49.38
C TYR F 59 3.03 -16.95 -49.27
N SER F 60 2.89 -17.44 -48.04
CA SER F 60 2.93 -18.87 -47.76
C SER F 60 2.19 -19.20 -46.47
C1 NAG G . 5.16 57.78 60.61
C2 NAG G . 5.23 59.30 60.60
C3 NAG G . 6.50 59.77 59.90
C4 NAG G . 7.72 59.11 60.53
C5 NAG G . 7.55 57.59 60.50
C6 NAG G . 8.69 56.87 61.17
C7 NAG G . 3.70 59.61 58.71
C8 NAG G . 2.47 60.29 58.21
N2 NAG G . 4.06 59.88 59.96
O3 NAG G . 6.61 61.18 60.00
O4 NAG G . 8.90 59.48 59.83
O5 NAG G . 6.36 57.23 61.19
O6 NAG G . 9.04 57.47 62.41
O7 NAG G . 4.35 58.84 57.99
C1 NAG G . 9.63 60.40 60.67
C2 NAG G . 11.12 60.07 60.60
C3 NAG G . 11.92 61.05 61.44
C4 NAG G . 11.60 62.48 61.03
C5 NAG G . 10.09 62.72 61.07
C6 NAG G . 9.69 64.08 60.54
C7 NAG G . 12.39 57.96 60.59
C8 NAG G . 12.49 56.58 61.14
N2 NAG G . 11.37 58.70 61.04
O3 NAG G . 13.31 60.80 61.27
O4 NAG G . 12.25 63.40 61.91
O5 NAG G . 9.42 61.76 60.25
O6 NAG G . 9.59 64.09 59.13
O7 NAG G . 13.18 58.40 59.76
C1 NAG H . -24.53 40.30 44.66
C2 NAG H . -25.43 41.28 45.41
C3 NAG H . -26.84 40.72 45.56
C4 NAG H . -27.39 40.32 44.20
C5 NAG H . -26.42 39.36 43.50
C6 NAG H . -26.85 39.00 42.11
C7 NAG H . -24.11 42.68 46.95
C8 NAG H . -23.63 42.85 48.35
N2 NAG H . -24.87 41.59 46.72
O3 NAG H . -27.68 41.70 46.14
O4 NAG H . -28.65 39.68 44.35
O5 NAG H . -25.13 39.98 43.40
O6 NAG H . -25.73 38.91 41.23
O7 NAG H . -23.84 43.48 46.07
C1 NAG H . -29.68 40.55 43.83
C2 NAG H . -30.84 39.69 43.33
C3 NAG H . -31.96 40.58 42.83
C4 NAG H . -32.36 41.59 43.89
C5 NAG H . -31.15 42.36 44.38
C6 NAG H . -31.47 43.28 45.54
C7 NAG H . -30.28 37.45 42.48
C8 NAG H . -29.82 36.67 41.30
N2 NAG H . -30.40 38.77 42.29
O3 NAG H . -33.08 39.78 42.46
O4 NAG H . -33.32 42.50 43.36
O5 NAG H . -30.14 41.45 44.85
O6 NAG H . -32.86 43.42 45.73
O7 NAG H . -30.54 36.93 43.56
C1 NAG I . 13.48 17.62 80.80
C2 NAG I . 14.58 17.36 81.84
C3 NAG I . 14.74 15.86 82.06
C4 NAG I . 13.40 15.23 82.43
C5 NAG I . 12.38 15.54 81.34
C6 NAG I . 10.99 15.02 81.66
C7 NAG I . 16.45 17.63 80.28
C8 NAG I . 17.75 18.34 80.01
N2 NAG I . 15.84 17.95 81.42
O3 NAG I . 15.68 15.63 83.11
O4 NAG I . 13.53 13.82 82.56
O5 NAG I . 12.27 16.97 81.20
O6 NAG I . 10.71 15.10 83.05
O7 NAG I . 15.98 16.82 79.49
C1 NAG I . 13.54 13.52 83.98
C2 NAG I . 12.55 12.38 84.24
C3 NAG I . 12.57 11.99 85.72
C4 NAG I . 14.00 11.69 86.17
C5 NAG I . 14.92 12.86 85.82
C6 NAG I . 16.38 12.57 86.13
C7 NAG I . 10.32 11.86 83.35
C8 NAG I . 8.98 12.41 82.98
N2 NAG I . 11.21 12.74 83.83
O3 NAG I . 11.75 10.86 85.93
O4 NAG I . 14.03 11.48 87.57
O5 NAG I . 14.85 13.14 84.42
O6 NAG I . 16.95 11.70 85.16
O7 NAG I . 10.60 10.66 83.24
C1 NAG J . 22.29 36.50 49.22
C2 NAG J . 23.18 37.41 50.04
C3 NAG J . 23.40 38.75 49.32
C4 NAG J . 23.91 38.50 47.91
C5 NAG J . 22.97 37.55 47.17
C6 NAG J . 23.46 37.16 45.80
C7 NAG J . 22.88 36.85 52.41
C8 NAG J . 22.22 37.22 53.70
N2 NAG J . 22.63 37.64 51.36
O3 NAG J . 24.34 39.53 50.05
O4 NAG J . 23.98 39.73 47.19
O5 NAG J . 22.84 36.32 47.92
O6 NAG J . 22.86 35.96 45.34
O7 NAG J . 23.62 35.87 52.31
C1 NAG J . 25.37 40.03 46.97
C2 NAG J . 25.47 40.93 45.74
C3 NAG J . 26.93 41.32 45.49
C4 NAG J . 27.53 41.93 46.74
C5 NAG J . 27.34 41.00 47.93
C6 NAG J . 27.81 41.61 49.23
C7 NAG J . 23.80 40.69 43.95
C8 NAG J . 23.38 39.88 42.76
N2 NAG J . 24.92 40.27 44.57
O3 NAG J . 26.99 42.24 44.41
O4 NAG J . 28.93 42.17 46.54
O5 NAG J . 25.95 40.69 48.10
O6 NAG J . 28.90 42.50 49.03
O7 NAG J . 23.17 41.67 44.34
C1 NAG K . -5.93 1.83 64.67
C2 NAG K . -6.12 1.35 66.10
C3 NAG K . -4.92 0.51 66.54
C4 NAG K . -4.67 -0.61 65.56
C5 NAG K . -4.52 -0.05 64.15
C6 NAG K . -4.37 -1.12 63.09
C7 NAG K . -7.53 2.95 67.31
C8 NAG K . -7.55 4.10 68.26
N2 NAG K . -6.32 2.46 67.00
O3 NAG K . -5.17 -0.03 67.84
O4 NAG K . -3.48 -1.31 65.90
O5 NAG K . -5.69 0.71 63.81
O6 NAG K . -5.04 -0.75 61.89
O7 NAG K . -8.56 2.46 66.85
C1 NAG K . -3.85 -2.62 66.39
C2 NAG K . -2.71 -3.59 66.10
C3 NAG K . -3.06 -4.98 66.64
C4 NAG K . -3.42 -4.90 68.11
C5 NAG K . -4.53 -3.87 68.33
C6 NAG K . -4.85 -3.65 69.78
C7 NAG K . -1.43 -2.97 64.10
C8 NAG K . -1.27 -3.16 62.62
N2 NAG K . -2.41 -3.66 64.68
O3 NAG K . -1.93 -5.85 66.46
O4 NAG K . -3.86 -6.17 68.58
O5 NAG K . -4.12 -2.60 67.79
O6 NAG K . -4.38 -4.72 70.59
O7 NAG K . -0.69 -2.22 64.75
C1 NAG L . -29.34 30.30 72.42
C2 NAG L . -30.62 30.02 73.20
C3 NAG L . -31.85 30.40 72.39
C4 NAG L . -31.74 31.84 71.91
C5 NAG L . -30.44 32.02 71.14
C6 NAG L . -30.22 33.44 70.69
C7 NAG L . -30.69 27.60 72.74
C8 NAG L . -30.77 26.23 73.34
N2 NAG L . -30.69 28.62 73.61
O3 NAG L . -33.02 30.24 73.19
O4 NAG L . -32.85 32.17 71.09
O5 NAG L . -29.33 31.66 71.97
O6 NAG L . -30.52 34.37 71.73
O7 NAG L . -30.64 27.78 71.52
C1 NAG L . -33.73 33.02 71.85
C2 NAG L . -34.17 34.19 70.99
C3 NAG L . -35.15 35.07 71.75
C4 NAG L . -36.30 34.25 72.30
C5 NAG L . -35.77 33.06 73.11
C6 NAG L . -36.86 32.13 73.58
C7 NAG L . -32.99 35.56 69.33
C8 NAG L . -31.73 36.32 69.02
N2 NAG L . -33.03 34.96 70.52
O3 NAG L . -35.64 36.09 70.89
O4 NAG L . -37.12 35.06 73.13
O5 NAG L . -34.88 32.29 72.30
O6 NAG L . -37.47 31.46 72.49
O7 NAG L . -33.93 35.50 68.54
C1 NAG M . -48.93 -14.07 -14.50
C2 NAG M . -48.43 -15.29 -13.74
C3 NAG M . -49.58 -16.25 -13.45
C4 NAG M . -50.72 -15.52 -12.75
C5 NAG M . -51.14 -14.31 -13.57
C6 NAG M . -52.19 -13.47 -12.89
C7 NAG M . -46.09 -15.98 -14.06
C8 NAG M . -45.13 -16.73 -14.93
N2 NAG M . -47.37 -15.96 -14.46
O3 NAG M . -49.12 -17.32 -12.63
O4 NAG M . -51.83 -16.39 -12.61
O5 NAG M . -50.01 -13.45 -13.79
O6 NAG M . -52.59 -14.03 -11.64
O7 NAG M . -45.73 -15.42 -13.03
C1 NAG N . -18.54 13.23 75.84
C2 NAG N . -18.99 12.26 76.93
C3 NAG N . -18.77 12.89 78.30
C4 NAG N . -17.33 13.34 78.46
C5 NAG N . -16.93 14.24 77.29
C6 NAG N . -15.46 14.62 77.31
C7 NAG N . -21.38 12.77 76.67
C8 NAG N . -22.75 12.20 76.50
N2 NAG N . -20.39 11.89 76.76
O3 NAG N . -19.09 11.94 79.31
O4 NAG N . -17.17 14.06 79.67
O5 NAG N . -17.18 13.57 76.05
O6 NAG N . -14.82 14.13 78.48
O7 NAG N . -21.19 13.98 76.74
C1 NAG O . 16.24 -36.03 25.94
C2 NAG O . 15.41 -36.31 27.20
C3 NAG O . 16.32 -36.51 28.40
C4 NAG O . 17.37 -37.57 28.12
C5 NAG O . 18.12 -37.24 26.83
C6 NAG O . 19.10 -38.32 26.42
C7 NAG O . 13.21 -35.25 26.93
C8 NAG O . 12.36 -34.06 27.28
N2 NAG O . 14.46 -35.24 27.43
O3 NAG O . 15.54 -36.89 29.53
O4 NAG O . 18.30 -37.64 29.19
O5 NAG O . 17.19 -37.09 25.74
O6 NAG O . 18.89 -38.72 25.08
O7 NAG O . 12.80 -36.16 26.23
C1 NAG P . -35.58 -15.48 36.45
C2 NAG P . -36.57 -16.32 37.26
C3 NAG P . -37.61 -16.94 36.33
C4 NAG P . -38.27 -15.87 35.48
C5 NAG P . -37.21 -15.03 34.76
C6 NAG P . -37.79 -13.86 34.00
C7 NAG P . -35.05 -18.24 37.46
C8 NAG P . -34.42 -19.23 38.41
N2 NAG P . -35.88 -17.35 38.02
O3 NAG P . -38.59 -17.62 37.10
O4 NAG P . -39.13 -16.47 34.52
O5 NAG P . -36.29 -14.48 35.71
O6 NAG P . -38.59 -13.03 34.84
O7 NAG P . -34.81 -18.25 36.26
C1 NAG Q . -35.42 -14.60 16.08
C2 NAG Q . -36.06 -13.39 16.76
C3 NAG Q . -37.43 -13.78 17.31
C4 NAG Q . -38.30 -14.39 16.21
C5 NAG Q . -37.56 -15.55 15.55
C6 NAG Q . -38.31 -16.11 14.36
C7 NAG Q . -34.74 -11.62 17.82
C8 NAG Q . -33.88 -11.26 19.00
N2 NAG Q . -35.22 -12.88 17.82
O3 NAG Q . -38.07 -12.62 17.84
O4 NAG Q . -39.52 -14.87 16.77
O5 NAG Q . -36.29 -15.10 15.06
O6 NAG Q . -37.66 -17.27 13.85
O7 NAG Q . -34.98 -10.83 16.93
C1 NAG R . 14.00 -4.84 57.46
C2 NAG R . 14.72 -5.10 58.77
C3 NAG R . 15.76 -6.20 58.60
C4 NAG R . 15.12 -7.44 58.00
C5 NAG R . 14.38 -7.09 56.72
C6 NAG R . 13.61 -8.26 56.14
C7 NAG R . 14.69 -2.99 60.02
C8 NAG R . 15.49 -1.79 60.46
N2 NAG R . 15.34 -3.89 59.28
O3 NAG R . 16.34 -6.51 59.86
O4 NAG R . 16.12 -8.42 57.71
O5 NAG R . 13.42 -6.06 56.97
O6 NAG R . 14.13 -9.50 56.62
O7 NAG R . 13.52 -3.13 60.34
C1 NAG S . -32.39 19.35 59.39
C2 NAG S . -33.18 20.63 59.58
C3 NAG S . -34.38 20.39 60.51
C4 NAG S . -35.22 19.24 59.98
C5 NAG S . -34.34 18.00 59.77
C6 NAG S . -35.09 16.86 59.13
C7 NAG S . -31.57 22.47 59.35
C8 NAG S . -30.76 23.51 60.07
N2 NAG S . -32.34 21.70 60.12
O3 NAG S . -35.17 21.57 60.58
O4 NAG S . -36.25 18.92 60.91
O5 NAG S . -33.26 18.32 58.89
O6 NAG S . -34.99 16.89 57.71
O7 NAG S . -31.52 22.33 58.13
C1 NAG T . -25.34 7.97 63.52
C2 NAG T . -25.41 6.47 63.22
C3 NAG T . -26.55 5.83 64.00
C4 NAG T . -26.42 6.14 65.48
C5 NAG T . -26.29 7.64 65.69
C6 NAG T . -26.03 8.02 67.13
C7 NAG T . -24.70 5.63 60.98
C8 NAG T . -23.44 5.14 61.62
N2 NAG T . -25.58 6.25 61.78
O3 NAG T . -26.53 4.43 63.78
O4 NAG T . -27.56 5.66 66.18
O5 NAG T . -25.19 8.17 64.93
O6 NAG T . -27.09 7.58 67.98
O7 NAG T . -24.92 5.48 59.78
C1 NAG U . -18.96 -44.34 15.62
C2 NAG U . -20.00 -43.23 15.49
C3 NAG U . -21.08 -43.39 16.55
C4 NAG U . -21.67 -44.80 16.51
C5 NAG U . -20.56 -45.84 16.60
C6 NAG U . -21.06 -47.25 16.43
C7 NAG U . -18.88 -41.28 14.52
C8 NAG U . -18.29 -39.93 14.79
N2 NAG U . -19.40 -41.92 15.58
O3 NAG U . -22.11 -42.43 16.35
O4 NAG U . -22.57 -44.98 17.60
O5 NAG U . -19.60 -45.61 15.55
O6 NAG U . -21.16 -47.61 15.05
O7 NAG U . -18.90 -41.76 13.40
C1 NAG V . -4.69 -40.59 -12.21
C2 NAG V . -4.28 -40.96 -13.63
C3 NAG V . -4.06 -39.70 -14.46
C4 NAG V . -5.29 -38.79 -14.41
C5 NAG V . -5.67 -38.52 -12.95
C6 NAG V . -6.96 -37.73 -12.82
C7 NAG V . -3.10 -43.10 -13.47
C8 NAG V . -1.76 -43.79 -13.49
N2 NAG V . -3.08 -41.77 -13.62
O3 NAG V . -3.79 -40.06 -15.81
O4 NAG V . -5.04 -37.57 -15.07
O5 NAG V . -5.86 -39.75 -12.26
O6 NAG V . -7.50 -37.39 -14.10
O7 NAG V . -4.14 -43.72 -13.32
C1 NAG W . -4.43 -22.52 37.45
C2 NAG W . -4.55 -22.71 38.95
C3 NAG W . -4.64 -21.36 39.66
C4 NAG W . -3.48 -20.47 39.25
C5 NAG W . -3.41 -20.37 37.72
C6 NAG W . -2.20 -19.59 37.23
C7 NAG W . -5.61 -24.86 39.51
C8 NAG W . -6.89 -25.56 39.84
N2 NAG W . -5.70 -23.54 39.29
O3 NAG W . -4.63 -21.56 41.06
O4 NAG W . -3.65 -19.17 39.79
O5 NAG W . -3.31 -21.68 37.15
O6 NAG W . -1.01 -20.06 37.85
O7 NAG W . -4.53 -25.46 39.45
C1 NAG X . 3.04 -54.89 -21.01
C2 NAG X . 2.97 -55.34 -22.47
C3 NAG X . 3.13 -54.14 -23.41
C4 NAG X . 2.14 -53.05 -23.04
C5 NAG X . 2.26 -52.70 -21.56
C6 NAG X . 1.21 -51.70 -21.11
C7 NAG X . 3.78 -57.65 -22.51
C8 NAG X . 4.91 -58.57 -22.89
N2 NAG X . 3.96 -56.35 -22.77
O3 NAG X . 2.93 -54.55 -24.76
O4 NAG X . 2.40 -51.88 -23.81
O5 NAG X . 2.07 -53.87 -20.76
O6 NAG X . 1.38 -50.45 -21.75
O7 NAG X . 2.74 -58.07 -22.01
C1 NAG Y . -47.50 -27.46 -35.69
C2 NAG Y . -47.00 -27.03 -34.31
C3 NAG Y . -46.34 -28.20 -33.60
C4 NAG Y . -47.29 -29.39 -33.55
C5 NAG Y . -47.79 -29.73 -34.95
C6 NAG Y . -48.83 -30.82 -34.96
C7 NAG Y . -46.44 -24.64 -34.41
C8 NAG Y . -45.34 -23.62 -34.54
N2 NAG Y . -46.06 -25.92 -34.43
O3 NAG Y . -45.98 -27.83 -32.28
O4 NAG Y . -46.63 -30.53 -33.00
O5 NAG Y . -48.40 -28.57 -35.54
O6 NAG Y . -49.93 -30.50 -34.13
O7 NAG Y . -47.62 -24.31 -34.29
C1 NAG Z . 31.91 -43.05 3.96
C2 NAG Z . 32.85 -42.33 4.92
C3 NAG Z . 34.17 -43.10 5.06
C4 NAG Z . 33.89 -44.55 5.45
C5 NAG Z . 32.90 -45.18 4.46
C6 NAG Z . 32.48 -46.58 4.85
C7 NAG Z . 33.35 -39.95 5.32
C8 NAG Z . 33.59 -38.62 4.68
N2 NAG Z . 33.11 -40.97 4.48
O3 NAG Z . 34.98 -42.49 6.06
O4 NAG Z . 35.09 -45.30 5.42
O5 NAG Z . 31.69 -44.38 4.42
O6 NAG Z . 33.60 -47.35 5.24
O7 NAG Z . 33.36 -40.11 6.54
C1 NAG AA . 22.96 31.60 69.11
C2 NAG AA . 24.33 32.22 69.40
C3 NAG AA . 24.26 33.11 70.64
C4 NAG AA . 23.15 34.14 70.48
C5 NAG AA . 21.83 33.45 70.13
C6 NAG AA . 20.73 34.43 69.84
C7 NAG AA . 25.26 30.21 70.45
C8 NAG AA . 26.40 29.24 70.48
N2 NAG AA . 25.35 31.20 69.56
O3 NAG AA . 25.51 33.76 70.83
O4 NAG AA . 23.00 34.87 71.69
O5 NAG AA . 21.99 32.64 68.97
O6 NAG AA . 20.91 35.66 70.54
O7 NAG AA . 24.30 30.09 71.21
C1 NAG BA . 29.52 35.44 -9.36
C2 NAG BA . 30.34 35.67 -8.09
C3 NAG BA . 30.40 37.16 -7.75
C4 NAG BA . 30.91 37.93 -8.96
C5 NAG BA . 30.08 37.62 -10.21
C6 NAG BA . 30.63 38.26 -11.45
C7 NAG BA . 30.16 33.68 -6.66
C8 NAG BA . 29.48 33.07 -5.47
N2 NAG BA . 29.77 34.92 -6.97
O3 NAG BA . 31.24 37.36 -6.64
O4 NAG BA . 30.83 39.33 -8.70
O5 NAG BA . 30.08 36.19 -10.43
O6 NAG BA . 30.94 37.28 -12.44
O7 NAG BA . 31.01 33.08 -7.30
C1 NAG CA . 42.21 0.20 33.30
C2 NAG CA . 43.70 0.23 33.64
C3 NAG CA . 44.38 -1.07 33.22
C4 NAG CA . 43.65 -2.26 33.82
C5 NAG CA . 42.16 -2.20 33.47
C6 NAG CA . 41.36 -3.30 34.13
C7 NAG CA . 44.31 1.61 31.70
C8 NAG CA . 45.04 2.84 31.24
N2 NAG CA . 44.35 1.37 33.02
O3 NAG CA . 45.73 -1.06 33.65
O4 NAG CA . 44.20 -3.47 33.30
O5 NAG CA . 41.61 -0.96 33.91
O6 NAG CA . 40.77 -2.84 35.35
O7 NAG CA . 43.72 0.87 30.92
C1 NAG DA . 35.21 -12.87 19.19
C2 NAG DA . 34.90 -13.17 20.66
C3 NAG DA . 36.15 -13.71 21.36
C4 NAG DA . 36.70 -14.92 20.59
C5 NAG DA . 36.92 -14.57 19.13
C6 NAG DA . 37.34 -15.75 18.29
C7 NAG DA . 33.12 -11.68 21.43
C8 NAG DA . 32.80 -10.41 22.17
N2 NAG DA . 34.41 -11.98 21.34
O3 NAG DA . 35.82 -14.09 22.68
O4 NAG DA . 37.93 -15.33 21.17
O5 NAG DA . 35.70 -14.06 18.56
O6 NAG DA . 37.07 -15.53 16.91
O7 NAG DA . 32.24 -12.39 20.96
C1 NAG EA . 15.70 47.93 31.34
C2 NAG EA . 16.01 49.37 31.74
C3 NAG EA . 16.33 50.20 30.50
C4 NAG EA . 17.44 49.54 29.69
C5 NAG EA . 17.07 48.10 29.37
C6 NAG EA . 18.17 47.35 28.67
C7 NAG EA . 14.76 49.84 33.79
C8 NAG EA . 13.56 50.51 34.39
N2 NAG EA . 14.90 49.96 32.47
O3 NAG EA . 16.74 51.51 30.90
O4 NAG EA . 17.65 50.25 28.47
O5 NAG EA . 16.80 47.39 30.59
O6 NAG EA . 18.91 48.20 27.80
O7 NAG EA . 15.57 49.22 34.48
C1 NAG FA . 20.20 9.50 66.65
C2 NAG FA . 19.60 9.06 67.98
C3 NAG FA . 20.70 8.83 69.01
C4 NAG FA . 21.74 7.85 68.47
C5 NAG FA . 22.25 8.34 67.12
C6 NAG FA . 23.20 7.36 66.46
C7 NAG FA . 17.34 10.01 68.18
C8 NAG FA . 16.52 11.11 68.77
N2 NAG FA . 18.65 10.05 68.47
O3 NAG FA . 20.13 8.31 70.21
O4 NAG FA . 22.82 7.74 69.37
O5 NAG FA . 21.16 8.53 66.21
O6 NAG FA . 22.52 6.52 65.54
O7 NAG FA . 16.87 9.13 67.48
C1 NAG GA . 26.48 19.80 60.12
C2 NAG GA . 27.59 19.88 59.08
C3 NAG GA . 28.94 19.57 59.72
C4 NAG GA . 29.16 20.47 60.92
C5 NAG GA . 27.99 20.38 61.89
C6 NAG GA . 28.10 21.35 63.05
C7 NAG GA . 27.54 19.22 56.68
C8 NAG GA . 28.10 20.59 56.35
N2 NAG GA . 27.32 18.97 57.97
O3 NAG GA . 29.98 19.76 58.77
O4 NAG GA . 30.36 20.08 61.60
O5 NAG GA . 26.77 20.70 61.20
O6 NAG GA . 29.16 20.99 63.92
O7 NAG GA . 27.30 18.40 55.81
C1 NAG HA . 50.48 4.74 -5.01
C2 NAG HA . 50.15 3.57 -4.08
C3 NAG HA . 51.16 3.51 -2.94
C4 NAG HA . 52.58 3.49 -3.48
C5 NAG HA . 52.81 4.66 -4.44
C6 NAG HA . 54.16 4.63 -5.11
C7 NAG HA . 47.74 3.23 -4.25
C8 NAG HA . 46.41 3.41 -3.56
N2 NAG HA . 48.80 3.66 -3.57
O3 NAG HA . 50.93 2.35 -2.15
O4 NAG HA . 53.52 3.59 -2.40
O5 NAG HA . 51.83 4.62 -5.48
O6 NAG HA . 54.14 3.84 -6.28
O7 NAG HA . 47.83 2.72 -5.36
C1 NAG IA . 31.21 -3.20 -29.26
C2 NAG IA . 30.63 -3.53 -30.63
C3 NAG IA . 29.23 -4.13 -30.49
C4 NAG IA . 29.27 -5.32 -29.56
C5 NAG IA . 29.90 -4.93 -28.22
C6 NAG IA . 30.07 -6.10 -27.28
C7 NAG IA . 31.62 -1.96 -32.25
C8 NAG IA . 31.42 -0.72 -33.06
N2 NAG IA . 30.60 -2.34 -31.49
O3 NAG IA . 28.77 -4.53 -31.77
O4 NAG IA . 27.94 -5.80 -29.32
O5 NAG IA . 31.22 -4.39 -28.45
O6 NAG IA . 30.57 -7.25 -27.96
O7 NAG IA . 32.68 -2.60 -32.28
C1 NAG JA . 32.60 24.91 15.80
C2 NAG JA . 33.26 25.74 16.89
C3 NAG JA . 32.42 25.70 18.17
C4 NAG JA . 30.99 26.14 17.85
C5 NAG JA . 30.41 25.30 16.72
C6 NAG JA . 29.05 25.77 16.27
C7 NAG JA . 35.69 25.76 16.56
C8 NAG JA . 37.00 25.16 16.96
N2 NAG JA . 34.61 25.27 17.17
O3 NAG JA . 32.98 26.57 19.14
O4 NAG JA . 30.17 25.97 19.01
O5 NAG JA . 31.27 25.39 15.56
O6 NAG JA . 29.08 27.11 15.79
O7 NAG JA . 35.62 26.66 15.73
C1 NAG KA . 36.03 -0.15 -46.33
C2 NAG KA . 36.01 -1.18 -47.45
C3 NAG KA . 34.65 -1.86 -47.53
C4 NAG KA . 34.27 -2.43 -46.16
C5 NAG KA . 34.38 -1.36 -45.09
C6 NAG KA . 34.14 -1.89 -43.69
C7 NAG KA . 37.59 -0.36 -49.15
C8 NAG KA . 37.73 0.30 -50.50
N2 NAG KA . 36.33 -0.56 -48.73
O3 NAG KA . 34.68 -2.90 -48.50
O4 NAG KA . 32.94 -2.94 -46.19
O5 NAG KA . 35.69 -0.79 -45.09
O6 NAG KA . 32.95 -1.35 -43.13
O7 NAG KA . 38.56 -0.69 -48.48
C1 NAG LA . 34.34 -52.34 -19.33
C2 NAG LA . 34.17 -51.18 -18.37
C3 NAG LA . 35.03 -49.99 -18.82
C4 NAG LA . 36.47 -50.42 -19.02
C5 NAG LA . 36.54 -51.61 -19.97
C6 NAG LA . 37.93 -52.17 -20.12
C7 NAG LA . 31.95 -51.31 -17.34
C8 NAG LA . 30.54 -50.79 -17.35
N2 NAG LA . 32.78 -50.78 -18.24
O3 NAG LA . 34.96 -48.96 -17.84
O4 NAG LA . 37.22 -49.35 -19.57
O5 NAG LA . 35.72 -52.68 -19.46
O6 NAG LA . 38.49 -52.52 -18.87
O7 NAG LA . 32.31 -52.18 -16.55
C1 NAG MA . 20.09 31.89 -35.67
C2 NAG MA . 18.64 32.29 -35.39
C3 NAG MA . 18.40 33.74 -35.81
C4 NAG MA . 19.42 34.65 -35.13
C5 NAG MA . 20.84 34.16 -35.41
C6 NAG MA . 21.90 34.95 -34.68
C7 NAG MA . 16.46 31.20 -35.69
C8 NAG MA . 15.65 30.26 -36.53
N2 NAG MA . 17.71 31.41 -36.10
O3 NAG MA . 17.09 34.14 -35.43
O4 NAG MA . 19.29 35.98 -35.62
O5 NAG MA . 20.98 32.79 -34.99
O6 NAG MA . 21.53 36.31 -34.57
O7 NAG MA . 16.00 31.72 -34.69
C1 NAG NA . -14.67 54.34 55.67
C2 NAG NA . -15.64 55.52 55.64
C3 NAG NA . -15.90 56.02 57.06
C4 NAG NA . -16.36 54.88 57.95
C5 NAG NA . -15.38 53.71 57.88
C6 NAG NA . -15.85 52.49 58.62
C7 NAG NA . -13.94 57.15 54.97
C8 NAG NA . -13.58 58.24 54.00
N2 NAG NA . -15.14 56.59 54.80
O3 NAG NA . -16.89 57.04 57.03
O4 NAG NA . -16.46 55.32 59.30
O5 NAG NA . -15.19 53.31 56.51
O6 NAG NA . -16.97 52.79 59.45
O7 NAG NA . -13.17 56.79 55.85
C1 NAG OA . -46.53 9.18 1.23
C2 NAG OA . -46.80 10.57 1.79
C3 NAG OA . -47.92 10.50 2.82
C4 NAG OA . -49.15 9.81 2.25
C5 NAG OA . -48.77 8.45 1.66
C6 NAG OA . -49.92 7.77 0.96
C7 NAG OA . -44.74 11.87 1.65
C8 NAG OA . -43.56 12.41 2.40
N2 NAG OA . -45.60 11.16 2.36
O3 NAG OA . -48.25 11.82 3.25
O4 NAG OA . -50.12 9.62 3.26
O5 NAG OA . -47.73 8.62 0.69
O6 NAG OA . -49.48 7.06 -0.19
O7 NAG OA . -44.89 12.08 0.44
C1 NAG PA . -10.74 52.55 4.06
C2 NAG PA . -10.97 54.05 3.88
C3 NAG PA . -10.42 54.50 2.53
C4 NAG PA . -8.95 54.09 2.40
C5 NAG PA . -8.80 52.59 2.65
C6 NAG PA . -7.36 52.14 2.65
C7 NAG PA . -13.33 53.80 3.23
C8 NAG PA . -14.73 54.27 3.48
N2 NAG PA . -12.39 54.37 3.98
O3 NAG PA . -10.54 55.92 2.43
O4 NAG PA . -8.48 54.40 1.10
O5 NAG PA . -9.34 52.26 3.94
O6 NAG PA . -6.59 52.90 3.58
O7 NAG PA . -13.06 52.96 2.39
C1 NAG QA . -0.86 40.69 -9.42
C2 NAG QA . -0.02 41.44 -8.39
C3 NAG QA . 0.01 42.93 -8.71
C4 NAG QA . 0.46 43.15 -10.15
C5 NAG QA . -0.40 42.33 -11.10
C6 NAG QA . 0.07 42.40 -12.54
C7 NAG QA . 0.10 40.45 -6.15
C8 NAG QA . -0.55 40.34 -4.80
N2 NAG QA . -0.52 41.23 -7.04
O3 NAG QA . 0.90 43.59 -7.83
O4 NAG QA . 0.36 44.53 -10.49
O5 NAG QA . -0.37 40.94 -10.73
O6 NAG QA . -0.78 41.66 -13.40
O7 NAG QA . 1.14 39.86 -6.40
C1 NAG RA . -36.09 21.81 41.43
C2 NAG RA . -37.24 21.97 42.43
C3 NAG RA . -38.49 21.28 41.91
C4 NAG RA . -38.83 21.79 40.51
C5 NAG RA . -37.62 21.65 39.59
C6 NAG RA . -37.85 22.24 38.22
C7 NAG RA . -36.45 22.21 44.74
C8 NAG RA . -36.12 21.50 46.01
N2 NAG RA . -36.87 21.45 43.73
O3 NAG RA . -39.57 21.54 42.79
O4 NAG RA . -39.92 21.05 39.97
O5 NAG RA . -36.49 22.32 40.15
O6 NAG RA . -39.22 22.52 38.00
O7 NAG RA . -36.34 23.43 44.63
C1 NAG SA . 3.99 55.38 43.59
C2 NAG SA . 5.14 55.89 44.44
C3 NAG SA . 5.04 57.41 44.59
C4 NAG SA . 4.95 58.07 43.22
C5 NAG SA . 3.82 57.45 42.40
C6 NAG SA . 3.76 57.97 40.98
C7 NAG SA . 5.71 54.07 45.98
C8 NAG SA . 5.62 53.56 47.38
N2 NAG SA . 5.14 55.26 45.75
O3 NAG SA . 6.18 57.90 45.29
O4 NAG SA . 4.73 59.47 43.37
O5 NAG SA . 4.00 56.04 42.32
O6 NAG SA . 4.83 57.45 40.20
O7 NAG SA . 6.26 53.43 45.08
C1 NAG TA . -10.05 54.21 41.42
C2 NAG TA . -10.89 54.44 40.16
C3 NAG TA . -11.13 55.94 39.97
C4 NAG TA . -11.74 56.55 41.22
C5 NAG TA . -10.88 56.21 42.44
C6 NAG TA . -11.49 56.69 43.75
C7 NAG TA . -10.61 52.77 38.35
C8 NAG TA . -11.81 52.05 38.89
N2 NAG TA . -10.23 53.88 38.99
O3 NAG TA . -12.00 56.13 38.86
O4 NAG TA . -11.82 57.96 41.08
O5 NAG TA . -10.71 54.79 42.56
O6 NAG TA . -11.08 58.00 44.06
O7 NAG TA . -10.00 52.35 37.37
C1 NAG UA . -31.13 33.82 -22.93
C2 NAG UA . -29.74 34.37 -22.62
C3 NAG UA . -29.82 35.86 -22.29
C4 NAG UA . -30.55 36.61 -23.40
C5 NAG UA . -31.90 35.96 -23.68
C6 NAG UA . -32.62 36.58 -24.86
C7 NAG UA . -28.42 32.51 -21.72
C8 NAG UA . -27.84 31.89 -20.49
N2 NAG UA . -29.12 33.63 -21.53
O3 NAG UA . -28.52 36.38 -22.13
O4 NAG UA . -30.75 37.97 -23.02
O5 NAG UA . -31.73 34.57 -23.99
O6 NAG UA . -32.06 36.14 -26.09
O7 NAG UA . -28.25 32.02 -22.83
C1 NAG VA . -23.22 6.08 -36.30
C2 NAG VA . -23.09 4.90 -37.26
C3 NAG VA . -21.80 4.13 -36.98
C4 NAG VA . -20.61 5.08 -37.00
C5 NAG VA . -20.84 6.23 -36.04
C6 NAG VA . -19.74 7.27 -36.09
C7 NAG VA . -25.40 4.23 -37.79
C8 NAG VA . -26.48 3.23 -37.57
N2 NAG VA . -24.24 4.02 -37.14
O3 NAG VA . -21.64 3.11 -37.95
O4 NAG VA . -19.43 4.36 -36.61
O5 NAG VA . -22.06 6.92 -36.40
O6 NAG VA . -19.39 7.60 -37.43
O7 NAG VA . -25.55 5.21 -38.52
C1 NAG WA . -31.32 29.31 10.41
C2 NAG WA . -31.93 30.45 11.22
C3 NAG WA . -31.16 30.65 12.52
C4 NAG WA . -31.08 29.34 13.29
C5 NAG WA . -30.51 28.24 12.40
C6 NAG WA . -30.53 26.88 13.06
C7 NAG WA . -33.08 32.19 9.92
C8 NAG WA . -32.92 33.47 9.15
N2 NAG WA . -31.97 31.68 10.44
O3 NAG WA . -31.81 31.64 13.30
O4 NAG WA . -30.24 29.50 14.43
O5 NAG WA . -31.30 28.12 11.20
O6 NAG WA . -31.77 26.62 13.71
O7 NAG WA . -34.17 31.65 10.06
C1 NAG XA . -33.88 -2.26 -48.73
C2 NAG XA . -33.43 -2.74 -50.11
C3 NAG XA . -32.23 -3.67 -49.97
C4 NAG XA . -31.13 -3.01 -49.16
C5 NAG XA . -31.68 -2.51 -47.83
C6 NAG XA . -30.66 -1.73 -47.02
C7 NAG XA . -35.43 -2.75 -51.54
C8 NAG XA . -36.48 -3.60 -52.19
N2 NAG XA . -34.52 -3.41 -50.81
O3 NAG XA . -31.75 -4.01 -51.26
O4 NAG XA . -30.08 -3.93 -48.92
O5 NAG XA . -32.79 -1.63 -48.05
O6 NAG XA . -29.47 -2.48 -46.81
O7 NAG XA . -35.41 -1.54 -51.66
C1 NAG YA . 18.61 23.42 -58.08
C2 NAG YA . 18.08 23.71 -56.68
C3 NAG YA . 16.56 23.83 -56.69
C4 NAG YA . 16.11 24.85 -57.74
C5 NAG YA . 16.72 24.51 -59.09
C6 NAG YA . 16.42 25.54 -60.15
C7 NAG YA . 19.65 22.77 -55.03
C8 NAG YA . 19.93 21.62 -54.11
N2 NAG YA . 18.50 22.70 -55.73
O3 NAG YA . 16.10 24.21 -55.41
O4 NAG YA . 14.70 24.84 -57.85
O5 NAG YA . 18.15 24.44 -58.99
O6 NAG YA . 16.83 26.84 -59.74
O7 NAG YA . 20.42 23.71 -55.16
#